data_7SWL
#
_entry.id   7SWL
#
_cell.length_a   1.00
_cell.length_b   1.00
_cell.length_c   1.00
_cell.angle_alpha   90.00
_cell.angle_beta   90.00
_cell.angle_gamma   90.00
#
_symmetry.space_group_name_H-M   'P 1'
#
loop_
_entity.id
_entity.type
_entity.pdbx_description
1 polymer Rix7
2 polymer polyleucine
3 non-polymer "ADENOSINE-5'-TRIPHOSPHATE"
4 non-polymer 'MAGNESIUM ION'
5 non-polymer "ADENOSINE-5'-DIPHOSPHATE"
#
loop_
_entity_poly.entity_id
_entity_poly.type
_entity_poly.pdbx_seq_one_letter_code
_entity_poly.pdbx_strand_id
1 'polypeptide(L)'
;MASMTGGQQMGRGSMSILDIAGVDDTLQRLLKEVWFPLRGGEACEKMGYRYDNGVLLHGPSGCGKTTLAHAIAGSIGVAF
IPVSAPSVIGGTSGESEKNIRDVFDEAIRLAPCLIFLDQIDAIAGRRESANKGMESRIVAEIMNGMDRIRQNTPLGKNVV
VLAATNRPEFLDPAIRRRFSVEIDMGMPSERAREQILRSLTRDLSLADDINFKELAKMTPGYVGSDLQYVVKAAVSESFQ
ANIDSLLAQARAKHPADHLANVSQPQRDWLLLEAHRDEEVSWPSTKITMEQFRKAVSLVQPASKREGFSTIPDTTWSHVG
ALEDVRKKLEMSIIGPIKNPELFTRVGIKPAAGILLWGPPGCGKTLVAKAVANESKANFISIKGPELLNKYVGESERAVR
QLFSRAKSSAPCILFFDQMDALVPRRDDSLSDASARVVNTLLTELDGVGDRSGIYVIGATNRPDMIDEAIRRPGRLGTSI
YVGLPSAEDRVKILKTLYRNTVKAPKKREGTNGEDVDMTDAAAEQQHQGTTDADLEKVALDLRCTGFSGADLGNLMQAAA
QACLERVYTQRQQKRKEGGSVAEEEEIEPVITMEDWEKALNEVKPSVKDPEKYMHSGFAAALEHHHHHH
;
A,B,C,D,E,F
2 'polypeptide(L)' LLLLLLLLLLLLLLLLLLLLLLLL G
#
loop_
_chem_comp.id
_chem_comp.type
_chem_comp.name
_chem_comp.formula
ADP non-polymer ADENOSINE-5'-DIPHOSPHATE 'C10 H15 N5 O10 P2'
ATP non-polymer ADENOSINE-5'-TRIPHOSPHATE 'C10 H16 N5 O13 P3'
MG non-polymer 'MAGNESIUM ION' 'Mg 2'
#
# COMPACT_ATOMS: atom_id res chain seq x y z
N SER A 16 -2.17 18.24 53.30
CA SER A 16 -1.36 17.55 54.30
C SER A 16 -1.23 16.07 53.98
N ILE A 17 -0.39 15.38 54.75
CA ILE A 17 -0.20 13.95 54.54
C ILE A 17 -1.48 13.18 54.84
N LEU A 18 -2.26 13.64 55.82
CA LEU A 18 -3.51 12.97 56.16
C LEU A 18 -4.50 13.00 54.98
N ASP A 19 -4.41 14.01 54.13
CA ASP A 19 -5.35 14.17 53.03
C ASP A 19 -5.02 13.30 51.83
N ILE A 20 -3.88 12.60 51.85
CA ILE A 20 -3.48 11.70 50.76
C ILE A 20 -3.27 10.33 51.37
N ALA A 21 -4.03 9.35 50.89
CA ALA A 21 -4.03 8.01 51.45
C ALA A 21 -3.95 6.98 50.34
N GLY A 22 -3.70 5.73 50.73
CA GLY A 22 -3.54 4.65 49.77
C GLY A 22 -2.20 4.62 49.07
N VAL A 23 -1.24 5.42 49.51
CA VAL A 23 0.06 5.52 48.86
C VAL A 23 1.15 5.04 49.82
N ASP A 24 0.81 4.06 50.65
CA ASP A 24 1.74 3.61 51.69
C ASP A 24 3.05 3.11 51.09
N ASP A 25 2.97 2.31 50.02
CA ASP A 25 4.19 1.88 49.35
C ASP A 25 4.94 3.06 48.73
N THR A 26 4.22 4.00 48.12
CA THR A 26 4.86 5.16 47.52
C THR A 26 5.45 6.08 48.59
N LEU A 27 4.74 6.30 49.70
CA LEU A 27 5.25 7.13 50.77
C LEU A 27 6.44 6.50 51.48
N GLN A 28 6.59 5.17 51.38
CA GLN A 28 7.75 4.52 52.00
C GLN A 28 9.02 4.80 51.21
N ARG A 29 8.93 4.79 49.88
CA ARG A 29 10.10 5.08 49.06
C ARG A 29 10.47 6.55 49.11
N LEU A 30 9.47 7.43 49.12
CA LEU A 30 9.73 8.87 49.17
C LEU A 30 10.35 9.30 50.49
N LEU A 31 10.27 8.46 51.53
CA LEU A 31 10.89 8.82 52.80
C LEU A 31 12.41 8.67 52.73
N LYS A 32 12.90 7.62 52.09
CA LYS A 32 14.34 7.36 52.01
C LYS A 32 14.97 7.87 50.72
N GLU A 33 14.17 8.48 49.84
CA GLU A 33 14.69 8.98 48.56
C GLU A 33 14.47 10.46 48.34
N VAL A 34 13.55 11.08 49.07
CA VAL A 34 13.31 12.52 48.99
C VAL A 34 13.47 13.19 50.35
N TRP A 35 12.85 12.62 51.39
CA TRP A 35 12.92 13.23 52.70
C TRP A 35 14.32 13.18 53.28
N PHE A 36 15.00 12.03 53.16
CA PHE A 36 16.31 11.89 53.79
C PHE A 36 17.35 12.84 53.19
N PRO A 37 17.55 12.92 51.87
CA PRO A 37 18.52 13.90 51.36
C PRO A 37 17.92 15.28 51.20
N LEU A 38 17.10 15.68 52.17
CA LEU A 38 16.66 17.07 52.32
C LEU A 38 16.64 17.55 53.76
N ARG A 39 16.53 16.67 54.74
CA ARG A 39 16.50 17.03 56.15
C ARG A 39 17.62 16.38 56.95
N GLY A 40 18.03 15.16 56.59
CA GLY A 40 19.11 14.48 57.27
C GLY A 40 20.37 14.40 56.43
N GLY A 41 20.70 15.50 55.75
CA GLY A 41 21.88 15.52 54.90
C GLY A 41 23.19 15.43 55.66
N GLU A 42 23.17 15.69 56.97
CA GLU A 42 24.40 15.59 57.75
C GLU A 42 24.93 14.16 57.79
N ALA A 43 24.03 13.18 57.86
CA ALA A 43 24.45 11.78 57.84
C ALA A 43 25.14 11.44 56.53
N CYS A 44 24.62 11.94 55.41
CA CYS A 44 25.29 11.76 54.13
C CYS A 44 26.65 12.47 54.12
N GLU A 45 26.71 13.65 54.74
CA GLU A 45 27.98 14.36 54.84
C GLU A 45 29.00 13.57 55.64
N LYS A 46 28.58 12.98 56.76
CA LYS A 46 29.47 12.09 57.51
C LYS A 46 29.83 10.86 56.69
N MET A 47 28.84 10.30 55.99
CA MET A 47 29.10 9.13 55.15
C MET A 47 29.96 9.49 53.94
N GLY A 48 29.85 10.72 53.46
CA GLY A 48 30.59 11.14 52.28
C GLY A 48 30.07 10.49 51.01
N TYR A 49 28.84 10.85 50.63
CA TYR A 49 28.20 10.23 49.46
C TYR A 49 27.32 11.29 48.81
N ARG A 50 27.67 11.66 47.58
CA ARG A 50 26.85 12.60 46.83
C ARG A 50 25.53 11.96 46.42
N TYR A 51 24.46 12.75 46.43
CA TYR A 51 23.12 12.28 46.09
C TYR A 51 22.75 12.87 44.72
N ASP A 52 22.93 12.06 43.67
CA ASP A 52 22.56 12.44 42.32
C ASP A 52 21.23 11.84 41.89
N ASN A 53 20.45 11.33 42.85
CA ASN A 53 19.18 10.65 42.54
C ASN A 53 18.16 11.67 42.05
N GLY A 54 17.75 11.52 40.80
CA GLY A 54 16.63 12.28 40.28
C GLY A 54 15.34 11.51 40.45
N VAL A 55 14.50 11.94 41.38
CA VAL A 55 13.28 11.21 41.72
C VAL A 55 12.21 11.55 40.69
N LEU A 56 11.64 10.51 40.06
CA LEU A 56 10.60 10.67 39.07
C LEU A 56 9.34 9.97 39.54
N LEU A 57 8.23 10.70 39.53
CA LEU A 57 6.92 10.15 39.88
C LEU A 57 6.14 9.90 38.61
N HIS A 58 5.66 8.67 38.43
CA HIS A 58 4.86 8.32 37.27
C HIS A 58 3.81 7.31 37.66
N GLY A 59 2.74 7.26 36.87
CA GLY A 59 1.63 6.38 37.11
C GLY A 59 0.41 6.83 36.33
N PRO A 60 -0.71 6.16 36.53
CA PRO A 60 -1.94 6.57 35.85
C PRO A 60 -2.33 7.98 36.25
N SER A 61 -2.93 8.70 35.30
CA SER A 61 -3.38 10.05 35.57
C SER A 61 -4.48 10.04 36.62
N GLY A 62 -4.37 10.90 37.62
CA GLY A 62 -5.33 10.96 38.70
C GLY A 62 -4.98 10.15 39.92
N CYS A 63 -3.77 9.62 40.01
CA CYS A 63 -3.36 8.82 41.15
C CYS A 63 -2.86 9.67 42.31
N GLY A 64 -2.80 10.99 42.15
CA GLY A 64 -2.37 11.85 43.23
C GLY A 64 -0.88 12.13 43.21
N LYS A 65 -0.35 12.50 42.04
CA LYS A 65 1.06 12.86 41.95
C LYS A 65 1.29 14.31 42.36
N THR A 66 0.52 15.24 41.77
CA THR A 66 0.68 16.65 42.09
C THR A 66 0.31 16.93 43.55
N THR A 67 -0.78 16.32 44.03
CA THR A 67 -1.20 16.57 45.40
C THR A 67 -0.20 16.00 46.41
N LEU A 68 0.32 14.80 46.14
CA LEU A 68 1.30 14.21 47.04
C LEU A 68 2.58 15.02 47.10
N ALA A 69 3.07 15.48 45.95
CA ALA A 69 4.31 16.24 45.91
C ALA A 69 4.19 17.58 46.60
N HIS A 70 2.97 18.10 46.77
CA HIS A 70 2.78 19.34 47.51
C HIS A 70 2.53 19.09 48.99
N ALA A 71 1.95 17.95 49.34
CA ALA A 71 1.81 17.60 50.76
C ALA A 71 3.15 17.22 51.37
N ILE A 72 3.99 16.51 50.62
CA ILE A 72 5.33 16.18 51.07
C ILE A 72 6.17 17.44 51.21
N ALA A 73 6.05 18.36 50.25
CA ALA A 73 6.83 19.59 50.28
C ALA A 73 6.50 20.41 51.53
N GLY A 74 5.22 20.49 51.89
CA GLY A 74 4.83 21.22 53.09
C GLY A 74 5.23 20.55 54.38
N SER A 75 5.47 19.23 54.35
CA SER A 75 5.85 18.50 55.55
C SER A 75 7.36 18.47 55.77
N ILE A 76 8.15 18.42 54.71
CA ILE A 76 9.60 18.40 54.86
C ILE A 76 10.08 19.71 55.48
N GLY A 77 9.55 20.83 55.03
CA GLY A 77 9.84 22.13 55.59
C GLY A 77 10.94 22.90 54.89
N VAL A 78 11.74 22.23 54.06
CA VAL A 78 12.81 22.90 53.32
C VAL A 78 12.19 23.79 52.26
N ALA A 79 13.01 24.65 51.66
CA ALA A 79 12.53 25.53 50.61
C ALA A 79 11.97 24.72 49.45
N PHE A 80 10.83 25.17 48.93
CA PHE A 80 10.12 24.47 47.86
C PHE A 80 9.92 25.42 46.69
N ILE A 81 10.26 24.96 45.50
CA ILE A 81 10.13 25.77 44.29
C ILE A 81 9.17 25.07 43.33
N PRO A 82 7.88 25.40 43.36
CA PRO A 82 6.95 24.82 42.38
C PRO A 82 7.24 25.35 40.99
N VAL A 83 7.28 24.43 40.02
CA VAL A 83 7.53 24.78 38.63
C VAL A 83 6.44 24.15 37.78
N SER A 84 5.76 24.98 36.98
CA SER A 84 4.78 24.51 36.00
C SER A 84 5.35 24.69 34.61
N ALA A 85 5.32 23.61 33.82
CA ALA A 85 5.93 23.64 32.50
C ALA A 85 5.36 24.72 31.59
N PRO A 86 4.03 24.89 31.45
CA PRO A 86 3.54 25.98 30.60
C PRO A 86 3.96 27.36 31.07
N SER A 87 4.09 27.57 32.38
CA SER A 87 4.43 28.89 32.91
C SER A 87 5.89 29.24 32.66
N VAL A 88 6.72 28.29 32.23
CA VAL A 88 8.11 28.59 31.93
C VAL A 88 8.20 29.58 30.76
N ILE A 89 7.39 29.36 29.73
CA ILE A 89 7.40 30.25 28.56
C ILE A 89 6.85 31.61 28.96
N GLY A 90 7.58 32.67 28.59
CA GLY A 90 7.19 34.01 28.97
C GLY A 90 6.78 34.89 27.80
N GLY A 91 7.30 34.59 26.61
CA GLY A 91 6.97 35.39 25.45
C GLY A 91 8.17 35.69 24.57
N THR A 92 9.34 35.15 24.94
CA THR A 92 10.55 35.29 24.16
C THR A 92 11.32 33.99 24.19
N SER A 93 12.05 33.71 23.11
CA SER A 93 12.84 32.48 23.04
C SER A 93 13.91 32.45 24.11
N GLY A 94 14.60 33.57 24.32
CA GLY A 94 15.61 33.64 25.36
C GLY A 94 15.06 33.77 26.76
N GLU A 95 13.82 34.22 26.90
CA GLU A 95 13.22 34.38 28.22
C GLU A 95 12.87 33.03 28.85
N SER A 96 12.64 32.01 28.03
CA SER A 96 12.34 30.68 28.57
C SER A 96 13.52 30.14 29.37
N GLU A 97 14.74 30.31 28.85
CA GLU A 97 15.92 29.89 29.59
C GLU A 97 16.15 30.76 30.82
N LYS A 98 15.71 32.03 30.77
CA LYS A 98 15.84 32.91 31.92
C LYS A 98 15.03 32.39 33.10
N ASN A 99 13.81 31.89 32.83
CA ASN A 99 12.99 31.33 33.89
C ASN A 99 13.62 30.07 34.48
N ILE A 100 14.17 29.20 33.63
CA ILE A 100 14.82 27.99 34.13
C ILE A 100 16.11 28.31 34.86
N ARG A 101 16.92 29.21 34.31
CA ARG A 101 18.17 29.59 34.95
C ARG A 101 17.95 30.32 36.26
N ASP A 102 16.74 30.83 36.51
CA ASP A 102 16.40 31.45 37.77
C ASP A 102 15.85 30.46 38.79
N VAL A 103 15.72 29.19 38.42
CA VAL A 103 15.20 28.17 39.32
C VAL A 103 16.35 27.34 39.86
N PHE A 104 17.15 26.76 38.97
CA PHE A 104 18.27 25.94 39.41
C PHE A 104 19.32 26.76 40.14
N ASP A 105 19.41 28.05 39.84
CA ASP A 105 20.29 28.92 40.61
C ASP A 105 19.73 29.21 42.00
N GLU A 106 18.42 29.45 42.08
CA GLU A 106 17.80 29.75 43.37
C GLU A 106 17.87 28.56 44.31
N ALA A 107 17.63 27.35 43.80
CA ALA A 107 17.71 26.16 44.65
C ALA A 107 19.12 25.95 45.17
N ILE A 108 20.12 26.15 44.32
CA ILE A 108 21.51 26.05 44.75
C ILE A 108 21.83 27.12 45.77
N ARG A 109 21.38 28.35 45.51
CA ARG A 109 21.63 29.45 46.44
C ARG A 109 20.92 29.26 47.77
N LEU A 110 19.79 28.56 47.79
CA LEU A 110 18.99 28.34 48.99
C LEU A 110 18.97 26.87 49.36
N ALA A 111 20.09 26.18 49.13
CA ALA A 111 20.17 24.76 49.45
C ALA A 111 20.17 24.57 50.97
N PRO A 112 19.55 23.50 51.48
CA PRO A 112 18.83 22.46 50.73
C PRO A 112 17.47 22.93 50.24
N CYS A 113 17.03 22.42 49.09
CA CYS A 113 15.78 22.86 48.49
C CYS A 113 15.19 21.72 47.67
N LEU A 114 13.89 21.82 47.42
CA LEU A 114 13.15 20.83 46.64
C LEU A 114 12.58 21.48 45.40
N ILE A 115 12.86 20.89 44.25
CA ILE A 115 12.36 21.37 42.96
C ILE A 115 11.33 20.37 42.48
N PHE A 116 10.12 20.85 42.18
CA PHE A 116 9.06 20.02 41.64
C PHE A 116 8.77 20.47 40.21
N LEU A 117 9.16 19.63 39.25
CA LEU A 117 8.91 19.90 37.83
C LEU A 117 7.64 19.17 37.43
N ASP A 118 6.50 19.77 37.80
CA ASP A 118 5.21 19.18 37.48
C ASP A 118 4.97 19.21 35.98
N GLN A 119 4.49 18.09 35.44
CA GLN A 119 4.24 17.94 34.00
C GLN A 119 5.51 18.23 33.21
N ILE A 120 6.57 17.49 33.54
CA ILE A 120 7.87 17.75 32.93
C ILE A 120 7.84 17.46 31.43
N ASP A 121 7.07 16.45 31.00
CA ASP A 121 7.03 16.07 29.60
C ASP A 121 6.42 17.16 28.71
N ALA A 122 5.76 18.17 29.30
CA ALA A 122 5.22 19.26 28.50
C ALA A 122 6.31 20.16 27.93
N ILE A 123 7.51 20.14 28.51
CA ILE A 123 8.61 20.95 28.00
C ILE A 123 9.86 20.08 27.86
N ALA A 124 9.70 18.77 27.96
CA ALA A 124 10.81 17.84 27.86
C ALA A 124 10.44 16.65 26.97
N GLY A 125 9.81 16.93 25.85
CA GLY A 125 9.42 15.88 24.91
C GLY A 125 10.58 15.36 24.09
N GLY A 133 15.68 25.52 17.85
CA GLY A 133 14.63 26.44 18.27
C GLY A 133 14.53 26.58 19.78
N MET A 134 13.47 27.26 20.24
CA MET A 134 13.28 27.45 21.68
C MET A 134 13.02 26.12 22.38
N GLU A 135 12.25 25.24 21.74
CA GLU A 135 11.89 23.97 22.38
C GLU A 135 13.12 23.11 22.64
N SER A 136 14.05 23.06 21.68
CA SER A 136 15.23 22.22 21.82
C SER A 136 16.25 22.77 22.82
N ARG A 137 16.12 24.03 23.22
CA ARG A 137 17.07 24.64 24.15
C ARG A 137 16.62 24.57 25.60
N ILE A 138 15.32 24.44 25.86
CA ILE A 138 14.84 24.28 27.23
C ILE A 138 15.33 22.97 27.82
N VAL A 139 15.31 21.90 27.02
CA VAL A 139 15.77 20.59 27.50
C VAL A 139 17.26 20.66 27.85
N ALA A 140 18.05 21.31 26.98
CA ALA A 140 19.48 21.45 27.27
C ALA A 140 19.71 22.26 28.53
N GLU A 141 18.95 23.33 28.73
CA GLU A 141 19.10 24.13 29.94
C GLU A 141 18.67 23.34 31.18
N ILE A 142 17.61 22.55 31.07
CA ILE A 142 17.15 21.75 32.20
C ILE A 142 18.20 20.72 32.59
N MET A 143 18.76 20.02 31.61
CA MET A 143 19.70 18.95 31.91
C MET A 143 21.02 19.50 32.46
N ASN A 144 21.46 20.66 31.97
CA ASN A 144 22.67 21.26 32.49
C ASN A 144 22.48 21.76 33.91
N GLY A 145 21.26 22.21 34.25
CA GLY A 145 21.00 22.72 35.58
C GLY A 145 21.09 21.67 36.66
N MET A 146 20.88 20.39 36.30
CA MET A 146 21.00 19.33 37.27
C MET A 146 22.46 19.01 37.60
N ASP A 147 23.36 19.15 36.62
CA ASP A 147 24.79 18.96 36.89
C ASP A 147 25.32 20.04 37.83
N ARG A 148 24.87 21.28 37.66
CA ARG A 148 25.30 22.36 38.54
C ARG A 148 24.89 22.10 39.98
N ILE A 149 23.78 21.37 40.17
CA ILE A 149 23.36 20.99 41.52
C ILE A 149 24.41 20.08 42.16
N ARG A 150 24.92 19.11 41.39
CA ARG A 150 25.93 18.21 41.92
C ARG A 150 27.26 18.91 42.18
N GLN A 151 27.53 20.02 41.47
CA GLN A 151 28.80 20.72 41.60
C GLN A 151 28.76 21.81 42.67
N ASN A 152 27.85 22.77 42.51
CA ASN A 152 27.78 23.93 43.41
C ASN A 152 26.99 23.61 44.68
N THR A 153 27.35 22.53 45.36
CA THR A 153 26.72 22.16 46.62
C THR A 153 27.77 21.67 47.60
N PRO A 154 27.54 21.85 48.90
CA PRO A 154 28.51 21.35 49.90
C PRO A 154 28.52 19.83 50.04
N LEU A 155 27.66 19.12 49.30
CA LEU A 155 27.48 17.67 49.34
C LEU A 155 26.89 17.19 50.66
N GLY A 156 26.65 18.08 51.62
CA GLY A 156 25.94 17.75 52.83
C GLY A 156 24.58 18.41 52.87
N LYS A 157 24.36 19.33 51.93
CA LYS A 157 23.07 19.99 51.73
C LYS A 157 22.63 19.67 50.30
N ASN A 158 21.96 18.54 50.14
CA ASN A 158 21.54 18.07 48.83
C ASN A 158 20.34 18.89 48.33
N VAL A 159 20.22 18.93 47.00
CA VAL A 159 19.05 19.51 46.34
C VAL A 159 18.42 18.41 45.48
N VAL A 160 17.15 18.12 45.74
CA VAL A 160 16.44 17.05 45.05
C VAL A 160 15.46 17.67 44.07
N VAL A 161 15.51 17.20 42.83
CA VAL A 161 14.59 17.62 41.78
C VAL A 161 13.59 16.50 41.56
N LEU A 162 12.31 16.80 41.80
CA LEU A 162 11.24 15.82 41.68
C LEU A 162 10.39 16.15 40.46
N ALA A 163 10.22 15.18 39.58
CA ALA A 163 9.45 15.34 38.35
C ALA A 163 8.30 14.35 38.34
N ALA A 164 7.12 14.82 37.96
CA ALA A 164 5.91 14.00 37.88
C ALA A 164 5.34 14.07 36.48
N THR A 165 4.94 12.91 35.96
CA THR A 165 4.36 12.83 34.62
C THR A 165 3.60 11.51 34.49
N ASN A 166 2.45 11.56 33.82
CA ASN A 166 1.66 10.37 33.55
C ASN A 166 2.09 9.64 32.28
N ARG A 167 3.01 10.21 31.51
CA ARG A 167 3.53 9.60 30.29
C ARG A 167 5.05 9.59 30.38
N PRO A 168 5.63 8.65 31.13
CA PRO A 168 7.10 8.61 31.25
C PRO A 168 7.81 8.33 29.94
N GLU A 169 7.13 7.75 28.95
CA GLU A 169 7.77 7.41 27.68
C GLU A 169 7.96 8.61 26.77
N PHE A 170 7.28 9.74 27.04
CA PHE A 170 7.45 10.92 26.22
C PHE A 170 8.66 11.75 26.62
N LEU A 171 9.30 11.43 27.74
CA LEU A 171 10.44 12.21 28.20
C LEU A 171 11.64 12.03 27.27
N ASP A 172 12.39 13.11 27.11
CA ASP A 172 13.62 13.04 26.33
C ASP A 172 14.59 12.07 27.00
N PRO A 173 15.14 11.10 26.26
CA PRO A 173 16.11 10.17 26.89
C PRO A 173 17.31 10.86 27.48
N ALA A 174 17.64 12.07 27.03
CA ALA A 174 18.69 12.84 27.68
C ALA A 174 18.30 13.29 29.09
N ILE A 175 17.00 13.35 29.38
CA ILE A 175 16.52 13.77 30.70
C ILE A 175 16.12 12.57 31.55
N ARG A 176 15.40 11.61 30.97
CA ARG A 176 14.96 10.45 31.74
C ARG A 176 16.14 9.62 32.22
N ARG A 177 17.28 9.67 31.50
CA ARG A 177 18.48 9.02 31.99
C ARG A 177 19.00 9.67 33.25
N ARG A 178 18.77 10.97 33.42
CA ARG A 178 19.24 11.71 34.58
C ARG A 178 18.36 11.49 35.81
N PHE A 179 17.22 10.82 35.66
CA PHE A 179 16.32 10.52 36.77
C PHE A 179 16.45 9.03 37.08
N SER A 180 17.42 8.70 37.94
CA SER A 180 17.67 7.31 38.29
C SER A 180 16.51 6.71 39.08
N VAL A 181 16.00 7.45 40.07
CA VAL A 181 14.93 6.96 40.92
C VAL A 181 13.60 7.24 40.24
N GLU A 182 12.85 6.17 39.94
CA GLU A 182 11.53 6.28 39.35
C GLU A 182 10.55 5.53 40.22
N ILE A 183 9.50 6.22 40.68
CA ILE A 183 8.51 5.66 41.58
C ILE A 183 7.22 5.48 40.80
N ASP A 184 6.80 4.23 40.62
CA ASP A 184 5.57 3.92 39.89
C ASP A 184 4.47 3.74 40.92
N MET A 185 3.62 4.77 41.06
CA MET A 185 2.53 4.70 42.02
C MET A 185 1.50 3.64 41.62
N GLY A 186 1.18 3.54 40.34
CA GLY A 186 0.27 2.52 39.87
C GLY A 186 -1.15 2.76 40.35
N MET A 187 -1.97 1.71 40.21
CA MET A 187 -3.32 1.88 40.70
C MET A 187 -3.47 1.25 42.08
N PRO A 188 -4.30 1.83 42.94
CA PRO A 188 -4.46 1.29 44.29
C PRO A 188 -5.13 -0.07 44.28
N SER A 189 -4.80 -0.88 45.27
CA SER A 189 -5.39 -2.20 45.45
C SER A 189 -6.66 -2.09 46.30
N GLU A 190 -7.28 -3.24 46.58
CA GLU A 190 -8.51 -3.24 47.36
C GLU A 190 -8.26 -2.67 48.75
N ARG A 191 -7.16 -3.05 49.38
CA ARG A 191 -6.83 -2.49 50.69
C ARG A 191 -6.56 -0.99 50.59
N ALA A 192 -5.88 -0.56 49.52
CA ALA A 192 -5.56 0.85 49.36
C ALA A 192 -6.79 1.68 49.03
N ARG A 193 -7.69 1.14 48.19
CA ARG A 193 -8.89 1.88 47.83
C ARG A 193 -9.83 2.05 49.03
N GLU A 194 -9.83 1.10 49.96
CA GLU A 194 -10.60 1.27 51.18
C GLU A 194 -10.08 2.45 51.99
N GLN A 195 -8.75 2.60 52.06
CA GLN A 195 -8.16 3.72 52.79
C GLN A 195 -8.53 5.05 52.14
N ILE A 196 -8.53 5.11 50.81
CA ILE A 196 -8.87 6.35 50.11
C ILE A 196 -10.32 6.70 50.37
N LEU A 197 -11.23 5.71 50.29
CA LEU A 197 -12.65 5.98 50.49
C LEU A 197 -12.93 6.48 51.90
N ARG A 198 -12.28 5.88 52.90
CA ARG A 198 -12.45 6.37 54.27
C ARG A 198 -11.89 7.77 54.42
N SER A 199 -10.74 8.04 53.80
CA SER A 199 -10.13 9.37 53.90
C SER A 199 -11.01 10.43 53.24
N LEU A 200 -11.57 10.13 52.07
CA LEU A 200 -12.39 11.11 51.37
C LEU A 200 -13.66 11.43 52.16
N THR A 201 -14.31 10.41 52.70
CA THR A 201 -15.54 10.60 53.48
C THR A 201 -15.24 10.78 54.95
N ARG A 202 -14.37 11.74 55.25
CA ARG A 202 -13.94 12.01 56.62
C ARG A 202 -14.57 13.26 57.21
N ASP A 203 -14.84 14.27 56.38
CA ASP A 203 -15.51 15.48 56.82
C ASP A 203 -17.00 15.47 56.49
N LEU A 204 -17.54 14.34 56.06
CA LEU A 204 -18.94 14.21 55.68
C LEU A 204 -19.71 13.46 56.75
N SER A 205 -21.03 13.68 56.74
CA SER A 205 -21.93 12.95 57.62
C SER A 205 -22.38 11.66 56.93
N LEU A 206 -22.17 10.53 57.60
CA LEU A 206 -22.39 9.23 57.00
C LEU A 206 -23.34 8.40 57.84
N ALA A 207 -23.91 7.38 57.22
CA ALA A 207 -24.81 6.46 57.90
C ALA A 207 -23.99 5.33 58.54
N ASP A 208 -24.68 4.29 59.01
CA ASP A 208 -24.02 3.16 59.65
C ASP A 208 -23.90 1.94 58.76
N ASP A 209 -24.63 1.89 57.64
CA ASP A 209 -24.58 0.75 56.74
C ASP A 209 -23.41 0.81 55.77
N ILE A 210 -22.64 1.89 55.77
CA ILE A 210 -21.58 2.08 54.78
C ILE A 210 -20.47 1.08 55.07
N ASN A 211 -20.30 0.11 54.16
CA ASN A 211 -19.21 -0.88 54.25
C ASN A 211 -18.14 -0.45 53.26
N PHE A 212 -17.09 0.21 53.78
CA PHE A 212 -16.01 0.66 52.91
C PHE A 212 -15.26 -0.50 52.30
N LYS A 213 -15.25 -1.65 52.97
CA LYS A 213 -14.62 -2.84 52.38
C LYS A 213 -15.41 -3.35 51.19
N GLU A 214 -16.75 -3.26 51.26
CA GLU A 214 -17.57 -3.64 50.12
C GLU A 214 -17.41 -2.65 48.98
N LEU A 215 -17.28 -1.36 49.30
CA LEU A 215 -17.06 -0.36 48.26
C LEU A 215 -15.74 -0.60 47.53
N ALA A 216 -14.70 -1.01 48.25
CA ALA A 216 -13.42 -1.26 47.62
C ALA A 216 -13.47 -2.48 46.70
N LYS A 217 -14.30 -3.47 47.03
CA LYS A 217 -14.38 -4.66 46.20
C LYS A 217 -14.97 -4.36 44.83
N MET A 218 -15.99 -3.51 44.77
CA MET A 218 -16.72 -3.26 43.53
C MET A 218 -16.24 -2.01 42.81
N THR A 219 -15.01 -1.57 43.04
CA THR A 219 -14.42 -0.46 42.31
C THR A 219 -13.03 -0.86 41.80
N PRO A 220 -12.96 -1.82 40.89
CA PRO A 220 -11.65 -2.22 40.34
C PRO A 220 -11.24 -1.32 39.18
N GLY A 221 -9.95 -1.03 39.11
CA GLY A 221 -9.45 -0.13 38.09
C GLY A 221 -9.66 1.34 38.40
N TYR A 222 -10.15 1.66 39.59
CA TYR A 222 -10.34 3.05 39.99
C TYR A 222 -9.05 3.63 40.53
N VAL A 223 -8.88 4.93 40.33
CA VAL A 223 -7.74 5.66 40.88
C VAL A 223 -8.26 6.64 41.91
N GLY A 224 -7.37 7.40 42.53
CA GLY A 224 -7.78 8.34 43.56
C GLY A 224 -8.79 9.36 43.06
N SER A 225 -8.59 9.83 41.82
CA SER A 225 -9.52 10.78 41.23
C SER A 225 -10.89 10.14 41.00
N ASP A 226 -10.92 8.90 40.52
CA ASP A 226 -12.18 8.22 40.29
C ASP A 226 -12.93 7.98 41.59
N LEU A 227 -12.22 7.59 42.65
CA LEU A 227 -12.86 7.42 43.95
C LEU A 227 -13.35 8.74 44.50
N GLN A 228 -12.72 9.85 44.11
CA GLN A 228 -13.22 11.16 44.50
C GLN A 228 -14.55 11.47 43.81
N TYR A 229 -14.70 11.03 42.55
CA TYR A 229 -15.96 11.22 41.86
C TYR A 229 -17.07 10.38 42.50
N VAL A 230 -16.73 9.18 42.98
CA VAL A 230 -17.72 8.33 43.63
C VAL A 230 -18.27 9.00 44.89
N VAL A 231 -17.38 9.59 45.70
CA VAL A 231 -17.83 10.36 46.85
C VAL A 231 -18.64 11.56 46.40
N LYS A 232 -18.19 12.24 45.35
CA LYS A 232 -18.90 13.41 44.85
C LYS A 232 -20.26 13.02 44.27
N ALA A 233 -20.34 11.87 43.62
CA ALA A 233 -21.62 11.40 43.09
C ALA A 233 -22.60 11.07 44.21
N ALA A 234 -22.10 10.46 45.29
CA ALA A 234 -22.98 10.10 46.40
C ALA A 234 -23.51 11.32 47.14
N VAL A 235 -22.73 12.41 47.18
CA VAL A 235 -23.18 13.63 47.83
C VAL A 235 -24.37 14.22 47.08
N SER A 236 -24.32 14.20 45.75
CA SER A 236 -25.43 14.73 44.96
C SER A 236 -26.69 13.91 45.19
N GLU A 237 -26.56 12.59 45.29
CA GLU A 237 -27.71 11.75 45.57
C GLU A 237 -28.31 12.06 46.94
N SER A 238 -27.48 12.40 47.92
CA SER A 238 -27.98 12.80 49.22
C SER A 238 -28.79 14.09 49.16
N PHE A 239 -28.54 14.93 48.17
CA PHE A 239 -29.28 16.18 48.00
C PHE A 239 -30.44 16.05 47.03
N GLN A 240 -30.68 14.85 46.49
CA GLN A 240 -31.81 14.68 45.57
C GLN A 240 -33.14 14.90 46.28
N ALA A 241 -33.26 14.41 47.51
CA ALA A 241 -34.49 14.64 48.27
C ALA A 241 -34.68 16.10 48.61
N ASN A 242 -33.60 16.87 48.73
CA ASN A 242 -33.68 18.28 49.04
C ASN A 242 -33.98 19.13 47.80
N ILE A 243 -33.93 18.55 46.61
CA ILE A 243 -34.28 19.27 45.39
C ILE A 243 -35.75 19.05 45.04
N ASP A 244 -36.25 17.83 45.23
CA ASP A 244 -37.66 17.56 44.97
C ASP A 244 -38.55 18.41 45.87
N SER A 245 -38.18 18.56 47.13
CA SER A 245 -38.91 19.46 48.02
C SER A 245 -38.85 20.90 47.52
N LEU A 246 -37.69 21.31 47.00
CA LEU A 246 -37.57 22.65 46.42
C LEU A 246 -38.44 22.80 45.18
N LEU A 247 -38.52 21.74 44.36
CA LEU A 247 -39.40 21.79 43.20
C LEU A 247 -40.86 21.86 43.62
N ALA A 248 -41.25 21.11 44.64
CA ALA A 248 -42.65 21.08 45.07
C ALA A 248 -43.10 22.45 45.56
N GLN A 249 -42.22 23.19 46.23
CA GLN A 249 -42.56 24.54 46.67
C GLN A 249 -42.84 25.45 45.48
N ALA A 250 -42.05 25.33 44.42
CA ALA A 250 -42.28 26.14 43.22
C ALA A 250 -43.59 25.78 42.55
N ARG A 251 -43.93 24.48 42.51
CA ARG A 251 -45.20 24.06 41.92
C ARG A 251 -46.37 24.62 42.72
N ALA A 252 -46.29 24.56 44.05
CA ALA A 252 -47.36 25.08 44.88
C ALA A 252 -47.51 26.59 44.78
N LYS A 253 -46.48 27.29 44.32
CA LYS A 253 -46.56 28.73 44.15
C LYS A 253 -47.16 29.13 42.81
N HIS A 254 -46.99 28.29 41.78
CA HIS A 254 -47.53 28.57 40.45
C HIS A 254 -48.63 27.57 40.13
N PRO A 255 -49.90 27.96 40.16
CA PRO A 255 -50.97 27.00 39.87
C PRO A 255 -51.05 26.61 38.41
N ALA A 256 -50.62 25.39 38.10
CA ALA A 256 -50.68 24.83 36.74
C ALA A 256 -49.99 25.76 35.73
N ASP A 257 -48.70 25.96 35.93
CA ASP A 257 -47.89 26.80 35.07
C ASP A 257 -46.99 25.93 34.21
N HIS A 258 -46.98 26.20 32.90
CA HIS A 258 -46.16 25.46 31.93
C HIS A 258 -46.42 23.96 32.01
N LEU A 259 -47.68 23.59 32.20
CA LEU A 259 -48.07 22.18 32.27
C LEU A 259 -48.41 21.58 30.90
N ALA A 260 -48.43 22.40 29.85
CA ALA A 260 -48.81 21.95 28.52
C ALA A 260 -47.66 22.20 27.55
N ASN A 261 -47.41 21.20 26.70
CA ASN A 261 -46.37 21.25 25.66
C ASN A 261 -44.98 21.42 26.25
N VAL A 262 -44.80 21.12 27.53
CA VAL A 262 -43.51 21.19 28.20
C VAL A 262 -43.33 19.91 29.01
N SER A 263 -42.22 19.22 28.77
CA SER A 263 -41.94 17.99 29.51
C SER A 263 -41.60 18.32 30.96
N GLN A 264 -41.67 17.30 31.81
CA GLN A 264 -41.40 17.51 33.23
C GLN A 264 -39.99 18.03 33.50
N PRO A 265 -38.92 17.45 32.93
CA PRO A 265 -37.58 18.03 33.19
C PRO A 265 -37.45 19.47 32.73
N GLN A 266 -38.10 19.84 31.61
CA GLN A 266 -38.04 21.22 31.15
C GLN A 266 -38.74 22.15 32.12
N ARG A 267 -39.86 21.72 32.69
CA ARG A 267 -40.56 22.56 33.65
C ARG A 267 -39.74 22.78 34.90
N ASP A 268 -38.99 21.76 35.34
CA ASP A 268 -38.17 21.89 36.54
C ASP A 268 -37.13 22.98 36.38
N TRP A 269 -36.48 23.03 35.21
CA TRP A 269 -35.54 24.12 34.94
C TRP A 269 -36.25 25.47 34.90
N LEU A 270 -37.44 25.51 34.31
CA LEU A 270 -38.18 26.77 34.23
C LEU A 270 -38.68 27.22 35.60
N LEU A 271 -39.12 26.28 36.44
CA LEU A 271 -39.59 26.62 37.77
C LEU A 271 -38.47 27.21 38.62
N LEU A 272 -37.30 26.56 38.60
CA LEU A 272 -36.18 27.04 39.39
C LEU A 272 -35.54 28.29 38.80
N GLU A 273 -35.77 28.55 37.51
CA GLU A 273 -35.27 29.79 36.91
C GLU A 273 -36.09 30.99 37.33
N ALA A 274 -37.37 30.77 37.66
CA ALA A 274 -38.25 31.88 38.02
C ALA A 274 -37.75 32.62 39.24
N HIS A 275 -37.72 31.94 40.40
CA HIS A 275 -37.32 32.59 41.65
C HIS A 275 -35.86 33.03 41.61
N ARG A 276 -34.94 32.07 41.59
CA ARG A 276 -33.50 32.33 41.56
C ARG A 276 -33.03 33.14 42.77
N ASP A 277 -33.95 33.44 43.70
CA ASP A 277 -33.64 34.21 44.89
C ASP A 277 -33.93 33.44 46.17
N GLU A 278 -35.11 32.83 46.26
CA GLU A 278 -35.49 32.08 47.46
C GLU A 278 -35.13 30.60 47.31
N TRP A 282 -31.61 23.99 52.65
CA TRP A 282 -31.40 22.55 52.53
C TRP A 282 -31.16 21.92 53.90
N PRO A 283 -32.07 21.04 54.31
CA PRO A 283 -31.85 20.28 55.56
C PRO A 283 -30.57 19.47 55.48
N SER A 284 -29.87 19.37 56.61
CA SER A 284 -28.57 18.72 56.67
C SER A 284 -28.78 17.22 56.87
N THR A 285 -28.93 16.49 55.77
CA THR A 285 -29.04 15.05 55.81
C THR A 285 -27.67 14.41 55.61
N LYS A 286 -27.59 13.10 55.84
CA LYS A 286 -26.36 12.35 55.73
C LYS A 286 -26.47 11.30 54.65
N ILE A 287 -25.32 10.89 54.13
CA ILE A 287 -25.26 9.94 53.02
C ILE A 287 -25.49 8.52 53.57
N THR A 288 -26.34 7.77 52.89
CA THR A 288 -26.60 6.38 53.25
C THR A 288 -25.69 5.46 52.43
N MET A 289 -25.83 4.16 52.66
CA MET A 289 -25.08 3.17 51.89
C MET A 289 -25.71 2.88 50.54
N GLU A 290 -27.03 2.98 50.43
CA GLU A 290 -27.70 2.76 49.14
C GLU A 290 -27.29 3.81 48.12
N GLN A 291 -27.00 5.03 48.58
CA GLN A 291 -26.56 6.08 47.66
C GLN A 291 -25.13 5.85 47.19
N PHE A 292 -24.28 5.23 48.02
CA PHE A 292 -22.93 4.94 47.60
C PHE A 292 -22.91 3.90 46.47
N ARG A 293 -23.77 2.88 46.57
CA ARG A 293 -23.87 1.90 45.48
C ARG A 293 -24.37 2.56 44.20
N LYS A 294 -25.32 3.49 44.33
CA LYS A 294 -25.77 4.25 43.17
C LYS A 294 -24.64 5.12 42.61
N ALA A 295 -23.82 5.68 43.50
CA ALA A 295 -22.74 6.56 43.05
C ALA A 295 -21.71 5.81 42.23
N VAL A 296 -21.40 4.57 42.61
CA VAL A 296 -20.39 3.80 41.88
C VAL A 296 -20.83 3.55 40.45
N SER A 297 -22.11 3.24 40.25
CA SER A 297 -22.62 2.98 38.90
C SER A 297 -22.53 4.24 38.04
N LEU A 298 -22.86 5.40 38.60
CA LEU A 298 -22.84 6.64 37.83
C LEU A 298 -21.44 7.07 37.44
N VAL A 299 -20.41 6.61 38.14
CA VAL A 299 -19.04 7.05 37.90
C VAL A 299 -18.36 6.03 37.00
N GLN A 300 -17.92 6.49 35.83
CA GLN A 300 -17.13 5.67 34.92
C GLN A 300 -15.65 5.95 35.17
N PRO A 301 -14.86 4.96 35.56
CA PRO A 301 -13.44 5.22 35.83
C PRO A 301 -12.71 5.66 34.57
N ALA A 302 -11.64 6.43 34.76
CA ALA A 302 -10.88 6.94 33.64
C ALA A 302 -10.28 5.84 32.79
N SER A 303 -10.01 4.68 33.40
CA SER A 303 -9.46 3.56 32.64
C SER A 303 -10.47 2.97 31.66
N LYS A 304 -11.76 3.18 31.89
CA LYS A 304 -12.81 2.61 31.05
C LYS A 304 -13.46 3.66 30.15
N ARG A 305 -12.86 4.83 30.00
CA ARG A 305 -13.45 5.85 29.14
C ARG A 305 -13.40 5.45 27.67
N GLU A 306 -12.36 4.74 27.25
CA GLU A 306 -12.17 4.40 25.85
C GLU A 306 -11.64 2.98 25.73
N GLY A 307 -12.18 2.23 24.78
CA GLY A 307 -11.66 0.92 24.44
C GLY A 307 -12.41 -0.27 25.01
N PHE A 308 -13.46 -0.05 25.79
CA PHE A 308 -14.20 -1.12 26.43
C PHE A 308 -15.60 -1.21 25.85
N SER A 309 -16.09 -2.43 25.69
CA SER A 309 -17.40 -2.69 25.12
C SER A 309 -18.46 -2.78 26.22
N THR A 310 -19.69 -2.48 25.83
CA THR A 310 -20.81 -2.60 26.77
C THR A 310 -21.08 -4.06 27.10
N ILE A 311 -21.48 -4.31 28.33
CA ILE A 311 -21.76 -5.68 28.78
C ILE A 311 -22.94 -6.24 28.00
N PRO A 312 -22.82 -7.43 27.44
CA PRO A 312 -23.94 -8.00 26.67
C PRO A 312 -25.15 -8.27 27.55
N ASP A 313 -26.31 -8.28 26.91
CA ASP A 313 -27.57 -8.55 27.60
C ASP A 313 -27.86 -10.04 27.73
N THR A 314 -26.95 -10.90 27.28
CA THR A 314 -27.17 -12.34 27.31
C THR A 314 -26.81 -12.90 28.68
N THR A 315 -27.74 -13.64 29.29
CA THR A 315 -27.53 -14.32 30.55
C THR A 315 -27.42 -15.82 30.30
N TRP A 316 -27.27 -16.58 31.39
CA TRP A 316 -27.30 -18.03 31.26
C TRP A 316 -28.72 -18.54 30.97
N SER A 317 -29.73 -17.71 31.19
CA SER A 317 -31.09 -18.09 30.81
C SER A 317 -31.28 -18.04 29.30
N HIS A 318 -30.47 -17.27 28.59
CA HIS A 318 -30.48 -17.25 27.13
C HIS A 318 -29.71 -18.41 26.52
N VAL A 319 -28.90 -19.11 27.31
CA VAL A 319 -28.12 -20.24 26.83
C VAL A 319 -28.84 -21.52 27.21
N GLY A 320 -29.25 -22.29 26.20
CA GLY A 320 -29.93 -23.55 26.42
C GLY A 320 -28.95 -24.70 26.32
N ALA A 321 -29.04 -25.62 27.28
CA ALA A 321 -28.18 -26.81 27.37
C ALA A 321 -26.73 -26.32 27.46
N LEU A 322 -25.78 -26.99 26.80
CA LEU A 322 -24.37 -26.66 26.89
C LEU A 322 -23.89 -26.65 28.34
N GLU A 323 -24.35 -27.62 29.12
CA GLU A 323 -23.97 -27.71 30.53
C GLU A 323 -22.48 -27.97 30.68
N ASP A 324 -21.92 -28.82 29.82
CA ASP A 324 -20.48 -29.11 29.89
C ASP A 324 -19.66 -27.85 29.63
N VAL A 325 -20.06 -27.06 28.63
CA VAL A 325 -19.35 -25.82 28.34
C VAL A 325 -19.59 -24.80 29.46
N ARG A 326 -20.81 -24.79 30.02
CA ARG A 326 -21.10 -23.87 31.11
C ARG A 326 -20.27 -24.18 32.35
N LYS A 327 -20.10 -25.46 32.68
CA LYS A 327 -19.32 -25.83 33.85
C LYS A 327 -17.86 -25.42 33.69
N LYS A 328 -17.29 -25.61 32.50
CA LYS A 328 -15.91 -25.20 32.28
C LYS A 328 -15.76 -23.69 32.36
N LEU A 329 -16.72 -22.94 31.83
CA LEU A 329 -16.64 -21.48 31.87
C LEU A 329 -16.93 -20.93 33.26
N GLU A 330 -17.82 -21.58 34.02
CA GLU A 330 -18.12 -21.12 35.37
C GLU A 330 -17.08 -21.56 36.39
N MET A 331 -16.13 -22.40 36.00
CA MET A 331 -15.06 -22.83 36.89
C MET A 331 -13.71 -22.24 36.55
N SER A 332 -13.56 -21.66 35.35
CA SER A 332 -12.29 -21.07 34.93
C SER A 332 -12.35 -19.55 34.80
N ILE A 333 -13.53 -18.97 34.62
CA ILE A 333 -13.66 -17.53 34.44
C ILE A 333 -14.61 -16.94 35.47
N ILE A 334 -15.86 -17.39 35.46
CA ILE A 334 -16.88 -16.82 36.34
C ILE A 334 -16.53 -17.11 37.79
N GLY A 335 -16.04 -18.31 38.08
CA GLY A 335 -15.68 -18.71 39.42
C GLY A 335 -14.56 -17.88 40.02
N PRO A 336 -13.38 -17.91 39.40
CA PRO A 336 -12.22 -17.19 39.98
C PRO A 336 -12.46 -15.69 40.15
N ILE A 337 -13.34 -15.07 39.36
CA ILE A 337 -13.62 -13.66 39.55
C ILE A 337 -14.38 -13.43 40.85
N LYS A 338 -15.38 -14.26 41.13
CA LYS A 338 -16.21 -14.05 42.31
C LYS A 338 -15.48 -14.44 43.59
N ASN A 339 -14.77 -15.56 43.58
CA ASN A 339 -14.05 -16.06 44.76
C ASN A 339 -12.59 -16.31 44.38
N PRO A 340 -11.78 -15.25 44.31
CA PRO A 340 -10.37 -15.45 43.97
C PRO A 340 -9.59 -16.23 45.02
N GLU A 341 -10.07 -16.28 46.26
CA GLU A 341 -9.36 -17.02 47.32
C GLU A 341 -9.80 -18.46 47.40
N LEU A 342 -11.10 -18.74 47.19
CA LEU A 342 -11.57 -20.12 47.23
C LEU A 342 -10.92 -20.97 46.14
N PHE A 343 -10.79 -20.39 44.94
CA PHE A 343 -10.21 -21.14 43.82
C PHE A 343 -8.70 -21.26 43.91
N THR A 344 -8.01 -20.25 44.44
CA THR A 344 -6.56 -20.31 44.53
C THR A 344 -6.08 -21.30 45.59
N ARG A 345 -6.96 -21.72 46.50
CA ARG A 345 -6.58 -22.74 47.48
C ARG A 345 -6.37 -24.10 46.84
N VAL A 346 -7.09 -24.39 45.76
CA VAL A 346 -6.97 -25.66 45.06
C VAL A 346 -6.13 -25.52 43.79
N GLY A 347 -5.27 -24.51 43.72
CA GLY A 347 -4.41 -24.32 42.57
C GLY A 347 -5.13 -23.93 41.29
N ILE A 348 -6.10 -23.03 41.37
CA ILE A 348 -6.79 -22.50 40.20
C ILE A 348 -6.46 -21.02 40.12
N LYS A 349 -5.53 -20.68 39.23
CA LYS A 349 -5.06 -19.31 39.12
C LYS A 349 -6.16 -18.42 38.52
N PRO A 350 -6.25 -17.16 38.95
CA PRO A 350 -7.28 -16.23 38.47
C PRO A 350 -6.99 -15.64 37.09
N ALA A 351 -6.66 -16.49 36.13
CA ALA A 351 -6.44 -16.09 34.75
C ALA A 351 -6.49 -17.31 33.85
N ALA A 352 -7.14 -17.18 32.70
CA ALA A 352 -7.33 -18.32 31.80
C ALA A 352 -7.32 -17.85 30.35
N GLY A 353 -6.99 -18.78 29.47
CA GLY A 353 -7.08 -18.57 28.03
C GLY A 353 -7.84 -19.71 27.38
N ILE A 354 -9.00 -19.40 26.79
CA ILE A 354 -9.92 -20.43 26.29
C ILE A 354 -10.16 -20.18 24.81
N LEU A 355 -10.09 -21.25 24.02
CA LEU A 355 -10.34 -21.19 22.59
C LEU A 355 -11.60 -22.01 22.30
N LEU A 356 -12.73 -21.34 22.23
CA LEU A 356 -13.97 -21.98 21.82
C LEU A 356 -13.92 -22.28 20.33
N TRP A 357 -14.28 -23.51 19.95
CA TRP A 357 -14.28 -23.88 18.55
C TRP A 357 -15.37 -24.91 18.29
N GLY A 358 -15.85 -24.94 17.05
CA GLY A 358 -16.90 -25.85 16.66
C GLY A 358 -17.58 -25.40 15.38
N PRO A 359 -18.62 -26.12 14.96
CA PRO A 359 -19.35 -25.72 13.75
C PRO A 359 -20.08 -24.41 13.98
N PRO A 360 -20.32 -23.65 12.91
CA PRO A 360 -21.01 -22.36 13.08
C PRO A 360 -22.45 -22.52 13.52
N GLY A 361 -22.92 -21.52 14.28
CA GLY A 361 -24.29 -21.50 14.75
C GLY A 361 -24.58 -22.31 15.99
N CYS A 362 -23.55 -22.75 16.71
CA CYS A 362 -23.73 -23.65 17.84
C CYS A 362 -23.57 -22.99 19.19
N GLY A 363 -23.17 -21.73 19.25
CA GLY A 363 -23.21 -20.99 20.50
C GLY A 363 -21.88 -20.56 21.08
N LYS A 364 -20.83 -20.50 20.24
CA LYS A 364 -19.54 -20.04 20.74
C LYS A 364 -19.60 -18.58 21.16
N THR A 365 -20.23 -17.72 20.36
CA THR A 365 -20.38 -16.32 20.72
C THR A 365 -21.44 -16.13 21.79
N LEU A 366 -22.46 -16.99 21.82
CA LEU A 366 -23.52 -16.86 22.80
C LEU A 366 -22.99 -17.07 24.21
N VAL A 367 -22.21 -18.13 24.42
CA VAL A 367 -21.70 -18.41 25.76
C VAL A 367 -20.64 -17.38 26.16
N ALA A 368 -19.87 -16.88 25.20
CA ALA A 368 -18.90 -15.84 25.52
C ALA A 368 -19.58 -14.54 25.93
N LYS A 369 -20.75 -14.26 25.37
CA LYS A 369 -21.53 -13.11 25.81
C LYS A 369 -22.20 -13.36 27.16
N ALA A 370 -22.54 -14.62 27.45
CA ALA A 370 -23.10 -14.93 28.77
C ALA A 370 -22.04 -14.86 29.85
N VAL A 371 -20.82 -15.30 29.55
CA VAL A 371 -19.72 -15.22 30.52
C VAL A 371 -19.40 -13.76 30.84
N ALA A 372 -19.35 -12.91 29.81
CA ALA A 372 -19.05 -11.51 30.03
C ALA A 372 -20.11 -10.82 30.89
N ASN A 373 -21.35 -11.29 30.81
CA ASN A 373 -22.45 -10.67 31.55
C ASN A 373 -22.64 -11.29 32.93
N GLU A 374 -22.34 -12.57 33.10
CA GLU A 374 -22.52 -13.25 34.37
C GLU A 374 -21.30 -13.19 35.27
N SER A 375 -20.18 -12.64 34.78
CA SER A 375 -18.98 -12.50 35.60
C SER A 375 -18.85 -11.12 36.24
N LYS A 376 -19.66 -10.15 35.80
CA LYS A 376 -19.66 -8.79 36.34
C LYS A 376 -18.29 -8.12 36.21
N ALA A 377 -17.48 -8.54 35.25
CA ALA A 377 -16.16 -7.98 35.03
C ALA A 377 -16.14 -7.13 33.78
N ASN A 378 -15.04 -6.40 33.59
CA ASN A 378 -14.87 -5.57 32.42
C ASN A 378 -14.75 -6.43 31.16
N PHE A 379 -15.21 -5.88 30.05
CA PHE A 379 -15.35 -6.64 28.82
C PHE A 379 -14.75 -5.84 27.67
N ILE A 380 -13.85 -6.48 26.91
CA ILE A 380 -13.34 -5.94 25.67
C ILE A 380 -13.55 -6.99 24.58
N SER A 381 -14.19 -6.58 23.49
CA SER A 381 -14.49 -7.48 22.39
C SER A 381 -13.76 -6.99 21.14
N ILE A 382 -13.11 -7.92 20.44
CA ILE A 382 -12.39 -7.62 19.21
C ILE A 382 -13.10 -8.37 18.09
N LYS A 383 -13.56 -7.63 17.08
CA LYS A 383 -14.30 -8.21 15.96
C LYS A 383 -13.33 -8.53 14.84
N GLY A 384 -12.76 -9.75 14.88
CA GLY A 384 -11.84 -10.19 13.87
C GLY A 384 -10.62 -9.31 13.75
N PRO A 385 -10.22 -9.01 12.50
CA PRO A 385 -9.04 -8.17 12.24
C PRO A 385 -9.33 -6.67 12.42
N GLU A 386 -9.87 -6.31 13.57
CA GLU A 386 -10.21 -4.92 13.85
C GLU A 386 -9.00 -4.08 14.23
N LEU A 387 -7.90 -4.72 14.63
CA LEU A 387 -6.72 -4.00 15.10
C LEU A 387 -5.74 -3.65 13.99
N LEU A 388 -5.95 -4.14 12.78
CA LEU A 388 -5.00 -3.88 11.70
C LEU A 388 -5.11 -2.45 11.22
N ASN A 389 -3.95 -1.81 11.03
CA ASN A 389 -3.86 -0.44 10.58
C ASN A 389 -2.88 -0.36 9.43
N LYS A 390 -3.10 0.60 8.53
CA LYS A 390 -2.29 0.67 7.31
C LYS A 390 -0.93 1.30 7.54
N TYR A 391 -0.69 1.90 8.70
CA TYR A 391 0.60 2.54 8.95
C TYR A 391 1.55 1.58 9.66
N VAL A 392 2.84 1.91 9.60
CA VAL A 392 3.88 1.07 10.19
C VAL A 392 3.82 1.20 11.71
N GLY A 393 3.75 0.06 12.39
CA GLY A 393 3.82 0.00 13.83
C GLY A 393 2.52 0.24 14.55
N GLU A 394 1.61 1.03 13.97
CA GLU A 394 0.35 1.33 14.63
C GLU A 394 -0.56 0.10 14.74
N SER A 395 -0.43 -0.86 13.83
CA SER A 395 -1.19 -2.09 13.95
C SER A 395 -0.73 -2.91 15.16
N GLU A 396 0.58 -2.95 15.40
CA GLU A 396 1.11 -3.68 16.56
C GLU A 396 0.91 -2.90 17.85
N ARG A 397 0.93 -1.57 17.79
CA ARG A 397 0.69 -0.79 18.99
C ARG A 397 -0.74 -0.94 19.48
N ALA A 398 -1.69 -1.17 18.57
CA ALA A 398 -3.06 -1.41 18.98
C ALA A 398 -3.18 -2.70 19.78
N VAL A 399 -2.44 -3.73 19.39
CA VAL A 399 -2.45 -4.99 20.15
C VAL A 399 -1.83 -4.78 21.52
N ARG A 400 -0.71 -4.06 21.58
CA ARG A 400 -0.08 -3.80 22.88
C ARG A 400 -0.94 -2.91 23.74
N GLN A 401 -1.59 -1.90 23.16
CA GLN A 401 -2.52 -1.07 23.92
C GLN A 401 -3.74 -1.86 24.35
N LEU A 402 -4.09 -2.92 23.62
CA LEU A 402 -5.23 -3.74 23.98
C LEU A 402 -5.01 -4.43 25.32
N PHE A 403 -3.81 -4.96 25.55
CA PHE A 403 -3.48 -5.61 26.82
C PHE A 403 -3.06 -4.62 27.89
N SER A 404 -2.72 -3.38 27.53
CA SER A 404 -2.36 -2.39 28.53
C SER A 404 -3.57 -1.96 29.35
N ARG A 405 -4.69 -1.68 28.67
CA ARG A 405 -5.91 -1.29 29.37
C ARG A 405 -6.64 -2.49 29.95
N ALA A 406 -6.36 -3.70 29.45
CA ALA A 406 -6.95 -4.90 30.05
C ALA A 406 -6.38 -5.15 31.44
N LYS A 407 -5.07 -4.88 31.62
CA LYS A 407 -4.46 -5.04 32.93
C LYS A 407 -4.95 -3.98 33.91
N SER A 408 -5.08 -2.73 33.44
CA SER A 408 -5.46 -1.63 34.32
C SER A 408 -6.89 -1.77 34.83
N SER A 409 -7.73 -2.55 34.15
CA SER A 409 -9.11 -2.75 34.55
C SER A 409 -9.38 -4.20 34.95
N ALA A 410 -8.35 -4.88 35.45
CA ALA A 410 -8.52 -6.27 35.84
C ALA A 410 -9.49 -6.38 37.03
N PRO A 411 -10.34 -7.41 37.06
CA PRO A 411 -10.45 -8.46 36.04
C PRO A 411 -11.15 -8.00 34.76
N CYS A 412 -10.64 -8.46 33.62
CA CYS A 412 -11.18 -8.09 32.33
C CYS A 412 -11.24 -9.33 31.44
N ILE A 413 -12.27 -9.40 30.61
CA ILE A 413 -12.45 -10.51 29.68
C ILE A 413 -12.19 -9.99 28.28
N LEU A 414 -11.17 -10.54 27.63
CA LEU A 414 -10.88 -10.24 26.23
C LEU A 414 -11.51 -11.32 25.36
N PHE A 415 -12.41 -10.92 24.47
CA PHE A 415 -13.08 -11.85 23.57
C PHE A 415 -12.63 -11.57 22.15
N PHE A 416 -11.84 -12.48 21.58
CA PHE A 416 -11.40 -12.41 20.19
C PHE A 416 -12.37 -13.27 19.38
N ASP A 417 -13.32 -12.62 18.71
CA ASP A 417 -14.30 -13.31 17.90
C ASP A 417 -13.75 -13.51 16.48
N GLN A 418 -13.96 -14.71 15.95
CA GLN A 418 -13.39 -15.11 14.67
C GLN A 418 -11.88 -14.92 14.67
N MET A 419 -11.23 -15.59 15.63
CA MET A 419 -9.82 -15.37 15.89
C MET A 419 -8.93 -15.94 14.79
N ASP A 420 -9.45 -16.77 13.90
CA ASP A 420 -8.63 -17.31 12.82
C ASP A 420 -8.15 -16.23 11.85
N ALA A 421 -8.76 -15.04 11.87
CA ALA A 421 -8.32 -13.93 11.04
C ALA A 421 -7.26 -13.07 11.70
N LEU A 422 -7.07 -13.20 13.01
CA LEU A 422 -6.08 -12.40 13.71
C LEU A 422 -4.76 -13.14 13.91
N VAL A 423 -4.80 -14.47 14.00
CA VAL A 423 -3.60 -15.28 14.13
C VAL A 423 -3.64 -16.39 13.10
N PRO A 424 -3.45 -16.09 11.81
CA PRO A 424 -3.45 -17.15 10.79
C PRO A 424 -2.17 -17.96 10.84
N ARG A 425 -2.23 -19.14 10.22
CA ARG A 425 -1.06 -20.00 10.16
C ARG A 425 0.07 -19.31 9.42
N ARG A 426 1.28 -19.39 9.98
CA ARG A 426 2.44 -18.69 9.45
C ARG A 426 3.06 -19.50 8.31
N ASP A 427 2.33 -19.51 7.20
CA ASP A 427 2.78 -20.18 5.98
C ASP A 427 3.69 -19.25 5.18
N ASP A 428 4.08 -19.68 3.99
CA ASP A 428 4.91 -18.83 3.14
C ASP A 428 4.13 -17.63 2.60
N SER A 429 2.83 -17.77 2.43
CA SER A 429 1.97 -16.69 1.94
C SER A 429 1.31 -16.01 3.14
N LEU A 430 2.09 -15.18 3.83
CA LEU A 430 1.61 -14.47 5.00
C LEU A 430 1.96 -12.98 5.00
N SER A 431 3.00 -12.56 4.27
CA SER A 431 3.44 -11.17 4.18
C SER A 431 4.03 -10.69 5.50
N ASP A 432 4.96 -9.74 5.44
CA ASP A 432 5.58 -9.21 6.65
C ASP A 432 4.78 -8.05 7.24
N ALA A 433 3.49 -8.29 7.43
CA ALA A 433 2.62 -7.35 8.14
C ALA A 433 1.69 -8.02 9.14
N SER A 434 1.10 -9.16 8.83
CA SER A 434 0.31 -9.92 9.79
C SER A 434 1.16 -10.82 10.67
N ALA A 435 2.32 -11.24 10.17
CA ALA A 435 3.27 -11.97 11.02
C ALA A 435 3.76 -11.10 12.16
N ARG A 436 4.00 -9.81 11.89
CA ARG A 436 4.40 -8.89 12.93
C ARG A 436 3.31 -8.67 13.96
N VAL A 437 2.05 -8.94 13.60
CA VAL A 437 0.95 -8.84 14.56
C VAL A 437 0.75 -10.14 15.31
N VAL A 438 0.93 -11.27 14.64
CA VAL A 438 0.84 -12.57 15.32
C VAL A 438 1.91 -12.68 16.39
N ASN A 439 3.15 -12.26 16.06
CA ASN A 439 4.23 -12.32 17.03
C ASN A 439 3.96 -11.40 18.22
N THR A 440 3.45 -10.20 17.95
CA THR A 440 3.11 -9.28 19.04
C THR A 440 2.01 -9.85 19.93
N LEU A 441 0.98 -10.44 19.32
CA LEU A 441 -0.10 -11.01 20.10
C LEU A 441 0.38 -12.21 20.91
N LEU A 442 1.31 -13.00 20.36
CA LEU A 442 1.87 -14.12 21.11
C LEU A 442 2.65 -13.65 22.32
N THR A 443 3.44 -12.58 22.17
CA THR A 443 4.21 -12.07 23.30
C THR A 443 3.32 -11.47 24.38
N GLU A 444 2.25 -10.77 23.98
CA GLU A 444 1.35 -10.19 24.96
C GLU A 444 0.64 -11.26 25.77
N LEU A 445 0.25 -12.36 25.13
CA LEU A 445 -0.33 -13.48 25.86
C LEU A 445 0.67 -14.11 26.82
N ASP A 446 1.97 -14.04 26.49
CA ASP A 446 2.99 -14.51 27.42
C ASP A 446 3.11 -13.58 28.61
N GLY A 447 2.94 -12.28 28.41
CA GLY A 447 3.05 -11.32 29.49
C GLY A 447 1.88 -11.33 30.45
N VAL A 448 0.78 -12.00 30.09
CA VAL A 448 -0.38 -12.13 30.97
C VAL A 448 -0.03 -13.17 32.03
N GLY A 449 0.08 -12.74 33.28
CA GLY A 449 0.47 -13.62 34.36
C GLY A 449 -0.65 -14.53 34.81
N ASP A 450 -0.31 -15.45 35.72
CA ASP A 450 -1.30 -16.37 36.25
C ASP A 450 -2.24 -15.69 37.23
N ARG A 451 -1.75 -14.66 37.94
CA ARG A 451 -2.58 -13.90 38.88
C ARG A 451 -2.93 -12.52 38.33
N SER A 452 -2.77 -12.31 37.03
CA SER A 452 -3.03 -11.00 36.44
C SER A 452 -4.50 -10.63 36.53
N GLY A 453 -5.39 -11.58 36.26
CA GLY A 453 -6.81 -11.31 36.23
C GLY A 453 -7.41 -11.15 34.85
N ILE A 454 -6.63 -11.38 33.79
CA ILE A 454 -7.13 -11.26 32.43
C ILE A 454 -7.57 -12.63 31.94
N TYR A 455 -8.80 -12.71 31.45
CA TYR A 455 -9.38 -13.96 30.95
C TYR A 455 -9.64 -13.78 29.45
N VAL A 456 -8.77 -14.36 28.64
CA VAL A 456 -8.86 -14.24 27.19
C VAL A 456 -9.69 -15.39 26.64
N ILE A 457 -10.71 -15.05 25.86
CA ILE A 457 -11.56 -16.03 25.20
C ILE A 457 -11.44 -15.83 23.70
N GLY A 458 -11.19 -16.91 22.98
CA GLY A 458 -11.13 -16.89 21.53
C GLY A 458 -12.19 -17.82 20.96
N ALA A 459 -12.79 -17.40 19.84
CA ALA A 459 -13.79 -18.19 19.17
C ALA A 459 -13.48 -18.25 17.68
N THR A 460 -13.59 -19.44 17.11
CA THR A 460 -13.38 -19.64 15.68
C THR A 460 -14.05 -20.94 15.27
N ASN A 461 -14.63 -20.93 14.07
CA ASN A 461 -15.29 -22.12 13.55
C ASN A 461 -14.43 -22.88 12.55
N ARG A 462 -13.22 -22.40 12.27
CA ARG A 462 -12.25 -23.10 11.42
C ARG A 462 -10.93 -23.16 12.17
N PRO A 463 -10.80 -24.11 13.11
CA PRO A 463 -9.56 -24.21 13.88
C PRO A 463 -8.36 -24.67 13.05
N ASP A 464 -8.57 -25.10 11.82
CA ASP A 464 -7.46 -25.52 10.97
C ASP A 464 -6.75 -24.35 10.31
N MET A 465 -7.27 -23.12 10.43
CA MET A 465 -6.62 -21.94 9.88
C MET A 465 -5.99 -21.06 10.94
N ILE A 466 -6.06 -21.44 12.20
CA ILE A 466 -5.49 -20.66 13.29
C ILE A 466 -4.12 -21.23 13.61
N ASP A 467 -3.20 -20.35 13.99
CA ASP A 467 -1.83 -20.75 14.26
C ASP A 467 -1.78 -21.73 15.42
N GLU A 468 -0.94 -22.76 15.28
CA GLU A 468 -0.78 -23.72 16.36
C GLU A 468 0.01 -23.17 17.53
N ALA A 469 0.70 -22.04 17.36
CA ALA A 469 1.46 -21.44 18.45
C ALA A 469 0.55 -20.74 19.46
N ILE A 470 -0.69 -20.46 19.11
CA ILE A 470 -1.61 -19.79 20.02
C ILE A 470 -2.20 -20.73 21.07
N ARG A 471 -1.97 -22.03 20.93
CA ARG A 471 -2.58 -23.03 21.80
C ARG A 471 -1.61 -23.56 22.84
N ARG A 472 -0.45 -22.94 23.00
CA ARG A 472 0.49 -23.34 24.03
C ARG A 472 -0.02 -22.93 25.41
N PRO A 473 0.45 -23.58 26.47
CA PRO A 473 0.09 -23.14 27.82
C PRO A 473 0.56 -21.71 28.07
N GLY A 474 -0.23 -20.97 28.83
CA GLY A 474 -0.02 -19.54 29.03
C GLY A 474 -0.76 -18.74 27.97
N ARG A 475 -0.78 -19.26 26.74
CA ARG A 475 -1.62 -18.77 25.67
C ARG A 475 -2.93 -19.54 25.71
N LEU A 476 -3.73 -19.51 24.64
CA LEU A 476 -5.02 -20.16 24.65
C LEU A 476 -4.87 -21.68 24.66
N GLY A 477 -4.34 -22.22 25.75
CA GLY A 477 -4.11 -23.65 25.86
C GLY A 477 -5.31 -24.47 26.27
N THR A 478 -6.41 -23.82 26.63
CA THR A 478 -7.65 -24.51 26.98
C THR A 478 -8.60 -24.46 25.80
N SER A 479 -9.02 -25.63 25.33
CA SER A 479 -9.91 -25.74 24.19
C SER A 479 -11.24 -26.33 24.65
N ILE A 480 -12.33 -25.64 24.34
CA ILE A 480 -13.68 -26.10 24.63
C ILE A 480 -14.40 -26.27 23.31
N TYR A 481 -14.91 -27.48 23.06
CA TYR A 481 -15.59 -27.78 21.81
C TYR A 481 -17.08 -27.57 21.98
N VAL A 482 -17.64 -26.66 21.18
CA VAL A 482 -19.07 -26.41 21.13
C VAL A 482 -19.58 -27.00 19.83
N GLY A 483 -20.38 -28.05 19.92
CA GLY A 483 -20.81 -28.76 18.73
C GLY A 483 -22.31 -28.81 18.55
N LEU A 484 -22.78 -29.64 17.62
CA LEU A 484 -24.19 -29.75 17.35
C LEU A 484 -24.92 -30.37 18.55
N PRO A 485 -26.12 -29.91 18.85
CA PRO A 485 -26.89 -30.52 19.94
C PRO A 485 -27.38 -31.91 19.58
N SER A 486 -27.60 -32.72 20.60
CA SER A 486 -28.26 -34.01 20.41
C SER A 486 -29.77 -33.81 20.39
N ALA A 487 -30.50 -34.91 20.16
CA ALA A 487 -31.96 -34.81 20.10
C ALA A 487 -32.55 -34.31 21.41
N GLU A 488 -32.06 -34.83 22.53
CA GLU A 488 -32.50 -34.33 23.83
C GLU A 488 -31.99 -32.92 24.08
N ASP A 489 -30.81 -32.59 23.55
CA ASP A 489 -30.25 -31.25 23.74
C ASP A 489 -31.05 -30.20 23.00
N ARG A 490 -31.56 -30.53 21.80
CA ARG A 490 -32.33 -29.56 21.03
C ARG A 490 -33.63 -29.19 21.73
N VAL A 491 -34.16 -30.07 22.58
CA VAL A 491 -35.36 -29.75 23.33
C VAL A 491 -35.10 -28.62 24.31
N LYS A 492 -33.96 -28.66 24.99
CA LYS A 492 -33.61 -27.57 25.90
C LYS A 492 -33.42 -26.26 25.15
N ILE A 493 -32.80 -26.32 23.98
CA ILE A 493 -32.53 -25.11 23.21
C ILE A 493 -33.82 -24.53 22.65
N LEU A 494 -34.70 -25.37 22.12
CA LEU A 494 -35.96 -24.87 21.58
C LEU A 494 -36.85 -24.28 22.66
N LYS A 495 -36.88 -24.90 23.84
CA LYS A 495 -37.62 -24.34 24.96
C LYS A 495 -37.03 -22.99 25.38
N THR A 496 -35.69 -22.89 25.39
CA THR A 496 -35.05 -21.63 25.76
C THR A 496 -35.40 -20.52 24.78
N LEU A 497 -35.37 -20.81 23.48
CA LEU A 497 -35.65 -19.78 22.48
C LEU A 497 -37.11 -19.35 22.53
N TYR A 498 -38.03 -20.30 22.62
CA TYR A 498 -39.44 -19.97 22.63
C TYR A 498 -39.83 -19.22 23.90
N ARG A 499 -39.22 -19.56 25.03
CA ARG A 499 -39.54 -18.90 26.29
C ARG A 499 -39.15 -17.42 26.27
N ASN A 500 -38.01 -17.09 25.66
CA ASN A 500 -37.49 -15.73 25.67
C ASN A 500 -38.19 -14.82 24.67
N THR A 501 -39.05 -15.36 23.80
CA THR A 501 -39.76 -14.55 22.82
C THR A 501 -41.19 -14.24 23.22
N VAL A 502 -41.81 -15.08 24.04
CA VAL A 502 -43.18 -14.87 24.47
C VAL A 502 -43.23 -13.85 25.60
N THR A 530 -48.92 -23.14 22.39
CA THR A 530 -47.93 -24.14 22.02
C THR A 530 -47.49 -24.95 23.23
N THR A 531 -47.46 -24.29 24.39
CA THR A 531 -47.04 -24.89 25.65
C THR A 531 -45.63 -25.46 25.55
N ASP A 532 -45.29 -26.40 26.43
CA ASP A 532 -43.96 -27.00 26.44
C ASP A 532 -43.94 -28.46 26.02
N ALA A 533 -45.09 -29.14 26.03
CA ALA A 533 -45.12 -30.53 25.56
C ALA A 533 -44.97 -30.61 24.05
N ASP A 534 -45.49 -29.62 23.33
CA ASP A 534 -45.36 -29.62 21.87
C ASP A 534 -43.94 -29.26 21.44
N LEU A 535 -43.23 -28.46 22.22
CA LEU A 535 -41.86 -28.10 21.87
C LEU A 535 -40.94 -29.31 21.88
N GLU A 536 -41.18 -30.27 22.79
CA GLU A 536 -40.40 -31.49 22.79
C GLU A 536 -40.63 -32.29 21.51
N LYS A 537 -41.88 -32.36 21.05
CA LYS A 537 -42.18 -33.09 19.82
C LYS A 537 -41.51 -32.45 18.62
N VAL A 538 -41.53 -31.11 18.56
CA VAL A 538 -40.91 -30.41 17.43
C VAL A 538 -39.41 -30.62 17.41
N ALA A 539 -38.76 -30.50 18.57
CA ALA A 539 -37.30 -30.60 18.62
C ALA A 539 -36.84 -32.05 18.45
N LEU A 540 -37.63 -33.02 18.90
CA LEU A 540 -37.29 -34.42 18.73
C LEU A 540 -37.68 -34.98 17.37
N ASP A 541 -38.33 -34.18 16.53
CA ASP A 541 -38.70 -34.64 15.20
C ASP A 541 -37.47 -35.00 14.39
N LEU A 542 -37.57 -36.05 13.59
CA LEU A 542 -36.43 -36.51 12.81
C LEU A 542 -36.02 -35.53 11.73
N ARG A 543 -36.88 -34.57 11.39
CA ARG A 543 -36.52 -33.55 10.40
C ARG A 543 -35.53 -32.54 10.93
N CYS A 544 -35.27 -32.53 12.24
CA CYS A 544 -34.30 -31.64 12.86
C CYS A 544 -33.00 -32.34 13.20
N THR A 545 -32.61 -33.35 12.41
CA THR A 545 -31.50 -34.21 12.79
C THR A 545 -30.19 -33.44 12.90
N GLY A 546 -29.91 -32.55 11.95
CA GLY A 546 -28.69 -31.78 11.94
C GLY A 546 -28.84 -30.34 12.40
N PHE A 547 -29.96 -29.98 13.01
CA PHE A 547 -30.20 -28.59 13.39
C PHE A 547 -29.22 -28.15 14.46
N SER A 548 -28.65 -26.97 14.29
CA SER A 548 -27.83 -26.35 15.31
C SER A 548 -28.71 -25.41 16.14
N GLY A 549 -28.08 -24.58 16.98
CA GLY A 549 -28.86 -23.60 17.72
C GLY A 549 -29.48 -22.55 16.83
N ALA A 550 -28.75 -22.10 15.81
CA ALA A 550 -29.30 -21.11 14.88
C ALA A 550 -30.43 -21.70 14.06
N ASP A 551 -30.32 -22.97 13.68
CA ASP A 551 -31.39 -23.60 12.90
C ASP A 551 -32.67 -23.71 13.70
N LEU A 552 -32.56 -24.00 15.00
CA LEU A 552 -33.74 -24.00 15.85
C LEU A 552 -34.33 -22.60 15.97
N GLY A 553 -33.48 -21.57 16.03
CA GLY A 553 -33.98 -20.21 15.97
C GLY A 553 -34.62 -19.88 14.64
N ASN A 554 -34.03 -20.38 13.55
CA ASN A 554 -34.65 -20.22 12.24
C ASN A 554 -35.96 -20.99 12.16
N LEU A 555 -36.03 -22.15 12.79
CA LEU A 555 -37.27 -22.92 12.83
C LEU A 555 -38.37 -22.15 13.55
N MET A 556 -38.03 -21.51 14.66
CA MET A 556 -39.02 -20.72 15.40
C MET A 556 -39.47 -19.51 14.59
N GLN A 557 -38.54 -18.87 13.88
CA GLN A 557 -38.90 -17.72 13.06
C GLN A 557 -39.79 -18.14 11.89
N ALA A 558 -39.52 -19.30 11.30
CA ALA A 558 -40.35 -19.80 10.23
C ALA A 558 -41.77 -20.08 10.71
N ALA A 559 -41.91 -20.65 11.91
CA ALA A 559 -43.23 -20.88 12.48
C ALA A 559 -43.94 -19.57 12.77
N ALA A 560 -43.20 -18.56 13.25
CA ALA A 560 -43.81 -17.26 13.51
C ALA A 560 -44.30 -16.62 12.21
N GLN A 561 -43.51 -16.71 11.15
CA GLN A 561 -43.95 -16.18 9.86
C GLN A 561 -45.15 -16.95 9.32
N ALA A 562 -45.17 -18.27 9.50
CA ALA A 562 -46.32 -19.07 9.08
C ALA A 562 -47.57 -18.67 9.85
N CYS A 563 -47.42 -18.24 11.10
CA CYS A 563 -48.56 -17.77 11.87
C CYS A 563 -49.15 -16.49 11.27
N LEU A 564 -48.29 -15.56 10.85
CA LEU A 564 -48.78 -14.29 10.32
C LEU A 564 -49.51 -14.47 9.00
N GLU A 565 -49.04 -15.40 8.16
CA GLU A 565 -49.74 -15.70 6.92
C GLU A 565 -51.14 -16.25 7.20
N ARG A 566 -51.24 -17.13 8.21
CA ARG A 566 -52.55 -17.62 8.63
C ARG A 566 -53.40 -16.50 9.21
N VAL A 567 -52.77 -15.59 9.98
CA VAL A 567 -53.49 -14.46 10.54
C VAL A 567 -53.98 -13.52 9.44
N TYR A 568 -53.15 -13.28 8.43
CA TYR A 568 -53.54 -12.39 7.34
C TYR A 568 -54.78 -12.90 6.62
N THR A 569 -54.83 -14.20 6.34
CA THR A 569 -56.03 -14.77 5.73
C THR A 569 -57.17 -14.87 6.73
N GLN A 570 -56.85 -15.02 8.03
CA GLN A 570 -57.89 -15.08 9.04
C GLN A 570 -58.67 -13.78 9.14
N ARG A 571 -57.98 -12.66 9.01
CA ARG A 571 -58.62 -11.35 9.13
C ARG A 571 -59.26 -10.88 7.83
N GLN A 572 -59.13 -11.64 6.74
CA GLN A 572 -59.81 -11.31 5.50
C GLN A 572 -61.15 -12.01 5.35
N GLN A 573 -61.33 -13.16 5.99
CA GLN A 573 -62.60 -13.88 5.96
C GLN A 573 -63.54 -13.45 7.08
N LYS A 574 -63.11 -12.52 7.94
CA LYS A 574 -63.95 -11.95 8.98
C LYS A 574 -64.25 -10.47 8.74
N ARG A 575 -63.21 -9.68 8.44
CA ARG A 575 -63.43 -8.27 8.10
C ARG A 575 -64.24 -8.13 6.82
N LYS A 576 -63.92 -8.93 5.80
CA LYS A 576 -64.61 -8.86 4.52
C LYS A 576 -65.56 -10.03 4.34
N GLU A 588 -55.40 -11.87 17.83
CA GLU A 588 -54.01 -11.88 18.27
C GLU A 588 -53.25 -13.05 17.68
N PRO A 589 -52.11 -12.79 17.06
CA PRO A 589 -51.32 -13.87 16.44
C PRO A 589 -50.60 -14.69 17.50
N VAL A 590 -50.83 -16.00 17.48
CA VAL A 590 -50.20 -16.93 18.40
C VAL A 590 -49.67 -18.12 17.60
N ILE A 591 -48.44 -18.53 17.89
CA ILE A 591 -47.83 -19.63 17.15
C ILE A 591 -48.47 -20.94 17.59
N THR A 592 -49.16 -21.60 16.67
CA THR A 592 -49.86 -22.84 16.95
C THR A 592 -49.05 -24.04 16.47
N MET A 593 -49.51 -25.23 16.84
CA MET A 593 -48.80 -26.46 16.48
C MET A 593 -48.83 -26.70 14.97
N GLU A 594 -49.91 -26.28 14.30
CA GLU A 594 -49.97 -26.44 12.85
C GLU A 594 -48.96 -25.55 12.15
N ASP A 595 -48.58 -24.42 12.77
CA ASP A 595 -47.54 -23.57 12.21
C ASP A 595 -46.18 -24.26 12.28
N TRP A 596 -45.93 -25.01 13.35
CA TRP A 596 -44.69 -25.77 13.45
C TRP A 596 -44.63 -26.88 12.41
N GLU A 597 -45.78 -27.42 12.01
CA GLU A 597 -45.79 -28.52 11.06
C GLU A 597 -45.23 -28.09 9.71
N LYS A 598 -45.61 -26.91 9.23
CA LYS A 598 -45.08 -26.43 7.96
C LYS A 598 -43.74 -25.73 8.12
N ALA A 599 -43.36 -25.35 9.34
CA ALA A 599 -42.03 -24.81 9.55
C ALA A 599 -40.97 -25.90 9.54
N LEU A 600 -41.32 -27.11 10.00
CA LEU A 600 -40.36 -28.22 9.98
C LEU A 600 -40.02 -28.64 8.56
N ASN A 601 -40.97 -28.48 7.63
CA ASN A 601 -40.74 -28.93 6.25
C ASN A 601 -39.81 -28.00 5.48
N GLU A 602 -39.87 -26.70 5.74
CA GLU A 602 -39.18 -25.71 4.92
C GLU A 602 -37.90 -25.19 5.55
N VAL A 603 -37.41 -25.83 6.62
CA VAL A 603 -36.16 -25.44 7.26
C VAL A 603 -35.21 -26.62 7.23
N LYS A 604 -34.02 -26.42 6.69
CA LYS A 604 -32.99 -27.44 6.59
C LYS A 604 -31.76 -27.03 7.40
N PRO A 605 -31.00 -27.99 7.91
CA PRO A 605 -29.83 -27.64 8.73
C PRO A 605 -28.80 -26.85 7.92
N SER A 606 -28.21 -25.86 8.58
CA SER A 606 -27.18 -25.05 7.93
C SER A 606 -25.85 -25.77 7.83
N VAL A 607 -25.52 -26.60 8.82
CA VAL A 607 -24.25 -27.33 8.84
C VAL A 607 -24.46 -28.62 8.05
N LYS A 608 -24.03 -28.60 6.78
CA LYS A 608 -24.23 -29.77 5.92
C LYS A 608 -23.29 -30.91 6.27
N ASP A 609 -22.03 -30.59 6.57
CA ASP A 609 -21.00 -31.60 6.86
C ASP A 609 -20.36 -31.27 8.20
N PRO A 610 -21.00 -31.66 9.30
CA PRO A 610 -20.44 -31.34 10.62
C PRO A 610 -19.11 -31.99 10.91
N GLU A 611 -18.76 -33.08 10.22
CA GLU A 611 -17.50 -33.76 10.49
C GLU A 611 -16.30 -32.88 10.18
N LYS A 612 -16.44 -31.96 9.22
CA LYS A 612 -15.33 -31.08 8.86
C LYS A 612 -14.93 -30.19 10.03
N TYR A 613 -15.91 -29.67 10.76
CA TYR A 613 -15.63 -28.68 11.80
C TYR A 613 -15.10 -29.30 13.09
N MET A 614 -15.24 -30.61 13.28
CA MET A 614 -14.70 -31.27 14.46
C MET A 614 -13.45 -32.08 14.19
N HIS A 615 -13.05 -32.23 12.93
CA HIS A 615 -11.77 -32.86 12.58
C HIS A 615 -10.67 -31.82 12.43
N SER A 616 -10.51 -30.98 13.45
CA SER A 616 -9.53 -29.91 13.41
C SER A 616 -8.92 -29.66 14.78
CA MET B 15 -31.41 30.75 24.62
C MET B 15 -32.23 30.46 25.87
N SER B 16 -33.19 29.55 25.74
CA SER B 16 -34.05 29.15 26.85
C SER B 16 -34.22 27.64 26.82
N ILE B 17 -34.76 27.10 27.92
CA ILE B 17 -34.99 25.67 28.00
C ILE B 17 -35.97 25.20 26.93
N LEU B 18 -36.94 26.04 26.58
CA LEU B 18 -37.88 25.68 25.51
C LEU B 18 -37.20 25.52 24.17
N ASP B 19 -36.02 26.10 23.99
CA ASP B 19 -35.28 25.96 22.74
C ASP B 19 -34.58 24.61 22.59
N ILE B 20 -34.48 23.84 23.67
CA ILE B 20 -33.84 22.53 23.63
C ILE B 20 -34.85 21.50 24.12
N ALA B 21 -35.08 20.45 23.33
CA ALA B 21 -36.10 19.46 23.64
C ALA B 21 -35.57 18.08 23.27
N GLY B 22 -36.23 17.05 23.81
CA GLY B 22 -35.83 15.68 23.57
C GLY B 22 -34.68 15.19 24.43
N VAL B 23 -34.23 16.00 25.38
CA VAL B 23 -33.09 15.66 26.23
C VAL B 23 -33.56 15.55 27.67
N ASP B 24 -34.78 15.05 27.87
CA ASP B 24 -35.38 15.01 29.20
C ASP B 24 -34.49 14.27 30.20
N ASP B 25 -33.91 13.14 29.79
CA ASP B 25 -33.00 12.43 30.68
C ASP B 25 -31.77 13.27 30.98
N THR B 26 -31.21 13.94 29.97
CA THR B 26 -30.05 14.79 30.17
C THR B 26 -30.38 15.97 31.08
N LEU B 27 -31.57 16.57 30.89
CA LEU B 27 -31.97 17.69 31.73
C LEU B 27 -32.14 17.27 33.19
N GLN B 28 -32.67 16.07 33.42
CA GLN B 28 -32.75 15.55 34.78
C GLN B 28 -31.38 15.35 35.38
N ARG B 29 -30.43 14.83 34.59
CA ARG B 29 -29.07 14.62 35.08
C ARG B 29 -28.38 15.95 35.37
N LEU B 30 -28.47 16.90 34.43
CA LEU B 30 -27.75 18.16 34.57
C LEU B 30 -28.37 19.08 35.60
N LEU B 31 -29.56 18.76 36.12
CA LEU B 31 -30.14 19.57 37.18
C LEU B 31 -29.36 19.45 38.48
N LYS B 32 -28.70 18.31 38.70
CA LYS B 32 -27.88 18.11 39.88
C LYS B 32 -26.38 18.14 39.60
N GLU B 33 -25.97 17.92 38.36
CA GLU B 33 -24.55 17.98 38.00
C GLU B 33 -24.09 19.40 37.67
N VAL B 34 -25.01 20.28 37.30
CA VAL B 34 -24.68 21.65 36.90
C VAL B 34 -25.42 22.68 37.73
N TRP B 35 -26.75 22.58 37.78
CA TRP B 35 -27.53 23.61 38.47
C TRP B 35 -27.26 23.59 39.98
N PHE B 36 -27.22 22.41 40.59
CA PHE B 36 -27.06 22.35 42.04
C PHE B 36 -25.73 22.90 42.53
N PRO B 37 -24.57 22.54 41.96
CA PRO B 37 -23.32 23.13 42.46
C PRO B 37 -23.23 24.64 42.27
N LEU B 38 -24.00 25.22 41.36
CA LEU B 38 -23.94 26.66 41.11
C LEU B 38 -24.98 27.42 41.90
N ARG B 39 -26.24 26.97 41.86
CA ARG B 39 -27.32 27.63 42.60
C ARG B 39 -27.53 27.08 43.99
N GLY B 40 -26.80 26.03 44.38
CA GLY B 40 -26.94 25.47 45.70
C GLY B 40 -25.62 25.42 46.44
N GLY B 41 -24.81 26.46 46.30
CA GLY B 41 -23.52 26.50 46.97
C GLY B 41 -23.63 26.54 48.48
N GLU B 42 -24.67 27.20 49.00
CA GLU B 42 -24.83 27.30 50.44
C GLU B 42 -25.00 25.94 51.10
N ALA B 43 -25.72 25.03 50.43
CA ALA B 43 -25.87 23.68 50.95
C ALA B 43 -24.53 22.97 51.05
N CYS B 44 -23.68 23.15 50.04
CA CYS B 44 -22.35 22.53 50.07
C CYS B 44 -21.46 23.17 51.13
N GLU B 45 -21.73 24.43 51.49
CA GLU B 45 -20.95 25.09 52.52
C GLU B 45 -21.27 24.53 53.90
N LYS B 46 -22.49 24.06 54.12
CA LYS B 46 -22.87 23.51 55.42
C LYS B 46 -22.01 22.30 55.78
N MET B 47 -21.79 21.41 54.81
CA MET B 47 -20.99 20.22 55.03
C MET B 47 -19.52 20.42 54.68
N GLY B 48 -19.13 21.63 54.29
CA GLY B 48 -17.74 21.91 53.97
C GLY B 48 -17.20 21.10 52.80
N TYR B 49 -17.98 20.98 51.74
CA TYR B 49 -17.63 20.17 50.59
C TYR B 49 -17.49 21.06 49.36
N ARG B 50 -16.39 20.92 48.65
CA ARG B 50 -16.16 21.65 47.40
C ARG B 50 -16.75 20.83 46.25
N TYR B 51 -17.89 21.27 45.75
CA TYR B 51 -18.56 20.59 44.63
C TYR B 51 -18.22 21.30 43.32
N ASP B 52 -16.94 21.25 42.97
CA ASP B 52 -16.46 21.72 41.68
C ASP B 52 -16.58 20.57 40.68
N ASN B 53 -17.50 20.71 39.73
CA ASN B 53 -17.86 19.63 38.83
C ASN B 53 -17.43 19.97 37.40
N GLY B 54 -17.10 18.92 36.64
CA GLY B 54 -16.76 19.08 35.24
C GLY B 54 -17.59 18.16 34.37
N VAL B 55 -18.34 18.73 33.43
CA VAL B 55 -19.29 18.00 32.61
C VAL B 55 -18.85 18.09 31.15
N LEU B 56 -18.78 16.95 30.49
CA LEU B 56 -18.41 16.87 29.08
C LEU B 56 -19.61 16.36 28.29
N LEU B 57 -20.01 17.12 27.29
CA LEU B 57 -21.10 16.74 26.39
C LEU B 57 -20.51 16.25 25.08
N HIS B 58 -20.92 15.06 24.64
CA HIS B 58 -20.48 14.54 23.36
C HIS B 58 -21.64 13.84 22.67
N GLY B 59 -21.51 13.74 21.35
CA GLY B 59 -22.53 13.13 20.53
C GLY B 59 -22.38 13.52 19.08
N PRO B 60 -23.26 13.02 18.22
CA PRO B 60 -23.20 13.39 16.81
C PRO B 60 -23.40 14.88 16.62
N SER B 61 -22.77 15.42 15.57
CA SER B 61 -22.93 16.83 15.24
C SER B 61 -24.39 17.14 14.94
N GLY B 62 -24.90 18.21 15.54
CA GLY B 62 -26.28 18.60 15.37
C GLY B 62 -27.23 18.10 16.43
N CYS B 63 -26.72 17.42 17.46
CA CYS B 63 -27.57 16.90 18.53
C CYS B 63 -27.89 17.93 19.60
N GLY B 64 -27.63 19.21 19.34
CA GLY B 64 -28.01 20.25 20.28
C GLY B 64 -27.07 20.47 21.44
N LYS B 65 -25.79 20.11 21.29
CA LYS B 65 -24.84 20.30 22.39
C LYS B 65 -24.62 21.77 22.70
N THR B 66 -24.46 22.61 21.67
CA THR B 66 -24.23 24.02 21.90
C THR B 66 -25.48 24.72 22.41
N THR B 67 -26.65 24.35 21.88
CA THR B 67 -27.89 24.95 22.35
C THR B 67 -28.22 24.52 23.77
N LEU B 68 -27.88 23.29 24.14
CA LEU B 68 -28.12 22.84 25.51
C LEU B 68 -27.30 23.67 26.50
N ALA B 69 -26.03 23.92 26.17
CA ALA B 69 -25.16 24.66 27.09
C ALA B 69 -25.63 26.10 27.27
N HIS B 70 -26.04 26.75 26.17
CA HIS B 70 -26.49 28.13 26.27
C HIS B 70 -27.87 28.24 26.90
N ALA B 71 -28.74 27.26 26.66
CA ALA B 71 -30.03 27.24 27.34
C ALA B 71 -29.87 27.05 28.84
N ILE B 72 -28.98 26.15 29.24
CA ILE B 72 -28.72 25.92 30.65
C ILE B 72 -28.06 27.14 31.29
N ALA B 73 -27.12 27.76 30.58
CA ALA B 73 -26.42 28.92 31.13
C ALA B 73 -27.37 30.07 31.41
N GLY B 74 -28.32 30.33 30.52
CA GLY B 74 -29.28 31.40 30.75
C GLY B 74 -30.31 31.10 31.81
N SER B 75 -30.57 29.81 32.07
CA SER B 75 -31.55 29.45 33.10
C SER B 75 -30.98 29.66 34.50
N ILE B 76 -29.72 29.26 34.71
CA ILE B 76 -29.14 29.34 36.05
C ILE B 76 -28.92 30.78 36.46
N GLY B 77 -28.44 31.62 35.54
CA GLY B 77 -28.25 33.01 35.81
C GLY B 77 -26.94 33.38 36.47
N VAL B 78 -26.11 32.40 36.81
CA VAL B 78 -24.79 32.65 37.36
C VAL B 78 -23.88 33.17 36.25
N ALA B 79 -22.69 33.65 36.61
CA ALA B 79 -21.75 34.13 35.62
C ALA B 79 -21.43 33.05 34.60
N PHE B 80 -21.43 33.42 33.32
CA PHE B 80 -21.23 32.48 32.23
C PHE B 80 -20.11 33.00 31.34
N ILE B 81 -19.13 32.15 31.08
CA ILE B 81 -17.98 32.49 30.25
C ILE B 81 -17.97 31.54 29.06
N PRO B 82 -18.54 31.95 27.92
CA PRO B 82 -18.44 31.12 26.71
C PRO B 82 -17.06 31.22 26.11
N VAL B 83 -16.45 30.07 25.85
CA VAL B 83 -15.10 30.01 25.28
C VAL B 83 -15.15 29.13 24.05
N SER B 84 -14.88 29.70 22.89
CA SER B 84 -14.65 28.92 21.68
C SER B 84 -13.17 28.59 21.58
N ALA B 85 -12.87 27.31 21.34
CA ALA B 85 -11.49 26.85 21.44
C ALA B 85 -10.51 27.58 20.53
N PRO B 86 -10.79 27.77 19.23
CA PRO B 86 -9.80 28.48 18.39
C PRO B 86 -9.55 29.91 18.81
N SER B 87 -10.46 30.54 19.54
CA SER B 87 -10.33 31.96 19.85
C SER B 87 -9.25 32.26 20.87
N VAL B 88 -8.72 31.24 21.57
CA VAL B 88 -7.70 31.48 22.59
C VAL B 88 -6.29 31.47 22.02
N ILE B 89 -6.12 31.19 20.73
CA ILE B 89 -4.79 31.12 20.13
C ILE B 89 -4.32 32.53 19.81
N GLY B 90 -3.11 32.86 20.27
CA GLY B 90 -2.53 34.16 20.01
C GLY B 90 -1.26 34.08 19.20
N GLY B 91 -0.86 35.20 18.58
CA GLY B 91 0.34 35.20 17.77
C GLY B 91 1.62 35.29 18.57
N THR B 92 1.57 35.90 19.75
CA THR B 92 2.76 36.07 20.56
C THR B 92 3.20 34.73 21.16
N SER B 93 4.43 34.69 21.66
CA SER B 93 5.03 33.45 22.14
C SER B 93 4.44 32.97 23.47
N GLY B 94 3.65 33.80 24.15
CA GLY B 94 3.06 33.37 25.40
C GLY B 94 1.59 33.74 25.53
N GLU B 95 1.08 34.47 24.54
CA GLU B 95 -0.30 34.94 24.61
C GLU B 95 -1.29 33.78 24.57
N SER B 96 -0.99 32.74 23.79
CA SER B 96 -1.94 31.64 23.65
C SER B 96 -2.16 30.92 24.97
N GLU B 97 -1.10 30.67 25.72
CA GLU B 97 -1.24 30.00 27.02
C GLU B 97 -1.86 30.94 28.05
N LYS B 98 -1.53 32.23 27.98
CA LYS B 98 -2.06 33.19 28.95
C LYS B 98 -3.58 33.31 28.81
N ASN B 99 -4.09 33.26 27.58
CA ASN B 99 -5.53 33.38 27.37
C ASN B 99 -6.29 32.25 28.06
N ILE B 100 -5.78 31.03 27.98
CA ILE B 100 -6.41 29.91 28.67
C ILE B 100 -6.26 30.07 30.18
N ARG B 101 -5.09 30.52 30.63
CA ARG B 101 -4.90 30.80 32.05
C ARG B 101 -5.84 31.89 32.53
N ASP B 102 -6.07 32.90 31.68
CA ASP B 102 -6.97 33.99 32.04
C ASP B 102 -8.41 33.50 32.18
N VAL B 103 -8.81 32.52 31.34
CA VAL B 103 -10.18 32.04 31.36
C VAL B 103 -10.51 31.40 32.71
N PHE B 104 -9.63 30.53 33.20
CA PHE B 104 -9.91 29.84 34.45
C PHE B 104 -9.71 30.75 35.66
N ASP B 105 -8.73 31.65 35.60
CA ASP B 105 -8.52 32.59 36.69
C ASP B 105 -9.69 33.57 36.82
N GLU B 106 -10.24 34.01 35.68
CA GLU B 106 -11.39 34.89 35.72
C GLU B 106 -12.60 34.20 36.35
N ALA B 107 -12.82 32.92 36.03
CA ALA B 107 -13.96 32.20 36.55
C ALA B 107 -13.90 32.05 38.06
N ILE B 108 -12.71 31.75 38.60
CA ILE B 108 -12.56 31.65 40.04
C ILE B 108 -12.85 32.99 40.70
N ARG B 109 -12.36 34.08 40.11
CA ARG B 109 -12.65 35.41 40.64
C ARG B 109 -14.13 35.75 40.53
N LEU B 110 -14.83 35.16 39.57
CA LEU B 110 -16.24 35.44 39.33
C LEU B 110 -17.14 34.29 39.77
N ALA B 111 -16.67 33.46 40.68
CA ALA B 111 -17.46 32.33 41.15
C ALA B 111 -18.70 32.83 41.90
N PRO B 112 -19.83 32.10 41.80
CA PRO B 112 -20.02 30.87 41.03
C PRO B 112 -20.14 31.13 39.53
N CYS B 113 -19.35 30.41 38.74
CA CYS B 113 -19.26 30.65 37.31
C CYS B 113 -19.40 29.35 36.54
N LEU B 114 -19.94 29.45 35.33
CA LEU B 114 -20.05 28.33 34.41
C LEU B 114 -19.13 28.59 33.22
N ILE B 115 -18.26 27.65 32.93
CA ILE B 115 -17.33 27.74 31.81
C ILE B 115 -17.80 26.76 30.74
N PHE B 116 -17.92 27.25 29.51
CA PHE B 116 -18.29 26.40 28.37
C PHE B 116 -17.14 26.41 27.39
N LEU B 117 -16.44 25.27 27.29
CA LEU B 117 -15.35 25.09 26.33
C LEU B 117 -15.92 24.35 25.13
N ASP B 118 -16.47 25.11 24.19
CA ASP B 118 -17.07 24.52 23.00
C ASP B 118 -15.98 24.03 22.06
N GLN B 119 -16.16 22.82 21.53
CA GLN B 119 -15.20 22.20 20.62
C GLN B 119 -13.82 22.08 21.28
N ILE B 120 -13.82 21.45 22.45
CA ILE B 120 -12.60 21.38 23.25
C ILE B 120 -11.53 20.54 22.55
N ASP B 121 -11.93 19.61 21.69
CA ASP B 121 -10.96 18.78 20.98
C ASP B 121 -10.11 19.57 20.00
N ALA B 122 -10.49 20.81 19.68
CA ALA B 122 -9.69 21.63 18.78
C ALA B 122 -8.38 22.05 19.45
N ILE B 123 -8.41 22.30 20.75
CA ILE B 123 -7.23 22.74 21.48
C ILE B 123 -6.72 21.71 22.48
N ALA B 124 -7.53 20.72 22.84
CA ALA B 124 -7.16 19.72 23.84
C ALA B 124 -7.05 18.33 23.23
N GLY B 125 -6.43 18.24 22.06
CA GLY B 125 -6.19 16.96 21.44
C GLY B 125 -5.07 16.20 22.13
N ARG B 126 -4.89 14.95 21.70
CA ARG B 126 -3.88 14.09 22.30
C ARG B 126 -2.49 14.68 22.07
N ARG B 127 -1.80 14.98 23.17
CA ARG B 127 -0.44 15.52 23.06
C ARG B 127 0.53 14.50 22.51
N GLU B 128 0.17 13.21 22.48
CA GLU B 128 0.96 12.22 21.77
C GLU B 128 1.04 12.54 20.28
N SER B 129 -0.10 12.89 19.68
CA SER B 129 -0.15 13.22 18.27
C SER B 129 0.08 14.70 18.00
N ALA B 130 0.18 15.53 19.03
CA ALA B 130 0.43 16.96 18.86
C ALA B 130 1.89 17.16 18.51
N ASN B 131 2.17 17.33 17.22
CA ASN B 131 3.55 17.50 16.76
C ASN B 131 3.96 18.96 16.86
N LYS B 132 3.83 19.55 18.04
CA LYS B 132 4.25 20.92 18.26
C LYS B 132 4.45 21.12 19.76
N GLY B 133 5.17 22.19 20.10
CA GLY B 133 5.41 22.54 21.48
C GLY B 133 4.31 23.37 22.10
N MET B 134 3.79 24.33 21.34
CA MET B 134 2.70 25.15 21.85
C MET B 134 1.45 24.32 22.12
N GLU B 135 1.15 23.38 21.23
CA GLU B 135 -0.02 22.54 21.41
C GLU B 135 0.10 21.70 22.68
N SER B 136 1.29 21.15 22.94
CA SER B 136 1.50 20.38 24.16
C SER B 136 1.35 21.24 25.39
N ARG B 137 1.88 22.47 25.34
CA ARG B 137 1.77 23.38 26.48
C ARG B 137 0.40 24.01 26.62
N ILE B 138 -0.39 24.03 25.54
CA ILE B 138 -1.79 24.46 25.66
C ILE B 138 -2.60 23.42 26.42
N VAL B 139 -2.38 22.14 26.12
CA VAL B 139 -3.11 21.06 26.80
C VAL B 139 -2.76 21.03 28.27
N ALA B 140 -1.47 21.20 28.60
CA ALA B 140 -1.05 21.19 30.00
C ALA B 140 -1.59 22.39 30.75
N GLU B 141 -1.77 23.53 30.08
CA GLU B 141 -2.33 24.69 30.74
C GLU B 141 -3.81 24.48 31.08
N ILE B 142 -4.52 23.71 30.26
CA ILE B 142 -5.92 23.41 30.57
C ILE B 142 -6.01 22.49 31.79
N MET B 143 -5.11 21.53 31.90
CA MET B 143 -5.10 20.65 33.08
C MET B 143 -4.87 21.45 34.36
N ASN B 144 -3.90 22.37 34.34
CA ASN B 144 -3.65 23.20 35.49
C ASN B 144 -4.83 24.12 35.78
N GLY B 145 -5.47 24.65 34.73
CA GLY B 145 -6.62 25.51 34.94
C GLY B 145 -7.78 24.77 35.60
N MET B 146 -8.03 23.53 35.19
CA MET B 146 -9.11 22.76 35.78
C MET B 146 -8.77 22.27 37.19
N ASP B 147 -7.51 22.35 37.61
CA ASP B 147 -7.13 21.99 38.96
C ASP B 147 -7.14 23.19 39.90
N ARG B 148 -6.88 24.40 39.39
CA ARG B 148 -6.99 25.58 40.22
C ARG B 148 -8.43 25.83 40.65
N ILE B 149 -9.38 25.49 39.79
CA ILE B 149 -10.79 25.64 40.13
C ILE B 149 -11.15 24.76 41.32
N ARG B 150 -10.69 23.51 41.32
CA ARG B 150 -11.03 22.58 42.39
C ARG B 150 -10.42 22.99 43.73
N GLN B 151 -9.42 23.86 43.73
CA GLN B 151 -8.69 24.21 44.95
C GLN B 151 -8.86 25.67 45.37
N ASN B 152 -8.84 26.61 44.43
CA ASN B 152 -8.85 28.02 44.78
C ASN B 152 -10.25 28.60 44.96
N THR B 153 -11.29 27.86 44.63
CA THR B 153 -12.64 28.36 44.83
C THR B 153 -13.05 28.23 46.29
N PRO B 154 -13.56 29.29 46.92
CA PRO B 154 -13.99 29.18 48.30
C PRO B 154 -15.24 28.32 48.43
N LEU B 155 -15.50 27.86 49.66
CA LEU B 155 -16.67 27.06 49.92
C LEU B 155 -17.93 27.88 49.66
N GLY B 156 -18.94 27.23 49.05
CA GLY B 156 -20.20 27.86 48.74
C GLY B 156 -20.24 28.58 47.41
N LYS B 157 -19.11 28.69 46.71
CA LYS B 157 -19.06 29.31 45.39
C LYS B 157 -18.27 28.37 44.48
N ASN B 158 -18.98 27.53 43.74
CA ASN B 158 -18.38 26.51 42.90
C ASN B 158 -18.35 26.95 41.45
N VAL B 159 -17.39 26.40 40.70
CA VAL B 159 -17.25 26.67 39.28
C VAL B 159 -17.41 25.36 38.53
N VAL B 160 -18.35 25.35 37.58
CA VAL B 160 -18.63 24.17 36.77
C VAL B 160 -18.08 24.40 35.37
N VAL B 161 -17.33 23.44 34.86
CA VAL B 161 -16.70 23.53 33.55
C VAL B 161 -17.49 22.64 32.60
N LEU B 162 -18.25 23.26 31.70
CA LEU B 162 -18.93 22.54 30.63
C LEU B 162 -18.03 22.48 29.41
N ALA B 163 -18.11 21.36 28.69
CA ALA B 163 -17.34 21.19 27.48
C ALA B 163 -18.14 20.34 26.50
N ALA B 164 -18.08 20.70 25.22
CA ALA B 164 -18.80 19.99 24.18
C ALA B 164 -17.85 19.64 23.06
N THR B 165 -17.98 18.41 22.55
CA THR B 165 -17.18 17.97 21.42
C THR B 165 -17.87 16.79 20.77
N ASN B 166 -17.86 16.77 19.43
CA ASN B 166 -18.43 15.65 18.69
C ASN B 166 -17.39 14.60 18.35
N ARG B 167 -16.14 14.78 18.78
CA ARG B 167 -15.08 13.80 18.62
C ARG B 167 -14.40 13.60 19.96
N PRO B 168 -15.08 12.95 20.91
CA PRO B 168 -14.48 12.76 22.24
C PRO B 168 -13.24 11.87 22.24
N GLU B 169 -13.04 11.06 21.20
CA GLU B 169 -11.87 10.20 21.12
C GLU B 169 -10.60 10.96 20.78
N PHE B 170 -10.71 12.20 20.31
CA PHE B 170 -9.53 13.02 20.06
C PHE B 170 -8.99 13.67 21.32
N LEU B 171 -9.74 13.64 22.41
CA LEU B 171 -9.33 14.32 23.63
C LEU B 171 -8.16 13.62 24.29
N ASP B 172 -7.33 14.40 24.97
CA ASP B 172 -6.25 13.85 25.77
C ASP B 172 -6.84 13.11 26.97
N PRO B 173 -6.47 11.85 27.20
CA PRO B 173 -7.04 11.12 28.34
C PRO B 173 -6.77 11.79 29.68
N ALA B 174 -5.67 12.51 29.82
CA ALA B 174 -5.42 13.24 31.06
C ALA B 174 -6.38 14.41 31.21
N ILE B 175 -6.91 14.93 30.11
CA ILE B 175 -7.94 15.96 30.16
C ILE B 175 -9.34 15.35 30.22
N ARG B 176 -9.56 14.27 29.48
CA ARG B 176 -10.86 13.63 29.49
C ARG B 176 -11.20 13.06 30.88
N ARG B 177 -10.19 12.69 31.65
CA ARG B 177 -10.45 12.16 32.99
C ARG B 177 -10.88 13.24 33.97
N ARG B 178 -10.59 14.51 33.69
CA ARG B 178 -10.94 15.59 34.60
C ARG B 178 -12.40 15.98 34.52
N PHE B 179 -13.15 15.43 33.56
CA PHE B 179 -14.59 15.60 33.52
C PHE B 179 -15.23 14.42 34.22
N SER B 180 -15.78 14.66 35.40
CA SER B 180 -16.38 13.57 36.18
C SER B 180 -17.61 13.01 35.50
N VAL B 181 -18.32 13.83 34.73
CA VAL B 181 -19.56 13.43 34.07
C VAL B 181 -19.37 13.54 32.55
N GLU B 182 -19.69 12.47 31.84
CA GLU B 182 -19.75 12.48 30.39
C GLU B 182 -21.17 12.09 29.97
N ILE B 183 -21.79 12.94 29.17
CA ILE B 183 -23.18 12.74 28.74
C ILE B 183 -23.20 12.52 27.25
N ASP B 184 -23.72 11.37 26.83
CA ASP B 184 -23.80 11.02 25.41
C ASP B 184 -25.18 11.42 24.90
N MET B 185 -25.22 12.39 24.01
CA MET B 185 -26.46 12.87 23.40
C MET B 185 -26.55 12.24 22.01
N GLY B 186 -27.15 11.05 21.93
CA GLY B 186 -27.25 10.34 20.69
C GLY B 186 -28.32 10.90 19.78
N MET B 187 -28.57 10.19 18.69
CA MET B 187 -29.61 10.60 17.76
C MET B 187 -30.98 10.47 18.42
N PRO B 188 -31.89 11.40 18.17
CA PRO B 188 -33.21 11.35 18.81
C PRO B 188 -34.02 10.16 18.35
N SER B 189 -34.91 9.69 19.22
CA SER B 189 -35.84 8.63 18.91
C SER B 189 -37.15 9.23 18.38
N GLU B 190 -38.12 8.36 18.10
CA GLU B 190 -39.40 8.83 17.57
C GLU B 190 -40.09 9.77 18.55
N ARG B 191 -40.07 9.43 19.84
CA ARG B 191 -40.65 10.31 20.84
C ARG B 191 -39.86 11.61 20.95
N ALA B 192 -38.53 11.53 20.87
CA ALA B 192 -37.70 12.72 20.98
C ALA B 192 -37.83 13.62 19.76
N ARG B 193 -37.92 13.04 18.57
CA ARG B 193 -38.07 13.83 17.36
C ARG B 193 -39.38 14.60 17.34
N GLU B 194 -40.45 14.01 17.89
CA GLU B 194 -41.71 14.73 18.00
C GLU B 194 -41.58 15.94 18.91
N GLN B 195 -40.85 15.79 20.03
CA GLN B 195 -40.65 16.91 20.93
C GLN B 195 -39.82 18.01 20.28
N ILE B 196 -38.79 17.63 19.51
CA ILE B 196 -37.95 18.61 18.84
C ILE B 196 -38.77 19.40 17.82
N LEU B 197 -39.60 18.70 17.03
CA LEU B 197 -40.41 19.39 16.04
C LEU B 197 -41.39 20.36 16.69
N ARG B 198 -41.97 19.99 17.83
CA ARG B 198 -42.85 20.90 18.55
C ARG B 198 -42.10 22.12 19.06
N SER B 199 -40.86 21.93 19.53
CA SER B 199 -40.08 23.06 20.02
C SER B 199 -39.64 23.96 18.87
N LEU B 200 -39.31 23.37 17.72
CA LEU B 200 -38.93 24.19 16.57
C LEU B 200 -40.12 24.94 16.00
N THR B 201 -41.25 24.26 15.82
CA THR B 201 -42.48 24.87 15.34
C THR B 201 -43.29 25.46 16.49
N ARG B 202 -42.66 26.32 17.27
CA ARG B 202 -43.26 26.89 18.47
C ARG B 202 -43.73 28.32 18.28
N ASP B 203 -42.95 29.14 17.59
CA ASP B 203 -43.31 30.53 17.32
C ASP B 203 -43.86 30.72 15.91
N LEU B 204 -44.17 29.64 15.20
CA LEU B 204 -44.67 29.70 13.84
C LEU B 204 -46.19 29.57 13.81
N SER B 205 -46.80 30.17 12.80
CA SER B 205 -48.25 30.07 12.59
C SER B 205 -48.54 28.75 11.89
N LEU B 206 -48.69 27.70 12.69
CA LEU B 206 -48.96 26.38 12.14
C LEU B 206 -50.44 26.22 11.82
N ALA B 207 -50.74 25.18 11.05
CA ALA B 207 -52.12 24.79 10.78
C ALA B 207 -52.55 23.73 11.79
N ASP B 208 -53.85 23.42 11.80
CA ASP B 208 -54.41 22.45 12.72
C ASP B 208 -54.40 21.04 12.18
N ASP B 209 -53.97 20.84 10.94
CA ASP B 209 -53.88 19.52 10.34
C ASP B 209 -52.53 18.86 10.57
N ILE B 210 -51.63 19.50 11.31
CA ILE B 210 -50.27 18.98 11.48
C ILE B 210 -50.30 17.85 12.50
N ASN B 211 -49.79 16.69 12.09
CA ASN B 211 -49.72 15.50 12.93
C ASN B 211 -48.25 15.25 13.24
N PHE B 212 -47.77 15.82 14.34
CA PHE B 212 -46.36 15.72 14.69
C PHE B 212 -45.93 14.28 14.92
N LYS B 213 -46.82 13.44 15.46
CA LYS B 213 -46.47 12.04 15.68
C LYS B 213 -46.31 11.29 14.36
N GLU B 214 -46.87 11.82 13.26
CA GLU B 214 -46.62 11.24 11.95
C GLU B 214 -45.28 11.69 11.38
N LEU B 215 -44.93 12.96 11.59
CA LEU B 215 -43.65 13.47 11.11
C LEU B 215 -42.49 12.78 11.79
N ALA B 216 -42.63 12.48 13.09
CA ALA B 216 -41.56 11.81 13.82
C ALA B 216 -41.31 10.42 13.25
N LYS B 217 -42.38 9.70 12.88
CA LYS B 217 -42.21 8.35 12.36
C LYS B 217 -41.68 8.34 10.93
N MET B 218 -41.86 9.43 10.18
CA MET B 218 -41.43 9.48 8.79
C MET B 218 -40.04 10.06 8.62
N THR B 219 -39.33 10.37 9.70
CA THR B 219 -37.99 10.94 9.64
C THR B 219 -37.04 10.15 10.53
N PRO B 220 -36.76 8.89 10.20
CA PRO B 220 -35.75 8.14 10.94
C PRO B 220 -34.35 8.64 10.61
N GLY B 221 -33.46 8.53 11.59
CA GLY B 221 -32.09 8.94 11.38
C GLY B 221 -31.85 10.42 11.31
N TYR B 222 -32.84 11.24 11.68
CA TYR B 222 -32.68 12.69 11.70
C TYR B 222 -32.17 13.13 13.06
N VAL B 223 -31.34 14.17 13.05
CA VAL B 223 -30.87 14.80 14.27
C VAL B 223 -31.57 16.15 14.41
N GLY B 224 -31.35 16.81 15.54
CA GLY B 224 -32.00 18.09 15.79
C GLY B 224 -31.69 19.13 14.73
N SER B 225 -30.53 19.05 14.10
CA SER B 225 -30.22 19.99 13.03
C SER B 225 -30.98 19.66 11.76
N ASP B 226 -31.16 18.36 11.46
CA ASP B 226 -31.92 17.97 10.29
C ASP B 226 -33.38 18.34 10.42
N LEU B 227 -33.96 18.18 11.60
CA LEU B 227 -35.35 18.57 11.81
C LEU B 227 -35.53 20.07 11.69
N GLN B 228 -34.50 20.85 12.01
CA GLN B 228 -34.57 22.30 11.79
C GLN B 228 -34.67 22.61 10.30
N TYR B 229 -33.94 21.87 9.46
CA TYR B 229 -34.01 22.08 8.03
C TYR B 229 -35.38 21.71 7.47
N VAL B 230 -36.03 20.71 8.05
CA VAL B 230 -37.39 20.35 7.64
C VAL B 230 -38.34 21.52 7.91
N VAL B 231 -38.20 22.15 9.08
CA VAL B 231 -39.03 23.31 9.39
C VAL B 231 -38.69 24.49 8.48
N LYS B 232 -37.40 24.71 8.21
CA LYS B 232 -37.01 25.77 7.28
C LYS B 232 -37.53 25.50 5.88
N ALA B 233 -37.46 24.24 5.43
CA ALA B 233 -37.99 23.90 4.12
C ALA B 233 -39.49 24.10 4.06
N ALA B 234 -40.21 23.72 5.13
CA ALA B 234 -41.65 23.90 5.15
C ALA B 234 -42.03 25.38 5.13
N VAL B 235 -41.27 26.22 5.83
CA VAL B 235 -41.54 27.65 5.83
C VAL B 235 -41.35 28.22 4.43
N SER B 236 -40.28 27.81 3.74
CA SER B 236 -40.03 28.31 2.40
C SER B 236 -41.12 27.90 1.42
N GLU B 237 -41.74 26.73 1.62
CA GLU B 237 -42.84 26.32 0.77
C GLU B 237 -44.06 27.21 0.95
N SER B 238 -44.28 27.72 2.17
CA SER B 238 -45.41 28.60 2.41
C SER B 238 -45.29 29.90 1.62
N PHE B 239 -44.06 30.38 1.41
CA PHE B 239 -43.82 31.60 0.66
C PHE B 239 -43.70 31.36 -0.83
N GLN B 240 -43.87 30.12 -1.30
CA GLN B 240 -43.86 29.86 -2.74
C GLN B 240 -45.00 30.59 -3.43
N ALA B 241 -46.19 30.60 -2.81
CA ALA B 241 -47.31 31.35 -3.35
C ALA B 241 -47.09 32.86 -3.23
N ASN B 242 -46.26 33.29 -2.29
CA ASN B 242 -45.97 34.71 -2.14
C ASN B 242 -44.88 35.20 -3.09
N ILE B 243 -44.14 34.29 -3.71
CA ILE B 243 -43.16 34.67 -4.72
C ILE B 243 -43.78 34.66 -6.12
N ASP B 244 -44.64 33.68 -6.40
CA ASP B 244 -45.32 33.64 -7.69
C ASP B 244 -46.19 34.88 -7.88
N SER B 245 -46.85 35.34 -6.82
CA SER B 245 -47.63 36.57 -6.91
C SER B 245 -46.72 37.76 -7.21
N LEU B 246 -45.56 37.82 -6.58
CA LEU B 246 -44.61 38.90 -6.85
C LEU B 246 -44.08 38.82 -8.29
N LEU B 247 -43.80 37.60 -8.77
CA LEU B 247 -43.38 37.45 -10.16
C LEU B 247 -44.48 37.86 -11.12
N ALA B 248 -45.72 37.43 -10.85
CA ALA B 248 -46.84 37.82 -11.71
C ALA B 248 -47.06 39.32 -11.70
N GLN B 249 -46.73 39.98 -10.59
CA GLN B 249 -46.76 41.43 -10.56
C GLN B 249 -45.77 42.03 -11.55
N ALA B 250 -44.55 41.47 -11.60
CA ALA B 250 -43.55 41.96 -12.52
C ALA B 250 -43.83 41.51 -13.96
N ARG B 251 -44.32 40.28 -14.13
CA ARG B 251 -44.61 39.79 -15.48
C ARG B 251 -45.72 40.58 -16.15
N ALA B 252 -46.68 41.08 -15.37
CA ALA B 252 -47.78 41.88 -15.92
C ALA B 252 -47.44 43.36 -15.98
N LYS B 253 -46.27 43.76 -15.49
CA LYS B 253 -45.84 45.15 -15.55
C LYS B 253 -45.18 45.51 -16.88
N HIS B 254 -44.81 44.52 -17.68
CA HIS B 254 -44.17 44.78 -18.97
C HIS B 254 -45.03 44.29 -20.13
N VAL B 262 -33.55 33.78 -23.26
CA VAL B 262 -33.68 33.87 -21.82
C VAL B 262 -34.78 32.93 -21.33
N SER B 263 -34.40 31.95 -20.51
CA SER B 263 -35.36 31.00 -19.98
C SER B 263 -36.25 31.65 -18.94
N GLN B 264 -37.28 30.92 -18.51
CA GLN B 264 -38.17 31.44 -17.48
C GLN B 264 -37.48 31.65 -16.15
N PRO B 265 -36.68 30.71 -15.61
CA PRO B 265 -35.97 31.00 -14.35
C PRO B 265 -35.03 32.18 -14.45
N GLN B 266 -34.40 32.40 -15.60
CA GLN B 266 -33.56 33.59 -15.77
C GLN B 266 -34.40 34.86 -15.83
N ARG B 267 -35.60 34.77 -16.38
CA ARG B 267 -36.49 35.93 -16.40
C ARG B 267 -36.88 36.34 -14.98
N ASP B 268 -37.13 35.36 -14.11
CA ASP B 268 -37.53 35.66 -12.74
C ASP B 268 -36.47 36.46 -12.00
N TRP B 269 -35.20 36.06 -12.13
CA TRP B 269 -34.12 36.81 -11.50
C TRP B 269 -33.99 38.21 -12.08
N LEU B 270 -34.16 38.33 -13.40
CA LEU B 270 -34.05 39.64 -14.05
C LEU B 270 -35.18 40.57 -13.61
N LEU B 271 -36.41 40.04 -13.53
CA LEU B 271 -37.54 40.87 -13.11
C LEU B 271 -37.36 41.37 -11.68
N LEU B 272 -36.91 40.49 -10.78
CA LEU B 272 -36.69 40.88 -9.40
C LEU B 272 -35.43 41.71 -9.22
N GLU B 273 -34.51 41.68 -10.18
CA GLU B 273 -33.32 42.51 -10.08
C GLU B 273 -33.65 43.98 -10.24
N ALA B 274 -34.63 44.31 -11.07
CA ALA B 274 -35.07 45.67 -11.29
C ALA B 274 -36.23 46.08 -10.38
N HIS B 275 -36.66 45.19 -9.48
CA HIS B 275 -37.75 45.47 -8.56
C HIS B 275 -37.27 45.74 -7.15
N ARG B 276 -35.99 46.10 -6.99
CA ARG B 276 -35.43 46.37 -5.68
C ARG B 276 -36.07 47.58 -5.02
N TRP B 282 -46.22 40.64 2.16
CA TRP B 282 -46.35 39.19 2.19
C TRP B 282 -47.42 38.75 3.18
N PRO B 283 -48.57 38.29 2.67
CA PRO B 283 -49.61 37.77 3.56
C PRO B 283 -49.22 36.45 4.21
N SER B 284 -48.96 36.47 5.51
CA SER B 284 -48.54 35.27 6.20
C SER B 284 -49.68 34.26 6.25
N THR B 285 -49.35 33.00 5.99
CA THR B 285 -50.33 31.92 5.94
C THR B 285 -49.86 30.76 6.80
N LYS B 286 -50.82 29.95 7.25
CA LYS B 286 -50.50 28.79 8.05
C LYS B 286 -49.78 27.73 7.22
N ILE B 287 -48.81 27.06 7.82
CA ILE B 287 -48.06 26.02 7.14
C ILE B 287 -48.90 24.75 7.15
N THR B 288 -49.30 24.29 5.97
CA THR B 288 -50.13 23.11 5.84
C THR B 288 -49.34 21.84 6.18
N MET B 289 -50.07 20.80 6.56
CA MET B 289 -49.43 19.51 6.84
C MET B 289 -48.80 18.91 5.59
N GLU B 290 -49.39 19.15 4.43
CA GLU B 290 -48.80 18.64 3.19
C GLU B 290 -47.48 19.32 2.88
N GLN B 291 -47.33 20.60 3.28
CA GLN B 291 -46.05 21.27 3.10
C GLN B 291 -44.95 20.62 3.93
N PHE B 292 -45.28 20.14 5.14
CA PHE B 292 -44.29 19.45 5.95
C PHE B 292 -43.83 18.15 5.31
N ARG B 293 -44.76 17.38 4.74
CA ARG B 293 -44.38 16.15 4.05
C ARG B 293 -43.50 16.46 2.85
N LYS B 294 -43.81 17.54 2.12
CA LYS B 294 -42.94 17.97 1.03
C LYS B 294 -41.56 18.38 1.55
N ALA B 295 -41.53 19.04 2.71
CA ALA B 295 -40.26 19.49 3.28
C ALA B 295 -39.37 18.33 3.69
N VAL B 296 -39.97 17.22 4.15
CA VAL B 296 -39.17 16.07 4.54
C VAL B 296 -38.43 15.48 3.34
N SER B 297 -39.11 15.40 2.20
CA SER B 297 -38.46 14.87 1.00
C SER B 297 -37.31 15.76 0.55
N LEU B 298 -37.48 17.09 0.64
CA LEU B 298 -36.43 18.00 0.20
C LEU B 298 -35.21 17.94 1.10
N VAL B 299 -35.39 17.58 2.36
CA VAL B 299 -34.29 17.58 3.34
C VAL B 299 -33.69 16.19 3.40
N GLN B 300 -32.40 16.09 3.10
CA GLN B 300 -31.66 14.85 3.27
C GLN B 300 -30.88 14.91 4.57
N PRO B 301 -31.09 13.99 5.50
CA PRO B 301 -30.36 14.06 6.77
C PRO B 301 -28.86 13.90 6.55
N ALA B 302 -28.09 14.50 7.45
CA ALA B 302 -26.63 14.48 7.32
C ALA B 302 -26.08 13.07 7.32
N SER B 303 -26.77 12.14 7.98
CA SER B 303 -26.31 10.75 8.01
C SER B 303 -26.46 10.05 6.65
N LYS B 304 -27.22 10.63 5.72
CA LYS B 304 -27.45 10.02 4.42
C LYS B 304 -26.80 10.78 3.28
N ARG B 305 -25.93 11.74 3.58
CA ARG B 305 -25.30 12.53 2.52
C ARG B 305 -24.08 11.85 1.92
N GLU B 306 -23.71 10.66 2.41
CA GLU B 306 -22.56 9.96 1.88
C GLU B 306 -22.73 8.47 2.15
N GLY B 307 -22.36 7.64 1.17
CA GLY B 307 -22.37 6.21 1.34
C GLY B 307 -23.66 5.51 1.00
N PHE B 308 -24.70 6.25 0.61
CA PHE B 308 -26.00 5.68 0.30
C PHE B 308 -26.27 5.77 -1.20
N SER B 309 -27.03 4.80 -1.70
CA SER B 309 -27.35 4.70 -3.11
C SER B 309 -28.77 5.20 -3.37
N THR B 310 -28.99 5.67 -4.59
CA THR B 310 -30.32 6.13 -4.97
C THR B 310 -31.28 4.96 -5.08
N ILE B 311 -32.53 5.20 -4.70
CA ILE B 311 -33.54 4.14 -4.72
C ILE B 311 -33.79 3.71 -6.16
N PRO B 312 -33.80 2.42 -6.46
CA PRO B 312 -34.06 1.98 -7.83
C PRO B 312 -35.46 2.34 -8.29
N ASP B 313 -35.59 2.59 -9.59
CA ASP B 313 -36.89 2.89 -10.18
C ASP B 313 -37.74 1.64 -10.40
N THR B 314 -37.18 0.45 -10.18
CA THR B 314 -37.91 -0.77 -10.40
C THR B 314 -39.03 -0.93 -9.37
N THR B 315 -40.20 -1.36 -9.83
CA THR B 315 -41.34 -1.66 -8.99
C THR B 315 -41.71 -3.13 -9.17
N TRP B 316 -42.81 -3.54 -8.54
CA TRP B 316 -43.31 -4.89 -8.79
C TRP B 316 -44.03 -5.00 -10.13
N SER B 317 -44.39 -3.86 -10.74
CA SER B 317 -44.95 -3.89 -12.08
C SER B 317 -43.90 -4.15 -13.14
N HIS B 318 -42.62 -4.01 -12.79
CA HIS B 318 -41.52 -4.36 -13.69
C HIS B 318 -41.11 -5.82 -13.56
N VAL B 319 -41.64 -6.55 -12.58
CA VAL B 319 -41.30 -7.94 -12.34
C VAL B 319 -42.47 -8.80 -12.77
N GLY B 320 -42.19 -9.79 -13.63
CA GLY B 320 -43.18 -10.73 -14.08
C GLY B 320 -42.92 -12.10 -13.47
N ALA B 321 -43.99 -12.85 -13.24
CA ALA B 321 -43.93 -14.16 -12.60
C ALA B 321 -43.27 -13.97 -11.23
N LEU B 322 -42.52 -14.98 -10.78
CA LEU B 322 -41.81 -14.93 -9.50
C LEU B 322 -42.78 -14.61 -8.35
N GLU B 323 -43.96 -15.23 -8.40
CA GLU B 323 -44.94 -15.01 -7.35
C GLU B 323 -44.45 -15.54 -6.01
N ASP B 324 -43.82 -16.72 -6.01
CA ASP B 324 -43.32 -17.29 -4.77
C ASP B 324 -42.15 -16.48 -4.22
N VAL B 325 -41.26 -16.01 -5.09
CA VAL B 325 -40.13 -15.21 -4.63
C VAL B 325 -40.62 -13.89 -4.04
N ARG B 326 -41.66 -13.31 -4.63
CA ARG B 326 -42.21 -12.06 -4.10
C ARG B 326 -42.79 -12.27 -2.70
N LYS B 327 -43.44 -13.40 -2.46
CA LYS B 327 -44.01 -13.67 -1.15
C LYS B 327 -42.93 -13.78 -0.09
N LYS B 328 -41.84 -14.49 -0.39
CA LYS B 328 -40.77 -14.67 0.58
C LYS B 328 -40.08 -13.35 0.88
N LEU B 329 -39.91 -12.50 -0.14
CA LEU B 329 -39.31 -11.19 0.10
C LEU B 329 -40.24 -10.26 0.85
N GLU B 330 -41.56 -10.38 0.62
CA GLU B 330 -42.51 -9.53 1.32
C GLU B 330 -42.63 -9.94 2.79
N MET B 331 -42.54 -11.23 3.08
CA MET B 331 -42.64 -11.70 4.45
C MET B 331 -41.37 -11.45 5.24
N SER B 332 -40.21 -11.51 4.59
CA SER B 332 -38.94 -11.43 5.29
C SER B 332 -38.40 -10.00 5.39
N ILE B 333 -38.69 -9.14 4.42
CA ILE B 333 -38.10 -7.81 4.41
C ILE B 333 -39.17 -6.73 4.39
N ILE B 334 -40.02 -6.76 3.37
CA ILE B 334 -41.01 -5.69 3.20
C ILE B 334 -41.99 -5.68 4.36
N GLY B 335 -42.33 -6.85 4.89
CA GLY B 335 -43.24 -6.96 6.00
C GLY B 335 -42.76 -6.26 7.25
N PRO B 336 -41.68 -6.77 7.85
CA PRO B 336 -41.20 -6.18 9.12
C PRO B 336 -40.76 -4.73 9.00
N ILE B 337 -40.40 -4.26 7.81
CA ILE B 337 -40.02 -2.86 7.67
C ILE B 337 -41.24 -1.95 7.82
N LYS B 338 -42.37 -2.34 7.23
CA LYS B 338 -43.55 -1.49 7.26
C LYS B 338 -44.35 -1.66 8.54
N ASN B 339 -44.39 -2.87 9.11
CA ASN B 339 -45.14 -3.14 10.33
C ASN B 339 -44.23 -3.82 11.35
N PRO B 340 -43.28 -3.07 11.93
CA PRO B 340 -42.38 -3.68 12.92
C PRO B 340 -43.10 -4.20 14.15
N GLU B 341 -44.19 -3.56 14.57
CA GLU B 341 -44.88 -3.97 15.78
C GLU B 341 -45.53 -5.34 15.61
N LEU B 342 -46.13 -5.61 14.45
CA LEU B 342 -46.80 -6.88 14.24
C LEU B 342 -45.82 -8.04 14.26
N PHE B 343 -44.66 -7.86 13.63
CA PHE B 343 -43.67 -8.94 13.59
C PHE B 343 -42.94 -9.08 14.91
N THR B 344 -42.80 -8.01 15.68
CA THR B 344 -42.22 -8.12 17.01
C THR B 344 -43.11 -8.92 17.95
N ARG B 345 -44.43 -8.84 17.75
CA ARG B 345 -45.36 -9.52 18.65
C ARG B 345 -45.16 -11.03 18.61
N VAL B 346 -44.98 -11.60 17.42
CA VAL B 346 -44.79 -13.05 17.31
C VAL B 346 -43.36 -13.49 17.59
N GLY B 347 -42.44 -12.55 17.76
CA GLY B 347 -41.07 -12.90 18.09
C GLY B 347 -40.16 -13.04 16.89
N ILE B 348 -40.15 -12.04 16.02
CA ILE B 348 -39.31 -12.03 14.84
C ILE B 348 -38.35 -10.85 14.95
N LYS B 349 -37.05 -11.15 14.88
CA LYS B 349 -36.04 -10.12 15.00
C LYS B 349 -36.11 -9.17 13.80
N PRO B 350 -35.99 -7.85 14.02
CA PRO B 350 -36.10 -6.91 12.91
C PRO B 350 -34.86 -6.87 12.03
N ALA B 351 -34.43 -8.02 11.54
CA ALA B 351 -33.27 -8.10 10.66
C ALA B 351 -33.37 -9.39 9.85
N ALA B 352 -33.00 -9.32 8.58
CA ALA B 352 -33.10 -10.47 7.69
C ALA B 352 -31.83 -10.59 6.86
N GLY B 353 -31.52 -11.83 6.49
CA GLY B 353 -30.44 -12.11 5.57
C GLY B 353 -30.90 -13.07 4.51
N ILE B 354 -30.86 -12.63 3.25
CA ILE B 354 -31.43 -13.39 2.14
C ILE B 354 -30.37 -13.56 1.07
N LEU B 355 -30.22 -14.77 0.57
CA LEU B 355 -29.30 -15.07 -0.53
C LEU B 355 -30.11 -15.52 -1.73
N LEU B 356 -30.16 -14.67 -2.75
CA LEU B 356 -30.82 -15.02 -4.00
C LEU B 356 -29.80 -15.69 -4.92
N TRP B 357 -30.11 -16.90 -5.35
CA TRP B 357 -29.19 -17.64 -6.22
C TRP B 357 -29.98 -18.31 -7.33
N GLY B 358 -29.29 -18.56 -8.45
CA GLY B 358 -29.90 -19.18 -9.60
C GLY B 358 -29.10 -18.91 -10.85
N PRO B 359 -29.58 -19.42 -11.99
CA PRO B 359 -28.88 -19.19 -13.24
C PRO B 359 -28.94 -17.72 -13.63
N PRO B 360 -27.95 -17.24 -14.38
CA PRO B 360 -27.92 -15.82 -14.73
C PRO B 360 -29.08 -15.39 -15.61
N GLY B 361 -29.50 -14.15 -15.43
CA GLY B 361 -30.54 -13.54 -16.24
C GLY B 361 -31.95 -13.85 -15.82
N CYS B 362 -32.16 -14.43 -14.64
CA CYS B 362 -33.48 -14.88 -14.23
C CYS B 362 -34.18 -13.92 -13.26
N GLY B 363 -33.57 -12.81 -12.93
CA GLY B 363 -34.22 -11.77 -12.15
C GLY B 363 -33.79 -11.60 -10.71
N LYS B 364 -32.55 -12.00 -10.35
CA LYS B 364 -32.10 -11.83 -8.98
C LYS B 364 -31.88 -10.36 -8.63
N THR B 365 -31.25 -9.61 -9.54
CA THR B 365 -31.05 -8.19 -9.29
C THR B 365 -32.34 -7.41 -9.48
N LEU B 366 -33.21 -7.87 -10.37
CA LEU B 366 -34.47 -7.17 -10.62
C LEU B 366 -35.35 -7.16 -9.37
N VAL B 367 -35.47 -8.30 -8.69
CA VAL B 367 -36.31 -8.35 -7.50
C VAL B 367 -35.65 -7.68 -6.31
N ALA B 368 -34.33 -7.61 -6.26
CA ALA B 368 -33.65 -6.87 -5.21
C ALA B 368 -33.81 -5.37 -5.38
N LYS B 369 -33.92 -4.89 -6.62
CA LYS B 369 -34.23 -3.50 -6.88
C LYS B 369 -35.69 -3.16 -6.62
N ALA B 370 -36.59 -4.14 -6.75
CA ALA B 370 -37.99 -3.91 -6.39
C ALA B 370 -38.17 -3.84 -4.88
N VAL B 371 -37.51 -4.72 -4.15
CA VAL B 371 -37.60 -4.71 -2.68
C VAL B 371 -37.03 -3.40 -2.14
N ALA B 372 -35.90 -2.95 -2.68
CA ALA B 372 -35.30 -1.71 -2.21
C ALA B 372 -36.19 -0.50 -2.50
N ASN B 373 -37.07 -0.59 -3.49
CA ASN B 373 -37.95 0.50 -3.88
C ASN B 373 -39.32 0.40 -3.22
N GLU B 374 -39.86 -0.79 -3.08
CA GLU B 374 -41.20 -0.96 -2.51
C GLU B 374 -41.22 -0.96 -0.99
N SER B 375 -40.06 -1.10 -0.34
CA SER B 375 -40.00 -1.09 1.12
C SER B 375 -39.89 0.32 1.69
N LYS B 376 -39.58 1.32 0.87
CA LYS B 376 -39.47 2.70 1.30
C LYS B 376 -38.48 2.84 2.46
N ALA B 377 -37.36 2.13 2.36
CA ALA B 377 -36.30 2.19 3.34
C ALA B 377 -35.01 2.69 2.67
N ASN B 378 -34.00 2.93 3.50
CA ASN B 378 -32.70 3.34 2.97
C ASN B 378 -32.06 2.18 2.22
N PHE B 379 -31.19 2.53 1.28
CA PHE B 379 -30.63 1.54 0.37
C PHE B 379 -29.15 1.82 0.18
N ILE B 380 -28.31 0.82 0.45
CA ILE B 380 -26.90 0.85 0.09
C ILE B 380 -26.65 -0.34 -0.83
N SER B 381 -26.16 -0.08 -2.02
CA SER B 381 -25.86 -1.12 -3.00
C SER B 381 -24.35 -1.31 -3.09
N ILE B 382 -23.91 -2.55 -2.96
CA ILE B 382 -22.50 -2.92 -3.08
C ILE B 382 -22.36 -3.75 -4.34
N LYS B 383 -21.54 -3.29 -5.27
CA LYS B 383 -21.34 -3.96 -6.56
C LYS B 383 -20.10 -4.83 -6.46
N GLY B 384 -20.31 -6.09 -6.11
CA GLY B 384 -19.23 -7.05 -6.03
C GLY B 384 -18.17 -6.66 -5.03
N PRO B 385 -16.89 -6.90 -5.38
CA PRO B 385 -15.78 -6.61 -4.47
C PRO B 385 -15.27 -5.17 -4.57
N GLU B 386 -16.20 -4.21 -4.49
CA GLU B 386 -15.81 -2.81 -4.58
C GLU B 386 -15.35 -2.23 -3.25
N LEU B 387 -15.49 -2.99 -2.15
CA LEU B 387 -15.01 -2.55 -0.85
C LEU B 387 -13.53 -2.82 -0.64
N LEU B 388 -12.91 -3.64 -1.49
CA LEU B 388 -11.53 -4.03 -1.29
C LEU B 388 -10.59 -2.86 -1.55
N ASN B 389 -9.61 -2.71 -0.66
CA ASN B 389 -8.61 -1.66 -0.77
C ASN B 389 -7.23 -2.28 -0.68
N LYS B 390 -6.25 -1.63 -1.31
CA LYS B 390 -4.90 -2.17 -1.36
C LYS B 390 -4.14 -1.98 -0.05
N TYR B 391 -4.59 -1.09 0.83
CA TYR B 391 -3.92 -0.86 2.09
C TYR B 391 -4.39 -1.85 3.15
N VAL B 392 -3.56 -2.04 4.16
CA VAL B 392 -3.83 -3.02 5.21
C VAL B 392 -4.88 -2.47 6.15
N GLY B 393 -5.96 -3.23 6.34
CA GLY B 393 -7.02 -2.85 7.24
C GLY B 393 -8.07 -1.95 6.65
N GLU B 394 -7.83 -1.37 5.46
CA GLU B 394 -8.81 -0.48 4.86
C GLU B 394 -9.96 -1.24 4.22
N SER B 395 -9.71 -2.45 3.70
CA SER B 395 -10.78 -3.24 3.13
C SER B 395 -11.79 -3.65 4.19
N GLU B 396 -11.31 -4.06 5.37
CA GLU B 396 -12.19 -4.42 6.46
C GLU B 396 -12.79 -3.18 7.15
N ARG B 397 -12.07 -2.06 7.12
CA ARG B 397 -12.63 -0.82 7.68
C ARG B 397 -13.85 -0.36 6.89
N ALA B 398 -13.80 -0.51 5.56
CA ALA B 398 -14.94 -0.15 4.74
C ALA B 398 -16.16 -1.03 5.06
N VAL B 399 -15.92 -2.31 5.30
CA VAL B 399 -17.03 -3.20 5.67
C VAL B 399 -17.61 -2.80 7.01
N ARG B 400 -16.76 -2.51 8.00
CA ARG B 400 -17.24 -2.06 9.29
C ARG B 400 -17.96 -0.72 9.18
N GLN B 401 -17.42 0.18 8.36
CA GLN B 401 -18.07 1.47 8.15
C GLN B 401 -19.37 1.31 7.38
N LEU B 402 -19.47 0.29 6.52
CA LEU B 402 -20.70 0.05 5.78
C LEU B 402 -21.86 -0.27 6.71
N PHE B 403 -21.63 -1.12 7.72
CA PHE B 403 -22.66 -1.47 8.67
C PHE B 403 -22.93 -0.37 9.70
N SER B 404 -21.94 0.48 9.96
CA SER B 404 -22.18 1.63 10.84
C SER B 404 -23.20 2.58 10.21
N ARG B 405 -23.07 2.84 8.91
CA ARG B 405 -24.04 3.69 8.23
CA ARG B 405 -24.04 3.68 8.23
C ARG B 405 -25.43 3.04 8.19
N ALA B 406 -25.48 1.74 7.94
CA ALA B 406 -26.78 1.06 7.86
C ALA B 406 -27.48 1.05 9.22
N LYS B 407 -26.73 0.88 10.31
CA LYS B 407 -27.36 0.82 11.63
C LYS B 407 -27.90 2.18 12.04
N SER B 408 -27.15 3.26 11.78
CA SER B 408 -27.59 4.59 12.20
C SER B 408 -28.75 5.09 11.36
N SER B 409 -29.02 4.47 10.22
CA SER B 409 -30.11 4.85 9.33
C SER B 409 -31.09 3.70 9.14
N ALA B 410 -31.30 2.91 10.18
CA ALA B 410 -32.23 1.80 10.10
C ALA B 410 -33.66 2.31 10.00
N PRO B 411 -34.54 1.60 9.28
CA PRO B 411 -34.24 0.36 8.54
C PRO B 411 -33.51 0.63 7.23
N CYS B 412 -32.51 -0.21 6.94
CA CYS B 412 -31.69 -0.05 5.75
C CYS B 412 -31.55 -1.40 5.08
N ILE B 413 -31.46 -1.38 3.75
CA ILE B 413 -31.32 -2.59 2.95
C ILE B 413 -29.94 -2.58 2.31
N LEU B 414 -29.13 -3.58 2.64
CA LEU B 414 -27.82 -3.76 2.03
C LEU B 414 -27.95 -4.83 0.94
N PHE B 415 -27.61 -4.46 -0.28
CA PHE B 415 -27.66 -5.38 -1.41
C PHE B 415 -26.23 -5.67 -1.86
N PHE B 416 -25.82 -6.92 -1.70
CA PHE B 416 -24.51 -7.38 -2.16
C PHE B 416 -24.71 -8.11 -3.48
N ASP B 417 -24.50 -7.41 -4.59
CA ASP B 417 -24.63 -8.02 -5.90
C ASP B 417 -23.35 -8.77 -6.24
N GLN B 418 -23.51 -9.98 -6.80
CA GLN B 418 -22.40 -10.88 -7.05
C GLN B 418 -21.60 -11.13 -5.77
N MET B 419 -22.30 -11.67 -4.78
CA MET B 419 -21.76 -11.75 -3.43
C MET B 419 -20.61 -12.75 -3.31
N ASP B 420 -20.50 -13.71 -4.23
CA ASP B 420 -19.44 -14.71 -4.13
C ASP B 420 -18.06 -14.11 -4.28
N ALA B 421 -17.95 -12.89 -4.80
CA ALA B 421 -16.67 -12.21 -4.92
C ALA B 421 -16.23 -11.53 -3.64
N LEU B 422 -17.12 -11.41 -2.65
CA LEU B 422 -16.79 -10.76 -1.39
C LEU B 422 -16.67 -11.72 -0.23
N VAL B 423 -17.33 -12.87 -0.29
CA VAL B 423 -17.24 -13.87 0.77
C VAL B 423 -16.94 -15.24 0.18
N PRO B 424 -15.76 -15.47 -0.36
CA PRO B 424 -15.41 -16.82 -0.82
C PRO B 424 -15.10 -17.73 0.36
N ARG B 425 -15.13 -19.04 0.09
CA ARG B 425 -14.85 -20.01 1.13
C ARG B 425 -13.42 -19.85 1.65
N ARG B 426 -13.27 -19.88 2.97
CA ARG B 426 -11.97 -19.69 3.61
C ARG B 426 -11.16 -20.97 3.44
N ASP B 427 -10.28 -20.97 2.44
CA ASP B 427 -9.35 -22.05 2.19
C ASP B 427 -7.93 -21.60 2.49
N ASP B 428 -7.01 -22.56 2.47
CA ASP B 428 -5.61 -22.23 2.71
C ASP B 428 -4.98 -21.46 1.56
N SER B 429 -5.62 -21.43 0.39
CA SER B 429 -5.11 -20.71 -0.76
C SER B 429 -5.85 -19.39 -0.99
N LEU B 430 -6.68 -18.96 -0.05
CA LEU B 430 -7.47 -17.75 -0.21
C LEU B 430 -6.70 -16.47 0.14
N SER B 431 -5.45 -16.60 0.59
CA SER B 431 -4.65 -15.47 1.05
C SER B 431 -5.26 -14.84 2.29
N ASP B 432 -4.62 -13.82 2.83
CA ASP B 432 -5.10 -13.17 4.05
C ASP B 432 -5.91 -11.90 3.79
N ALA B 433 -5.63 -11.20 2.70
CA ALA B 433 -6.36 -9.96 2.43
C ALA B 433 -7.85 -10.22 2.22
N SER B 434 -8.21 -11.29 1.54
CA SER B 434 -9.61 -11.64 1.31
C SER B 434 -10.21 -12.47 2.43
N ALA B 435 -9.38 -13.19 3.19
CA ALA B 435 -9.90 -13.94 4.33
C ALA B 435 -10.23 -13.02 5.50
N ARG B 436 -9.53 -11.89 5.62
CA ARG B 436 -9.84 -10.94 6.68
C ARG B 436 -11.12 -10.16 6.40
N VAL B 437 -11.57 -10.13 5.15
CA VAL B 437 -12.84 -9.48 4.84
C VAL B 437 -14.00 -10.42 5.13
N VAL B 438 -13.82 -11.72 4.88
CA VAL B 438 -14.86 -12.69 5.17
C VAL B 438 -15.14 -12.72 6.67
N ASN B 439 -14.10 -12.73 7.49
CA ASN B 439 -14.28 -12.77 8.94
C ASN B 439 -14.90 -11.48 9.45
N THR B 440 -14.53 -10.34 8.87
CA THR B 440 -15.15 -9.08 9.26
C THR B 440 -16.64 -9.08 8.95
N LEU B 441 -17.02 -9.59 7.79
CA LEU B 441 -18.44 -9.72 7.48
C LEU B 441 -19.14 -10.76 8.35
N LEU B 442 -18.39 -11.71 8.91
CA LEU B 442 -18.99 -12.66 9.84
C LEU B 442 -19.39 -11.98 11.15
N THR B 443 -18.53 -11.11 11.67
CA THR B 443 -18.82 -10.44 12.94
C THR B 443 -19.91 -9.38 12.77
N GLU B 444 -19.94 -8.68 11.63
CA GLU B 444 -20.95 -7.66 11.43
C GLU B 444 -22.34 -8.25 11.32
N LEU B 445 -22.48 -9.37 10.61
CA LEU B 445 -23.79 -9.97 10.41
C LEU B 445 -24.30 -10.63 11.68
N ASP B 446 -23.42 -11.29 12.43
CA ASP B 446 -23.83 -11.93 13.68
C ASP B 446 -22.59 -12.02 14.58
N GLY B 447 -22.51 -11.13 15.55
CA GLY B 447 -21.40 -11.11 16.49
C GLY B 447 -21.86 -10.54 17.81
N VAL B 448 -20.93 -9.91 18.53
CA VAL B 448 -21.26 -9.30 19.81
C VAL B 448 -22.13 -8.07 19.60
N GLY B 449 -21.84 -7.28 18.58
CA GLY B 449 -22.59 -6.06 18.35
C GLY B 449 -24.00 -6.32 17.87
N ASP B 450 -24.80 -5.26 17.85
CA ASP B 450 -26.20 -5.33 17.45
C ASP B 450 -26.36 -4.73 16.06
N ARG B 451 -26.98 -5.50 15.16
CA ARG B 451 -27.20 -5.07 13.79
C ARG B 451 -28.69 -5.07 13.42
N SER B 452 -29.57 -5.00 14.42
CA SER B 452 -31.00 -5.02 14.15
C SER B 452 -31.40 -3.80 13.32
N GLY B 453 -32.41 -3.99 12.48
CA GLY B 453 -32.82 -2.97 11.55
C GLY B 453 -32.05 -2.94 10.26
N ILE B 454 -31.13 -3.87 10.04
CA ILE B 454 -30.35 -3.96 8.82
C ILE B 454 -30.76 -5.24 8.11
N TYR B 455 -31.24 -5.10 6.87
CA TYR B 455 -31.70 -6.23 6.07
C TYR B 455 -30.72 -6.42 4.93
N VAL B 456 -30.17 -7.62 4.80
CA VAL B 456 -29.09 -7.90 3.86
C VAL B 456 -29.63 -8.82 2.77
N ILE B 457 -29.39 -8.45 1.52
CA ILE B 457 -29.74 -9.25 0.36
C ILE B 457 -28.47 -9.57 -0.40
N GLY B 458 -28.29 -10.82 -0.78
CA GLY B 458 -27.18 -11.22 -1.61
C GLY B 458 -27.67 -11.94 -2.85
N ALA B 459 -27.03 -11.65 -3.97
CA ALA B 459 -27.33 -12.30 -5.24
C ALA B 459 -26.05 -12.90 -5.80
N THR B 460 -26.12 -14.15 -6.23
CA THR B 460 -24.95 -14.82 -6.78
C THR B 460 -25.38 -16.00 -7.64
N ASN B 461 -24.58 -16.28 -8.67
CA ASN B 461 -24.78 -17.46 -9.50
C ASN B 461 -24.10 -18.70 -8.94
N ARG B 462 -23.23 -18.53 -7.94
CA ARG B 462 -22.43 -19.62 -7.38
C ARG B 462 -22.61 -19.66 -5.88
N PRO B 463 -23.77 -20.10 -5.39
CA PRO B 463 -23.97 -20.18 -3.94
C PRO B 463 -23.00 -21.11 -3.25
N ASP B 464 -22.55 -22.17 -3.92
CA ASP B 464 -21.65 -23.13 -3.31
C ASP B 464 -20.24 -22.59 -3.11
N MET B 465 -19.91 -21.44 -3.70
CA MET B 465 -18.60 -20.83 -3.52
C MET B 465 -18.58 -19.80 -2.40
N ILE B 466 -19.68 -19.64 -1.68
CA ILE B 466 -19.76 -18.74 -0.54
C ILE B 466 -19.38 -19.52 0.72
N ASP B 467 -18.76 -18.83 1.67
CA ASP B 467 -18.35 -19.46 2.91
C ASP B 467 -19.56 -20.06 3.63
N GLU B 468 -19.38 -21.26 4.19
CA GLU B 468 -20.48 -21.94 4.85
C GLU B 468 -20.89 -21.26 6.15
N ALA B 469 -20.01 -20.45 6.73
CA ALA B 469 -20.39 -19.70 7.92
C ALA B 469 -21.33 -18.55 7.60
N ILE B 470 -21.15 -17.94 6.42
CA ILE B 470 -22.04 -16.85 6.00
C ILE B 470 -23.46 -17.37 5.80
N ARG B 471 -23.59 -18.56 5.22
CA ARG B 471 -24.90 -19.14 4.90
CA ARG B 471 -24.90 -19.14 4.90
C ARG B 471 -25.44 -19.91 6.11
N ARG B 472 -25.67 -19.20 7.19
CA ARG B 472 -26.28 -19.79 8.37
C ARG B 472 -27.32 -18.82 8.92
N PRO B 473 -28.35 -19.34 9.59
CA PRO B 473 -29.37 -18.44 10.17
C PRO B 473 -28.73 -17.45 11.14
N GLY B 474 -28.91 -16.17 10.85
CA GLY B 474 -28.26 -15.09 11.58
C GLY B 474 -27.44 -14.19 10.69
N ARG B 475 -26.88 -14.72 9.60
CA ARG B 475 -26.15 -13.93 8.63
C ARG B 475 -26.85 -13.91 7.28
N LEU B 476 -27.02 -15.07 6.63
CA LEU B 476 -27.90 -15.21 5.46
C LEU B 476 -28.74 -16.45 5.72
N GLY B 477 -29.83 -16.26 6.46
CA GLY B 477 -30.60 -17.40 6.92
C GLY B 477 -31.32 -18.13 5.80
N THR B 478 -31.90 -17.38 4.87
CA THR B 478 -32.79 -17.93 3.87
C THR B 478 -32.17 -17.81 2.48
N SER B 479 -32.25 -18.89 1.71
CA SER B 479 -31.81 -18.91 0.32
C SER B 479 -33.04 -19.08 -0.56
N ILE B 480 -33.21 -18.19 -1.53
CA ILE B 480 -34.31 -18.23 -2.47
C ILE B 480 -33.75 -18.53 -3.85
N TYR B 481 -34.28 -19.56 -4.50
CA TYR B 481 -33.81 -19.99 -5.81
C TYR B 481 -34.64 -19.31 -6.88
N VAL B 482 -33.98 -18.50 -7.70
CA VAL B 482 -34.64 -17.78 -8.81
C VAL B 482 -34.18 -18.48 -10.08
N GLY B 483 -34.97 -19.47 -10.53
CA GLY B 483 -34.61 -20.29 -11.66
C GLY B 483 -35.24 -19.82 -12.96
N LEU B 484 -35.11 -20.67 -13.97
CA LEU B 484 -35.65 -20.35 -15.29
C LEU B 484 -37.17 -20.31 -15.25
N PRO B 485 -37.80 -19.42 -16.00
CA PRO B 485 -39.27 -19.38 -16.03
C PRO B 485 -39.85 -20.61 -16.68
N SER B 486 -41.07 -20.94 -16.29
CA SER B 486 -41.80 -22.04 -16.90
C SER B 486 -42.46 -21.55 -18.19
N ALA B 487 -43.24 -22.43 -18.81
CA ALA B 487 -43.95 -22.06 -20.03
C ALA B 487 -44.95 -20.94 -19.78
N GLU B 488 -45.71 -21.04 -18.68
CA GLU B 488 -46.69 -20.01 -18.35
C GLU B 488 -46.06 -18.82 -17.65
N ASP B 489 -44.86 -18.96 -17.10
CA ASP B 489 -44.17 -17.82 -16.51
C ASP B 489 -43.56 -16.91 -17.56
N ARG B 490 -43.12 -17.48 -18.69
CA ARG B 490 -42.59 -16.65 -19.77
C ARG B 490 -43.65 -15.74 -20.35
N VAL B 491 -44.92 -16.17 -20.32
CA VAL B 491 -46.00 -15.32 -20.81
C VAL B 491 -46.14 -14.07 -19.94
N LYS B 492 -46.08 -14.24 -18.62
CA LYS B 492 -46.17 -13.11 -17.72
C LYS B 492 -44.97 -12.19 -17.86
N ILE B 493 -43.78 -12.76 -18.04
CA ILE B 493 -42.57 -11.95 -18.18
C ILE B 493 -42.58 -11.20 -19.51
N LEU B 494 -42.97 -11.87 -20.59
CA LEU B 494 -42.98 -11.22 -21.89
C LEU B 494 -44.01 -10.10 -21.94
N LYS B 495 -45.19 -10.32 -21.35
CA LYS B 495 -46.18 -9.25 -21.27
C LYS B 495 -45.68 -8.09 -20.42
N THR B 496 -45.01 -8.39 -19.31
CA THR B 496 -44.45 -7.34 -18.47
C THR B 496 -43.40 -6.53 -19.21
N LEU B 497 -42.50 -7.21 -19.93
CA LEU B 497 -41.46 -6.52 -20.69
C LEU B 497 -42.06 -5.68 -21.80
N TYR B 498 -43.07 -6.20 -22.50
CA TYR B 498 -43.66 -5.48 -23.62
C TYR B 498 -44.51 -4.30 -23.13
N ARG B 499 -45.24 -4.49 -22.02
CA ARG B 499 -46.09 -3.42 -21.51
C ARG B 499 -45.28 -2.22 -21.07
N ASN B 500 -44.11 -2.46 -20.49
CA ASN B 500 -43.26 -1.38 -20.00
C ASN B 500 -42.40 -0.75 -21.09
N THR B 501 -42.47 -1.25 -22.32
CA THR B 501 -41.65 -0.76 -23.42
C THR B 501 -42.51 -0.37 -24.61
N VAL B 502 -43.66 0.25 -24.35
CA VAL B 502 -44.52 0.77 -25.40
C VAL B 502 -45.00 2.16 -25.03
N THR B 530 -49.54 -5.56 -31.17
CA THR B 530 -49.11 -6.92 -30.85
C THR B 530 -50.13 -7.59 -29.93
N THR B 531 -50.88 -6.76 -29.19
CA THR B 531 -51.91 -7.24 -28.27
C THR B 531 -51.34 -8.21 -27.24
N ASP B 532 -52.20 -9.02 -26.65
CA ASP B 532 -51.78 -9.99 -25.64
C ASP B 532 -51.99 -11.44 -26.04
N ALA B 533 -52.89 -11.72 -26.98
CA ALA B 533 -53.04 -13.09 -27.47
C ALA B 533 -51.83 -13.53 -28.27
N ASP B 534 -51.19 -12.60 -28.98
CA ASP B 534 -49.98 -12.93 -29.74
C ASP B 534 -48.77 -13.08 -28.83
N LEU B 535 -48.70 -12.28 -27.76
CA LEU B 535 -47.58 -12.42 -26.83
C LEU B 535 -47.60 -13.77 -26.13
N GLU B 536 -48.77 -14.36 -25.94
CA GLU B 536 -48.84 -15.73 -25.42
C GLU B 536 -48.26 -16.72 -26.42
N LYS B 537 -48.56 -16.55 -27.71
CA LYS B 537 -48.05 -17.47 -28.72
C LYS B 537 -46.52 -17.38 -28.82
N VAL B 538 -45.97 -16.16 -28.73
CA VAL B 538 -44.53 -15.99 -28.79
C VAL B 538 -43.86 -16.66 -27.59
N ALA B 539 -44.40 -16.43 -26.39
CA ALA B 539 -43.78 -16.96 -25.19
C ALA B 539 -44.00 -18.46 -25.04
N LEU B 540 -45.15 -18.97 -25.49
CA LEU B 540 -45.42 -20.40 -25.43
C LEU B 540 -44.81 -21.17 -26.59
N ASP B 541 -44.21 -20.49 -27.56
CA ASP B 541 -43.59 -21.17 -28.69
C ASP B 541 -42.45 -22.05 -28.21
N LEU B 542 -42.33 -23.22 -28.81
CA LEU B 542 -41.30 -24.18 -28.41
C LEU B 542 -39.89 -23.66 -28.68
N ARG B 543 -39.74 -22.67 -29.56
CA ARG B 543 -38.45 -22.05 -29.78
C ARG B 543 -38.02 -21.18 -28.61
N CYS B 544 -38.92 -20.90 -27.67
CA CYS B 544 -38.59 -20.15 -26.46
C CYS B 544 -38.24 -21.05 -25.29
N THR B 545 -38.16 -22.36 -25.50
CA THR B 545 -37.85 -23.28 -24.41
C THR B 545 -36.45 -23.00 -23.86
N GLY B 546 -36.35 -22.84 -22.55
CA GLY B 546 -35.12 -22.52 -21.90
C GLY B 546 -34.80 -21.04 -21.81
N PHE B 547 -35.65 -20.18 -22.35
CA PHE B 547 -35.42 -18.75 -22.27
C PHE B 547 -35.51 -18.25 -20.84
N SER B 548 -34.59 -17.38 -20.47
CA SER B 548 -34.63 -16.73 -19.16
C SER B 548 -35.34 -15.39 -19.32
N GLY B 549 -35.33 -14.59 -18.25
CA GLY B 549 -35.89 -13.24 -18.35
C GLY B 549 -35.10 -12.35 -19.29
N ALA B 550 -33.78 -12.52 -19.31
CA ALA B 550 -32.95 -11.73 -20.22
C ALA B 550 -33.12 -12.15 -21.66
N ASP B 551 -33.39 -13.44 -21.91
CA ASP B 551 -33.63 -13.91 -23.26
C ASP B 551 -34.93 -13.36 -23.82
N LEU B 552 -35.97 -13.28 -23.01
CA LEU B 552 -37.23 -12.69 -23.47
C LEU B 552 -37.09 -11.20 -23.75
N GLY B 553 -36.28 -10.50 -22.95
CA GLY B 553 -35.98 -9.12 -23.26
C GLY B 553 -35.15 -8.97 -24.52
N ASN B 554 -34.24 -9.92 -24.76
CA ASN B 554 -33.49 -9.93 -26.01
C ASN B 554 -34.37 -10.31 -27.19
N LEU B 555 -35.36 -11.18 -26.96
CA LEU B 555 -36.29 -11.54 -28.03
C LEU B 555 -37.11 -10.34 -28.46
N MET B 556 -37.55 -9.52 -27.50
CA MET B 556 -38.30 -8.31 -27.84
C MET B 556 -37.42 -7.30 -28.55
N GLN B 557 -36.15 -7.20 -28.19
CA GLN B 557 -35.25 -6.30 -28.89
C GLN B 557 -34.95 -6.79 -30.30
N ALA B 558 -34.82 -8.11 -30.48
CA ALA B 558 -34.62 -8.66 -31.81
C ALA B 558 -35.84 -8.42 -32.69
N ALA B 559 -37.04 -8.54 -32.12
CA ALA B 559 -38.26 -8.22 -32.86
C ALA B 559 -38.31 -6.74 -33.22
N ALA B 560 -37.88 -5.87 -32.31
CA ALA B 560 -37.86 -4.44 -32.60
C ALA B 560 -36.87 -4.13 -33.73
N GLN B 561 -35.70 -4.76 -33.71
CA GLN B 561 -34.73 -4.54 -34.78
C GLN B 561 -35.26 -5.04 -36.11
N ALA B 562 -35.99 -6.16 -36.10
CA ALA B 562 -36.59 -6.66 -37.33
C ALA B 562 -37.65 -5.69 -37.86
N CYS B 563 -38.29 -4.93 -36.96
CA CYS B 563 -39.25 -3.92 -37.41
C CYS B 563 -38.57 -2.79 -38.17
N LEU B 564 -37.41 -2.34 -37.69
CA LEU B 564 -36.71 -1.26 -38.37
C LEU B 564 -36.16 -1.69 -39.72
N GLU B 565 -35.72 -2.95 -39.83
CA GLU B 565 -35.31 -3.46 -41.13
C GLU B 565 -36.46 -3.47 -42.11
N ARG B 566 -37.65 -3.87 -41.64
CA ARG B 566 -38.84 -3.82 -42.49
C ARG B 566 -39.19 -2.38 -42.85
N VAL B 567 -39.05 -1.46 -41.90
CA VAL B 567 -39.34 -0.06 -42.17
C VAL B 567 -38.37 0.51 -43.20
N TYR B 568 -37.08 0.19 -43.07
CA TYR B 568 -36.10 0.71 -44.02
C TYR B 568 -36.38 0.25 -45.44
N THR B 569 -36.73 -1.04 -45.61
CA THR B 569 -37.01 -1.55 -46.94
C THR B 569 -38.26 -0.90 -47.53
N GLN B 570 -39.30 -0.71 -46.71
CA GLN B 570 -40.52 -0.08 -47.22
C GLN B 570 -40.32 1.41 -47.46
N ARG B 571 -39.61 2.09 -46.56
CA ARG B 571 -39.43 3.53 -46.70
C ARG B 571 -38.60 3.87 -47.93
N GLN B 572 -37.53 3.09 -48.19
CA GLN B 572 -36.73 3.33 -49.39
C GLN B 572 -37.54 3.09 -50.65
N GLN B 573 -38.37 2.05 -50.66
CA GLN B 573 -39.17 1.75 -51.84
C GLN B 573 -40.14 2.88 -52.16
N LYS B 574 -40.79 3.43 -51.14
CA LYS B 574 -41.72 4.52 -51.37
C LYS B 574 -41.00 5.76 -51.90
N ARG B 575 -39.83 6.07 -51.34
CA ARG B 575 -39.06 7.22 -51.82
C ARG B 575 -38.56 6.98 -53.24
N LYS B 576 -38.06 5.78 -53.52
CA LYS B 576 -37.55 5.46 -54.85
C LYS B 576 -38.68 5.24 -55.83
N GLU B 577 -39.55 4.28 -55.55
CA GLU B 577 -40.66 3.97 -56.44
C GLU B 577 -41.94 4.67 -55.98
N GLU B 588 -44.36 5.38 -38.73
CA GLU B 588 -44.46 4.92 -37.35
C GLU B 588 -44.28 3.41 -37.27
N PRO B 589 -43.05 2.97 -36.96
CA PRO B 589 -42.78 1.53 -36.86
C PRO B 589 -43.58 0.89 -35.74
N VAL B 590 -44.06 -0.32 -36.01
CA VAL B 590 -44.82 -1.12 -35.04
C VAL B 590 -44.35 -2.56 -35.14
N ILE B 591 -44.12 -3.20 -34.00
CA ILE B 591 -43.61 -4.57 -33.97
C ILE B 591 -44.79 -5.49 -34.33
N THR B 592 -44.84 -5.91 -35.58
CA THR B 592 -45.91 -6.78 -36.05
C THR B 592 -45.61 -8.23 -35.70
N MET B 593 -46.57 -9.11 -35.97
CA MET B 593 -46.39 -10.53 -35.65
C MET B 593 -45.37 -11.20 -36.55
N GLU B 594 -45.20 -10.70 -37.77
CA GLU B 594 -44.17 -11.24 -38.65
C GLU B 594 -42.76 -10.89 -38.17
N ASP B 595 -42.62 -9.84 -37.36
CA ASP B 595 -41.32 -9.54 -36.77
C ASP B 595 -40.97 -10.53 -35.67
N TRP B 596 -41.96 -10.96 -34.89
CA TRP B 596 -41.71 -11.95 -33.86
C TRP B 596 -41.32 -13.30 -34.45
N GLU B 597 -41.84 -13.63 -35.65
CA GLU B 597 -41.51 -14.91 -36.26
C GLU B 597 -40.03 -15.02 -36.58
N LYS B 598 -39.44 -13.96 -37.12
CA LYS B 598 -38.02 -13.97 -37.42
C LYS B 598 -37.15 -13.60 -36.22
N ALA B 599 -37.75 -13.05 -35.16
CA ALA B 599 -37.02 -12.88 -33.91
C ALA B 599 -36.90 -14.20 -33.15
N LEU B 600 -37.90 -15.06 -33.27
CA LEU B 600 -37.84 -16.39 -32.66
C LEU B 600 -36.82 -17.31 -33.32
N ASN B 601 -36.33 -16.95 -34.51
CA ASN B 601 -35.37 -17.79 -35.21
C ASN B 601 -33.92 -17.40 -34.95
N GLU B 602 -33.67 -16.15 -34.55
CA GLU B 602 -32.31 -15.66 -34.38
C GLU B 602 -31.93 -15.47 -32.92
N VAL B 603 -32.77 -15.90 -31.98
CA VAL B 603 -32.50 -15.77 -30.56
C VAL B 603 -32.48 -17.16 -29.93
N LYS B 604 -31.41 -17.44 -29.18
CA LYS B 604 -31.19 -18.71 -28.51
C LYS B 604 -31.05 -18.49 -27.01
N PRO B 605 -31.38 -19.49 -26.18
CA PRO B 605 -31.23 -19.32 -24.73
C PRO B 605 -29.77 -19.10 -24.36
N SER B 606 -29.56 -18.23 -23.37
CA SER B 606 -28.21 -17.91 -22.91
C SER B 606 -27.77 -18.76 -21.73
N VAL B 607 -28.62 -19.64 -21.24
CA VAL B 607 -28.27 -20.60 -20.19
C VAL B 607 -28.26 -21.97 -20.83
N LYS B 608 -27.07 -22.44 -21.22
CA LYS B 608 -26.98 -23.68 -21.97
C LYS B 608 -27.20 -24.90 -21.08
N ASP B 609 -26.71 -24.85 -19.84
CA ASP B 609 -26.83 -25.96 -18.89
C ASP B 609 -27.44 -25.42 -17.60
N PRO B 610 -28.77 -25.31 -17.55
CA PRO B 610 -29.41 -24.78 -16.34
C PRO B 610 -29.15 -25.63 -15.11
N GLU B 611 -28.95 -26.94 -15.27
CA GLU B 611 -28.68 -27.79 -14.11
C GLU B 611 -27.32 -27.49 -13.48
N LYS B 612 -26.40 -26.88 -14.22
CA LYS B 612 -25.11 -26.51 -13.65
C LYS B 612 -25.24 -25.41 -12.61
N TYR B 613 -26.30 -24.61 -12.67
CA TYR B 613 -26.56 -23.55 -11.70
C TYR B 613 -27.52 -23.99 -10.60
N MET B 614 -27.91 -25.26 -10.59
CA MET B 614 -28.81 -25.77 -9.56
C MET B 614 -28.03 -26.60 -8.54
CA MET C 15 -20.93 38.62 -13.64
C MET C 15 -22.37 39.10 -13.76
N SER C 16 -23.19 38.32 -14.46
CA SER C 16 -24.59 38.64 -14.65
C SER C 16 -25.40 37.35 -14.72
N ILE C 17 -26.69 37.46 -14.44
CA ILE C 17 -27.56 36.29 -14.47
C ILE C 17 -27.65 35.69 -15.86
N LEU C 18 -27.41 36.50 -16.91
CA LEU C 18 -27.35 35.96 -18.26
C LEU C 18 -26.06 35.20 -18.52
N ASP C 19 -25.01 35.42 -17.73
CA ASP C 19 -23.76 34.71 -17.91
C ASP C 19 -23.83 33.25 -17.48
N ILE C 20 -24.87 32.86 -16.74
CA ILE C 20 -25.07 31.47 -16.34
C ILE C 20 -26.28 30.92 -17.09
N ALA C 21 -26.09 29.79 -17.76
CA ALA C 21 -27.13 29.20 -18.59
C ALA C 21 -27.06 27.69 -18.47
N GLY C 22 -28.10 27.03 -18.96
CA GLY C 22 -28.19 25.58 -18.91
C GLY C 22 -28.69 25.02 -17.61
N VAL C 23 -28.78 25.83 -16.56
CA VAL C 23 -29.31 25.41 -15.27
C VAL C 23 -30.58 26.21 -15.02
N ASP C 24 -31.69 25.50 -14.89
CA ASP C 24 -32.99 26.11 -14.62
C ASP C 24 -33.63 25.59 -13.35
N ASP C 25 -33.50 24.29 -13.05
CA ASP C 25 -33.91 23.79 -11.75
C ASP C 25 -33.07 24.41 -10.65
N THR C 26 -31.76 24.57 -10.89
CA THR C 26 -30.89 25.20 -9.90
C THR C 26 -31.30 26.65 -9.66
N LEU C 27 -31.57 27.40 -10.73
CA LEU C 27 -31.99 28.78 -10.58
C LEU C 27 -33.38 28.90 -9.97
N GLN C 28 -34.19 27.85 -10.07
CA GLN C 28 -35.51 27.88 -9.45
C GLN C 28 -35.41 27.71 -7.94
N ARG C 29 -34.50 26.84 -7.48
CA ARG C 29 -34.31 26.66 -6.05
C ARG C 29 -33.69 27.89 -5.41
N LEU C 30 -32.67 28.47 -6.06
CA LEU C 30 -31.97 29.62 -5.48
C LEU C 30 -32.86 30.84 -5.38
N LEU C 31 -34.01 30.84 -6.07
CA LEU C 31 -34.94 31.96 -5.96
C LEU C 31 -35.67 31.96 -4.62
N LYS C 32 -35.74 30.81 -3.94
CA LYS C 32 -36.36 30.73 -2.64
C LYS C 32 -35.39 30.37 -1.52
N GLU C 33 -34.16 29.99 -1.85
CA GLU C 33 -33.17 29.61 -0.85
C GLU C 33 -32.02 30.60 -0.72
N VAL C 34 -31.84 31.48 -1.70
CA VAL C 34 -30.83 32.54 -1.63
C VAL C 34 -31.46 33.92 -1.80
N TRP C 35 -32.33 34.08 -2.79
CA TRP C 35 -32.96 35.37 -3.03
C TRP C 35 -33.91 35.74 -1.91
N PHE C 36 -34.81 34.82 -1.54
CA PHE C 36 -35.83 35.13 -0.54
C PHE C 36 -35.24 35.46 0.82
N PRO C 37 -34.31 34.68 1.39
CA PRO C 37 -33.74 35.08 2.69
C PRO C 37 -33.07 36.43 2.68
N LEU C 38 -32.43 36.82 1.57
CA LEU C 38 -31.70 38.08 1.50
C LEU C 38 -32.56 39.25 1.07
N ARG C 39 -33.47 39.03 0.12
CA ARG C 39 -34.30 40.12 -0.39
C ARG C 39 -35.69 40.17 0.24
N GLY C 40 -36.24 39.03 0.65
CA GLY C 40 -37.50 39.02 1.35
C GLY C 40 -37.32 39.03 2.85
N GLY C 41 -36.54 40.00 3.34
CA GLY C 41 -36.26 40.05 4.78
C GLY C 41 -37.48 40.38 5.61
N GLU C 42 -38.33 41.28 5.12
CA GLU C 42 -39.52 41.67 5.89
C GLU C 42 -40.49 40.50 6.04
N ALA C 43 -40.61 39.66 5.02
CA ALA C 43 -41.51 38.51 5.11
C ALA C 43 -41.08 37.57 6.24
N CYS C 44 -39.78 37.35 6.39
CA CYS C 44 -39.30 36.49 7.46
C CYS C 44 -39.52 37.11 8.84
N GLU C 45 -39.45 38.44 8.93
CA GLU C 45 -39.64 39.11 10.21
C GLU C 45 -41.08 39.10 10.67
N LYS C 46 -42.04 38.91 9.76
CA LYS C 46 -43.44 38.84 10.17
C LYS C 46 -43.68 37.66 11.08
N MET C 47 -43.10 36.51 10.76
CA MET C 47 -43.22 35.31 11.58
C MET C 47 -42.19 35.23 12.69
N GLY C 48 -41.27 36.20 12.76
CA GLY C 48 -40.20 36.12 13.74
C GLY C 48 -39.29 34.95 13.53
N TYR C 49 -38.93 34.66 12.27
CA TYR C 49 -38.16 33.49 11.92
C TYR C 49 -36.81 33.91 11.36
N ARG C 50 -35.75 33.28 11.87
CA ARG C 50 -34.38 33.55 11.41
C ARG C 50 -34.09 32.62 10.24
N TYR C 51 -34.15 33.16 9.03
CA TYR C 51 -33.94 32.37 7.82
C TYR C 51 -32.50 32.49 7.33
N ASP C 52 -31.58 32.01 8.16
CA ASP C 52 -30.16 31.96 7.80
C ASP C 52 -29.91 30.62 7.11
N ASN C 53 -29.57 30.67 5.83
CA ASN C 53 -29.46 29.49 4.99
C ASN C 53 -28.01 29.24 4.60
N GLY C 54 -27.72 27.99 4.28
CA GLY C 54 -26.41 27.61 3.78
C GLY C 54 -26.52 26.70 2.58
N VAL C 55 -25.93 27.10 1.46
CA VAL C 55 -26.08 26.39 0.19
C VAL C 55 -24.70 25.91 -0.26
N LEU C 56 -24.60 24.62 -0.55
CA LEU C 56 -23.36 24.01 -1.02
C LEU C 56 -23.53 23.59 -2.47
N LEU C 57 -22.67 24.10 -3.34
CA LEU C 57 -22.67 23.74 -4.75
C LEU C 57 -21.53 22.76 -5.01
N HIS C 58 -21.86 21.63 -5.61
CA HIS C 58 -20.84 20.65 -5.96
C HIS C 58 -21.16 20.05 -7.32
N GLY C 59 -20.12 19.58 -7.99
CA GLY C 59 -20.26 18.98 -9.30
C GLY C 59 -18.92 18.85 -9.98
N PRO C 60 -18.92 18.42 -11.25
CA PRO C 60 -17.67 18.35 -11.99
C PRO C 60 -17.05 19.73 -12.16
N SER C 61 -15.73 19.76 -12.26
CA SER C 61 -15.03 21.02 -12.47
C SER C 61 -15.38 21.58 -13.84
N GLY C 62 -15.76 22.86 -13.88
CA GLY C 62 -16.15 23.51 -15.11
C GLY C 62 -17.63 23.65 -15.32
N CYS C 63 -18.45 23.24 -14.35
CA CYS C 63 -19.90 23.29 -14.49
C CYS C 63 -20.50 24.61 -14.03
N GLY C 64 -19.72 25.69 -14.05
CA GLY C 64 -20.23 27.01 -13.73
C GLY C 64 -20.65 27.21 -12.29
N LYS C 65 -19.93 26.62 -11.33
CA LYS C 65 -20.25 26.86 -9.93
C LYS C 65 -19.82 28.25 -9.49
N THR C 66 -18.61 28.67 -9.86
CA THR C 66 -18.14 30.00 -9.48
C THR C 66 -18.92 31.09 -10.21
N THR C 67 -19.23 30.87 -11.50
CA THR C 67 -20.00 31.86 -12.24
C THR C 67 -21.44 31.95 -11.74
N LEU C 68 -22.02 30.83 -11.32
CA LEU C 68 -23.37 30.87 -10.76
C LEU C 68 -23.39 31.72 -9.49
N ALA C 69 -22.40 31.55 -8.62
CA ALA C 69 -22.36 32.34 -7.40
C ALA C 69 -22.23 33.83 -7.68
N HIS C 70 -21.37 34.19 -8.62
CA HIS C 70 -21.19 35.60 -8.95
C HIS C 70 -22.34 36.16 -9.77
N ALA C 71 -23.01 35.30 -10.55
CA ALA C 71 -24.18 35.75 -11.30
C ALA C 71 -25.32 36.12 -10.36
N ILE C 72 -25.61 35.26 -9.38
CA ILE C 72 -26.70 35.53 -8.44
C ILE C 72 -26.29 36.50 -7.36
N ALA C 73 -25.01 36.84 -7.25
CA ALA C 73 -24.56 37.84 -6.30
C ALA C 73 -24.71 39.26 -6.80
N GLY C 74 -24.93 39.45 -8.11
CA GLY C 74 -25.19 40.77 -8.64
C GLY C 74 -26.67 40.96 -8.93
N SER C 75 -27.41 39.85 -8.98
CA SER C 75 -28.85 39.89 -9.22
C SER C 75 -29.65 40.19 -7.96
N ILE C 76 -29.03 40.13 -6.79
CA ILE C 76 -29.72 40.39 -5.54
C ILE C 76 -29.44 41.80 -5.02
N GLY C 77 -28.19 42.25 -5.12
CA GLY C 77 -27.83 43.59 -4.71
C GLY C 77 -27.46 43.75 -3.25
N VAL C 78 -27.48 42.68 -2.47
CA VAL C 78 -27.05 42.73 -1.08
C VAL C 78 -25.52 42.68 -1.05
N ALA C 79 -24.95 42.94 0.12
CA ALA C 79 -23.50 42.87 0.27
C ALA C 79 -23.00 41.47 -0.07
N PHE C 80 -21.92 41.41 -0.84
CA PHE C 80 -21.35 40.15 -1.30
C PHE C 80 -19.89 40.09 -0.85
N ILE C 81 -19.51 38.97 -0.24
CA ILE C 81 -18.15 38.78 0.24
C ILE C 81 -17.55 37.55 -0.44
N PRO C 82 -16.86 37.72 -1.56
CA PRO C 82 -16.19 36.57 -2.20
C PRO C 82 -14.97 36.16 -1.38
N VAL C 83 -14.96 34.90 -0.95
CA VAL C 83 -13.88 34.36 -0.13
C VAL C 83 -13.27 33.16 -0.85
N SER C 84 -11.95 33.19 -1.01
CA SER C 84 -11.21 32.05 -1.51
C SER C 84 -10.49 31.37 -0.35
N ALA C 85 -10.57 30.03 -0.31
CA ALA C 85 -10.08 29.30 0.85
C ALA C 85 -8.60 29.53 1.14
N PRO C 86 -7.68 29.47 0.16
CA PRO C 86 -6.27 29.71 0.50
C PRO C 86 -5.99 31.12 1.02
N SER C 87 -6.87 32.09 0.76
CA SER C 87 -6.57 33.47 1.12
C SER C 87 -6.70 33.72 2.62
N VAL C 88 -7.34 32.83 3.36
CA VAL C 88 -7.56 33.03 4.79
C VAL C 88 -6.50 32.31 5.63
N ILE C 89 -5.37 31.96 5.03
CA ILE C 89 -4.29 31.28 5.72
C ILE C 89 -3.18 32.30 6.00
N GLY C 90 -2.71 32.33 7.23
CA GLY C 90 -1.66 33.26 7.61
C GLY C 90 -0.46 32.59 8.23
N GLY C 91 0.66 33.30 8.29
CA GLY C 91 1.87 32.73 8.88
C GLY C 91 1.92 32.77 10.38
N THR C 92 1.20 33.70 11.00
CA THR C 92 1.19 33.81 12.45
C THR C 92 0.35 32.68 13.06
N SER C 93 0.52 32.46 14.36
CA SER C 93 -0.14 31.34 15.01
C SER C 93 -1.66 31.51 15.03
N GLY C 94 -2.14 32.73 15.29
CA GLY C 94 -3.58 32.94 15.38
C GLY C 94 -4.16 33.72 14.23
N GLU C 95 -3.32 34.12 13.28
CA GLU C 95 -3.80 34.93 12.16
C GLU C 95 -4.70 34.13 11.23
N SER C 96 -4.40 32.84 11.05
CA SER C 96 -5.17 32.02 10.12
C SER C 96 -6.62 31.91 10.56
N GLU C 97 -6.85 31.64 11.85
CA GLU C 97 -8.21 31.51 12.36
C GLU C 97 -8.88 32.87 12.52
N LYS C 98 -8.10 33.93 12.74
CA LYS C 98 -8.67 35.26 12.89
C LYS C 98 -9.23 35.76 11.55
N ASN C 99 -8.58 35.41 10.45
CA ASN C 99 -9.07 35.83 9.13
C ASN C 99 -10.44 35.25 8.84
N ILE C 100 -10.66 33.98 9.19
CA ILE C 100 -11.97 33.36 9.01
C ILE C 100 -13.00 34.00 9.93
N ARG C 101 -12.59 34.31 11.16
CA ARG C 101 -13.51 34.95 12.10
C ARG C 101 -13.96 36.31 11.60
N ASP C 102 -13.05 37.07 10.98
CA ASP C 102 -13.40 38.38 10.44
C ASP C 102 -14.33 38.28 9.24
N VAL C 103 -14.32 37.16 8.52
CA VAL C 103 -15.21 37.00 7.37
C VAL C 103 -16.66 36.94 7.83
N PHE C 104 -16.94 36.10 8.82
CA PHE C 104 -18.31 35.98 9.32
C PHE C 104 -18.71 37.18 10.16
N ASP C 105 -17.74 37.83 10.82
CA ASP C 105 -18.05 39.04 11.57
C ASP C 105 -18.46 40.18 10.65
N GLU C 106 -17.80 40.30 9.50
CA GLU C 106 -18.16 41.35 8.55
C GLU C 106 -19.53 41.10 7.94
N ALA C 107 -19.88 39.84 7.71
CA ALA C 107 -21.19 39.51 7.15
C ALA C 107 -22.31 39.91 8.09
N ILE C 108 -22.15 39.63 9.39
CA ILE C 108 -23.16 40.03 10.36
C ILE C 108 -23.28 41.54 10.40
N ARG C 109 -22.15 42.25 10.36
CA ARG C 109 -22.16 43.70 10.36
C ARG C 109 -22.79 44.28 9.09
N LEU C 110 -22.81 43.53 8.00
CA LEU C 110 -23.36 43.98 6.73
C LEU C 110 -24.64 43.25 6.35
N ALA C 111 -25.34 42.67 7.31
CA ALA C 111 -26.54 41.90 7.01
C ALA C 111 -27.61 42.81 6.42
N PRO C 112 -28.34 42.37 5.37
CA PRO C 112 -28.20 41.06 4.74
C PRO C 112 -26.96 40.96 3.83
N CYS C 113 -26.32 39.79 3.84
CA CYS C 113 -25.06 39.61 3.13
C CYS C 113 -25.00 38.19 2.57
N LEU C 114 -24.15 38.02 1.56
CA LEU C 114 -23.96 36.73 0.90
C LEU C 114 -22.46 36.41 0.94
N ILE C 115 -22.11 35.33 1.62
CA ILE C 115 -20.74 34.84 1.67
C ILE C 115 -20.57 33.73 0.65
N PHE C 116 -19.49 33.79 -0.12
CA PHE C 116 -19.15 32.74 -1.07
C PHE C 116 -17.82 32.14 -0.65
N LEU C 117 -17.87 30.93 -0.07
CA LEU C 117 -16.67 30.21 0.33
C LEU C 117 -16.29 29.27 -0.80
N ASP C 118 -15.58 29.79 -1.79
CA ASP C 118 -15.16 29.00 -2.93
C ASP C 118 -14.03 28.07 -2.54
N GLN C 119 -14.02 26.87 -3.11
CA GLN C 119 -13.04 25.84 -2.83
CA GLN C 119 -13.01 25.86 -2.82
C GLN C 119 -12.92 25.57 -1.33
N ILE C 120 -14.09 25.46 -0.69
CA ILE C 120 -14.14 25.28 0.76
C ILE C 120 -13.44 24.00 1.20
N ASP C 121 -13.37 23.00 0.31
CA ASP C 121 -12.71 21.75 0.68
C ASP C 121 -11.22 21.93 0.90
N ALA C 122 -10.64 23.05 0.48
CA ALA C 122 -9.23 23.30 0.73
C ALA C 122 -8.97 23.53 2.21
N ILE C 123 -9.85 24.25 2.89
CA ILE C 123 -9.65 24.58 4.30
C ILE C 123 -10.60 23.82 5.21
N ALA C 124 -11.71 23.29 4.71
CA ALA C 124 -12.70 22.59 5.54
C ALA C 124 -12.62 21.09 5.35
N GLY C 125 -11.43 20.55 5.18
CA GLY C 125 -11.26 19.12 5.05
C GLY C 125 -11.46 18.40 6.37
N ARG C 126 -11.53 17.08 6.29
CA ARG C 126 -11.73 16.27 7.49
C ARG C 126 -10.60 16.48 8.48
N ARG C 127 -10.96 16.74 9.74
CA ARG C 127 -9.96 17.00 10.77
C ARG C 127 -9.41 15.72 11.39
N GLU C 128 -10.03 14.57 11.12
CA GLU C 128 -9.44 13.31 11.56
C GLU C 128 -8.18 12.96 10.78
N SER C 129 -8.05 13.50 9.56
CA SER C 129 -6.86 13.28 8.74
C SER C 129 -6.02 14.53 8.57
N ALA C 130 -6.48 15.69 9.02
CA ALA C 130 -5.71 16.93 8.95
C ALA C 130 -4.72 16.94 10.11
N ASN C 131 -3.58 16.29 9.89
CA ASN C 131 -2.60 16.09 10.94
C ASN C 131 -1.83 17.38 11.25
N LYS C 132 -2.55 18.39 11.77
CA LYS C 132 -1.93 19.62 12.23
C LYS C 132 -2.79 20.20 13.35
N GLY C 133 -2.39 21.37 13.83
CA GLY C 133 -3.15 22.08 14.84
C GLY C 133 -3.91 23.24 14.25
N MET C 134 -3.28 23.97 13.33
CA MET C 134 -3.98 25.04 12.64
C MET C 134 -5.11 24.50 11.79
N GLU C 135 -4.87 23.38 11.09
CA GLU C 135 -5.88 22.84 10.19
C GLU C 135 -7.12 22.37 10.95
N SER C 136 -6.94 21.75 12.12
CA SER C 136 -8.10 21.36 12.90
C SER C 136 -8.81 22.56 13.50
N ARG C 137 -8.07 23.60 13.89
CA ARG C 137 -8.69 24.81 14.42
C ARG C 137 -9.30 25.68 13.34
N ILE C 138 -8.89 25.52 12.08
CA ILE C 138 -9.56 26.21 10.99
C ILE C 138 -10.95 25.62 10.76
N VAL C 139 -11.06 24.30 10.80
CA VAL C 139 -12.36 23.65 10.64
C VAL C 139 -13.30 24.05 11.77
N ALA C 140 -12.80 24.05 13.00
CA ALA C 140 -13.61 24.42 14.15
C ALA C 140 -14.01 25.89 14.10
N GLU C 141 -13.18 26.74 13.50
CA GLU C 141 -13.52 28.16 13.40
C GLU C 141 -14.65 28.39 12.41
N ILE C 142 -14.72 27.58 11.34
CA ILE C 142 -15.79 27.73 10.37
C ILE C 142 -17.12 27.30 10.99
N MET C 143 -17.12 26.24 11.79
CA MET C 143 -18.34 25.82 12.48
C MET C 143 -18.86 26.93 13.39
N ASN C 144 -17.95 27.54 14.16
CA ASN C 144 -18.35 28.64 15.03
C ASN C 144 -18.84 29.84 14.21
N GLY C 145 -18.17 30.12 13.10
CA GLY C 145 -18.58 31.24 12.26
C GLY C 145 -19.95 31.03 11.64
N MET C 146 -20.21 29.82 11.13
CA MET C 146 -21.51 29.52 10.54
C MET C 146 -22.62 29.43 11.57
N ASP C 147 -22.29 29.34 12.85
CA ASP C 147 -23.29 29.35 13.91
C ASP C 147 -23.56 30.74 14.46
N ARG C 148 -22.56 31.63 14.41
CA ARG C 148 -22.79 33.01 14.83
C ARG C 148 -23.78 33.71 13.90
N ILE C 149 -23.78 33.33 12.62
CA ILE C 149 -24.69 33.94 11.66
C ILE C 149 -26.14 33.67 12.05
N ARG C 150 -26.44 32.43 12.45
CA ARG C 150 -27.80 32.06 12.83
C ARG C 150 -28.30 32.76 14.07
N GLN C 151 -27.43 33.37 14.86
CA GLN C 151 -27.84 33.90 16.15
C GLN C 151 -27.54 35.37 16.33
N ASN C 152 -26.41 35.86 15.82
CA ASN C 152 -26.00 37.24 16.03
C ASN C 152 -26.59 38.21 15.02
N THR C 153 -27.37 37.72 14.06
CA THR C 153 -27.87 38.73 13.14
C THR C 153 -29.22 39.26 13.62
N PRO C 154 -29.52 40.53 13.36
CA PRO C 154 -30.86 41.05 13.71
C PRO C 154 -31.94 40.33 12.91
N LEU C 155 -33.11 40.24 13.53
CA LEU C 155 -34.25 39.59 12.86
C LEU C 155 -34.63 40.38 11.62
N GLY C 156 -34.86 39.66 10.52
CA GLY C 156 -35.17 40.28 9.25
C GLY C 156 -33.98 40.59 8.37
N LYS C 157 -32.77 40.40 8.87
CA LYS C 157 -31.53 40.62 8.12
C LYS C 157 -30.74 39.32 8.15
N ASN C 158 -31.02 38.43 7.20
CA ASN C 158 -30.40 37.11 7.17
C ASN C 158 -29.10 37.14 6.38
N VAL C 159 -28.25 36.16 6.63
CA VAL C 159 -26.99 35.98 5.93
C VAL C 159 -26.97 34.58 5.33
N VAL C 160 -26.72 34.50 4.02
CA VAL C 160 -26.66 33.23 3.31
C VAL C 160 -25.21 32.94 2.98
N VAL C 161 -24.77 31.72 3.24
CA VAL C 161 -23.42 31.27 2.96
C VAL C 161 -23.46 30.35 1.76
N LEU C 162 -22.76 30.72 0.70
CA LEU C 162 -22.59 29.88 -0.48
C LEU C 162 -21.23 29.23 -0.44
N ALA C 163 -21.17 27.93 -0.72
CA ALA C 163 -19.91 27.21 -0.79
C ALA C 163 -19.89 26.36 -2.05
N ALA C 164 -18.77 26.40 -2.75
CA ALA C 164 -18.60 25.62 -3.98
C ALA C 164 -17.35 24.77 -3.86
N THR C 165 -17.50 23.49 -4.18
CA THR C 165 -16.37 22.56 -4.16
C THR C 165 -16.67 21.40 -5.08
N ASN C 166 -15.69 20.99 -5.86
CA ASN C 166 -15.84 19.83 -6.73
C ASN C 166 -15.41 18.54 -6.05
N ARG C 167 -15.03 18.60 -4.77
CA ARG C 167 -14.70 17.42 -3.97
C ARG C 167 -15.48 17.48 -2.67
N PRO C 168 -16.81 17.32 -2.73
CA PRO C 168 -17.62 17.42 -1.51
C PRO C 168 -17.36 16.31 -0.52
N GLU C 169 -16.75 15.19 -0.93
CA GLU C 169 -16.45 14.11 -0.02
C GLU C 169 -15.27 14.42 0.90
N PHE C 170 -14.45 15.39 0.54
CA PHE C 170 -13.33 15.80 1.39
C PHE C 170 -13.77 16.69 2.55
N LEU C 171 -15.01 17.19 2.52
CA LEU C 171 -15.49 18.09 3.56
C LEU C 171 -15.66 17.35 4.88
N ASP C 172 -15.44 18.08 5.97
CA ASP C 172 -15.71 17.55 7.29
C ASP C 172 -17.20 17.33 7.46
N PRO C 173 -17.64 16.16 7.93
CA PRO C 173 -19.08 15.94 8.12
C PRO C 173 -19.73 16.94 9.06
N ALA C 174 -18.99 17.48 10.03
CA ALA C 174 -19.55 18.50 10.90
C ALA C 174 -19.73 19.83 10.21
N ILE C 175 -19.04 20.06 9.09
CA ILE C 175 -19.23 21.27 8.30
C ILE C 175 -20.23 21.03 7.18
N ARG C 176 -20.19 19.85 6.56
CA ARG C 176 -21.13 19.54 5.49
C ARG C 176 -22.57 19.50 5.98
N ARG C 177 -22.79 19.15 7.25
CA ARG C 177 -24.14 19.13 7.79
C ARG C 177 -24.70 20.53 8.00
N ARG C 178 -23.84 21.54 8.07
CA ARG C 178 -24.28 22.91 8.29
C ARG C 178 -24.83 23.56 7.03
N PHE C 179 -24.75 22.90 5.89
CA PHE C 179 -25.36 23.38 4.65
C PHE C 179 -26.70 22.68 4.49
N SER C 180 -27.79 23.44 4.67
CA SER C 180 -29.12 22.85 4.59
C SER C 180 -29.43 22.37 3.18
N VAL C 181 -28.90 23.05 2.16
CA VAL C 181 -29.20 22.77 0.77
C VAL C 181 -27.90 22.38 0.07
N GLU C 182 -27.90 21.26 -0.63
CA GLU C 182 -26.82 20.86 -1.51
C GLU C 182 -27.36 20.77 -2.92
N ILE C 183 -26.67 21.43 -3.86
CA ILE C 183 -27.08 21.46 -5.25
C ILE C 183 -26.00 20.78 -6.08
N ASP C 184 -26.38 19.74 -6.81
CA ASP C 184 -25.47 18.96 -7.64
C ASP C 184 -25.57 19.47 -9.07
N MET C 185 -24.61 20.32 -9.45
CA MET C 185 -24.54 20.84 -10.82
C MET C 185 -23.75 19.86 -11.66
N GLY C 186 -24.46 18.96 -12.34
CA GLY C 186 -23.84 17.95 -13.15
C GLY C 186 -23.46 18.47 -14.53
N MET C 187 -23.05 17.54 -15.37
CA MET C 187 -22.69 17.90 -16.74
C MET C 187 -23.94 18.29 -17.52
N PRO C 188 -23.86 19.31 -18.38
CA PRO C 188 -25.05 19.77 -19.10
C PRO C 188 -25.58 18.70 -20.05
N SER C 189 -26.90 18.69 -20.20
CA SER C 189 -27.55 17.80 -21.15
C SER C 189 -27.51 18.42 -22.55
N GLU C 190 -28.08 17.72 -23.52
CA GLU C 190 -28.09 18.23 -24.89
C GLU C 190 -28.88 19.53 -24.98
N ARG C 191 -30.02 19.60 -24.30
CA ARG C 191 -30.79 20.84 -24.27
C ARG C 191 -30.04 21.93 -23.52
N ALA C 192 -29.35 21.56 -22.44
CA ALA C 192 -28.63 22.56 -21.65
C ALA C 192 -27.41 23.10 -22.40
N ARG C 193 -26.72 22.25 -23.16
CA ARG C 193 -25.54 22.71 -23.89
C ARG C 193 -25.91 23.73 -24.96
N GLU C 194 -27.10 23.62 -25.55
CA GLU C 194 -27.54 24.60 -26.52
C GLU C 194 -27.71 25.97 -25.86
N GLN C 195 -28.29 26.01 -24.66
CA GLN C 195 -28.49 27.27 -23.96
C GLN C 195 -27.17 27.90 -23.56
N ILE C 196 -26.20 27.08 -23.13
CA ILE C 196 -24.89 27.60 -22.75
C ILE C 196 -24.19 28.22 -23.96
N LEU C 197 -24.27 27.55 -25.11
CA LEU C 197 -23.63 28.07 -26.31
C LEU C 197 -24.23 29.42 -26.73
N ARG C 198 -25.55 29.56 -26.59
CA ARG C 198 -26.17 30.84 -26.92
C ARG C 198 -25.72 31.94 -25.98
N SER C 199 -25.57 31.64 -24.69
CA SER C 199 -25.12 32.64 -23.74
C SER C 199 -23.65 32.99 -23.89
N LEU C 200 -22.85 32.10 -24.49
CA LEU C 200 -21.44 32.39 -24.71
C LEU C 200 -21.23 33.19 -25.98
N THR C 201 -22.13 33.07 -26.96
CA THR C 201 -22.01 33.75 -28.24
C THR C 201 -22.98 34.92 -28.38
N ARG C 202 -23.64 35.32 -27.29
CA ARG C 202 -24.65 36.37 -27.39
C ARG C 202 -24.03 37.74 -27.65
N ASP C 203 -22.77 37.95 -27.27
CA ASP C 203 -22.09 39.21 -27.53
C ASP C 203 -21.20 39.18 -28.76
N LEU C 204 -21.18 38.07 -29.49
CA LEU C 204 -20.40 37.93 -30.70
C LEU C 204 -21.29 38.14 -31.93
N SER C 205 -20.63 38.33 -33.08
CA SER C 205 -21.31 38.51 -34.36
C SER C 205 -21.31 37.18 -35.09
N LEU C 206 -22.48 36.56 -35.19
CA LEU C 206 -22.63 35.27 -35.84
C LEU C 206 -23.20 35.44 -37.25
N ALA C 207 -22.93 34.44 -38.09
CA ALA C 207 -23.23 34.53 -39.52
C ALA C 207 -24.67 34.15 -39.85
N ASP C 208 -25.57 34.16 -38.87
CA ASP C 208 -27.00 33.94 -39.02
C ASP C 208 -27.35 32.53 -39.47
N ASP C 209 -26.36 31.66 -39.70
CA ASP C 209 -26.62 30.27 -40.05
C ASP C 209 -26.17 29.32 -38.96
N ILE C 210 -25.92 29.82 -37.75
CA ILE C 210 -25.44 28.98 -36.67
C ILE C 210 -26.60 28.12 -36.16
N ASN C 211 -26.43 26.81 -36.27
CA ASN C 211 -27.44 25.86 -35.82
C ASN C 211 -26.99 25.31 -34.47
N PHE C 212 -27.46 25.95 -33.39
CA PHE C 212 -27.06 25.51 -32.06
C PHE C 212 -27.62 24.14 -31.70
N LYS C 213 -28.68 23.70 -32.37
CA LYS C 213 -29.15 22.33 -32.17
C LYS C 213 -28.10 21.33 -32.62
N GLU C 214 -27.46 21.58 -33.76
CA GLU C 214 -26.42 20.67 -34.24
C GLU C 214 -25.17 20.77 -33.39
N LEU C 215 -24.82 21.97 -32.94
CA LEU C 215 -23.66 22.14 -32.07
C LEU C 215 -23.82 21.40 -30.76
N ALA C 216 -25.03 21.44 -30.18
CA ALA C 216 -25.27 20.73 -28.94
C ALA C 216 -25.26 19.22 -29.16
N LYS C 217 -25.66 18.75 -30.33
CA LYS C 217 -25.68 17.32 -30.61
C LYS C 217 -24.28 16.75 -30.82
N MET C 218 -23.35 17.58 -31.30
CA MET C 218 -21.99 17.12 -31.58
C MET C 218 -21.03 17.35 -30.43
N THR C 219 -21.54 17.63 -29.23
CA THR C 219 -20.71 17.82 -28.04
C THR C 219 -21.24 16.96 -26.90
N PRO C 220 -21.18 15.63 -27.04
CA PRO C 220 -21.84 14.76 -26.05
C PRO C 220 -21.27 14.85 -24.65
N GLY C 221 -19.97 15.05 -24.50
CA GLY C 221 -19.37 15.01 -23.18
C GLY C 221 -18.71 16.30 -22.76
N TYR C 222 -19.31 17.42 -23.13
CA TYR C 222 -18.75 18.74 -22.87
C TYR C 222 -19.41 19.37 -21.65
N VAL C 223 -18.65 20.20 -20.95
CA VAL C 223 -19.15 20.98 -19.83
C VAL C 223 -19.09 22.45 -20.24
N GLY C 224 -19.53 23.34 -19.34
CA GLY C 224 -19.54 24.75 -19.67
C GLY C 224 -18.19 25.30 -20.04
N SER C 225 -17.14 24.86 -19.34
CA SER C 225 -15.79 25.32 -19.67
C SER C 225 -15.35 24.80 -21.04
N ASP C 226 -15.69 23.55 -21.36
CA ASP C 226 -15.36 22.99 -22.66
C ASP C 226 -16.07 23.74 -23.77
N LEU C 227 -17.34 24.10 -23.57
CA LEU C 227 -18.07 24.85 -24.58
C LEU C 227 -17.48 26.24 -24.77
N GLN C 228 -16.88 26.81 -23.73
CA GLN C 228 -16.21 28.09 -23.87
C GLN C 228 -15.00 27.98 -24.79
N TYR C 229 -14.29 26.85 -24.73
CA TYR C 229 -13.15 26.65 -25.61
C TYR C 229 -13.58 26.51 -27.06
N VAL C 230 -14.74 25.88 -27.30
CA VAL C 230 -15.26 25.78 -28.66
C VAL C 230 -15.55 27.17 -29.22
N VAL C 231 -16.17 28.03 -28.41
CA VAL C 231 -16.38 29.42 -28.82
C VAL C 231 -15.04 30.13 -28.98
N LYS C 232 -14.11 29.88 -28.06
CA LYS C 232 -12.78 30.49 -28.17
C LYS C 232 -12.06 30.01 -29.43
N ALA C 233 -12.14 28.71 -29.72
CA ALA C 233 -11.51 28.18 -30.92
C ALA C 233 -12.17 28.71 -32.18
N ALA C 234 -13.50 28.81 -32.19
CA ALA C 234 -14.21 29.33 -33.35
C ALA C 234 -13.88 30.79 -33.61
N VAL C 235 -13.67 31.57 -32.55
CA VAL C 235 -13.28 32.97 -32.72
C VAL C 235 -11.93 33.07 -33.41
N SER C 236 -10.98 32.22 -33.03
CA SER C 236 -9.66 32.25 -33.66
C SER C 236 -9.73 31.86 -35.13
N GLU C 237 -10.71 31.05 -35.52
CA GLU C 237 -10.88 30.72 -36.93
C GLU C 237 -11.21 31.97 -37.73
N SER C 238 -12.09 32.83 -37.21
CA SER C 238 -12.49 34.04 -37.93
C SER C 238 -11.31 34.98 -38.13
N PHE C 239 -10.43 35.07 -37.14
CA PHE C 239 -9.26 35.94 -37.23
C PHE C 239 -8.05 35.23 -37.82
N GLN C 240 -8.19 33.96 -38.21
CA GLN C 240 -7.08 33.28 -38.89
C GLN C 240 -6.80 33.91 -40.25
N ALA C 241 -7.85 34.25 -41.00
CA ALA C 241 -7.67 34.84 -42.32
C ALA C 241 -7.12 36.25 -42.24
N ASN C 242 -7.24 36.91 -41.10
CA ASN C 242 -6.70 38.25 -40.91
C ASN C 242 -5.22 38.25 -40.51
N ILE C 243 -4.66 37.08 -40.21
CA ILE C 243 -3.23 36.94 -39.97
C ILE C 243 -2.49 36.58 -41.25
N ASP C 244 -3.13 35.77 -42.11
CA ASP C 244 -2.55 35.49 -43.42
C ASP C 244 -2.42 36.77 -44.23
N SER C 245 -3.44 37.64 -44.18
CA SER C 245 -3.32 38.95 -44.80
C SER C 245 -2.26 39.81 -44.14
N LEU C 246 -1.96 39.57 -42.87
CA LEU C 246 -0.87 40.26 -42.19
C LEU C 246 0.48 39.66 -42.57
N LEU C 247 0.56 38.34 -42.72
CA LEU C 247 1.80 37.72 -43.19
C LEU C 247 2.09 38.08 -44.64
N ALA C 248 1.05 38.25 -45.47
CA ALA C 248 1.26 38.66 -46.84
C ALA C 248 1.89 40.05 -46.91
N GLN C 249 1.47 40.95 -46.01
CA GLN C 249 2.08 42.27 -45.95
C GLN C 249 3.53 42.21 -45.50
N ALA C 250 3.93 41.16 -44.77
CA ALA C 250 5.30 41.01 -44.32
C ALA C 250 6.15 40.19 -45.28
N ARG C 251 5.59 39.14 -45.87
CA ARG C 251 6.33 38.34 -46.84
C ARG C 251 6.66 39.16 -48.09
N ALA C 252 5.73 40.00 -48.54
CA ALA C 252 5.96 40.84 -49.71
C ALA C 252 6.72 42.12 -49.37
N LYS C 253 6.93 42.41 -48.09
CA LYS C 253 7.68 43.58 -47.67
C LYS C 253 9.18 43.41 -47.91
N HIS C 254 9.70 42.21 -47.70
CA HIS C 254 11.13 41.96 -47.87
C HIS C 254 11.39 41.19 -49.16
N VAL C 262 15.28 27.53 -41.83
CA VAL C 262 14.18 28.41 -41.45
C VAL C 262 12.93 28.05 -42.24
N SER C 263 12.11 27.16 -41.69
CA SER C 263 10.91 26.72 -42.37
C SER C 263 9.85 27.83 -42.35
N GLN C 264 8.71 27.55 -42.97
CA GLN C 264 7.64 28.54 -43.05
C GLN C 264 7.13 28.97 -41.68
N PRO C 265 6.81 28.08 -40.74
CA PRO C 265 6.37 28.55 -39.42
C PRO C 265 7.41 29.41 -38.70
N GLN C 266 8.70 29.11 -38.88
CA GLN C 266 9.73 29.95 -38.27
C GLN C 266 9.79 31.33 -38.91
N ARG C 267 9.54 31.42 -40.21
CA ARG C 267 9.52 32.73 -40.87
C ARG C 267 8.39 33.59 -40.34
N ASP C 268 7.22 32.97 -40.10
CA ASP C 268 6.07 33.74 -39.61
C ASP C 268 6.37 34.34 -38.24
N TRP C 269 6.97 33.57 -37.34
CA TRP C 269 7.33 34.09 -36.03
C TRP C 269 8.43 35.14 -36.10
N LEU C 270 9.21 35.15 -37.18
CA LEU C 270 10.27 36.14 -37.34
C LEU C 270 9.79 37.39 -38.07
N LEU C 271 8.95 37.23 -39.10
CA LEU C 271 8.41 38.39 -39.78
C LEU C 271 7.51 39.20 -38.85
N LEU C 272 6.67 38.53 -38.06
CA LEU C 272 5.83 39.24 -37.10
C LEU C 272 6.66 39.84 -35.98
N GLU C 273 7.78 39.20 -35.63
CA GLU C 273 8.69 39.79 -34.64
C GLU C 273 9.31 41.09 -35.17
N ALA C 274 9.65 41.11 -36.47
CA ALA C 274 10.24 42.32 -37.04
C ALA C 274 9.28 43.49 -37.00
N HIS C 275 8.01 43.27 -37.33
CA HIS C 275 6.99 44.31 -37.30
C HIS C 275 6.29 44.35 -35.94
N ARG C 276 7.10 44.46 -34.88
CA ARG C 276 6.58 44.47 -33.52
C ARG C 276 6.12 45.85 -33.07
N ASP C 277 6.47 46.90 -33.83
CA ASP C 277 6.04 48.26 -33.52
C ASP C 277 4.96 48.77 -34.45
N GLU C 278 4.54 47.97 -35.43
CA GLU C 278 3.49 48.35 -36.37
C GLU C 278 2.32 47.40 -36.22
N GLU C 279 1.11 47.96 -36.14
CA GLU C 279 -0.11 47.19 -35.99
C GLU C 279 -1.13 47.61 -37.03
N VAL C 280 -1.90 46.65 -37.51
CA VAL C 280 -2.93 46.87 -38.52
C VAL C 280 -4.27 46.49 -37.93
N SER C 281 -5.26 47.37 -38.07
CA SER C 281 -6.58 47.11 -37.52
C SER C 281 -7.20 45.88 -38.16
N TRP C 282 -7.72 44.98 -37.34
CA TRP C 282 -8.35 43.76 -37.84
C TRP C 282 -9.79 44.05 -38.26
N PRO C 283 -10.16 43.83 -39.52
CA PRO C 283 -11.56 44.02 -39.92
C PRO C 283 -12.49 43.09 -39.15
N SER C 284 -13.66 43.59 -38.81
CA SER C 284 -14.65 42.79 -38.10
C SER C 284 -15.23 41.72 -39.02
N THR C 285 -15.31 40.49 -38.53
CA THR C 285 -15.83 39.38 -39.30
C THR C 285 -16.79 38.56 -38.45
N LYS C 286 -17.72 37.89 -39.12
CA LYS C 286 -18.67 37.01 -38.46
C LYS C 286 -18.10 35.60 -38.39
N ILE C 287 -18.58 34.83 -37.41
CA ILE C 287 -18.17 33.45 -37.23
C ILE C 287 -19.20 32.57 -37.92
N THR C 288 -18.78 31.87 -38.96
CA THR C 288 -19.68 31.03 -39.75
C THR C 288 -19.90 29.69 -39.04
N MET C 289 -20.79 28.88 -39.61
CA MET C 289 -21.08 27.57 -39.03
C MET C 289 -19.95 26.59 -39.29
N GLU C 290 -19.22 26.75 -40.39
CA GLU C 290 -18.09 25.88 -40.68
C GLU C 290 -17.00 26.04 -39.63
N GLN C 291 -16.75 27.28 -39.20
CA GLN C 291 -15.75 27.51 -38.17
C GLN C 291 -16.15 26.85 -36.85
N PHE C 292 -17.41 26.94 -36.48
CA PHE C 292 -17.88 26.28 -35.25
C PHE C 292 -17.73 24.77 -35.35
N ARG C 293 -18.08 24.18 -36.49
CA ARG C 293 -17.95 22.75 -36.66
C ARG C 293 -16.48 22.33 -36.66
N LYS C 294 -15.59 23.20 -37.14
CA LYS C 294 -14.16 22.94 -37.05
C LYS C 294 -13.65 23.15 -35.63
N ALA C 295 -14.23 24.10 -34.90
CA ALA C 295 -13.79 24.37 -33.53
C ALA C 295 -14.06 23.19 -32.60
N VAL C 296 -15.17 22.47 -32.83
CA VAL C 296 -15.49 21.33 -31.98
C VAL C 296 -14.42 20.25 -32.09
N SER C 297 -13.88 20.05 -33.29
CA SER C 297 -12.83 19.05 -33.48
C SER C 297 -11.53 19.46 -32.80
N LEU C 298 -11.21 20.75 -32.79
CA LEU C 298 -9.98 21.22 -32.18
C LEU C 298 -10.01 21.16 -30.66
N VAL C 299 -11.20 21.13 -30.06
CA VAL C 299 -11.35 21.15 -28.60
C VAL C 299 -11.61 19.73 -28.13
N GLN C 300 -10.75 19.24 -27.25
CA GLN C 300 -11.00 17.95 -26.61
C GLN C 300 -11.64 18.17 -25.26
N PRO C 301 -12.72 17.45 -24.94
CA PRO C 301 -13.38 17.66 -23.65
C PRO C 301 -12.45 17.35 -22.49
N ALA C 302 -12.70 18.04 -21.37
CA ALA C 302 -11.91 17.79 -20.17
C ALA C 302 -12.01 16.33 -19.73
N SER C 303 -13.17 15.71 -19.93
CA SER C 303 -13.34 14.30 -19.60
C SER C 303 -12.62 13.38 -20.58
N LYS C 304 -12.21 13.88 -21.74
CA LYS C 304 -11.52 13.09 -22.75
C LYS C 304 -10.01 13.26 -22.71
N ARG C 305 -9.49 13.99 -21.72
CA ARG C 305 -8.06 14.27 -21.68
C ARG C 305 -7.24 13.00 -21.53
N GLU C 306 -7.69 12.08 -20.68
CA GLU C 306 -6.97 10.83 -20.45
C GLU C 306 -7.95 9.68 -20.40
N GLY C 307 -7.45 8.49 -20.72
CA GLY C 307 -8.22 7.26 -20.65
C GLY C 307 -8.87 6.83 -21.95
N PHE C 308 -8.89 7.69 -22.96
CA PHE C 308 -9.55 7.40 -24.22
C PHE C 308 -8.53 7.19 -25.33
N SER C 309 -8.86 6.28 -26.25
CA SER C 309 -7.99 5.92 -27.35
C SER C 309 -8.31 6.76 -28.58
N THR C 310 -7.31 6.90 -29.44
CA THR C 310 -7.51 7.61 -30.70
C THR C 310 -8.35 6.76 -31.66
N ILE C 311 -9.18 7.44 -32.43
CA ILE C 311 -10.11 6.73 -33.33
C ILE C 311 -9.31 6.03 -34.42
N PRO C 312 -9.54 4.74 -34.67
CA PRO C 312 -8.79 4.04 -35.72
C PRO C 312 -9.10 4.60 -37.10
N ASP C 313 -8.11 4.51 -37.98
CA ASP C 313 -8.26 4.97 -39.36
C ASP C 313 -9.03 3.99 -40.23
N THR C 314 -9.33 2.80 -39.73
CA THR C 314 -10.01 1.80 -40.54
C THR C 314 -11.45 2.22 -40.80
N THR C 315 -11.85 2.15 -42.07
CA THR C 315 -13.22 2.42 -42.49
C THR C 315 -13.80 1.16 -43.12
N TRP C 316 -15.06 1.25 -43.56
CA TRP C 316 -15.64 0.11 -44.25
C TRP C 316 -14.98 -0.15 -45.59
N SER C 317 -14.26 0.82 -46.14
CA SER C 317 -13.52 0.61 -47.38
C SER C 317 -12.33 -0.31 -47.17
N HIS C 318 -11.85 -0.45 -45.94
CA HIS C 318 -10.78 -1.38 -45.63
C HIS C 318 -11.27 -2.79 -45.37
N VAL C 319 -12.58 -2.98 -45.20
CA VAL C 319 -13.16 -4.26 -44.86
C VAL C 319 -13.86 -4.79 -46.10
N GLY C 320 -13.36 -5.90 -46.64
CA GLY C 320 -13.98 -6.57 -47.76
C GLY C 320 -14.79 -7.76 -47.30
N ALA C 321 -15.85 -8.05 -48.03
CA ALA C 321 -16.82 -9.10 -47.67
C ALA C 321 -17.41 -8.73 -46.31
N LEU C 322 -17.77 -9.74 -45.51
CA LEU C 322 -18.31 -9.54 -44.17
C LEU C 322 -19.57 -8.66 -44.20
N GLU C 323 -20.38 -8.82 -45.24
CA GLU C 323 -21.62 -8.05 -45.33
C GLU C 323 -22.58 -8.43 -44.22
N ASP C 324 -22.66 -9.71 -43.88
CA ASP C 324 -23.52 -10.14 -42.79
C ASP C 324 -23.06 -9.56 -41.45
N VAL C 325 -21.76 -9.57 -41.20
CA VAL C 325 -21.23 -8.99 -39.97
C VAL C 325 -21.43 -7.49 -39.95
N ARG C 326 -21.24 -6.83 -41.09
CA ARG C 326 -21.39 -5.37 -41.15
C ARG C 326 -22.84 -4.96 -40.87
N LYS C 327 -23.79 -5.73 -41.38
CA LYS C 327 -25.19 -5.40 -41.16
C LYS C 327 -25.60 -5.58 -39.70
N LYS C 328 -25.06 -6.59 -39.02
CA LYS C 328 -25.37 -6.79 -37.61
C LYS C 328 -24.78 -5.67 -36.76
N LEU C 329 -23.57 -5.22 -37.08
CA LEU C 329 -22.93 -4.17 -36.31
C LEU C 329 -23.54 -2.80 -36.56
N GLU C 330 -24.15 -2.58 -37.71
CA GLU C 330 -24.84 -1.32 -37.98
C GLU C 330 -26.18 -1.24 -37.26
N MET C 331 -26.91 -2.34 -37.18
CA MET C 331 -28.18 -2.34 -36.47
C MET C 331 -28.00 -2.31 -34.97
N SER C 332 -26.89 -2.82 -34.45
CA SER C 332 -26.67 -2.95 -33.02
C SER C 332 -25.90 -1.80 -32.41
N ILE C 333 -24.99 -1.17 -33.16
CA ILE C 333 -24.14 -0.13 -32.59
C ILE C 333 -24.27 1.17 -33.38
N ILE C 334 -23.95 1.12 -34.67
CA ILE C 334 -23.89 2.35 -35.46
C ILE C 334 -25.26 2.98 -35.60
N GLY C 335 -26.29 2.15 -35.73
CA GLY C 335 -27.65 2.64 -35.84
C GLY C 335 -28.09 3.48 -34.66
N PRO C 336 -28.18 2.86 -33.48
CA PRO C 336 -28.65 3.61 -32.30
C PRO C 336 -27.76 4.78 -31.92
N ILE C 337 -26.47 4.76 -32.27
CA ILE C 337 -25.61 5.89 -31.93
C ILE C 337 -25.97 7.12 -32.76
N LYS C 338 -26.15 6.93 -34.08
CA LYS C 338 -26.34 8.07 -34.96
C LYS C 338 -27.72 8.70 -34.79
N ASN C 339 -28.77 7.86 -34.75
CA ASN C 339 -30.13 8.34 -34.59
C ASN C 339 -30.81 7.55 -33.48
N PRO C 340 -30.49 7.89 -32.21
CA PRO C 340 -31.13 7.18 -31.09
C PRO C 340 -32.63 7.42 -31.00
N GLU C 341 -33.14 8.49 -31.61
CA GLU C 341 -34.57 8.76 -31.54
C GLU C 341 -35.38 7.66 -32.20
N LEU C 342 -34.93 7.20 -33.36
CA LEU C 342 -35.66 6.14 -34.07
C LEU C 342 -35.67 4.85 -33.28
N PHE C 343 -34.53 4.46 -32.70
CA PHE C 343 -34.44 3.21 -31.97
C PHE C 343 -35.13 3.28 -30.62
N THR C 344 -35.34 4.47 -30.07
CA THR C 344 -36.03 4.59 -28.79
C THR C 344 -37.52 4.32 -28.95
N ARG C 345 -38.10 4.72 -30.07
CA ARG C 345 -39.54 4.56 -30.27
C ARG C 345 -39.93 3.08 -30.29
N VAL C 346 -39.15 2.24 -30.98
CA VAL C 346 -39.44 0.81 -31.02
C VAL C 346 -39.09 0.11 -29.71
N GLY C 347 -38.37 0.77 -28.81
CA GLY C 347 -38.06 0.19 -27.52
C GLY C 347 -36.74 -0.56 -27.49
N ILE C 348 -35.67 0.09 -27.93
CA ILE C 348 -34.32 -0.50 -27.91
C ILE C 348 -33.46 0.35 -27.00
N LYS C 349 -32.87 -0.27 -25.99
CA LYS C 349 -32.04 0.46 -25.04
C LYS C 349 -30.78 0.96 -25.73
N PRO C 350 -30.28 2.13 -25.33
CA PRO C 350 -29.05 2.68 -25.91
C PRO C 350 -27.79 2.04 -25.33
N ALA C 351 -27.67 0.72 -25.52
CA ALA C 351 -26.52 -0.02 -25.04
C ALA C 351 -26.50 -1.37 -25.74
N ALA C 352 -25.33 -1.76 -26.24
CA ALA C 352 -25.17 -3.02 -26.95
C ALA C 352 -23.95 -3.76 -26.45
N GLY C 353 -24.04 -5.09 -26.44
CA GLY C 353 -22.91 -5.93 -26.12
C GLY C 353 -22.68 -6.95 -27.21
N ILE C 354 -21.54 -6.85 -27.89
CA ILE C 354 -21.23 -7.68 -29.05
C ILE C 354 -20.01 -8.53 -28.73
N LEU C 355 -20.08 -9.81 -29.07
CA LEU C 355 -18.95 -10.73 -28.93
C LEU C 355 -18.59 -11.25 -30.31
N LEU C 356 -17.48 -10.76 -30.87
CA LEU C 356 -16.96 -11.25 -32.12
C LEU C 356 -16.02 -12.42 -31.85
N TRP C 357 -16.25 -13.53 -32.53
CA TRP C 357 -15.44 -14.72 -32.30
C TRP C 357 -15.28 -15.50 -33.59
N GLY C 358 -14.22 -16.29 -33.65
CA GLY C 358 -13.92 -17.07 -34.83
C GLY C 358 -12.44 -17.37 -34.94
N PRO C 359 -12.03 -17.99 -36.04
CA PRO C 359 -10.61 -18.30 -36.21
C PRO C 359 -9.78 -17.05 -36.33
N PRO C 360 -8.50 -17.10 -35.97
CA PRO C 360 -7.67 -15.90 -36.04
C PRO C 360 -7.42 -15.43 -37.46
N GLY C 361 -7.29 -14.12 -37.62
CA GLY C 361 -6.96 -13.51 -38.89
C GLY C 361 -8.12 -13.26 -39.82
N CYS C 362 -9.36 -13.47 -39.37
CA CYS C 362 -10.52 -13.36 -40.23
C CYS C 362 -11.23 -12.02 -40.15
N GLY C 363 -10.72 -11.07 -39.39
CA GLY C 363 -11.22 -9.71 -39.40
C GLY C 363 -11.97 -9.23 -38.18
N LYS C 364 -11.81 -9.87 -37.02
CA LYS C 364 -12.53 -9.45 -35.82
C LYS C 364 -12.07 -8.07 -35.35
N THR C 365 -10.76 -7.87 -35.22
CA THR C 365 -10.26 -6.57 -34.79
C THR C 365 -10.42 -5.53 -35.89
N LEU C 366 -10.28 -5.95 -37.15
CA LEU C 366 -10.45 -5.01 -38.26
C LEU C 366 -11.87 -4.46 -38.30
N VAL C 367 -12.87 -5.33 -38.13
CA VAL C 367 -14.25 -4.88 -38.23
C VAL C 367 -14.68 -4.10 -36.99
N ALA C 368 -14.01 -4.30 -35.86
CA ALA C 368 -14.28 -3.53 -34.66
C ALA C 368 -13.59 -2.17 -34.65
N LYS C 369 -12.60 -1.98 -35.52
CA LYS C 369 -11.99 -0.66 -35.71
C LYS C 369 -12.74 0.18 -36.73
N ALA C 370 -13.48 -0.46 -37.63
CA ALA C 370 -14.35 0.29 -38.54
C ALA C 370 -15.60 0.80 -37.80
N VAL C 371 -16.15 -0.02 -36.91
CA VAL C 371 -17.30 0.41 -36.10
C VAL C 371 -16.89 1.58 -35.21
N ALA C 372 -15.72 1.50 -34.59
CA ALA C 372 -15.24 2.59 -33.75
C ALA C 372 -15.03 3.86 -34.56
N ASN C 373 -14.78 3.74 -35.86
CA ASN C 373 -14.52 4.87 -36.73
C ASN C 373 -15.76 5.37 -37.46
N GLU C 374 -16.63 4.46 -37.91
CA GLU C 374 -17.83 4.86 -38.63
C GLU C 374 -18.90 5.42 -37.70
N SER C 375 -19.00 4.91 -36.47
CA SER C 375 -19.99 5.40 -35.53
C SER C 375 -19.69 6.82 -35.07
N LYS C 376 -18.43 7.25 -35.17
CA LYS C 376 -18.02 8.61 -34.78
C LYS C 376 -18.31 8.89 -33.31
N ALA C 377 -18.24 7.86 -32.48
CA ALA C 377 -18.40 7.99 -31.04
C ALA C 377 -17.03 7.89 -30.37
N ASN C 378 -17.03 8.06 -29.05
CA ASN C 378 -15.79 7.93 -28.29
C ASN C 378 -15.37 6.47 -28.23
N PHE C 379 -14.06 6.25 -28.12
CA PHE C 379 -13.50 4.93 -28.24
C PHE C 379 -12.51 4.67 -27.12
N ILE C 380 -12.67 3.54 -26.44
CA ILE C 380 -11.69 3.03 -25.50
C ILE C 380 -11.39 1.59 -25.88
N SER C 381 -10.11 1.28 -26.05
CA SER C 381 -9.68 -0.05 -26.42
C SER C 381 -8.89 -0.68 -25.28
N ILE C 382 -9.19 -1.94 -24.98
CA ILE C 382 -8.54 -2.68 -23.91
C ILE C 382 -7.77 -3.84 -24.54
N LYS C 383 -6.48 -3.91 -24.25
CA LYS C 383 -5.60 -4.93 -24.83
C LYS C 383 -5.51 -6.12 -23.88
N GLY C 384 -6.49 -7.01 -23.99
CA GLY C 384 -6.53 -8.20 -23.18
C GLY C 384 -6.59 -7.89 -21.69
N PRO C 385 -5.72 -8.54 -20.91
CA PRO C 385 -5.66 -8.32 -19.46
C PRO C 385 -4.87 -7.06 -19.08
N GLU C 386 -5.18 -5.94 -19.75
CA GLU C 386 -4.44 -4.71 -19.53
C GLU C 386 -4.78 -4.06 -18.20
N LEU C 387 -5.94 -4.37 -17.63
CA LEU C 387 -6.41 -3.72 -16.40
C LEU C 387 -5.92 -4.41 -15.14
N LEU C 388 -5.27 -5.56 -15.25
CA LEU C 388 -4.83 -6.30 -14.07
C LEU C 388 -3.72 -5.56 -13.35
N ASN C 389 -3.80 -5.54 -12.03
CA ASN C 389 -2.80 -4.88 -11.19
C ASN C 389 -2.43 -5.82 -10.05
N LYS C 390 -1.21 -5.62 -9.52
CA LYS C 390 -0.69 -6.52 -8.50
C LYS C 390 -1.35 -6.31 -7.14
N TYR C 391 -1.91 -5.14 -6.90
CA TYR C 391 -2.52 -4.84 -5.61
C TYR C 391 -3.95 -5.38 -5.57
N VAL C 392 -4.48 -5.48 -4.35
CA VAL C 392 -5.70 -6.25 -4.12
C VAL C 392 -6.89 -5.62 -4.83
N GLY C 393 -7.10 -4.33 -4.64
CA GLY C 393 -8.27 -3.67 -5.20
C GLY C 393 -8.05 -2.88 -6.46
N GLU C 394 -6.82 -2.78 -6.95
CA GLU C 394 -6.51 -1.87 -8.03
C GLU C 394 -6.87 -2.42 -9.41
N SER C 395 -7.11 -3.72 -9.53
CA SER C 395 -7.53 -4.27 -10.83
C SER C 395 -9.03 -4.14 -11.02
N GLU C 396 -9.80 -4.33 -9.95
CA GLU C 396 -11.24 -4.10 -10.03
C GLU C 396 -11.57 -2.62 -10.08
N ARG C 397 -10.75 -1.79 -9.44
CA ARG C 397 -10.96 -0.35 -9.50
C ARG C 397 -10.77 0.18 -10.92
N ALA C 398 -9.83 -0.40 -11.67
CA ALA C 398 -9.62 0.01 -13.05
C ALA C 398 -10.84 -0.31 -13.90
N VAL C 399 -11.47 -1.46 -13.67
CA VAL C 399 -12.68 -1.79 -14.40
C VAL C 399 -13.81 -0.84 -14.05
N ARG C 400 -13.97 -0.52 -12.76
CA ARG C 400 -15.00 0.42 -12.35
C ARG C 400 -14.73 1.81 -12.91
N GLN C 401 -13.46 2.22 -12.93
CA GLN C 401 -13.10 3.52 -13.52
C GLN C 401 -13.26 3.51 -15.03
N LEU C 402 -13.12 2.34 -15.66
CA LEU C 402 -13.29 2.24 -17.10
C LEU C 402 -14.70 2.59 -17.52
N PHE C 403 -15.69 2.09 -16.79
CA PHE C 403 -17.09 2.37 -17.11
C PHE C 403 -17.54 3.73 -16.60
N SER C 404 -16.79 4.35 -15.70
CA SER C 404 -17.12 5.71 -15.27
C SER C 404 -16.78 6.72 -16.37
N ARG C 405 -15.61 6.57 -16.99
CA ARG C 405 -15.25 7.45 -18.10
C ARG C 405 -16.16 7.23 -19.30
N ALA C 406 -16.49 5.99 -19.59
CA ALA C 406 -17.37 5.69 -20.72
C ALA C 406 -18.77 6.26 -20.50
N LYS C 407 -19.29 6.14 -19.27
CA LYS C 407 -20.61 6.67 -18.98
C LYS C 407 -20.63 8.19 -19.06
N SER C 408 -19.58 8.84 -18.57
CA SER C 408 -19.51 10.30 -18.58
C SER C 408 -19.36 10.86 -19.98
N SER C 409 -18.88 10.07 -20.93
CA SER C 409 -18.66 10.50 -22.31
C SER C 409 -19.47 9.66 -23.28
N ALA C 410 -20.72 9.37 -22.92
CA ALA C 410 -21.59 8.60 -23.80
C ALA C 410 -22.03 9.44 -24.99
N PRO C 411 -22.19 8.83 -26.17
CA PRO C 411 -21.96 7.41 -26.45
C PRO C 411 -20.48 7.06 -26.57
N CYS C 412 -20.10 5.91 -26.04
CA CYS C 412 -18.73 5.44 -26.07
C CYS C 412 -18.71 3.97 -26.43
N ILE C 413 -17.67 3.55 -27.14
CA ILE C 413 -17.50 2.17 -27.55
C ILE C 413 -16.32 1.59 -26.78
N LEU C 414 -16.57 0.56 -25.99
CA LEU C 414 -15.53 -0.17 -25.28
C LEU C 414 -15.21 -1.43 -26.06
N PHE C 415 -13.96 -1.55 -26.51
CA PHE C 415 -13.52 -2.71 -27.27
C PHE C 415 -12.53 -3.50 -26.43
N PHE C 416 -12.85 -4.76 -26.18
CA PHE C 416 -11.99 -5.68 -25.44
C PHE C 416 -11.40 -6.66 -26.45
N ASP C 417 -10.14 -6.44 -26.82
CA ASP C 417 -9.46 -7.33 -27.75
C ASP C 417 -8.87 -8.50 -26.97
N GLN C 418 -9.08 -9.72 -27.48
CA GLN C 418 -8.67 -10.94 -26.80
C GLN C 418 -9.26 -10.98 -25.39
N MET C 419 -10.59 -10.97 -25.33
CA MET C 419 -11.30 -10.79 -24.07
C MET C 419 -11.30 -12.02 -23.18
N ASP C 420 -10.96 -13.20 -23.72
CA ASP C 420 -10.97 -14.41 -22.90
C ASP C 420 -9.94 -14.35 -21.78
N ALA C 421 -8.96 -13.45 -21.86
CA ALA C 421 -7.98 -13.29 -20.80
C ALA C 421 -8.44 -12.37 -19.68
N LEU C 422 -9.55 -11.66 -19.88
CA LEU C 422 -10.08 -10.77 -18.86
C LEU C 422 -11.30 -11.32 -18.16
N VAL C 423 -12.07 -12.20 -18.80
CA VAL C 423 -13.25 -12.80 -18.19
C VAL C 423 -13.19 -14.32 -18.33
N PRO C 424 -12.23 -14.99 -17.69
CA PRO C 424 -12.20 -16.46 -17.76
C PRO C 424 -13.38 -17.07 -17.02
N ARG C 425 -13.78 -18.25 -17.49
CA ARG C 425 -14.92 -18.94 -16.90
C ARG C 425 -14.63 -19.27 -15.44
N ARG C 426 -15.60 -18.97 -14.57
CA ARG C 426 -15.41 -19.09 -13.13
C ARG C 426 -15.54 -20.54 -12.71
N ASP C 427 -14.42 -21.14 -12.29
CA ASP C 427 -14.39 -22.50 -11.78
C ASP C 427 -13.66 -22.50 -10.44
N ASP C 428 -13.63 -23.67 -9.80
CA ASP C 428 -12.89 -23.80 -8.55
C ASP C 428 -11.40 -23.59 -8.76
N SER C 429 -10.87 -24.10 -9.87
CA SER C 429 -9.45 -23.96 -10.18
C SER C 429 -9.08 -22.53 -10.57
N LEU C 430 -10.06 -21.66 -10.81
CA LEU C 430 -9.76 -20.29 -11.18
C LEU C 430 -9.17 -19.52 -10.00
N SER C 431 -8.22 -18.63 -10.30
CA SER C 431 -7.63 -17.79 -9.27
C SER C 431 -8.69 -16.90 -8.64
N ASP C 432 -8.56 -16.67 -7.34
CA ASP C 432 -9.51 -15.82 -6.64
C ASP C 432 -9.38 -14.37 -7.10
N ALA C 433 -8.16 -13.91 -7.35
CA ALA C 433 -7.95 -12.53 -7.80
C ALA C 433 -8.53 -12.29 -9.19
N SER C 434 -8.51 -13.28 -10.07
CA SER C 434 -9.09 -13.13 -11.40
C SER C 434 -10.59 -13.40 -11.41
N ALA C 435 -11.15 -13.96 -10.35
CA ALA C 435 -12.59 -14.12 -10.24
C ALA C 435 -13.27 -12.85 -9.77
N ARG C 436 -12.54 -11.95 -9.10
CA ARG C 436 -13.11 -10.67 -8.70
C ARG C 436 -13.25 -9.73 -9.89
N VAL C 437 -12.33 -9.81 -10.85
CA VAL C 437 -12.45 -8.99 -12.06
C VAL C 437 -13.66 -9.41 -12.88
N VAL C 438 -13.91 -10.71 -12.96
CA VAL C 438 -15.08 -11.20 -13.68
C VAL C 438 -16.36 -10.68 -13.03
N ASN C 439 -16.44 -10.75 -11.70
CA ASN C 439 -17.63 -10.30 -11.00
C ASN C 439 -17.76 -8.79 -11.02
N THR C 440 -16.64 -8.06 -11.11
CA THR C 440 -16.72 -6.62 -11.28
C THR C 440 -17.32 -6.26 -12.63
N LEU C 441 -16.93 -6.96 -13.69
CA LEU C 441 -17.49 -6.70 -15.01
C LEU C 441 -18.95 -7.12 -15.08
N LEU C 442 -19.35 -8.11 -14.30
CA LEU C 442 -20.76 -8.52 -14.29
C LEU C 442 -21.65 -7.40 -13.78
N THR C 443 -21.22 -6.70 -12.74
CA THR C 443 -22.01 -5.61 -12.19
C THR C 443 -21.94 -4.35 -13.05
N GLU C 444 -20.80 -4.08 -13.68
CA GLU C 444 -20.68 -2.91 -14.53
C GLU C 444 -21.50 -3.06 -15.80
N LEU C 445 -21.49 -4.25 -16.40
CA LEU C 445 -22.24 -4.46 -17.64
C LEU C 445 -23.74 -4.49 -17.38
N ASP C 446 -24.17 -5.21 -16.34
CA ASP C 446 -25.59 -5.31 -16.02
C ASP C 446 -25.73 -5.51 -14.52
N GLY C 447 -25.96 -4.42 -13.79
CA GLY C 447 -26.14 -4.49 -12.36
C GLY C 447 -27.22 -3.55 -11.87
N VAL C 448 -26.93 -2.80 -10.81
CA VAL C 448 -27.88 -1.81 -10.30
C VAL C 448 -27.74 -0.49 -11.04
N GLY C 449 -26.52 -0.01 -11.23
CA GLY C 449 -26.31 1.20 -12.00
C GLY C 449 -26.51 0.97 -13.49
N ASP C 450 -26.85 2.05 -14.18
CA ASP C 450 -27.15 1.99 -15.60
C ASP C 450 -25.92 2.32 -16.43
N ARG C 451 -25.76 1.63 -17.55
CA ARG C 451 -24.66 1.87 -18.49
C ARG C 451 -25.17 2.33 -19.85
N SER C 452 -26.31 3.02 -19.87
CA SER C 452 -26.87 3.47 -21.14
C SER C 452 -25.91 4.40 -21.85
N GLY C 453 -25.80 4.24 -23.17
CA GLY C 453 -24.83 4.95 -23.95
C GLY C 453 -23.48 4.30 -24.05
N ILE C 454 -23.29 3.13 -23.46
CA ILE C 454 -22.04 2.40 -23.51
C ILE C 454 -22.25 1.16 -24.36
N TYR C 455 -21.48 1.05 -25.44
CA TYR C 455 -21.55 -0.09 -26.36
C TYR C 455 -20.26 -0.89 -26.24
N VAL C 456 -20.39 -2.18 -25.97
CA VAL C 456 -19.26 -3.04 -25.66
C VAL C 456 -19.07 -4.03 -26.79
N ILE C 457 -17.83 -4.12 -27.29
CA ILE C 457 -17.45 -5.08 -28.32
C ILE C 457 -16.34 -5.95 -27.76
N GLY C 458 -16.51 -7.26 -27.87
CA GLY C 458 -15.50 -8.21 -27.46
C GLY C 458 -15.06 -9.06 -28.64
N ALA C 459 -13.75 -9.28 -28.74
CA ALA C 459 -13.18 -10.11 -29.79
C ALA C 459 -12.32 -11.20 -29.15
N THR C 460 -12.54 -12.44 -29.54
CA THR C 460 -11.79 -13.55 -28.96
C THR C 460 -11.80 -14.73 -29.92
N ASN C 461 -10.82 -15.61 -29.74
CA ASN C 461 -10.77 -16.86 -30.50
C ASN C 461 -11.40 -18.02 -29.75
N ARG C 462 -11.59 -17.89 -28.44
CA ARG C 462 -12.07 -18.97 -27.58
C ARG C 462 -13.31 -18.47 -26.85
N PRO C 463 -14.46 -18.44 -27.53
CA PRO C 463 -15.69 -17.99 -26.85
C PRO C 463 -16.13 -18.90 -25.72
N ASP C 464 -15.68 -20.16 -25.70
CA ASP C 464 -16.06 -21.08 -24.65
C ASP C 464 -15.27 -20.87 -23.37
N MET C 465 -14.19 -20.10 -23.41
CA MET C 465 -13.41 -19.79 -22.23
C MET C 465 -13.88 -18.52 -21.54
N ILE C 466 -14.97 -17.92 -22.02
CA ILE C 466 -15.55 -16.73 -21.43
C ILE C 466 -16.66 -17.16 -20.47
N ASP C 467 -16.75 -16.48 -19.33
CA ASP C 467 -17.74 -16.84 -18.33
C ASP C 467 -19.14 -16.79 -18.90
N GLU C 468 -19.94 -17.81 -18.58
CA GLU C 468 -21.28 -17.92 -19.14
C GLU C 468 -22.21 -16.81 -18.68
N ALA C 469 -21.91 -16.18 -17.54
CA ALA C 469 -22.74 -15.06 -17.09
C ALA C 469 -22.46 -13.80 -17.90
N ILE C 470 -21.23 -13.65 -18.39
CA ILE C 470 -20.90 -12.52 -19.25
C ILE C 470 -21.64 -12.62 -20.58
N ARG C 471 -21.78 -13.84 -21.11
CA ARG C 471 -22.42 -14.07 -22.40
CA ARG C 471 -22.41 -14.06 -22.40
C ARG C 471 -23.93 -14.26 -22.24
N ARG C 472 -24.59 -13.21 -21.76
CA ARG C 472 -26.04 -13.23 -21.63
C ARG C 472 -26.56 -11.87 -22.07
N PRO C 473 -27.80 -11.81 -22.55
CA PRO C 473 -28.36 -10.52 -22.97
C PRO C 473 -28.33 -9.51 -21.84
N GLY C 474 -27.95 -8.29 -22.18
CA GLY C 474 -27.70 -7.25 -21.21
C GLY C 474 -26.24 -7.06 -20.87
N ARG C 475 -25.40 -8.07 -21.10
CA ARG C 475 -23.95 -7.92 -20.97
C ARG C 475 -23.24 -8.08 -22.30
N LEU C 476 -23.37 -9.23 -22.95
CA LEU C 476 -22.95 -9.44 -24.34
C LEU C 476 -24.05 -10.27 -24.99
N GLY C 477 -25.08 -9.58 -25.48
CA GLY C 477 -26.26 -10.29 -25.93
C GLY C 477 -26.02 -11.14 -27.17
N THR C 478 -25.32 -10.60 -28.16
CA THR C 478 -25.22 -11.20 -29.47
C THR C 478 -23.78 -11.64 -29.74
N SER C 479 -23.63 -12.84 -30.27
CA SER C 479 -22.34 -13.36 -30.70
C SER C 479 -22.32 -13.40 -32.22
N ILE C 480 -21.34 -12.73 -32.81
CA ILE C 480 -21.19 -12.67 -34.26
C ILE C 480 -19.96 -13.50 -34.63
N TYR C 481 -20.16 -14.52 -35.46
CA TYR C 481 -19.09 -15.42 -35.85
C TYR C 481 -18.40 -14.85 -37.09
N VAL C 482 -17.09 -14.62 -36.98
CA VAL C 482 -16.29 -14.14 -38.09
C VAL C 482 -15.35 -15.25 -38.53
N GLY C 483 -15.79 -16.06 -39.50
CA GLY C 483 -15.07 -17.25 -39.90
C GLY C 483 -14.23 -17.04 -41.15
N LEU C 484 -13.75 -18.16 -41.68
CA LEU C 484 -12.90 -18.12 -42.87
C LEU C 484 -13.71 -17.66 -44.07
N PRO C 485 -13.13 -16.86 -44.96
CA PRO C 485 -13.85 -16.41 -46.15
C PRO C 485 -14.07 -17.56 -47.11
N SER C 486 -15.13 -17.44 -47.91
CA SER C 486 -15.39 -18.39 -48.97
C SER C 486 -14.57 -18.03 -50.20
N ALA C 487 -14.72 -18.83 -51.26
CA ALA C 487 -14.01 -18.55 -52.50
C ALA C 487 -14.45 -17.21 -53.08
N GLU C 488 -15.75 -16.92 -53.04
CA GLU C 488 -16.23 -15.63 -53.54
C GLU C 488 -15.83 -14.49 -52.63
N ASP C 489 -15.76 -14.74 -51.32
CA ASP C 489 -15.37 -13.69 -50.38
C ASP C 489 -13.89 -13.37 -50.49
N ARG C 490 -13.05 -14.35 -50.81
CA ARG C 490 -11.62 -14.10 -50.95
C ARG C 490 -11.32 -13.17 -52.12
N VAL C 491 -12.21 -13.09 -53.12
CA VAL C 491 -12.03 -12.14 -54.20
C VAL C 491 -12.24 -10.72 -53.70
N LYS C 492 -13.29 -10.50 -52.90
CA LYS C 492 -13.56 -9.17 -52.37
C LYS C 492 -12.47 -8.72 -51.42
N ILE C 493 -11.95 -9.64 -50.60
CA ILE C 493 -10.91 -9.29 -49.65
C ILE C 493 -9.61 -8.95 -50.35
N LEU C 494 -9.23 -9.75 -51.36
CA LEU C 494 -7.97 -9.51 -52.05
C LEU C 494 -8.02 -8.19 -52.82
N LYS C 495 -9.14 -7.88 -53.46
CA LYS C 495 -9.26 -6.59 -54.13
C LYS C 495 -9.20 -5.45 -53.14
N THR C 496 -9.83 -5.61 -51.97
CA THR C 496 -9.79 -4.58 -50.94
C THR C 496 -8.36 -4.34 -50.46
N LEU C 497 -7.63 -5.41 -50.19
CA LEU C 497 -6.25 -5.28 -49.74
C LEU C 497 -5.38 -4.66 -50.82
N TYR C 498 -5.58 -5.03 -52.07
CA TYR C 498 -4.74 -4.52 -53.15
C TYR C 498 -5.00 -3.04 -53.41
N ARG C 499 -6.27 -2.65 -53.54
CA ARG C 499 -6.58 -1.27 -53.90
C ARG C 499 -6.30 -0.29 -52.77
N ASN C 500 -6.24 -0.76 -51.53
CA ASN C 500 -5.88 0.09 -50.40
C ASN C 500 -4.37 0.19 -50.21
N THR C 501 -3.59 -0.51 -51.02
CA THR C 501 -2.14 -0.49 -50.92
C THR C 501 -1.45 0.04 -52.16
N VAL C 502 -2.20 0.39 -53.20
CA VAL C 502 -1.62 0.94 -54.42
C VAL C 502 -2.18 2.33 -54.69
N THR C 530 -1.94 -5.30 -62.93
CA THR C 530 -2.59 -6.41 -62.24
C THR C 530 -4.09 -6.40 -62.50
N THR C 531 -4.68 -5.20 -62.53
CA THR C 531 -6.11 -5.01 -62.77
C THR C 531 -6.94 -5.79 -61.76
N ASP C 532 -8.21 -6.06 -62.10
CA ASP C 532 -9.10 -6.82 -61.24
C ASP C 532 -9.41 -8.21 -61.78
N ALA C 533 -9.22 -8.45 -63.07
CA ALA C 533 -9.46 -9.79 -63.61
C ALA C 533 -8.43 -10.79 -63.09
N ASP C 534 -7.17 -10.35 -62.94
CA ASP C 534 -6.14 -11.24 -62.42
C ASP C 534 -6.31 -11.49 -60.93
N LEU C 535 -6.81 -10.49 -60.19
CA LEU C 535 -7.05 -10.68 -58.75
C LEU C 535 -8.11 -11.74 -58.52
N GLU C 536 -9.13 -11.79 -59.38
CA GLU C 536 -10.13 -12.85 -59.26
C GLU C 536 -9.52 -14.22 -59.48
N LYS C 537 -8.62 -14.34 -60.47
CA LYS C 537 -7.97 -15.62 -60.72
C LYS C 537 -7.06 -16.01 -59.57
N VAL C 538 -6.31 -15.04 -59.01
CA VAL C 538 -5.43 -15.34 -57.89
C VAL C 538 -6.23 -15.77 -56.67
N ALA C 539 -7.32 -15.05 -56.37
CA ALA C 539 -8.09 -15.34 -55.17
C ALA C 539 -8.89 -16.64 -55.30
N LEU C 540 -9.32 -16.98 -56.50
CA LEU C 540 -10.10 -18.19 -56.73
C LEU C 540 -9.24 -19.42 -56.97
N ASP C 541 -7.92 -19.28 -56.97
CA ASP C 541 -7.05 -20.42 -57.21
C ASP C 541 -7.19 -21.43 -56.08
N LEU C 542 -7.12 -22.72 -56.44
CA LEU C 542 -7.26 -23.77 -55.45
C LEU C 542 -6.11 -23.78 -54.44
N ARG C 543 -4.99 -23.15 -54.76
CA ARG C 543 -3.90 -23.01 -53.80
C ARG C 543 -4.26 -22.08 -52.65
N CYS C 544 -5.28 -21.23 -52.83
CA CYS C 544 -5.73 -20.33 -51.77
C CYS C 544 -6.84 -20.94 -50.92
N THR C 545 -6.95 -22.26 -50.89
CA THR C 545 -7.98 -22.91 -50.10
C THR C 545 -7.65 -22.81 -48.61
N GLY C 546 -8.61 -22.35 -47.82
CA GLY C 546 -8.41 -22.17 -46.41
C GLY C 546 -7.71 -20.89 -46.02
N PHE C 547 -7.40 -20.02 -46.98
CA PHE C 547 -6.77 -18.76 -46.67
C PHE C 547 -7.73 -17.85 -45.92
N SER C 548 -7.23 -17.18 -44.89
CA SER C 548 -8.01 -16.20 -44.15
C SER C 548 -7.70 -14.80 -44.70
N GLY C 549 -8.24 -13.77 -44.05
CA GLY C 549 -7.92 -12.42 -44.45
C GLY C 549 -6.46 -12.07 -44.23
N ALA C 550 -5.83 -12.64 -43.20
CA ALA C 550 -4.42 -12.39 -42.97
C ALA C 550 -3.53 -13.13 -43.96
N ASP C 551 -4.01 -14.27 -44.47
CA ASP C 551 -3.24 -15.01 -45.46
C ASP C 551 -3.27 -14.33 -46.82
N LEU C 552 -4.41 -13.73 -47.19
CA LEU C 552 -4.48 -12.97 -48.43
C LEU C 552 -3.57 -11.75 -48.37
N GLY C 553 -3.52 -11.08 -47.22
CA GLY C 553 -2.57 -10.00 -47.05
C GLY C 553 -1.13 -10.48 -47.07
N ASN C 554 -0.87 -11.67 -46.53
CA ASN C 554 0.45 -12.27 -46.63
C ASN C 554 0.76 -12.72 -48.05
N LEU C 555 -0.25 -13.19 -48.78
CA LEU C 555 -0.06 -13.55 -50.18
C LEU C 555 0.34 -12.33 -51.00
N MET C 556 -0.29 -11.19 -50.75
CA MET C 556 0.08 -9.98 -51.45
C MET C 556 1.47 -9.51 -51.08
N GLN C 557 1.88 -9.67 -49.82
CA GLN C 557 3.23 -9.30 -49.41
C GLN C 557 4.27 -10.19 -50.09
N ALA C 558 4.01 -11.49 -50.18
CA ALA C 558 4.93 -12.40 -50.86
C ALA C 558 4.99 -12.10 -52.36
N ALA C 559 3.92 -11.54 -52.92
CA ALA C 559 3.96 -11.13 -54.32
C ALA C 559 4.80 -9.89 -54.52
N ALA C 560 4.75 -8.95 -53.56
CA ALA C 560 5.56 -7.75 -53.67
C ALA C 560 7.05 -8.06 -53.51
N GLN C 561 7.38 -9.00 -52.63
CA GLN C 561 8.77 -9.39 -52.46
C GLN C 561 9.30 -10.09 -53.71
N ALA C 562 8.47 -10.89 -54.37
CA ALA C 562 8.86 -11.48 -55.64
C ALA C 562 9.05 -10.42 -56.70
N CYS C 563 8.28 -9.34 -56.65
CA CYS C 563 8.50 -8.22 -57.57
C CYS C 563 9.85 -7.56 -57.33
N LEU C 564 10.23 -7.38 -56.06
CA LEU C 564 11.50 -6.73 -55.77
C LEU C 564 12.69 -7.60 -56.15
N GLU C 565 12.57 -8.92 -55.96
CA GLU C 565 13.63 -9.82 -56.43
C GLU C 565 13.77 -9.74 -57.94
N ARG C 566 12.65 -9.71 -58.66
CA ARG C 566 12.70 -9.58 -60.11
C ARG C 566 13.30 -8.24 -60.52
N VAL C 567 12.96 -7.17 -59.80
CA VAL C 567 13.55 -5.86 -60.08
C VAL C 567 15.04 -5.87 -59.81
N TYR C 568 15.46 -6.48 -58.69
CA TYR C 568 16.87 -6.51 -58.33
C TYR C 568 17.71 -7.19 -59.41
N THR C 569 17.30 -8.39 -59.84
CA THR C 569 18.08 -9.12 -60.83
C THR C 569 18.09 -8.40 -62.17
N GLN C 570 16.95 -7.88 -62.60
CA GLN C 570 16.89 -7.23 -63.91
C GLN C 570 17.58 -5.88 -63.91
N ARG C 571 17.59 -5.18 -62.76
CA ARG C 571 18.25 -3.88 -62.70
C ARG C 571 19.75 -4.01 -62.93
N GLN C 572 20.38 -5.01 -62.32
CA GLN C 572 21.81 -5.21 -62.49
C GLN C 572 22.14 -5.56 -63.94
N GLN C 573 21.32 -6.41 -64.56
CA GLN C 573 21.58 -6.83 -65.94
C GLN C 573 21.47 -5.66 -66.91
N LYS C 574 20.49 -4.78 -66.70
CA LYS C 574 20.27 -3.65 -67.59
C LYS C 574 21.04 -2.41 -67.18
N ARG C 575 21.86 -2.48 -66.14
CA ARG C 575 22.73 -1.38 -65.74
C ARG C 575 24.20 -1.66 -66.00
N LYS C 576 24.68 -2.85 -65.65
CA LYS C 576 26.08 -3.21 -65.93
C LYS C 576 26.27 -3.54 -67.41
N GLU C 577 25.55 -4.56 -67.89
CA GLU C 577 25.64 -4.91 -69.31
C GLU C 577 25.07 -3.81 -70.19
N GLY C 578 23.95 -3.22 -69.78
CA GLY C 578 23.32 -2.17 -70.57
C GLY C 578 23.14 -0.87 -69.82
N ILE C 587 14.32 -0.19 -62.38
CA ILE C 587 13.14 0.03 -63.21
C ILE C 587 11.92 0.32 -62.33
N GLU C 588 10.74 0.07 -62.88
CA GLU C 588 9.49 0.37 -62.18
C GLU C 588 9.05 -0.85 -61.39
N PRO C 589 8.99 -0.77 -60.06
CA PRO C 589 8.50 -1.90 -59.26
C PRO C 589 6.98 -1.97 -59.29
N VAL C 590 6.46 -2.94 -60.02
CA VAL C 590 5.02 -3.16 -60.14
C VAL C 590 4.75 -4.66 -60.04
N ILE C 591 3.75 -5.03 -59.26
CA ILE C 591 3.42 -6.43 -59.04
C ILE C 591 2.76 -6.96 -60.31
N THR C 592 3.45 -7.85 -61.02
CA THR C 592 2.92 -8.44 -62.22
C THR C 592 2.27 -9.78 -61.91
N MET C 593 1.57 -10.33 -62.91
CA MET C 593 0.88 -11.60 -62.72
C MET C 593 1.87 -12.74 -62.48
N GLU C 594 3.09 -12.63 -63.02
CA GLU C 594 4.09 -13.65 -62.76
C GLU C 594 4.55 -13.63 -61.31
N ASP C 595 4.53 -12.45 -60.68
CA ASP C 595 4.87 -12.37 -59.26
C ASP C 595 3.82 -13.05 -58.40
N TRP C 596 2.55 -12.96 -58.78
CA TRP C 596 1.50 -13.65 -58.03
C TRP C 596 1.68 -15.16 -58.08
N GLU C 597 2.27 -15.69 -59.15
CA GLU C 597 2.49 -17.13 -59.24
C GLU C 597 3.49 -17.61 -58.19
N LYS C 598 4.53 -16.81 -57.95
CA LYS C 598 5.52 -17.20 -56.93
C LYS C 598 4.91 -17.19 -55.54
N ALA C 599 4.06 -16.20 -55.25
CA ALA C 599 3.43 -16.13 -53.93
C ALA C 599 2.50 -17.31 -53.70
N LEU C 600 1.77 -17.73 -54.74
CA LEU C 600 0.82 -18.83 -54.59
C LEU C 600 1.53 -20.14 -54.25
N ASN C 601 2.75 -20.33 -54.73
CA ASN C 601 3.54 -21.52 -54.42
C ASN C 601 4.34 -21.38 -53.14
N GLU C 602 4.28 -20.24 -52.47
CA GLU C 602 5.04 -19.97 -51.27
C GLU C 602 4.20 -19.85 -50.01
N VAL C 603 3.05 -19.19 -50.09
CA VAL C 603 2.21 -18.92 -48.92
C VAL C 603 1.29 -20.10 -48.68
N LYS C 604 1.23 -20.56 -47.43
CA LYS C 604 0.37 -21.63 -46.96
C LYS C 604 -0.64 -21.09 -45.95
N PRO C 605 -1.81 -21.72 -45.82
CA PRO C 605 -2.80 -21.22 -44.86
C PRO C 605 -2.30 -21.34 -43.44
N SER C 606 -2.79 -20.44 -42.58
CA SER C 606 -2.37 -20.37 -41.19
C SER C 606 -3.33 -21.04 -40.22
N VAL C 607 -4.63 -21.00 -40.50
CA VAL C 607 -5.59 -21.72 -39.70
C VAL C 607 -5.60 -23.16 -40.17
N LYS C 608 -4.74 -23.99 -39.56
CA LYS C 608 -4.58 -25.37 -39.99
C LYS C 608 -5.71 -26.27 -39.52
N ASP C 609 -6.42 -25.89 -38.47
CA ASP C 609 -7.54 -26.66 -37.94
C ASP C 609 -8.73 -25.70 -37.80
N PRO C 610 -9.44 -25.44 -38.89
CA PRO C 610 -10.56 -24.48 -38.82
C PRO C 610 -11.65 -24.89 -37.84
N GLU C 611 -11.90 -26.19 -37.68
CA GLU C 611 -12.98 -26.64 -36.79
C GLU C 611 -12.63 -26.47 -35.32
N LYS C 612 -11.36 -26.21 -34.99
CA LYS C 612 -11.02 -25.95 -33.60
C LYS C 612 -11.63 -24.64 -33.11
N TYR C 613 -11.78 -23.66 -34.00
CA TYR C 613 -12.40 -22.39 -33.66
C TYR C 613 -13.85 -22.29 -34.10
N MET C 614 -14.27 -23.09 -35.08
CA MET C 614 -15.64 -23.01 -35.59
C MET C 614 -16.67 -23.48 -34.57
N HIS C 615 -16.25 -24.24 -33.56
CA HIS C 615 -17.17 -24.73 -32.54
C HIS C 615 -17.60 -23.61 -31.60
CA MET D 15 16.87 32.04 -27.22
C MET D 15 16.01 32.81 -28.22
N SER D 16 15.79 32.20 -29.39
CA SER D 16 14.99 32.80 -30.44
C SER D 16 14.25 31.69 -31.18
N ILE D 17 13.45 32.08 -32.18
CA ILE D 17 12.69 31.11 -32.95
C ILE D 17 13.61 30.14 -33.68
N LEU D 18 14.79 30.60 -34.10
CA LEU D 18 15.74 29.72 -34.77
C LEU D 18 16.25 28.64 -33.83
N ASP D 19 16.30 28.92 -32.52
CA ASP D 19 16.81 27.94 -31.56
C ASP D 19 15.86 26.78 -31.33
N ILE D 20 14.63 26.85 -31.82
CA ILE D 20 13.68 25.74 -31.74
C ILE D 20 13.35 25.31 -33.17
N ALA D 21 13.54 24.02 -33.45
CA ALA D 21 13.35 23.51 -34.80
C ALA D 21 12.79 22.10 -34.72
N GLY D 22 12.25 21.64 -35.84
CA GLY D 22 11.65 20.33 -35.90
C GLY D 22 10.21 20.26 -35.46
N VAL D 23 9.63 21.37 -35.00
CA VAL D 23 8.23 21.43 -34.58
C VAL D 23 7.58 22.55 -35.38
N ASP D 24 6.99 22.19 -36.52
CA ASP D 24 6.30 23.16 -37.38
C ASP D 24 4.80 23.21 -37.12
N ASP D 25 4.19 22.07 -36.80
CA ASP D 25 2.79 22.08 -36.41
C ASP D 25 2.58 22.85 -35.11
N THR D 26 3.48 22.64 -34.14
CA THR D 26 3.37 23.33 -32.86
C THR D 26 3.51 24.84 -33.03
N LEU D 27 4.50 25.27 -33.81
CA LEU D 27 4.66 26.70 -34.06
C LEU D 27 3.52 27.28 -34.89
N GLN D 28 2.85 26.46 -35.69
CA GLN D 28 1.70 26.92 -36.44
C GLN D 28 0.49 27.14 -35.53
N ARG D 29 0.23 26.19 -34.63
CA ARG D 29 -0.87 26.35 -33.69
C ARG D 29 -0.64 27.53 -32.75
N LEU D 30 0.58 27.64 -32.20
CA LEU D 30 0.87 28.67 -31.23
C LEU D 30 0.87 30.07 -31.81
N LEU D 31 0.84 30.20 -33.13
CA LEU D 31 0.80 31.54 -33.74
C LEU D 31 -0.56 32.18 -33.53
N LYS D 32 -1.62 31.39 -33.42
CA LYS D 32 -2.96 31.90 -33.20
C LYS D 32 -3.46 31.66 -31.78
N GLU D 33 -2.69 30.97 -30.94
CA GLU D 33 -3.10 30.67 -29.58
C GLU D 33 -2.24 31.33 -28.52
N VAL D 34 -1.05 31.81 -28.87
CA VAL D 34 -0.20 32.56 -27.95
C VAL D 34 0.12 33.94 -28.50
N TRP D 35 0.51 34.01 -29.79
CA TRP D 35 0.86 35.31 -30.37
C TRP D 35 -0.37 36.19 -30.53
N PHE D 36 -1.43 35.65 -31.09
CA PHE D 36 -2.63 36.46 -31.35
C PHE D 36 -3.26 37.01 -30.07
N PRO D 37 -3.44 36.23 -29.00
CA PRO D 37 -3.98 36.82 -27.77
C PRO D 37 -3.12 37.94 -27.21
N LEU D 38 -1.80 37.88 -27.40
CA LEU D 38 -0.90 38.87 -26.80
C LEU D 38 -0.64 40.05 -27.74
N ARG D 39 -0.34 39.78 -29.00
CA ARG D 39 -0.04 40.83 -29.97
C ARG D 39 -1.26 41.29 -30.75
N GLY D 40 -2.42 40.71 -30.51
CA GLY D 40 -3.65 41.13 -31.17
C GLY D 40 -4.67 41.65 -30.19
N GLY D 41 -4.21 42.44 -29.22
CA GLY D 41 -5.11 42.97 -28.21
C GLY D 41 -6.17 43.89 -28.77
N GLU D 42 -5.83 44.67 -29.80
CA GLU D 42 -6.80 45.58 -30.40
C GLU D 42 -7.95 44.81 -31.04
N ALA D 43 -7.65 43.70 -31.72
CA ALA D 43 -8.70 42.91 -32.36
C ALA D 43 -9.67 42.35 -31.35
N CYS D 44 -9.15 41.86 -30.22
CA CYS D 44 -10.03 41.30 -29.19
C CYS D 44 -10.91 42.37 -28.57
N GLU D 45 -10.36 43.57 -28.36
CA GLU D 45 -11.14 44.64 -27.76
C GLU D 45 -12.24 45.15 -28.68
N LYS D 46 -11.99 45.13 -30.00
CA LYS D 46 -13.01 45.60 -30.94
C LYS D 46 -14.27 44.73 -30.88
N MET D 47 -14.10 43.42 -30.79
CA MET D 47 -15.22 42.51 -30.68
C MET D 47 -15.68 42.29 -29.25
N GLY D 48 -14.99 42.89 -28.27
CA GLY D 48 -15.38 42.75 -26.89
C GLY D 48 -15.29 41.33 -26.36
N TYR D 49 -14.21 40.62 -26.69
CA TYR D 49 -14.03 39.24 -26.28
C TYR D 49 -12.73 39.13 -25.47
N ARG D 50 -12.80 38.47 -24.32
CA ARG D 50 -11.64 38.26 -23.47
C ARG D 50 -10.93 36.98 -23.94
N TYR D 51 -9.86 37.15 -24.69
CA TYR D 51 -9.11 36.02 -25.24
C TYR D 51 -7.91 35.72 -24.35
N ASP D 52 -8.21 35.20 -23.17
CA ASP D 52 -7.19 34.71 -22.25
C ASP D 52 -7.08 33.19 -22.43
N ASN D 53 -5.88 32.73 -22.77
CA ASN D 53 -5.67 31.35 -23.17
C ASN D 53 -4.75 30.65 -22.16
N GLY D 54 -4.87 29.32 -22.13
CA GLY D 54 -4.00 28.50 -21.33
C GLY D 54 -3.48 27.32 -22.12
N VAL D 55 -2.17 27.23 -22.29
CA VAL D 55 -1.54 26.23 -23.15
C VAL D 55 -0.68 25.31 -22.28
N LEU D 56 -0.85 24.01 -22.46
CA LEU D 56 -0.09 23.01 -21.72
C LEU D 56 0.76 22.21 -22.70
N LEU D 57 2.07 22.37 -22.62
CA LEU D 57 3.01 21.59 -23.41
C LEU D 57 3.37 20.33 -22.64
N HIS D 58 3.37 19.19 -23.33
CA HIS D 58 3.79 17.95 -22.71
C HIS D 58 4.42 17.06 -23.76
N GLY D 59 5.18 16.09 -23.28
CA GLY D 59 5.88 15.16 -24.15
C GLY D 59 7.03 14.49 -23.44
N PRO D 60 7.81 13.70 -24.18
CA PRO D 60 8.98 13.07 -23.58
C PRO D 60 9.99 14.12 -23.13
N SER D 61 10.75 13.77 -22.09
CA SER D 61 11.76 14.69 -21.57
C SER D 61 12.82 14.95 -22.63
N GLY D 62 13.28 16.19 -22.71
CA GLY D 62 14.27 16.58 -23.68
C GLY D 62 13.75 16.94 -25.04
N CYS D 63 12.43 17.01 -25.21
CA CYS D 63 11.83 17.32 -26.51
C CYS D 63 11.67 18.81 -26.75
N GLY D 64 12.47 19.64 -26.10
CA GLY D 64 12.43 21.07 -26.31
C GLY D 64 11.18 21.77 -25.84
N LYS D 65 10.62 21.37 -24.69
CA LYS D 65 9.49 22.08 -24.13
C LYS D 65 9.90 23.40 -23.48
N THR D 66 11.02 23.39 -22.76
CA THR D 66 11.47 24.61 -22.08
C THR D 66 12.05 25.61 -23.07
N THR D 67 12.80 25.12 -24.06
CA THR D 67 13.36 26.02 -25.06
C THR D 67 12.28 26.62 -25.95
N LEU D 68 11.22 25.87 -26.23
CA LEU D 68 10.12 26.40 -27.02
C LEU D 68 9.46 27.58 -26.32
N ALA D 69 9.23 27.46 -25.01
CA ALA D 69 8.58 28.53 -24.26
C ALA D 69 9.43 29.80 -24.25
N HIS D 70 10.74 29.66 -24.04
CA HIS D 70 11.60 30.83 -23.98
C HIS D 70 11.86 31.41 -25.37
N ALA D 71 11.85 30.57 -26.41
CA ALA D 71 11.95 31.08 -27.76
C ALA D 71 10.74 31.94 -28.11
N ILE D 72 9.55 31.49 -27.74
CA ILE D 72 8.34 32.26 -27.98
C ILE D 72 8.33 33.52 -27.12
N ALA D 73 8.83 33.41 -25.88
CA ALA D 73 8.82 34.55 -24.98
C ALA D 73 9.65 35.71 -25.53
N GLY D 74 10.84 35.41 -26.04
CA GLY D 74 11.66 36.46 -26.62
C GLY D 74 11.17 36.93 -27.97
N SER D 75 10.43 36.08 -28.68
CA SER D 75 9.93 36.46 -30.00
C SER D 75 8.76 37.43 -29.90
N ILE D 76 7.84 37.19 -28.97
CA ILE D 76 6.64 38.01 -28.89
C ILE D 76 6.97 39.41 -28.37
N GLY D 77 7.87 39.50 -27.40
CA GLY D 77 8.27 40.79 -26.89
C GLY D 77 7.31 41.43 -25.92
N VAL D 78 6.52 40.63 -25.21
CA VAL D 78 5.64 41.12 -24.16
C VAL D 78 6.25 40.75 -22.81
N ALA D 79 5.66 41.27 -21.75
CA ALA D 79 6.13 40.94 -20.40
C ALA D 79 6.07 39.44 -20.18
N PHE D 80 7.17 38.89 -19.67
CA PHE D 80 7.32 37.44 -19.51
C PHE D 80 7.62 37.13 -18.05
N ILE D 81 6.87 36.20 -17.48
CA ILE D 81 7.05 35.80 -16.09
C ILE D 81 7.38 34.31 -16.06
N PRO D 82 8.66 33.94 -16.18
CA PRO D 82 9.04 32.52 -16.09
C PRO D 82 9.05 32.08 -14.64
N VAL D 83 8.24 31.06 -14.33
CA VAL D 83 8.08 30.57 -12.97
C VAL D 83 8.42 29.09 -12.96
N SER D 84 9.32 28.70 -12.06
CA SER D 84 9.62 27.30 -11.81
C SER D 84 8.82 26.85 -10.59
N ALA D 85 8.19 25.68 -10.71
CA ALA D 85 7.23 25.25 -9.69
C ALA D 85 7.83 25.13 -8.30
N PRO D 86 8.99 24.48 -8.08
CA PRO D 86 9.53 24.41 -6.73
C PRO D 86 9.89 25.76 -6.12
N SER D 87 10.16 26.78 -6.93
CA SER D 87 10.51 28.09 -6.39
C SER D 87 9.36 28.71 -5.61
N VAL D 88 8.13 28.28 -5.85
CA VAL D 88 6.97 28.85 -5.18
C VAL D 88 6.95 28.44 -3.70
N ILE D 89 7.32 27.19 -3.41
CA ILE D 89 7.10 26.63 -2.07
C ILE D 89 7.89 27.42 -1.04
N GLY D 90 7.21 27.78 0.06
CA GLY D 90 7.83 28.50 1.15
C GLY D 90 7.83 27.71 2.44
N GLY D 91 8.22 28.35 3.54
CA GLY D 91 8.32 27.68 4.82
C GLY D 91 7.10 27.79 5.69
N THR D 92 6.58 29.01 5.86
CA THR D 92 5.44 29.24 6.73
C THR D 92 4.16 28.76 6.03
N SER D 93 3.01 29.01 6.65
CA SER D 93 1.76 28.45 6.16
C SER D 93 1.29 29.15 4.88
N GLY D 94 1.07 30.46 4.95
CA GLY D 94 0.57 31.19 3.81
C GLY D 94 1.60 31.65 2.81
N GLU D 95 2.88 31.38 3.06
CA GLU D 95 3.92 31.85 2.16
C GLU D 95 3.84 31.18 0.80
N SER D 96 3.61 29.86 0.78
CA SER D 96 3.60 29.13 -0.48
C SER D 96 2.46 29.58 -1.39
N GLU D 97 1.28 29.79 -0.82
CA GLU D 97 0.14 30.20 -1.64
C GLU D 97 0.24 31.66 -2.06
N LYS D 98 0.90 32.50 -1.27
CA LYS D 98 1.03 33.90 -1.63
C LYS D 98 2.02 34.10 -2.77
N ASN D 99 3.00 33.20 -2.91
CA ASN D 99 3.90 33.26 -4.05
C ASN D 99 3.16 33.01 -5.36
N ILE D 100 2.25 32.05 -5.35
CA ILE D 100 1.40 31.82 -6.53
C ILE D 100 0.50 33.01 -6.77
N ARG D 101 -0.11 33.54 -5.71
CA ARG D 101 -0.99 34.69 -5.84
C ARG D 101 -0.25 35.91 -6.35
N ASP D 102 1.02 36.06 -5.98
CA ASP D 102 1.82 37.17 -6.48
C ASP D 102 2.11 37.03 -7.97
N VAL D 103 2.26 35.80 -8.47
CA VAL D 103 2.57 35.59 -9.87
C VAL D 103 1.39 36.02 -10.75
N PHE D 104 0.19 35.58 -10.41
CA PHE D 104 -0.97 35.89 -11.24
C PHE D 104 -1.37 37.36 -11.10
N ASP D 105 -1.23 37.92 -9.90
CA ASP D 105 -1.52 39.34 -9.72
C ASP D 105 -0.53 40.21 -10.49
N GLU D 106 0.74 39.80 -10.53
CA GLU D 106 1.73 40.55 -11.30
C GLU D 106 1.42 40.50 -12.79
N ALA D 107 0.97 39.35 -13.28
CA ALA D 107 0.65 39.22 -14.70
C ALA D 107 -0.53 40.10 -15.07
N ILE D 108 -1.55 40.17 -14.20
CA ILE D 108 -2.69 41.05 -14.46
C ILE D 108 -2.24 42.49 -14.51
N ARG D 109 -1.35 42.88 -13.60
CA ARG D 109 -0.84 44.24 -13.59
C ARG D 109 0.05 44.55 -14.79
N LEU D 110 0.66 43.53 -15.39
CA LEU D 110 1.57 43.70 -16.52
C LEU D 110 0.94 43.26 -17.84
N ALA D 111 -0.37 43.15 -17.91
CA ALA D 111 -1.02 42.67 -19.11
C ALA D 111 -0.76 43.64 -20.26
N PRO D 112 -0.50 43.13 -21.49
CA PRO D 112 -0.47 41.71 -21.82
C PRO D 112 0.80 41.01 -21.34
N CYS D 113 0.67 39.77 -20.89
CA CYS D 113 1.78 39.07 -20.26
C CYS D 113 1.68 37.58 -20.59
N LEU D 114 2.81 36.89 -20.46
CA LEU D 114 2.90 35.46 -20.74
C LEU D 114 3.54 34.77 -19.54
N ILE D 115 2.76 33.98 -18.82
CA ILE D 115 3.26 33.21 -17.69
C ILE D 115 3.72 31.85 -18.18
N PHE D 116 4.93 31.46 -17.80
CA PHE D 116 5.44 30.12 -18.08
C PHE D 116 5.62 29.38 -16.77
N LEU D 117 4.76 28.41 -16.50
CA LEU D 117 4.85 27.56 -15.32
C LEU D 117 5.59 26.29 -15.72
N ASP D 118 6.89 26.26 -15.46
CA ASP D 118 7.71 25.12 -15.86
C ASP D 118 7.59 24.01 -14.83
N GLN D 119 7.36 22.78 -15.31
CA GLN D 119 7.22 21.61 -14.45
C GLN D 119 6.09 21.79 -13.43
N ILE D 120 4.91 22.18 -13.94
CA ILE D 120 3.78 22.48 -13.08
C ILE D 120 3.29 21.24 -12.34
N ASP D 121 3.61 20.05 -12.82
CA ASP D 121 3.19 18.82 -12.14
C ASP D 121 3.82 18.67 -10.77
N ALA D 122 4.90 19.41 -10.49
CA ALA D 122 5.51 19.36 -9.17
C ALA D 122 4.59 19.94 -8.11
N ILE D 123 3.85 21.00 -8.45
CA ILE D 123 2.98 21.66 -7.49
C ILE D 123 1.50 21.45 -7.79
N ALA D 124 1.15 20.99 -9.00
CA ALA D 124 -0.25 20.79 -9.37
C ALA D 124 -0.62 19.31 -9.42
N GLY D 125 -0.04 18.50 -8.53
CA GLY D 125 -0.38 17.11 -8.48
C GLY D 125 -1.79 16.88 -7.97
N ARG D 126 -2.29 15.66 -8.20
CA ARG D 126 -3.64 15.31 -7.80
C ARG D 126 -3.82 15.44 -6.30
N ARG D 127 -4.64 16.39 -5.87
CA ARG D 127 -4.87 16.60 -4.44
C ARG D 127 -5.63 15.45 -3.79
N GLU D 128 -6.22 14.55 -4.58
CA GLU D 128 -6.81 13.34 -4.04
C GLU D 128 -5.74 12.45 -3.41
N SER D 129 -4.81 11.96 -4.22
CA SER D 129 -3.77 11.07 -3.72
C SER D 129 -2.73 11.81 -2.90
N ALA D 130 -2.31 12.99 -3.36
CA ALA D 130 -1.31 13.79 -2.65
C ALA D 130 -2.00 14.56 -1.52
N ASN D 131 -2.37 13.80 -0.48
CA ASN D 131 -3.16 14.34 0.61
C ASN D 131 -2.26 15.05 1.62
N LYS D 132 -2.45 16.36 1.75
CA LYS D 132 -1.76 17.16 2.76
C LYS D 132 -2.60 18.42 2.97
N GLY D 133 -2.02 19.40 3.68
CA GLY D 133 -2.71 20.65 3.91
C GLY D 133 -2.25 21.76 2.99
N MET D 134 -0.94 21.88 2.82
CA MET D 134 -0.41 22.89 1.90
C MET D 134 -0.61 22.48 0.46
N GLU D 135 -0.43 21.20 0.14
CA GLU D 135 -0.51 20.75 -1.24
C GLU D 135 -1.90 20.97 -1.82
N SER D 136 -2.95 20.71 -1.03
CA SER D 136 -4.30 20.97 -1.50
C SER D 136 -4.55 22.46 -1.68
N ARG D 137 -3.98 23.29 -0.80
CA ARG D 137 -4.18 24.73 -0.91
C ARG D 137 -3.35 25.33 -2.05
N ILE D 138 -2.23 24.69 -2.40
CA ILE D 138 -1.47 25.13 -3.57
C ILE D 138 -2.27 24.90 -4.84
N VAL D 139 -2.91 23.73 -4.96
CA VAL D 139 -3.71 23.43 -6.14
C VAL D 139 -4.89 24.40 -6.24
N ALA D 140 -5.58 24.63 -5.12
CA ALA D 140 -6.72 25.53 -5.11
C ALA D 140 -6.32 26.98 -5.37
N GLU D 141 -5.07 27.34 -5.10
CA GLU D 141 -4.61 28.71 -5.38
C GLU D 141 -4.33 28.91 -6.86
N ILE D 142 -3.81 27.88 -7.54
CA ILE D 142 -3.59 27.99 -8.98
C ILE D 142 -4.92 28.03 -9.73
N MET D 143 -5.89 27.24 -9.28
CA MET D 143 -7.23 27.30 -9.87
C MET D 143 -7.85 28.67 -9.70
N ASN D 144 -7.71 29.25 -8.51
CA ASN D 144 -8.18 30.61 -8.28
C ASN D 144 -7.38 31.60 -9.10
N GLY D 145 -6.07 31.39 -9.22
CA GLY D 145 -5.23 32.32 -9.96
C GLY D 145 -5.54 32.32 -11.45
N MET D 146 -5.72 31.14 -12.04
CA MET D 146 -5.99 31.04 -13.47
C MET D 146 -7.38 31.55 -13.84
N ASP D 147 -8.25 31.79 -12.86
CA ASP D 147 -9.54 32.39 -13.12
C ASP D 147 -9.51 33.91 -13.05
N ARG D 148 -8.62 34.48 -12.24
CA ARG D 148 -8.52 35.93 -12.14
C ARG D 148 -7.99 36.55 -13.42
N ILE D 149 -7.07 35.87 -14.10
CA ILE D 149 -6.43 36.44 -15.28
C ILE D 149 -7.45 36.66 -16.39
N ARG D 150 -8.41 35.76 -16.53
CA ARG D 150 -9.41 35.87 -17.58
C ARG D 150 -10.62 36.67 -17.17
N GLN D 151 -10.60 37.31 -16.00
CA GLN D 151 -11.70 38.14 -15.53
C GLN D 151 -11.27 39.50 -15.02
N ASN D 152 -10.01 39.70 -14.64
CA ASN D 152 -9.54 40.99 -14.15
C ASN D 152 -8.80 41.80 -15.20
N THR D 153 -8.39 41.18 -16.31
CA THR D 153 -7.73 41.92 -17.37
C THR D 153 -8.72 42.88 -18.04
N PRO D 154 -8.27 44.06 -18.47
CA PRO D 154 -9.22 45.07 -18.95
C PRO D 154 -9.62 44.95 -20.41
N LEU D 155 -9.91 43.72 -20.86
CA LEU D 155 -10.61 43.47 -22.11
C LEU D 155 -9.77 43.88 -23.34
N GLY D 156 -8.61 44.49 -23.12
CA GLY D 156 -7.78 44.90 -24.23
C GLY D 156 -6.45 44.17 -24.22
N LYS D 157 -6.00 43.81 -23.02
CA LYS D 157 -4.74 43.10 -22.83
C LYS D 157 -5.04 41.74 -22.22
N ASN D 158 -4.46 40.70 -22.80
CA ASN D 158 -4.73 39.33 -22.40
C ASN D 158 -3.51 38.71 -21.73
N VAL D 159 -3.76 37.72 -20.88
CA VAL D 159 -2.71 36.98 -20.20
C VAL D 159 -2.79 35.53 -20.65
N VAL D 160 -1.68 35.01 -21.16
CA VAL D 160 -1.58 33.63 -21.62
C VAL D 160 -0.70 32.86 -20.65
N VAL D 161 -1.18 31.72 -20.19
CA VAL D 161 -0.45 30.86 -19.26
C VAL D 161 0.08 29.67 -20.04
N LEU D 162 1.40 29.51 -20.04
CA LEU D 162 2.07 28.38 -20.66
C LEU D 162 2.60 27.47 -19.56
N ALA D 163 2.35 26.17 -19.69
CA ALA D 163 2.83 25.20 -18.72
C ALA D 163 3.43 24.01 -19.44
N ALA D 164 4.48 23.44 -18.86
CA ALA D 164 5.15 22.29 -19.42
C ALA D 164 5.30 21.23 -18.35
N THR D 165 5.12 19.97 -18.74
CA THR D 165 5.22 18.86 -17.79
C THR D 165 5.48 17.57 -18.55
N ASN D 166 6.31 16.70 -17.96
CA ASN D 166 6.51 15.37 -18.52
C ASN D 166 5.39 14.41 -18.16
N ARG D 167 4.60 14.73 -17.15
CA ARG D 167 3.56 13.84 -16.62
C ARG D 167 2.24 14.59 -16.58
N PRO D 168 1.58 14.75 -17.72
CA PRO D 168 0.26 15.41 -17.71
C PRO D 168 -0.79 14.63 -16.93
N GLU D 169 -0.63 13.32 -16.78
CA GLU D 169 -1.59 12.53 -16.02
C GLU D 169 -1.47 12.75 -14.52
N PHE D 170 -0.33 13.26 -14.06
CA PHE D 170 -0.17 13.58 -12.64
C PHE D 170 -0.80 14.91 -12.25
N LEU D 171 -1.17 15.74 -13.23
CA LEU D 171 -1.84 16.99 -12.93
C LEU D 171 -3.23 16.74 -12.38
N ASP D 172 -3.66 17.61 -11.49
CA ASP D 172 -5.03 17.54 -10.99
C ASP D 172 -6.00 17.86 -12.12
N PRO D 173 -7.07 17.09 -12.27
CA PRO D 173 -8.03 17.35 -13.36
C PRO D 173 -8.65 18.74 -13.30
N ALA D 174 -8.77 19.33 -12.11
CA ALA D 174 -9.29 20.69 -12.02
C ALA D 174 -8.33 21.70 -12.63
N ILE D 175 -7.03 21.40 -12.62
CA ILE D 175 -6.03 22.29 -13.20
C ILE D 175 -5.78 21.97 -14.67
N ARG D 176 -5.80 20.67 -15.02
CA ARG D 176 -5.57 20.29 -16.41
C ARG D 176 -6.71 20.78 -17.30
N ARG D 177 -7.94 20.79 -16.79
CA ARG D 177 -9.07 21.25 -17.59
C ARG D 177 -9.02 22.74 -17.86
N ARG D 178 -8.22 23.50 -17.11
CA ARG D 178 -8.12 24.94 -17.30
C ARG D 178 -7.18 25.31 -18.43
N PHE D 179 -6.48 24.34 -19.02
CA PHE D 179 -5.67 24.58 -20.20
C PHE D 179 -6.50 24.24 -21.43
N SER D 180 -6.88 25.27 -22.18
CA SER D 180 -7.72 25.04 -23.36
C SER D 180 -6.99 24.25 -24.43
N VAL D 181 -5.68 24.38 -24.49
CA VAL D 181 -4.86 23.74 -25.53
C VAL D 181 -3.84 22.82 -24.86
N GLU D 182 -3.79 21.57 -25.30
CA GLU D 182 -2.74 20.64 -24.95
C GLU D 182 -1.95 20.33 -26.20
N ILE D 183 -0.63 20.54 -26.15
CA ILE D 183 0.25 20.31 -27.28
C ILE D 183 1.22 19.19 -26.90
N ASP D 184 1.22 18.12 -27.68
CA ASP D 184 2.08 16.97 -27.45
C ASP D 184 3.28 17.08 -28.38
N MET D 185 4.47 17.12 -27.80
CA MET D 185 5.72 17.24 -28.55
C MET D 185 6.45 15.90 -28.42
N GLY D 186 6.13 14.97 -29.32
CA GLY D 186 6.71 13.65 -29.27
C GLY D 186 8.14 13.63 -29.80
N MET D 187 8.66 12.41 -29.95
CA MET D 187 10.00 12.25 -30.46
C MET D 187 10.08 12.71 -31.93
N PRO D 188 11.14 13.40 -32.31
CA PRO D 188 11.24 13.89 -33.68
C PRO D 188 11.35 12.78 -34.70
N SER D 189 10.84 13.03 -35.90
CA SER D 189 10.95 12.12 -37.01
C SER D 189 12.27 12.38 -37.75
N GLU D 190 12.48 11.66 -38.86
CA GLU D 190 13.70 11.86 -39.64
C GLU D 190 13.79 13.27 -40.19
N ARG D 191 12.66 13.81 -40.68
CA ARG D 191 12.65 15.17 -41.21
C ARG D 191 12.90 16.18 -40.10
N ALA D 192 12.36 15.93 -38.90
CA ALA D 192 12.55 16.86 -37.80
C ALA D 192 13.96 16.77 -37.22
N ARG D 193 14.52 15.55 -37.13
CA ARG D 193 15.86 15.39 -36.59
C ARG D 193 16.89 16.11 -37.44
N GLU D 194 16.69 16.13 -38.76
CA GLU D 194 17.60 16.88 -39.62
C GLU D 194 17.54 18.38 -39.34
N GLN D 195 16.33 18.91 -39.13
CA GLN D 195 16.19 20.33 -38.84
C GLN D 195 16.79 20.69 -37.49
N ILE D 196 16.64 19.80 -36.50
CA ILE D 196 17.23 20.05 -35.19
C ILE D 196 18.75 20.11 -35.29
N LEU D 197 19.35 19.19 -36.04
CA LEU D 197 20.80 19.20 -36.20
C LEU D 197 21.29 20.47 -36.88
N ARG D 198 20.54 20.96 -37.87
CA ARG D 198 20.93 22.18 -38.56
C ARG D 198 20.89 23.38 -37.62
N SER D 199 19.86 23.46 -36.76
CA SER D 199 19.80 24.56 -35.80
C SER D 199 20.89 24.45 -34.76
N LEU D 200 21.17 23.23 -34.27
CA LEU D 200 22.27 23.06 -33.32
C LEU D 200 23.61 23.36 -33.96
N THR D 201 23.81 22.91 -35.19
CA THR D 201 25.05 23.17 -35.93
C THR D 201 24.86 24.37 -36.85
N ARG D 202 24.62 25.52 -36.23
CA ARG D 202 24.33 26.75 -36.93
C ARG D 202 25.35 27.85 -36.67
N ASP D 203 25.78 28.00 -35.42
CA ASP D 203 26.85 28.94 -35.09
C ASP D 203 28.22 28.29 -35.09
N LEU D 204 28.31 27.02 -35.46
CA LEU D 204 29.57 26.29 -35.53
C LEU D 204 30.11 26.29 -36.96
N SER D 205 31.34 25.84 -37.10
CA SER D 205 32.00 25.73 -38.39
C SER D 205 32.05 24.25 -38.79
N LEU D 206 31.51 23.93 -39.96
CA LEU D 206 31.39 22.56 -40.42
C LEU D 206 32.04 22.40 -41.78
N ALA D 207 32.44 21.17 -42.09
CA ALA D 207 32.97 20.83 -43.39
C ALA D 207 31.82 20.57 -44.37
N ASP D 208 32.05 20.88 -45.64
CA ASP D 208 31.03 20.70 -46.66
C ASP D 208 30.70 19.25 -46.92
N ASP D 209 31.52 18.31 -46.43
CA ASP D 209 31.24 16.89 -46.61
C ASP D 209 30.08 16.40 -45.76
N ILE D 210 29.66 17.17 -44.75
CA ILE D 210 28.65 16.72 -43.81
C ILE D 210 27.30 16.66 -44.50
N ASN D 211 26.64 15.50 -44.41
CA ASN D 211 25.32 15.27 -44.97
C ASN D 211 24.36 15.02 -43.80
N PHE D 212 23.49 16.00 -43.54
CA PHE D 212 22.57 15.87 -42.42
C PHE D 212 21.52 14.79 -42.64
N LYS D 213 21.24 14.43 -43.88
CA LYS D 213 20.33 13.31 -44.14
C LYS D 213 20.90 12.01 -43.57
N GLU D 214 22.20 11.79 -43.74
CA GLU D 214 22.84 10.61 -43.18
C GLU D 214 22.79 10.62 -41.66
N LEU D 215 23.03 11.79 -41.06
CA LEU D 215 22.98 11.90 -39.60
C LEU D 215 21.58 11.67 -39.07
N ALA D 216 20.56 12.18 -39.77
CA ALA D 216 19.19 11.98 -39.34
C ALA D 216 18.79 10.51 -39.38
N LYS D 217 19.21 9.79 -40.42
CA LYS D 217 18.81 8.40 -40.58
C LYS D 217 19.56 7.44 -39.66
N MET D 218 20.67 7.87 -39.07
CA MET D 218 21.44 7.03 -38.17
C MET D 218 21.14 7.30 -36.70
N THR D 219 20.10 8.08 -36.41
CA THR D 219 19.69 8.39 -35.04
C THR D 219 18.22 8.05 -34.89
N PRO D 220 17.87 6.76 -34.79
CA PRO D 220 16.45 6.37 -34.80
C PRO D 220 15.64 6.91 -33.64
N GLY D 221 16.08 6.63 -32.40
CA GLY D 221 15.31 7.00 -31.24
C GLY D 221 15.86 8.17 -30.47
N TYR D 222 16.34 9.19 -31.18
CA TYR D 222 16.99 10.33 -30.57
C TYR D 222 16.00 11.48 -30.40
N VAL D 223 16.10 12.18 -29.28
CA VAL D 223 15.30 13.36 -29.00
C VAL D 223 16.20 14.59 -29.15
N GLY D 224 15.58 15.76 -29.05
CA GLY D 224 16.34 17.00 -29.23
C GLY D 224 17.52 17.14 -28.28
N SER D 225 17.41 16.57 -27.08
CA SER D 225 18.53 16.60 -26.15
C SER D 225 19.63 15.64 -26.57
N ASP D 226 19.25 14.46 -27.10
CA ASP D 226 20.25 13.50 -27.56
C ASP D 226 21.03 14.05 -28.75
N LEU D 227 20.35 14.69 -29.69
CA LEU D 227 21.04 15.28 -30.82
C LEU D 227 21.98 16.39 -30.39
N GLN D 228 21.68 17.04 -29.26
CA GLN D 228 22.61 18.03 -28.72
C GLN D 228 23.89 17.38 -28.24
N TYR D 229 23.80 16.19 -27.63
CA TYR D 229 24.99 15.49 -27.17
C TYR D 229 25.84 15.03 -28.35
N VAL D 230 25.22 14.65 -29.46
CA VAL D 230 25.98 14.29 -30.66
C VAL D 230 26.80 15.48 -31.14
N VAL D 231 26.17 16.65 -31.21
CA VAL D 231 26.90 17.86 -31.57
C VAL D 231 27.93 18.18 -30.52
N LYS D 232 27.60 17.97 -29.25
CA LYS D 232 28.55 18.21 -28.17
C LYS D 232 29.74 17.26 -28.26
N ALA D 233 29.47 15.98 -28.56
CA ALA D 233 30.56 15.02 -28.69
C ALA D 233 31.38 15.26 -29.96
N ALA D 234 30.73 15.71 -31.04
CA ALA D 234 31.46 15.99 -32.27
C ALA D 234 32.40 17.18 -32.10
N VAL D 235 31.98 18.18 -31.31
CA VAL D 235 32.83 19.34 -31.08
C VAL D 235 34.10 18.94 -30.34
N SER D 236 33.96 18.12 -29.30
CA SER D 236 35.14 17.65 -28.58
C SER D 236 35.99 16.73 -29.45
N GLU D 237 35.37 16.03 -30.40
CA GLU D 237 36.14 15.19 -31.33
C GLU D 237 37.07 16.05 -32.18
N SER D 238 36.57 17.20 -32.65
CA SER D 238 37.39 18.09 -33.48
C SER D 238 38.49 18.76 -32.67
N PHE D 239 38.34 18.84 -31.36
CA PHE D 239 39.34 19.45 -30.50
C PHE D 239 40.34 18.45 -29.94
N GLN D 240 40.21 17.17 -30.31
CA GLN D 240 41.17 16.17 -29.85
C GLN D 240 42.55 16.39 -30.45
N ALA D 241 42.62 16.85 -31.70
CA ALA D 241 43.91 17.09 -32.33
C ALA D 241 44.71 18.17 -31.62
N ASN D 242 44.03 19.13 -30.99
CA ASN D 242 44.69 20.18 -30.23
C ASN D 242 45.00 19.76 -28.81
N ILE D 243 44.56 18.57 -28.38
CA ILE D 243 44.89 18.04 -27.07
C ILE D 243 46.04 17.05 -27.15
N ASP D 244 46.01 16.15 -28.13
CA ASP D 244 47.14 15.23 -28.32
C ASP D 244 48.40 16.00 -28.67
N SER D 245 48.28 17.04 -29.50
CA SER D 245 49.42 17.90 -29.79
C SER D 245 49.88 18.66 -28.55
N LEU D 246 48.96 19.00 -27.65
CA LEU D 246 49.34 19.66 -26.41
C LEU D 246 50.00 18.71 -25.43
N LEU D 247 49.59 17.44 -25.43
CA LEU D 247 50.28 16.44 -24.61
C LEU D 247 51.67 16.15 -25.13
N ALA D 248 51.87 16.20 -26.45
CA ALA D 248 53.20 16.03 -27.01
C ALA D 248 54.13 17.16 -26.58
N GLN D 249 53.59 18.38 -26.48
CA GLN D 249 54.39 19.50 -25.99
C GLN D 249 54.81 19.27 -24.53
N ALA D 250 53.90 18.74 -23.72
CA ALA D 250 54.23 18.45 -22.32
C ALA D 250 55.28 17.37 -22.20
N ARG D 251 55.23 16.36 -23.07
CA ARG D 251 56.20 15.27 -23.03
C ARG D 251 57.59 15.69 -23.49
N ALA D 252 57.74 16.90 -24.03
CA ALA D 252 59.04 17.38 -24.48
C ALA D 252 59.91 17.90 -23.33
N LYS D 253 59.39 17.94 -22.11
CA LYS D 253 60.13 18.46 -20.97
C LYS D 253 60.46 17.41 -19.91
N HIS D 254 59.86 16.22 -19.98
CA HIS D 254 60.05 15.18 -18.97
C HIS D 254 60.48 13.89 -19.65
N PRO D 255 61.77 13.75 -19.96
CA PRO D 255 62.32 12.54 -20.60
C PRO D 255 62.16 11.30 -19.73
N VAL D 262 51.50 3.91 -12.83
CA VAL D 262 51.41 4.97 -13.83
C VAL D 262 51.16 4.37 -15.22
N SER D 263 50.04 4.76 -15.82
CA SER D 263 49.67 4.31 -17.16
C SER D 263 49.61 5.50 -18.11
N GLN D 264 49.22 5.22 -19.35
CA GLN D 264 49.10 6.30 -20.33
C GLN D 264 48.07 7.36 -19.94
N PRO D 265 46.84 7.02 -19.53
CA PRO D 265 45.90 8.08 -19.13
C PRO D 265 46.37 8.88 -17.92
N GLN D 266 47.07 8.25 -16.97
CA GLN D 266 47.53 8.98 -15.79
C GLN D 266 48.62 9.98 -16.13
N ARG D 267 49.46 9.68 -17.12
CA ARG D 267 50.48 10.63 -17.55
C ARG D 267 49.84 11.89 -18.11
N ASP D 268 48.76 11.74 -18.88
CA ASP D 268 48.11 12.89 -19.48
C ASP D 268 47.56 13.85 -18.42
N TRP D 269 46.92 13.31 -17.39
CA TRP D 269 46.38 14.16 -16.34
C TRP D 269 47.48 14.89 -15.58
N LEU D 270 48.57 14.17 -15.25
CA LEU D 270 49.63 14.79 -14.48
C LEU D 270 50.39 15.84 -15.29
N LEU D 271 50.62 15.57 -16.58
CA LEU D 271 51.29 16.55 -17.42
C LEU D 271 50.47 17.83 -17.57
N LEU D 272 49.16 17.68 -17.77
CA LEU D 272 48.29 18.85 -17.85
C LEU D 272 48.17 19.54 -16.49
N GLU D 273 48.16 18.76 -15.41
CA GLU D 273 48.17 19.35 -14.06
C GLU D 273 49.45 20.11 -13.81
N ALA D 274 50.59 19.56 -14.24
CA ALA D 274 51.87 20.23 -14.00
C ALA D 274 51.94 21.58 -14.70
N HIS D 275 51.18 21.76 -15.78
CA HIS D 275 51.14 23.06 -16.46
C HIS D 275 49.98 23.90 -15.92
N ARG D 276 48.75 23.42 -16.09
CA ARG D 276 47.54 24.06 -15.56
C ARG D 276 47.51 25.57 -15.82
N ASP D 277 48.30 26.32 -15.06
CA ASP D 277 48.31 27.78 -15.16
C ASP D 277 48.85 28.29 -16.49
N GLU D 278 49.49 27.42 -17.29
CA GLU D 278 49.95 27.84 -18.61
C GLU D 278 48.77 28.13 -19.52
N GLU D 279 48.87 29.22 -20.27
CA GLU D 279 47.80 29.67 -21.17
C GLU D 279 48.21 29.40 -22.60
N VAL D 280 47.41 28.60 -23.31
CA VAL D 280 47.64 28.26 -24.71
C VAL D 280 46.38 28.56 -25.50
N SER D 281 46.54 28.75 -26.80
CA SER D 281 45.44 29.07 -27.70
C SER D 281 45.15 27.86 -28.59
N TRP D 282 43.87 27.54 -28.72
CA TRP D 282 43.45 26.44 -29.57
C TRP D 282 43.12 26.96 -30.97
N PRO D 283 43.84 26.53 -32.01
CA PRO D 283 43.48 26.95 -33.37
C PRO D 283 42.08 26.47 -33.74
N SER D 284 41.38 27.32 -34.49
CA SER D 284 40.03 26.98 -34.91
C SER D 284 40.04 25.83 -35.92
N THR D 285 39.09 24.91 -35.77
CA THR D 285 38.97 23.76 -36.65
C THR D 285 37.55 23.68 -37.21
N LYS D 286 37.36 22.78 -38.16
CA LYS D 286 36.06 22.49 -38.73
C LYS D 286 35.68 21.05 -38.43
N ILE D 287 34.46 20.85 -37.93
CA ILE D 287 33.99 19.51 -37.62
C ILE D 287 33.79 18.74 -38.91
N THR D 288 34.37 17.55 -38.98
CA THR D 288 34.31 16.71 -40.18
C THR D 288 33.16 15.71 -40.05
N MET D 289 32.65 15.28 -41.21
CA MET D 289 31.57 14.30 -41.22
C MET D 289 32.01 12.98 -40.59
N GLU D 290 33.30 12.64 -40.70
CA GLU D 290 33.80 11.45 -40.03
C GLU D 290 33.69 11.59 -38.52
N GLN D 291 33.97 12.79 -38.00
CA GLN D 291 33.85 13.03 -36.56
C GLN D 291 32.41 12.95 -36.09
N PHE D 292 31.46 13.39 -36.92
CA PHE D 292 30.05 13.29 -36.56
C PHE D 292 29.62 11.83 -36.40
N ARG D 293 30.04 10.96 -37.33
CA ARG D 293 29.69 9.55 -37.22
C ARG D 293 30.27 8.92 -35.97
N LYS D 294 31.47 9.35 -35.57
CA LYS D 294 32.04 8.87 -34.32
C LYS D 294 31.24 9.37 -33.12
N ALA D 295 30.73 10.60 -33.20
CA ALA D 295 29.97 11.17 -32.09
C ALA D 295 28.66 10.44 -31.88
N VAL D 296 28.00 10.02 -32.96
CA VAL D 296 26.71 9.34 -32.84
C VAL D 296 26.87 8.04 -32.06
N SER D 297 27.93 7.28 -32.35
CA SER D 297 28.16 6.02 -31.65
C SER D 297 28.42 6.25 -30.17
N LEU D 298 29.16 7.31 -29.84
CA LEU D 298 29.47 7.60 -28.43
C LEU D 298 28.21 7.93 -27.65
N VAL D 299 27.30 8.70 -28.24
CA VAL D 299 26.12 9.19 -27.53
C VAL D 299 25.09 8.08 -27.46
N GLN D 300 24.70 7.72 -26.23
CA GLN D 300 23.61 6.78 -26.01
C GLN D 300 22.34 7.56 -25.77
N PRO D 301 21.30 7.39 -26.60
CA PRO D 301 20.07 8.15 -26.40
C PRO D 301 19.38 7.77 -25.11
N ALA D 302 18.60 8.72 -24.58
CA ALA D 302 17.89 8.49 -23.32
C ALA D 302 16.86 7.37 -23.44
N SER D 303 16.39 7.07 -24.65
CA SER D 303 15.44 5.99 -24.83
C SER D 303 16.09 4.61 -24.78
N LYS D 304 17.41 4.54 -24.92
CA LYS D 304 18.13 3.27 -24.89
C LYS D 304 18.93 3.07 -23.61
N ARG D 305 18.73 3.91 -22.60
CA ARG D 305 19.47 3.76 -21.35
C ARG D 305 19.12 2.46 -20.64
N GLU D 306 17.87 2.01 -20.76
CA GLU D 306 17.40 0.84 -20.04
C GLU D 306 16.58 -0.04 -20.97
N GLY D 307 16.78 -1.35 -20.87
CA GLY D 307 15.95 -2.33 -21.55
C GLY D 307 16.48 -2.83 -22.88
N PHE D 308 17.53 -2.23 -23.41
CA PHE D 308 18.06 -2.60 -24.72
C PHE D 308 19.33 -3.42 -24.58
N SER D 309 19.50 -4.38 -25.49
CA SER D 309 20.67 -5.24 -25.51
C SER D 309 21.76 -4.63 -26.38
N THR D 310 22.96 -5.17 -26.26
CA THR D 310 24.08 -4.74 -27.09
C THR D 310 24.04 -5.45 -28.44
N ILE D 311 24.44 -4.75 -29.47
CA ILE D 311 24.45 -5.33 -30.83
C ILE D 311 25.48 -6.46 -30.87
N PRO D 312 25.09 -7.67 -31.29
CA PRO D 312 26.03 -8.78 -31.30
C PRO D 312 27.17 -8.55 -32.28
N ASP D 313 28.33 -9.14 -31.96
CA ASP D 313 29.48 -9.06 -32.85
C ASP D 313 29.42 -10.07 -33.99
N THR D 314 28.42 -10.94 -34.00
CA THR D 314 28.27 -11.91 -35.08
C THR D 314 27.94 -11.20 -36.39
N THR D 315 28.60 -11.58 -37.46
CA THR D 315 28.36 -11.05 -38.80
C THR D 315 28.04 -12.21 -39.74
N TRP D 316 27.71 -11.87 -40.99
CA TRP D 316 27.44 -12.90 -41.97
C TRP D 316 28.69 -13.69 -42.32
N SER D 317 29.88 -13.15 -42.04
CA SER D 317 31.10 -13.91 -42.21
C SER D 317 31.24 -15.02 -41.17
N HIS D 318 30.51 -14.93 -40.07
CA HIS D 318 30.49 -15.99 -39.07
C HIS D 318 29.54 -17.12 -39.42
N VAL D 319 28.65 -16.92 -40.39
CA VAL D 319 27.63 -17.90 -40.74
C VAL D 319 28.04 -18.55 -42.05
N GLY D 320 28.16 -19.87 -42.03
CA GLY D 320 28.51 -20.64 -43.21
C GLY D 320 27.27 -21.25 -43.84
N ALA D 321 27.17 -21.11 -45.16
CA ALA D 321 26.03 -21.62 -45.94
C ALA D 321 24.77 -20.90 -45.45
N LEU D 322 23.65 -21.60 -45.33
CA LEU D 322 22.36 -21.00 -44.96
C LEU D 322 22.02 -19.85 -45.90
N GLU D 323 22.27 -20.05 -47.20
CA GLU D 323 21.96 -19.01 -48.18
C GLU D 323 20.46 -18.81 -48.31
N ASP D 324 19.68 -19.90 -48.27
CA ASP D 324 18.24 -19.77 -48.35
C ASP D 324 17.68 -19.01 -47.15
N VAL D 325 18.22 -19.28 -45.96
CA VAL D 325 17.78 -18.55 -44.77
C VAL D 325 18.25 -17.10 -44.83
N ARG D 326 19.46 -16.86 -45.34
CA ARG D 326 19.98 -15.51 -45.41
C ARG D 326 19.17 -14.65 -46.36
N LYS D 327 18.74 -15.22 -47.49
CA LYS D 327 17.94 -14.46 -48.45
C LYS D 327 16.60 -14.04 -47.86
N LYS D 328 15.94 -14.95 -47.13
CA LYS D 328 14.65 -14.62 -46.53
C LYS D 328 14.80 -13.53 -45.49
N LEU D 329 15.83 -13.61 -44.66
CA LEU D 329 16.04 -12.59 -43.63
C LEU D 329 16.44 -11.25 -44.24
N GLU D 330 17.21 -11.27 -45.33
CA GLU D 330 17.58 -10.03 -45.99
C GLU D 330 16.35 -9.33 -46.58
N MET D 331 15.45 -10.09 -47.18
CA MET D 331 14.27 -9.50 -47.80
C MET D 331 13.23 -9.07 -46.77
N SER D 332 13.10 -9.83 -45.68
CA SER D 332 12.04 -9.60 -44.71
C SER D 332 12.41 -8.57 -43.65
N ILE D 333 13.68 -8.48 -43.27
CA ILE D 333 14.06 -7.61 -42.15
C ILE D 333 15.13 -6.62 -42.58
N ILE D 334 16.24 -7.10 -43.11
CA ILE D 334 17.36 -6.22 -43.42
C ILE D 334 17.00 -5.27 -44.55
N GLY D 335 16.23 -5.76 -45.53
CA GLY D 335 15.79 -4.94 -46.64
C GLY D 335 14.99 -3.72 -46.23
N PRO D 336 13.79 -3.95 -45.67
CA PRO D 336 12.93 -2.81 -45.32
C PRO D 336 13.53 -1.87 -44.29
N ILE D 337 14.45 -2.33 -43.44
CA ILE D 337 15.08 -1.43 -42.48
C ILE D 337 15.98 -0.44 -43.20
N LYS D 338 16.76 -0.90 -44.18
CA LYS D 338 17.71 -0.05 -44.87
C LYS D 338 17.09 0.74 -46.03
N ASN D 339 16.06 0.20 -46.66
CA ASN D 339 15.39 0.87 -47.79
C ASN D 339 13.89 0.90 -47.53
N PRO D 340 13.43 1.69 -46.55
CA PRO D 340 12.00 1.75 -46.27
C PRO D 340 11.18 2.29 -47.43
N GLU D 341 11.73 3.21 -48.22
CA GLU D 341 10.97 3.80 -49.33
C GLU D 341 10.78 2.79 -50.45
N LEU D 342 11.80 1.98 -50.74
CA LEU D 342 11.68 0.99 -51.81
C LEU D 342 10.59 -0.03 -51.50
N PHE D 343 10.54 -0.49 -50.25
CA PHE D 343 9.54 -1.48 -49.86
C PHE D 343 8.16 -0.87 -49.63
N THR D 344 8.08 0.45 -49.42
CA THR D 344 6.79 1.09 -49.27
C THR D 344 6.07 1.27 -50.61
N ARG D 345 6.82 1.48 -51.68
CA ARG D 345 6.20 1.67 -52.99
C ARG D 345 5.45 0.41 -53.43
N VAL D 346 6.03 -0.76 -53.19
CA VAL D 346 5.34 -2.01 -53.52
C VAL D 346 4.28 -2.37 -52.49
N GLY D 347 4.20 -1.64 -51.38
CA GLY D 347 3.17 -1.88 -50.39
C GLY D 347 3.49 -2.98 -49.41
N ILE D 348 4.63 -2.87 -48.73
CA ILE D 348 5.04 -3.82 -47.70
C ILE D 348 5.11 -3.06 -46.38
N LYS D 349 4.37 -3.54 -45.39
CA LYS D 349 4.34 -2.87 -44.10
C LYS D 349 5.71 -2.95 -43.43
N PRO D 350 6.18 -1.86 -42.81
CA PRO D 350 7.49 -1.89 -42.16
C PRO D 350 7.49 -2.65 -40.85
N ALA D 351 7.12 -3.92 -40.90
CA ALA D 351 7.09 -4.78 -39.72
C ALA D 351 7.05 -6.23 -40.17
N ALA D 352 7.94 -7.04 -39.62
CA ALA D 352 8.03 -8.45 -39.99
C ALA D 352 8.05 -9.32 -38.74
N GLY D 353 7.51 -10.52 -38.89
CA GLY D 353 7.56 -11.52 -37.83
C GLY D 353 8.07 -12.83 -38.37
N ILE D 354 9.20 -13.29 -37.84
CA ILE D 354 9.89 -14.47 -38.36
C ILE D 354 10.09 -15.46 -37.23
N LEU D 355 9.78 -16.73 -37.50
CA LEU D 355 9.98 -17.81 -36.54
C LEU D 355 11.04 -18.75 -37.09
N LEU D 356 12.18 -18.84 -36.41
CA LEU D 356 13.24 -19.77 -36.77
C LEU D 356 13.08 -21.04 -35.93
N TRP D 357 13.08 -22.19 -36.60
CA TRP D 357 12.89 -23.45 -35.91
C TRP D 357 13.74 -24.53 -36.57
N GLY D 358 14.03 -25.57 -35.79
CA GLY D 358 14.85 -26.67 -36.27
C GLY D 358 15.57 -27.36 -35.13
N PRO D 359 16.33 -28.40 -35.45
CA PRO D 359 17.06 -29.12 -34.41
C PRO D 359 18.11 -28.25 -33.77
N PRO D 360 18.46 -28.49 -32.51
CA PRO D 360 19.42 -27.62 -31.82
C PRO D 360 20.80 -27.69 -32.44
N GLY D 361 21.51 -26.57 -32.35
CA GLY D 361 22.87 -26.48 -32.83
C GLY D 361 23.03 -26.20 -34.30
N CYS D 362 21.96 -25.89 -35.02
CA CYS D 362 22.01 -25.68 -36.46
C CYS D 362 22.18 -24.22 -36.86
N GLY D 363 22.22 -23.30 -35.91
CA GLY D 363 22.52 -21.92 -36.22
C GLY D 363 21.35 -20.97 -36.21
N LYS D 364 20.39 -21.18 -35.31
CA LYS D 364 19.25 -20.27 -35.22
C LYS D 364 19.60 -18.98 -34.50
N THR D 365 20.20 -19.08 -33.31
CA THR D 365 20.64 -17.89 -32.60
C THR D 365 21.74 -17.17 -33.37
N LEU D 366 22.64 -17.94 -34.01
CA LEU D 366 23.72 -17.34 -34.78
C LEU D 366 23.19 -16.50 -35.93
N VAL D 367 22.24 -17.06 -36.70
CA VAL D 367 21.70 -16.35 -37.85
C VAL D 367 20.78 -15.21 -37.42
N ALA D 368 20.30 -15.23 -36.17
CA ALA D 368 19.49 -14.14 -35.65
C ALA D 368 20.33 -13.03 -35.03
N LYS D 369 21.52 -13.35 -34.55
CA LYS D 369 22.45 -12.34 -34.07
C LYS D 369 23.21 -11.68 -35.21
N ALA D 370 23.20 -12.28 -36.40
CA ALA D 370 23.82 -11.65 -37.56
C ALA D 370 22.88 -10.68 -38.23
N VAL D 371 21.58 -10.99 -38.25
CA VAL D 371 20.59 -10.04 -38.77
C VAL D 371 20.53 -8.79 -37.88
N ALA D 372 20.57 -8.98 -36.56
CA ALA D 372 20.54 -7.85 -35.64
C ALA D 372 21.78 -6.99 -35.79
N ASN D 373 22.90 -7.57 -36.18
CA ASN D 373 24.15 -6.82 -36.32
C ASN D 373 24.29 -6.20 -37.70
N GLU D 374 23.81 -6.85 -38.75
CA GLU D 374 23.99 -6.37 -40.11
C GLU D 374 22.84 -5.48 -40.58
N SER D 375 21.86 -5.19 -39.73
CA SER D 375 20.77 -4.30 -40.08
C SER D 375 20.90 -2.92 -39.48
N LYS D 376 21.83 -2.71 -38.55
CA LYS D 376 22.12 -1.43 -37.93
C LYS D 376 20.93 -0.84 -37.19
N ALA D 377 19.96 -1.65 -36.80
CA ALA D 377 18.81 -1.17 -36.04
C ALA D 377 19.04 -1.44 -34.55
N ASN D 378 18.09 -1.00 -33.73
CA ASN D 378 18.14 -1.30 -32.31
C ASN D 378 17.80 -2.77 -32.08
N PHE D 379 18.30 -3.30 -30.96
CA PHE D 379 18.17 -4.72 -30.68
C PHE D 379 17.73 -4.92 -29.23
N ILE D 380 16.68 -5.71 -29.05
CA ILE D 380 16.27 -6.20 -27.74
C ILE D 380 16.15 -7.72 -27.83
N SER D 381 16.83 -8.42 -26.93
CA SER D 381 16.81 -9.87 -26.89
C SER D 381 16.11 -10.34 -25.63
N ILE D 382 15.16 -11.25 -25.79
CA ILE D 382 14.41 -11.83 -24.68
C ILE D 382 14.87 -13.28 -24.52
N LYS D 383 15.25 -13.64 -23.30
CA LYS D 383 15.80 -14.96 -23.01
C LYS D 383 14.69 -15.84 -22.44
N GLY D 384 13.92 -16.45 -23.33
CA GLY D 384 12.86 -17.37 -22.93
C GLY D 384 11.83 -16.71 -22.06
N PRO D 385 11.46 -17.38 -20.96
CA PRO D 385 10.48 -16.84 -19.99
C PRO D 385 11.10 -15.79 -19.05
N GLU D 386 11.81 -14.83 -19.63
CA GLU D 386 12.48 -13.81 -18.83
C GLU D 386 11.49 -12.78 -18.30
N LEU D 387 10.40 -12.55 -19.02
CA LEU D 387 9.44 -11.51 -18.65
C LEU D 387 8.42 -11.97 -17.61
N LEU D 388 8.38 -13.25 -17.29
CA LEU D 388 7.39 -13.77 -16.36
C LEU D 388 7.66 -13.27 -14.94
N ASN D 389 6.58 -12.95 -14.23
CA ASN D 389 6.65 -12.48 -12.86
C ASN D 389 5.57 -13.18 -12.05
N LYS D 390 5.79 -13.27 -10.74
CA LYS D 390 4.85 -13.95 -9.86
C LYS D 390 3.67 -13.07 -9.46
N TYR D 391 3.75 -11.76 -9.66
CA TYR D 391 2.67 -10.86 -9.30
C TYR D 391 1.66 -10.76 -10.43
N VAL D 392 0.40 -10.48 -10.06
CA VAL D 392 -0.66 -10.38 -11.05
C VAL D 392 -0.47 -9.12 -11.88
N GLY D 393 -0.45 -9.28 -13.19
CA GLY D 393 -0.35 -8.16 -14.11
C GLY D 393 1.06 -7.66 -14.35
N GLU D 394 2.04 -8.09 -13.58
CA GLU D 394 3.42 -7.66 -13.80
C GLU D 394 4.06 -8.41 -14.96
N SER D 395 3.70 -9.68 -15.16
CA SER D 395 4.21 -10.41 -16.31
C SER D 395 3.69 -9.81 -17.61
N GLU D 396 2.42 -9.41 -17.64
CA GLU D 396 1.86 -8.78 -18.83
C GLU D 396 2.36 -7.35 -19.01
N ARG D 397 2.58 -6.63 -17.91
CA ARG D 397 3.06 -5.25 -18.02
C ARG D 397 4.46 -5.19 -18.61
N ALA D 398 5.31 -6.18 -18.31
CA ALA D 398 6.64 -6.22 -18.91
C ALA D 398 6.56 -6.38 -20.42
N VAL D 399 5.65 -7.22 -20.90
CA VAL D 399 5.47 -7.40 -22.33
C VAL D 399 4.99 -6.10 -22.98
N ARG D 400 4.02 -5.43 -22.35
CA ARG D 400 3.53 -4.16 -22.87
C ARG D 400 4.60 -3.09 -22.84
N GLN D 401 5.40 -3.06 -21.77
CA GLN D 401 6.52 -2.11 -21.71
C GLN D 401 7.59 -2.46 -22.72
N LEU D 402 7.73 -3.74 -23.05
CA LEU D 402 8.73 -4.16 -24.03
C LEU D 402 8.45 -3.56 -25.40
N PHE D 403 7.18 -3.56 -25.82
CA PHE D 403 6.82 -3.01 -27.12
C PHE D 403 6.73 -1.49 -27.12
N SER D 404 6.67 -0.86 -25.94
CA SER D 404 6.74 0.59 -25.89
C SER D 404 8.15 1.08 -26.18
N ARG D 405 9.15 0.44 -25.58
CA ARG D 405 10.54 0.79 -25.87
C ARG D 405 10.90 0.49 -27.32
N ALA D 406 10.44 -0.65 -27.84
CA ALA D 406 10.75 -1.03 -29.21
C ALA D 406 10.06 -0.14 -30.23
N LYS D 407 9.00 0.57 -29.83
CA LYS D 407 8.30 1.46 -30.76
C LYS D 407 8.89 2.86 -30.76
N SER D 408 9.29 3.37 -29.60
CA SER D 408 9.90 4.70 -29.55
C SER D 408 11.30 4.71 -30.15
N SER D 409 11.96 3.55 -30.21
CA SER D 409 13.29 3.43 -30.80
C SER D 409 13.24 2.71 -32.14
N ALA D 410 12.12 2.84 -32.85
CA ALA D 410 11.99 2.17 -34.14
C ALA D 410 12.97 2.76 -35.14
N PRO D 411 13.55 1.95 -36.04
CA PRO D 411 13.32 0.50 -36.14
C PRO D 411 14.04 -0.30 -35.06
N CYS D 412 13.39 -1.34 -34.55
CA CYS D 412 13.94 -2.16 -33.49
C CYS D 412 13.66 -3.62 -33.81
N ILE D 413 14.56 -4.49 -33.36
CA ILE D 413 14.46 -5.92 -33.58
C ILE D 413 14.25 -6.59 -32.22
N LEU D 414 13.15 -7.30 -32.08
CA LEU D 414 12.87 -8.07 -30.88
C LEU D 414 13.17 -9.54 -31.17
N PHE D 415 14.11 -10.11 -30.43
CA PHE D 415 14.51 -11.50 -30.60
C PHE D 415 14.03 -12.29 -29.39
N PHE D 416 13.12 -13.24 -29.63
CA PHE D 416 12.61 -14.12 -28.59
C PHE D 416 13.33 -15.46 -28.73
N ASP D 417 14.38 -15.66 -27.94
CA ASP D 417 15.12 -16.90 -27.96
C ASP D 417 14.42 -17.94 -27.10
N GLN D 418 14.31 -19.16 -27.62
CA GLN D 418 13.57 -20.25 -26.96
C GLN D 418 12.15 -19.79 -26.63
N MET D 419 11.47 -19.29 -27.66
CA MET D 419 10.18 -18.61 -27.46
C MET D 419 9.08 -19.57 -27.03
N ASP D 420 9.25 -20.88 -27.21
CA ASP D 420 8.19 -21.82 -26.86
C ASP D 420 7.84 -21.79 -25.39
N ALA D 421 8.74 -21.29 -24.53
CA ALA D 421 8.46 -21.17 -23.11
C ALA D 421 7.72 -19.89 -22.75
N LEU D 422 7.58 -18.97 -23.69
CA LEU D 422 6.89 -17.70 -23.44
C LEU D 422 5.47 -17.67 -24.00
N VAL D 423 5.22 -18.40 -25.08
CA VAL D 423 3.90 -18.42 -25.71
C VAL D 423 3.44 -19.85 -25.93
N PRO D 424 3.15 -20.62 -24.89
CA PRO D 424 2.58 -21.96 -25.10
C PRO D 424 1.17 -21.86 -25.65
N ARG D 425 0.76 -22.90 -26.37
CA ARG D 425 -0.56 -22.90 -26.99
C ARG D 425 -1.64 -22.92 -25.92
N ARG D 426 -2.66 -22.09 -26.11
CA ARG D 426 -3.75 -21.95 -25.15
C ARG D 426 -4.71 -23.13 -25.30
N ASP D 427 -4.37 -24.22 -24.64
CA ASP D 427 -5.24 -25.38 -24.58
C ASP D 427 -6.30 -25.16 -23.49
N ASP D 428 -7.02 -26.22 -23.15
CA ASP D 428 -7.98 -26.14 -22.05
C ASP D 428 -7.33 -26.38 -20.69
N SER D 429 -6.03 -26.63 -20.66
CA SER D 429 -5.31 -26.87 -19.41
C SER D 429 -3.99 -26.11 -19.39
N LEU D 430 -4.01 -24.84 -19.81
CA LEU D 430 -2.84 -23.99 -19.78
C LEU D 430 -2.87 -23.01 -18.62
N SER D 431 -3.75 -23.22 -17.65
CA SER D 431 -3.97 -22.28 -16.55
C SER D 431 -4.37 -20.92 -17.09
N ASP D 432 -4.12 -19.86 -16.32
CA ASP D 432 -4.46 -18.51 -16.75
C ASP D 432 -3.33 -17.51 -16.55
N ALA D 433 -2.36 -17.79 -15.69
CA ALA D 433 -1.22 -16.89 -15.57
C ALA D 433 -0.40 -16.85 -16.85
N SER D 434 -0.23 -18.00 -17.50
CA SER D 434 0.52 -18.08 -18.75
C SER D 434 -0.35 -17.84 -19.97
N ALA D 435 -1.67 -18.03 -19.86
CA ALA D 435 -2.56 -17.73 -20.97
C ALA D 435 -2.74 -16.23 -21.16
N ARG D 436 -2.62 -15.45 -20.08
CA ARG D 436 -2.71 -14.01 -20.19
C ARG D 436 -1.47 -13.40 -20.83
N VAL D 437 -0.32 -14.06 -20.70
CA VAL D 437 0.88 -13.58 -21.36
C VAL D 437 0.77 -13.75 -22.87
N VAL D 438 0.14 -14.84 -23.31
CA VAL D 438 -0.06 -15.05 -24.75
C VAL D 438 -0.98 -13.99 -25.32
N ASN D 439 -2.10 -13.72 -24.62
CA ASN D 439 -3.05 -12.73 -25.12
C ASN D 439 -2.48 -11.32 -25.10
N THR D 440 -1.55 -11.02 -24.20
CA THR D 440 -0.85 -9.73 -24.26
C THR D 440 -0.02 -9.62 -25.52
N LEU D 441 0.70 -10.68 -25.88
CA LEU D 441 1.52 -10.66 -27.09
C LEU D 441 0.67 -10.68 -28.34
N LEU D 442 -0.52 -11.28 -28.28
CA LEU D 442 -1.42 -11.27 -29.43
C LEU D 442 -1.84 -9.85 -29.79
N THR D 443 -2.15 -9.04 -28.77
CA THR D 443 -2.55 -7.66 -29.02
C THR D 443 -1.37 -6.76 -29.35
N GLU D 444 -0.20 -7.04 -28.77
CA GLU D 444 0.97 -6.22 -29.06
C GLU D 444 1.47 -6.46 -30.48
N LEU D 445 1.47 -7.72 -30.93
CA LEU D 445 1.93 -8.02 -32.28
C LEU D 445 0.93 -7.57 -33.34
N ASP D 446 -0.35 -7.85 -33.12
CA ASP D 446 -1.38 -7.47 -34.09
C ASP D 446 -2.68 -7.18 -33.33
N GLY D 447 -2.91 -5.92 -33.01
CA GLY D 447 -4.11 -5.52 -32.31
C GLY D 447 -4.70 -4.24 -32.86
N VAL D 448 -4.93 -3.27 -31.99
CA VAL D 448 -5.41 -1.96 -32.40
C VAL D 448 -4.28 -0.95 -32.50
N GLY D 449 -3.38 -0.95 -31.51
CA GLY D 449 -2.25 -0.03 -31.57
C GLY D 449 -1.26 -0.42 -32.64
N ASP D 450 -0.70 0.59 -33.30
CA ASP D 450 0.26 0.36 -34.36
C ASP D 450 1.60 -0.10 -33.79
N ARG D 451 2.27 -1.00 -34.53
CA ARG D 451 3.59 -1.48 -34.15
C ARG D 451 4.57 -1.42 -35.31
N SER D 452 4.32 -0.54 -36.28
CA SER D 452 5.21 -0.43 -37.43
C SER D 452 6.61 -0.02 -36.99
N GLY D 453 7.62 -0.58 -37.66
CA GLY D 453 8.99 -0.38 -37.27
C GLY D 453 9.54 -1.42 -36.32
N ILE D 454 8.72 -2.36 -35.87
CA ILE D 454 9.14 -3.41 -34.96
C ILE D 454 9.21 -4.72 -35.75
N TYR D 455 10.39 -5.32 -35.76
CA TYR D 455 10.62 -6.59 -36.45
C TYR D 455 10.91 -7.66 -35.41
N VAL D 456 10.15 -8.75 -35.44
CA VAL D 456 10.17 -9.76 -34.41
C VAL D 456 10.79 -11.02 -34.98
N ILE D 457 11.76 -11.58 -34.26
CA ILE D 457 12.39 -12.86 -34.60
C ILE D 457 12.18 -13.81 -33.44
N GLY D 458 11.70 -15.00 -33.73
CA GLY D 458 11.54 -16.04 -32.73
C GLY D 458 12.37 -17.27 -33.11
N ALA D 459 13.05 -17.83 -32.12
CA ALA D 459 13.86 -19.03 -32.32
C ALA D 459 13.42 -20.08 -31.31
N THR D 460 13.13 -21.28 -31.79
CA THR D 460 12.65 -22.34 -30.92
C THR D 460 12.96 -23.69 -31.55
N ASN D 461 12.98 -24.73 -30.70
CA ASN D 461 13.11 -26.10 -31.15
C ASN D 461 11.77 -26.81 -31.26
N ARG D 462 10.70 -26.25 -30.68
CA ARG D 462 9.39 -26.87 -30.64
C ARG D 462 8.35 -25.88 -31.14
N PRO D 463 8.30 -25.63 -32.45
CA PRO D 463 7.29 -24.71 -32.98
C PRO D 463 5.87 -25.21 -32.82
N ASP D 464 5.67 -26.51 -32.64
CA ASP D 464 4.33 -27.04 -32.43
C ASP D 464 3.77 -26.69 -31.05
N MET D 465 4.61 -26.26 -30.12
CA MET D 465 4.17 -25.87 -28.80
C MET D 465 3.79 -24.40 -28.71
N ILE D 466 3.86 -23.67 -29.83
CA ILE D 466 3.51 -22.26 -29.88
C ILE D 466 2.07 -22.14 -30.33
N ASP D 467 1.35 -21.18 -29.76
CA ASP D 467 -0.06 -20.99 -30.08
C ASP D 467 -0.24 -20.63 -31.54
N GLU D 468 -1.29 -21.17 -32.15
CA GLU D 468 -1.52 -20.94 -33.58
C GLU D 468 -1.84 -19.48 -33.88
N ALA D 469 -2.42 -18.77 -32.92
CA ALA D 469 -2.72 -17.35 -33.15
C ALA D 469 -1.45 -16.51 -33.22
N ILE D 470 -0.38 -16.97 -32.56
CA ILE D 470 0.91 -16.31 -32.68
C ILE D 470 1.50 -16.53 -34.06
N ARG D 471 1.35 -17.75 -34.60
CA ARG D 471 1.95 -18.11 -35.88
C ARG D 471 0.97 -17.87 -37.03
N ARG D 472 0.64 -16.60 -37.24
CA ARG D 472 -0.19 -16.18 -38.35
C ARG D 472 0.36 -14.88 -38.90
N PRO D 473 0.08 -14.56 -40.17
CA PRO D 473 0.62 -13.33 -40.76
C PRO D 473 0.18 -12.10 -39.97
N GLY D 474 1.10 -11.17 -39.83
CA GLY D 474 0.91 -10.01 -39.00
C GLY D 474 1.51 -10.14 -37.62
N ARG D 475 1.74 -11.36 -37.14
CA ARG D 475 2.47 -11.56 -35.90
C ARG D 475 3.77 -12.30 -36.11
N LEU D 476 3.73 -13.54 -36.59
CA LEU D 476 4.92 -14.34 -36.90
C LEU D 476 4.67 -15.16 -38.15
N GLY D 477 4.14 -14.52 -39.19
CA GLY D 477 3.62 -15.24 -40.34
C GLY D 477 4.64 -16.03 -41.12
N THR D 478 5.91 -15.65 -41.07
CA THR D 478 6.96 -16.31 -41.83
C THR D 478 7.72 -17.25 -40.92
N SER D 479 7.80 -18.51 -41.31
CA SER D 479 8.55 -19.53 -40.59
C SER D 479 9.71 -20.00 -41.47
N ILE D 480 10.91 -19.97 -40.92
CA ILE D 480 12.12 -20.39 -41.62
C ILE D 480 12.69 -21.58 -40.89
N TYR D 481 13.01 -22.64 -41.63
CA TYR D 481 13.52 -23.88 -41.07
C TYR D 481 15.03 -23.92 -41.20
N VAL D 482 15.72 -24.11 -40.06
CA VAL D 482 17.18 -24.20 -40.03
C VAL D 482 17.50 -25.60 -39.54
N GLY D 483 17.81 -26.51 -40.47
CA GLY D 483 18.02 -27.90 -40.17
C GLY D 483 19.48 -28.31 -40.22
N LEU D 484 19.68 -29.63 -40.20
CA LEU D 484 21.03 -30.18 -40.23
C LEU D 484 21.69 -29.90 -41.58
N PRO D 485 22.95 -29.50 -41.60
CA PRO D 485 23.63 -29.22 -42.86
C PRO D 485 23.83 -30.49 -43.68
N SER D 486 23.86 -30.31 -44.99
CA SER D 486 24.11 -31.41 -45.91
C SER D 486 25.61 -31.69 -45.99
N ALA D 487 25.98 -32.65 -46.84
CA ALA D 487 27.39 -32.99 -46.99
C ALA D 487 28.18 -31.82 -47.55
N GLU D 488 27.66 -31.16 -48.58
CA GLU D 488 28.31 -29.98 -49.13
C GLU D 488 28.16 -28.75 -48.24
N ASP D 489 27.14 -28.74 -47.37
CA ASP D 489 26.95 -27.63 -46.45
C ASP D 489 27.93 -27.66 -45.30
N ARG D 490 28.30 -28.86 -44.83
CA ARG D 490 29.28 -28.96 -43.75
C ARG D 490 30.65 -28.47 -44.18
N VAL D 491 30.95 -28.55 -45.48
CA VAL D 491 32.22 -28.04 -45.99
C VAL D 491 32.30 -26.53 -45.78
N LYS D 492 31.21 -25.81 -46.09
CA LYS D 492 31.20 -24.37 -45.92
C LYS D 492 31.28 -23.99 -44.44
N ILE D 493 30.60 -24.74 -43.58
CA ILE D 493 30.58 -24.40 -42.16
C ILE D 493 31.93 -24.63 -41.52
N LEU D 494 32.58 -25.77 -41.82
CA LEU D 494 33.86 -26.07 -41.21
C LEU D 494 34.92 -25.07 -41.63
N LYS D 495 34.93 -24.67 -42.91
CA LYS D 495 35.84 -23.63 -43.35
C LYS D 495 35.55 -22.31 -42.65
N THR D 496 34.27 -21.98 -42.47
CA THR D 496 33.91 -20.75 -41.78
C THR D 496 34.38 -20.78 -40.33
N LEU D 497 34.19 -21.90 -39.65
CA LEU D 497 34.64 -22.01 -38.26
C LEU D 497 36.15 -21.96 -38.16
N TYR D 498 36.85 -22.63 -39.08
CA TYR D 498 38.30 -22.69 -39.00
C TYR D 498 38.94 -21.34 -39.33
N ARG D 499 38.42 -20.64 -40.34
CA ARG D 499 39.02 -19.37 -40.73
C ARG D 499 38.81 -18.27 -39.70
N ASN D 500 37.86 -18.45 -38.78
CA ASN D 500 37.60 -17.46 -37.74
C ASN D 500 38.47 -17.65 -36.51
N THR D 501 39.30 -18.70 -36.47
CA THR D 501 40.21 -18.93 -35.35
C THR D 501 41.66 -19.01 -35.79
N VAL D 502 41.96 -18.72 -37.05
CA VAL D 502 43.34 -18.75 -37.53
C VAL D 502 43.71 -17.39 -38.12
N THR D 530 46.90 -28.26 -42.61
CA THR D 530 45.44 -28.21 -42.64
C THR D 530 44.93 -27.80 -44.01
N THR D 531 45.26 -26.58 -44.42
CA THR D 531 44.87 -26.03 -45.73
C THR D 531 43.36 -26.07 -45.93
N ASP D 532 42.93 -25.88 -47.18
CA ASP D 532 41.51 -25.91 -47.52
C ASP D 532 41.09 -27.22 -48.18
N ALA D 533 42.04 -27.96 -48.77
CA ALA D 533 41.70 -29.23 -49.40
C ALA D 533 41.38 -30.32 -48.38
N ASP D 534 42.07 -30.31 -47.24
CA ASP D 534 41.80 -31.32 -46.21
C ASP D 534 40.49 -31.05 -45.48
N LEU D 535 40.11 -29.78 -45.36
CA LEU D 535 38.85 -29.45 -44.70
C LEU D 535 37.67 -30.05 -45.46
N GLU D 536 37.72 -30.03 -46.79
CA GLU D 536 36.69 -30.69 -47.58
C GLU D 536 36.69 -32.19 -47.32
N LYS D 537 37.88 -32.80 -47.23
CA LYS D 537 37.96 -34.23 -46.96
C LYS D 537 37.38 -34.57 -45.59
N VAL D 538 37.72 -33.78 -44.57
CA VAL D 538 37.21 -34.02 -43.23
C VAL D 538 35.70 -33.82 -43.18
N ALA D 539 35.22 -32.73 -43.79
CA ALA D 539 33.79 -32.43 -43.74
C ALA D 539 32.97 -33.46 -44.50
N LEU D 540 33.49 -33.95 -45.63
CA LEU D 540 32.76 -34.92 -46.45
C LEU D 540 32.91 -36.35 -45.94
N ASP D 541 33.70 -36.58 -44.90
CA ASP D 541 33.84 -37.93 -44.36
C ASP D 541 32.50 -38.43 -43.83
N LEU D 542 32.24 -39.73 -44.05
CA LEU D 542 30.97 -40.31 -43.63
C LEU D 542 30.85 -40.39 -42.11
N ARG D 543 31.95 -40.24 -41.37
CA ARG D 543 31.88 -40.18 -39.93
C ARG D 543 31.29 -38.86 -39.43
N CYS D 544 31.10 -37.88 -40.32
CA CYS D 544 30.46 -36.62 -39.98
C CYS D 544 28.98 -36.61 -40.35
N THR D 545 28.41 -37.75 -40.71
CA THR D 545 26.99 -37.81 -41.07
C THR D 545 26.14 -37.44 -39.87
N GLY D 546 25.16 -36.56 -40.08
CA GLY D 546 24.30 -36.09 -39.02
C GLY D 546 24.88 -34.98 -38.18
N PHE D 547 26.06 -34.47 -38.50
CA PHE D 547 26.68 -33.43 -37.71
C PHE D 547 25.99 -32.09 -37.96
N SER D 548 25.65 -31.40 -36.87
CA SER D 548 25.09 -30.06 -36.96
C SER D 548 26.24 -29.05 -36.99
N GLY D 549 25.91 -27.76 -36.97
CA GLY D 549 26.94 -26.75 -36.94
C GLY D 549 27.67 -26.68 -35.61
N ALA D 550 27.02 -27.12 -34.53
CA ALA D 550 27.67 -27.17 -33.23
C ALA D 550 28.63 -28.34 -33.14
N ASP D 551 28.29 -29.47 -33.77
CA ASP D 551 29.17 -30.63 -33.78
C ASP D 551 30.46 -30.33 -34.54
N LEU D 552 30.36 -29.60 -35.65
CA LEU D 552 31.56 -29.21 -36.37
C LEU D 552 32.45 -28.30 -35.53
N GLY D 553 31.85 -27.41 -34.75
CA GLY D 553 32.62 -26.64 -33.80
C GLY D 553 33.23 -27.49 -32.72
N ASN D 554 32.52 -28.54 -32.29
CA ASN D 554 33.08 -29.51 -31.35
C ASN D 554 34.16 -30.35 -32.01
N LEU D 555 34.00 -30.68 -33.29
CA LEU D 555 35.03 -31.42 -34.00
C LEU D 555 36.32 -30.61 -34.09
N MET D 556 36.21 -29.32 -34.38
CA MET D 556 37.40 -28.47 -34.44
C MET D 556 38.04 -28.33 -33.06
N GLN D 557 37.21 -28.20 -32.02
CA GLN D 557 37.75 -28.13 -30.67
C GLN D 557 38.43 -29.44 -30.28
N ALA D 558 37.81 -30.58 -30.61
CA ALA D 558 38.42 -31.86 -30.32
C ALA D 558 39.70 -32.08 -31.12
N ALA D 559 39.72 -31.63 -32.38
CA ALA D 559 40.93 -31.75 -33.18
C ALA D 559 42.05 -30.86 -32.65
N ALA D 560 41.73 -29.69 -32.11
CA ALA D 560 42.74 -28.83 -31.51
C ALA D 560 43.26 -29.38 -30.20
N GLN D 561 42.43 -30.06 -29.42
CA GLN D 561 42.91 -30.70 -28.20
C GLN D 561 43.91 -31.81 -28.52
N ALA D 562 43.67 -32.57 -29.59
CA ALA D 562 44.62 -33.60 -30.00
C ALA D 562 45.95 -32.98 -30.41
N CYS D 563 45.94 -31.75 -30.93
CA CYS D 563 47.19 -31.08 -31.26
C CYS D 563 48.01 -30.83 -30.01
N LEU D 564 47.39 -30.40 -28.92
CA LEU D 564 48.11 -30.15 -27.69
C LEU D 564 48.69 -31.44 -27.11
N GLU D 565 47.94 -32.54 -27.18
CA GLU D 565 48.48 -33.83 -26.77
C GLU D 565 49.66 -34.23 -27.65
N ARG D 566 49.55 -33.99 -28.96
CA ARG D 566 50.65 -34.27 -29.87
C ARG D 566 51.85 -33.39 -29.56
N VAL D 567 51.61 -32.11 -29.26
CA VAL D 567 52.70 -31.20 -28.95
C VAL D 567 53.43 -31.63 -27.68
N TYR D 568 52.68 -32.01 -26.64
CA TYR D 568 53.30 -32.41 -25.39
C TYR D 568 54.15 -33.67 -25.57
N THR D 569 53.66 -34.63 -26.36
CA THR D 569 54.46 -35.81 -26.65
C THR D 569 55.72 -35.44 -27.43
N GLN D 570 55.59 -34.50 -28.37
CA GLN D 570 56.72 -34.03 -29.16
C GLN D 570 57.49 -32.92 -28.45
N ARG D 571 57.31 -32.76 -27.14
CA ARG D 571 58.03 -31.78 -26.35
C ARG D 571 58.85 -32.41 -25.24
N GLN D 572 58.32 -33.44 -24.57
CA GLN D 572 59.03 -34.15 -23.51
C GLN D 572 59.83 -35.34 -24.02
N GLN D 573 60.23 -35.32 -25.29
CA GLN D 573 60.97 -36.42 -25.89
C GLN D 573 61.72 -35.95 -27.13
N GLU D 588 55.23 -23.74 -31.94
CA GLU D 588 54.20 -23.33 -32.88
C GLU D 588 53.18 -24.44 -33.10
N PRO D 589 52.22 -24.56 -32.19
CA PRO D 589 51.19 -25.60 -32.34
C PRO D 589 50.21 -25.25 -33.45
N VAL D 590 50.09 -26.14 -34.43
CA VAL D 590 49.19 -25.95 -35.56
C VAL D 590 48.47 -27.26 -35.82
N ILE D 591 47.16 -27.18 -36.10
CA ILE D 591 46.38 -28.37 -36.38
C ILE D 591 46.83 -28.99 -37.69
N THR D 592 47.11 -30.28 -37.66
CA THR D 592 47.52 -31.02 -38.84
C THR D 592 46.44 -32.02 -39.22
N MET D 593 46.60 -32.63 -40.40
CA MET D 593 45.60 -33.57 -40.90
C MET D 593 45.46 -34.78 -40.00
N GLU D 594 46.57 -35.24 -39.40
CA GLU D 594 46.49 -36.37 -38.48
C GLU D 594 45.70 -36.00 -37.23
N ASP D 595 45.73 -34.73 -36.81
CA ASP D 595 44.93 -34.31 -35.67
C ASP D 595 43.45 -34.41 -35.97
N TRP D 596 43.04 -34.06 -37.20
CA TRP D 596 41.63 -34.14 -37.57
C TRP D 596 41.12 -35.57 -37.48
N GLU D 597 41.91 -36.54 -37.95
CA GLU D 597 41.47 -37.93 -37.92
C GLU D 597 41.32 -38.43 -36.48
N LYS D 598 42.06 -37.84 -35.54
CA LYS D 598 41.87 -38.19 -34.14
C LYS D 598 40.50 -37.77 -33.65
N ALA D 599 40.03 -36.58 -34.06
CA ALA D 599 38.73 -36.09 -33.64
C ALA D 599 37.58 -36.68 -34.44
N LEU D 600 37.86 -37.30 -35.59
CA LEU D 600 36.81 -37.91 -36.39
C LEU D 600 36.27 -39.20 -35.79
N ASN D 601 36.94 -39.74 -34.77
CA ASN D 601 36.49 -40.96 -34.11
C ASN D 601 35.93 -40.74 -32.72
N GLU D 602 36.39 -39.70 -32.01
CA GLU D 602 35.94 -39.43 -30.65
C GLU D 602 34.78 -38.45 -30.58
N VAL D 603 34.26 -38.00 -31.72
CA VAL D 603 33.15 -37.05 -31.76
C VAL D 603 31.97 -37.71 -32.44
N LYS D 604 30.83 -37.72 -31.76
CA LYS D 604 29.58 -38.25 -32.26
C LYS D 604 28.56 -37.13 -32.40
N PRO D 605 27.58 -37.27 -33.30
CA PRO D 605 26.57 -36.21 -33.45
C PRO D 605 25.75 -36.04 -32.19
N SER D 606 25.35 -34.80 -31.94
CA SER D 606 24.55 -34.48 -30.75
C SER D 606 23.06 -34.65 -30.98
N VAL D 607 22.57 -34.39 -32.18
CA VAL D 607 21.15 -34.60 -32.49
C VAL D 607 20.96 -36.06 -32.86
N LYS D 608 20.62 -36.90 -31.87
CA LYS D 608 20.53 -38.33 -32.11
C LYS D 608 19.28 -38.71 -32.89
N ASP D 609 18.21 -37.94 -32.75
CA ASP D 609 16.93 -38.21 -33.43
C ASP D 609 16.50 -36.96 -34.18
N PRO D 610 17.06 -36.73 -35.37
CA PRO D 610 16.67 -35.54 -36.14
C PRO D 610 15.20 -35.51 -36.52
N GLU D 611 14.54 -36.66 -36.61
CA GLU D 611 13.13 -36.69 -36.96
C GLU D 611 12.25 -36.02 -35.91
N LYS D 612 12.75 -35.89 -34.68
CA LYS D 612 12.00 -35.23 -33.62
C LYS D 612 11.81 -33.74 -33.90
N TYR D 613 12.71 -33.12 -34.68
CA TYR D 613 12.63 -31.71 -34.98
C TYR D 613 12.32 -31.41 -36.44
N MET D 614 12.57 -32.35 -37.35
CA MET D 614 12.26 -32.13 -38.76
C MET D 614 10.77 -32.11 -39.04
N HIS D 615 9.95 -32.65 -38.14
CA HIS D 615 8.51 -32.73 -38.32
C HIS D 615 7.87 -31.80 -37.31
N SER D 616 7.72 -30.53 -37.69
CA SER D 616 7.11 -29.52 -36.83
C SER D 616 6.76 -28.27 -37.63
CA MET E 15 44.13 12.76 -3.32
C MET E 15 44.64 13.14 -4.70
N SER E 16 45.51 12.32 -5.27
CA SER E 16 46.12 12.57 -6.57
C SER E 16 45.63 11.55 -7.59
N ILE E 17 46.09 11.70 -8.82
CA ILE E 17 45.70 10.78 -9.89
C ILE E 17 46.22 9.37 -9.61
N LEU E 18 47.42 9.27 -9.04
CA LEU E 18 48.01 7.96 -8.78
C LEU E 18 47.18 7.17 -7.78
N ASP E 19 46.41 7.85 -6.92
CA ASP E 19 45.62 7.16 -5.91
C ASP E 19 44.48 6.35 -6.50
N ILE E 20 44.13 6.57 -7.76
CA ILE E 20 43.09 5.81 -8.44
C ILE E 20 43.72 5.13 -9.66
N ALA E 21 43.52 3.82 -9.75
CA ALA E 21 44.15 3.01 -10.79
C ALA E 21 43.19 1.94 -11.26
N GLY E 22 43.48 1.37 -12.42
CA GLY E 22 42.61 0.38 -13.04
C GLY E 22 41.44 0.96 -13.80
N VAL E 23 41.41 2.27 -14.00
CA VAL E 23 40.30 2.94 -14.67
C VAL E 23 40.83 3.71 -15.87
N ASP E 24 41.86 3.15 -16.53
CA ASP E 24 42.51 3.84 -17.65
C ASP E 24 41.51 4.30 -18.70
N ASP E 25 40.50 3.46 -18.99
CA ASP E 25 39.46 3.88 -19.93
C ASP E 25 38.69 5.08 -19.39
N THR E 26 38.35 5.06 -18.10
CA THR E 26 37.62 6.17 -17.50
C THR E 26 38.47 7.44 -17.46
N LEU E 27 39.75 7.32 -17.10
CA LEU E 27 40.61 8.49 -17.00
C LEU E 27 40.85 9.16 -18.35
N GLN E 28 40.74 8.42 -19.44
CA GLN E 28 40.93 9.01 -20.75
C GLN E 28 39.65 9.58 -21.34
N ARG E 29 38.51 8.95 -21.06
CA ARG E 29 37.22 9.51 -21.49
C ARG E 29 36.96 10.84 -20.81
N LEU E 30 37.21 10.94 -19.51
CA LEU E 30 36.94 12.17 -18.77
C LEU E 30 37.89 13.30 -19.12
N LEU E 31 38.97 13.01 -19.85
CA LEU E 31 39.87 14.08 -20.27
C LEU E 31 39.18 15.03 -21.25
N LYS E 32 38.40 14.49 -22.17
CA LYS E 32 37.68 15.30 -23.15
C LYS E 32 36.30 15.73 -22.67
N GLU E 33 35.85 15.23 -21.53
CA GLU E 33 34.50 15.51 -21.04
C GLU E 33 34.46 16.35 -19.77
N VAL E 34 35.49 16.26 -18.93
CA VAL E 34 35.57 17.03 -17.69
C VAL E 34 36.69 18.05 -17.74
N TRP E 35 37.89 17.62 -18.15
CA TRP E 35 39.02 18.54 -18.20
C TRP E 35 38.83 19.61 -19.27
N PHE E 36 38.44 19.21 -20.47
CA PHE E 36 38.33 20.16 -21.56
C PHE E 36 37.28 21.24 -21.34
N PRO E 37 36.04 20.92 -20.94
CA PRO E 37 35.06 21.99 -20.73
C PRO E 37 35.47 22.98 -19.66
N LEU E 38 36.22 22.54 -18.65
CA LEU E 38 36.61 23.43 -17.55
C LEU E 38 37.91 24.17 -17.86
N ARG E 39 38.99 23.43 -18.09
CA ARG E 39 40.28 24.07 -18.32
C ARG E 39 40.36 24.67 -19.72
N GLY E 40 39.87 23.95 -20.72
CA GLY E 40 39.93 24.43 -22.09
C GLY E 40 38.72 25.23 -22.51
N GLY E 41 38.27 26.14 -21.65
CA GLY E 41 37.14 26.99 -21.97
C GLY E 41 37.44 28.17 -22.87
N GLU E 42 38.72 28.41 -23.16
CA GLU E 42 39.07 29.50 -24.05
C GLU E 42 38.68 29.19 -25.49
N ALA E 43 38.79 27.93 -25.90
CA ALA E 43 38.42 27.55 -27.25
C ALA E 43 36.91 27.63 -27.46
N CYS E 44 36.12 27.31 -26.44
CA CYS E 44 34.67 27.35 -26.58
C CYS E 44 34.17 28.77 -26.83
N GLU E 45 34.78 29.76 -26.17
CA GLU E 45 34.36 31.14 -26.37
C GLU E 45 34.66 31.62 -27.79
N LYS E 46 35.73 31.12 -28.40
CA LYS E 46 36.08 31.53 -29.75
C LYS E 46 34.98 31.15 -30.74
N MET E 47 34.46 29.92 -30.64
CA MET E 47 33.39 29.46 -31.51
C MET E 47 32.01 29.75 -30.92
N GLY E 48 31.92 30.26 -29.71
CA GLY E 48 30.65 30.55 -29.08
C GLY E 48 29.80 29.32 -28.88
N TYR E 49 30.26 28.42 -28.01
CA TYR E 49 29.58 27.15 -27.78
C TYR E 49 29.59 26.85 -26.29
N ARG E 50 28.42 26.84 -25.67
CA ARG E 50 28.30 26.53 -24.24
C ARG E 50 28.55 25.05 -24.04
N TYR E 51 29.74 24.71 -23.56
CA TYR E 51 30.10 23.30 -23.30
C TYR E 51 29.87 22.95 -21.83
N ASP E 52 28.60 23.01 -21.43
CA ASP E 52 28.18 22.60 -20.09
C ASP E 52 27.85 21.11 -20.15
N ASN E 53 28.64 20.30 -19.45
CA ASN E 53 28.57 18.86 -19.56
C ASN E 53 28.13 18.23 -18.24
N GLY E 54 27.49 17.07 -18.35
CA GLY E 54 27.07 16.32 -17.19
C GLY E 54 27.51 14.87 -17.27
N VAL E 55 28.19 14.39 -16.23
CA VAL E 55 28.78 13.06 -16.22
C VAL E 55 28.24 12.27 -15.04
N LEU E 56 27.83 11.03 -15.29
CA LEU E 56 27.31 10.14 -14.26
C LEU E 56 28.22 8.93 -14.15
N LEU E 57 28.68 8.64 -12.93
CA LEU E 57 29.53 7.49 -12.65
C LEU E 57 28.72 6.46 -11.87
N HIS E 58 28.61 5.25 -12.41
CA HIS E 58 27.85 4.20 -11.75
C HIS E 58 28.64 2.90 -11.79
N GLY E 59 28.34 2.04 -10.83
CA GLY E 59 29.00 0.76 -10.71
C GLY E 59 28.79 0.14 -9.35
N PRO E 60 29.46 -0.97 -9.08
CA PRO E 60 29.34 -1.61 -7.76
C PRO E 60 29.90 -0.73 -6.66
N SER E 61 29.40 -0.97 -5.45
CA SER E 61 29.85 -0.20 -4.30
C SER E 61 31.33 -0.46 -4.02
N GLY E 62 32.01 0.58 -3.57
CA GLY E 62 33.43 0.49 -3.28
C GLY E 62 34.30 0.28 -4.50
N CYS E 63 34.03 1.00 -5.59
CA CYS E 63 34.82 0.91 -6.80
C CYS E 63 35.49 2.25 -7.13
N GLY E 64 35.79 3.04 -6.10
CA GLY E 64 36.52 4.28 -6.31
C GLY E 64 35.76 5.38 -6.98
N LYS E 65 34.43 5.39 -6.87
CA LYS E 65 33.65 6.47 -7.47
C LYS E 65 33.87 7.78 -6.73
N THR E 66 33.85 7.74 -5.40
CA THR E 66 34.06 8.95 -4.61
C THR E 66 35.48 9.49 -4.79
N THR E 67 36.47 8.61 -4.77
CA THR E 67 37.86 9.06 -4.87
C THR E 67 38.17 9.63 -6.24
N LEU E 68 37.57 9.05 -7.30
CA LEU E 68 37.85 9.52 -8.65
C LEU E 68 37.42 10.97 -8.84
N ALA E 69 36.27 11.35 -8.28
CA ALA E 69 35.82 12.73 -8.37
C ALA E 69 36.76 13.69 -7.67
N HIS E 70 37.24 13.30 -6.49
CA HIS E 70 38.13 14.19 -5.73
C HIS E 70 39.51 14.28 -6.38
N ALA E 71 40.00 13.16 -6.94
CA ALA E 71 41.29 13.20 -7.62
C ALA E 71 41.25 14.10 -8.84
N ILE E 72 40.19 14.02 -9.63
CA ILE E 72 40.04 14.88 -10.80
C ILE E 72 39.80 16.32 -10.37
N ALA E 73 39.19 16.53 -9.21
CA ALA E 73 38.93 17.88 -8.73
C ALA E 73 40.23 18.65 -8.52
N GLY E 74 41.23 18.02 -7.90
CA GLY E 74 42.50 18.68 -7.67
C GLY E 74 43.41 18.77 -8.88
N SER E 75 43.18 17.92 -9.89
CA SER E 75 44.04 17.89 -11.07
C SER E 75 43.68 18.97 -12.09
N ILE E 76 42.52 19.61 -11.95
CA ILE E 76 42.08 20.62 -12.89
C ILE E 76 42.35 22.03 -12.37
N GLY E 77 42.08 22.27 -11.09
CA GLY E 77 42.34 23.56 -10.50
C GLY E 77 41.22 24.56 -10.70
N VAL E 78 39.99 24.13 -10.48
CA VAL E 78 38.81 24.98 -10.56
C VAL E 78 38.03 24.87 -9.26
N ALA E 79 37.01 25.72 -9.14
CA ALA E 79 36.16 25.71 -7.95
C ALA E 79 35.39 24.40 -7.88
N PHE E 80 35.69 23.58 -6.88
CA PHE E 80 35.07 22.27 -6.72
C PHE E 80 34.05 22.34 -5.58
N ILE E 81 32.83 21.93 -5.87
CA ILE E 81 31.76 21.94 -4.89
C ILE E 81 31.35 20.51 -4.59
N PRO E 82 31.84 19.91 -3.50
CA PRO E 82 31.45 18.53 -3.16
C PRO E 82 30.13 18.53 -2.40
N VAL E 83 29.13 17.88 -2.97
CA VAL E 83 27.79 17.84 -2.41
C VAL E 83 27.35 16.38 -2.29
N SER E 84 26.82 16.02 -1.13
CA SER E 84 26.19 14.72 -0.91
C SER E 84 24.69 14.90 -0.82
N ALA E 85 23.95 13.94 -1.37
CA ALA E 85 22.49 14.08 -1.43
C ALA E 85 21.82 14.22 -0.07
N PRO E 86 22.16 13.43 0.95
CA PRO E 86 21.52 13.65 2.26
C PRO E 86 21.84 14.99 2.88
N SER E 87 22.91 15.66 2.43
CA SER E 87 23.30 16.94 3.02
C SER E 87 22.35 18.07 2.63
N VAL E 88 21.51 17.89 1.63
CA VAL E 88 20.62 18.95 1.17
C VAL E 88 19.18 18.76 1.64
N ILE E 89 18.81 17.57 2.10
CA ILE E 89 17.44 17.33 2.53
C ILE E 89 17.18 18.09 3.83
N GLY E 90 16.07 18.82 3.88
CA GLY E 90 15.71 19.62 5.02
C GLY E 90 14.50 19.08 5.76
N GLY E 91 14.04 19.87 6.73
CA GLY E 91 12.91 19.48 7.54
C GLY E 91 11.63 20.20 7.16
N THR E 92 11.72 21.48 6.84
CA THR E 92 10.55 22.26 6.45
C THR E 92 10.26 22.01 4.98
N SER E 93 9.36 22.81 4.40
CA SER E 93 8.94 22.57 3.02
C SER E 93 9.97 23.09 2.02
N GLY E 94 10.27 24.38 2.06
CA GLY E 94 11.16 24.99 1.10
C GLY E 94 12.64 24.86 1.40
N GLU E 95 13.01 24.19 2.49
CA GLU E 95 14.42 24.07 2.85
C GLU E 95 15.17 23.14 1.91
N SER E 96 14.58 21.97 1.62
CA SER E 96 15.28 20.99 0.81
C SER E 96 15.52 21.51 -0.61
N GLU E 97 14.53 22.15 -1.22
CA GLU E 97 14.69 22.65 -2.58
C GLU E 97 15.65 23.82 -2.65
N LYS E 98 15.71 24.65 -1.60
CA LYS E 98 16.61 25.80 -1.62
C LYS E 98 18.05 25.38 -1.42
N ASN E 99 18.30 24.27 -0.73
CA ASN E 99 19.66 23.76 -0.60
C ASN E 99 20.22 23.34 -1.95
N ILE E 100 19.41 22.64 -2.76
CA ILE E 100 19.85 22.26 -4.09
C ILE E 100 19.95 23.48 -5.00
N ARG E 101 19.00 24.40 -4.88
CA ARG E 101 19.01 25.61 -5.70
C ARG E 101 20.24 26.46 -5.42
N ASP E 102 20.70 26.49 -4.17
CA ASP E 102 21.89 27.26 -3.84
C ASP E 102 23.14 26.64 -4.45
N VAL E 103 23.19 25.31 -4.56
CA VAL E 103 24.36 24.64 -5.11
C VAL E 103 24.58 25.04 -6.56
N PHE E 104 23.50 25.07 -7.35
CA PHE E 104 23.62 25.43 -8.75
C PHE E 104 23.81 26.93 -8.95
N ASP E 105 23.21 27.75 -8.09
CA ASP E 105 23.42 29.19 -8.18
C ASP E 105 24.86 29.57 -7.85
N GLU E 106 25.46 28.89 -6.87
CA GLU E 106 26.85 29.18 -6.52
C GLU E 106 27.79 28.82 -7.67
N ALA E 107 27.55 27.68 -8.33
CA ALA E 107 28.43 27.25 -9.41
C ALA E 107 28.41 28.23 -10.57
N ILE E 108 27.24 28.78 -10.89
CA ILE E 108 27.15 29.78 -11.95
C ILE E 108 28.01 30.99 -11.61
N ARG E 109 27.93 31.45 -10.36
CA ARG E 109 28.77 32.56 -9.91
C ARG E 109 30.23 32.15 -9.82
N LEU E 110 30.52 30.87 -9.64
CA LEU E 110 31.89 30.37 -9.54
C LEU E 110 32.36 29.72 -10.84
N ALA E 111 31.66 29.94 -11.94
CA ALA E 111 32.03 29.32 -13.20
C ALA E 111 33.41 29.81 -13.64
N PRO E 112 34.29 28.92 -14.11
CA PRO E 112 34.07 27.47 -14.26
C PRO E 112 34.10 26.72 -12.93
N CYS E 113 33.21 25.73 -12.78
CA CYS E 113 33.07 24.99 -11.54
C CYS E 113 32.78 23.53 -11.85
N LEU E 114 33.05 22.67 -10.88
CA LEU E 114 32.85 21.23 -11.00
C LEU E 114 31.96 20.78 -9.84
N ILE E 115 30.67 20.64 -10.10
CA ILE E 115 29.73 20.14 -9.10
C ILE E 115 29.85 18.62 -9.06
N PHE E 116 29.93 18.07 -7.85
CA PHE E 116 29.93 16.63 -7.64
C PHE E 116 28.79 16.29 -6.69
N LEU E 117 27.77 15.61 -7.19
CA LEU E 117 26.61 15.20 -6.40
C LEU E 117 26.76 13.72 -6.08
N ASP E 118 27.43 13.43 -4.97
CA ASP E 118 27.63 12.04 -4.56
C ASP E 118 26.33 11.45 -4.03
N GLN E 119 26.13 10.16 -4.30
CA GLN E 119 24.93 9.44 -3.87
C GLN E 119 23.67 10.12 -4.39
N ILE E 120 23.70 10.54 -5.67
CA ILE E 120 22.61 11.32 -6.24
C ILE E 120 21.30 10.55 -6.25
N ASP E 121 21.35 9.21 -6.25
CA ASP E 121 20.13 8.42 -6.28
C ASP E 121 19.28 8.61 -5.03
N ALA E 122 19.86 9.13 -3.95
CA ALA E 122 19.08 9.37 -2.73
C ALA E 122 18.01 10.42 -2.97
N ILE E 123 18.35 11.50 -3.68
CA ILE E 123 17.41 12.58 -3.91
C ILE E 123 16.79 12.57 -5.31
N ALA E 124 17.46 11.95 -6.28
CA ALA E 124 16.99 11.96 -7.66
C ALA E 124 16.27 10.67 -8.03
N GLY E 125 15.55 10.07 -7.10
CA GLY E 125 14.80 8.86 -7.39
C GLY E 125 13.60 9.15 -8.27
N ARG E 126 13.00 8.07 -8.77
CA ARG E 126 11.87 8.20 -9.67
C ARG E 126 10.70 8.86 -8.96
N ARG E 127 10.09 9.85 -9.63
CA ARG E 127 8.91 10.51 -9.08
C ARG E 127 7.64 9.71 -9.33
N GLU E 128 7.71 8.64 -10.12
CA GLU E 128 6.57 7.75 -10.27
C GLU E 128 6.20 7.09 -8.95
N SER E 129 7.11 6.29 -8.41
CA SER E 129 6.87 5.63 -7.13
C SER E 129 6.80 6.64 -5.99
N ALA E 130 7.68 7.63 -6.01
CA ALA E 130 7.73 8.63 -4.93
C ALA E 130 6.54 9.57 -5.08
N ASN E 131 5.53 9.38 -4.23
CA ASN E 131 4.36 10.23 -4.20
C ASN E 131 4.49 11.40 -3.25
N LYS E 132 5.58 11.48 -2.49
CA LYS E 132 5.76 12.58 -1.55
C LYS E 132 5.92 13.89 -2.31
N GLY E 133 5.32 14.95 -1.76
CA GLY E 133 5.38 16.24 -2.42
C GLY E 133 6.79 16.81 -2.49
N MET E 134 7.52 16.75 -1.38
CA MET E 134 8.87 17.29 -1.36
C MET E 134 9.79 16.53 -2.30
N GLU E 135 9.67 15.20 -2.33
CA GLU E 135 10.54 14.40 -3.18
C GLU E 135 10.32 14.71 -4.65
N SER E 136 9.06 14.92 -5.06
CA SER E 136 8.78 15.31 -6.43
C SER E 136 9.37 16.67 -6.76
N ARG E 137 9.31 17.61 -5.81
CA ARG E 137 9.87 18.94 -6.03
C ARG E 137 11.40 18.93 -6.00
N ILE E 138 12.01 17.96 -5.32
CA ILE E 138 13.46 17.82 -5.35
C ILE E 138 13.93 17.48 -6.76
N VAL E 139 13.25 16.54 -7.41
CA VAL E 139 13.59 16.17 -8.78
C VAL E 139 13.42 17.36 -9.72
N ALA E 140 12.31 18.08 -9.58
CA ALA E 140 12.07 19.26 -10.42
C ALA E 140 13.06 20.38 -10.13
N GLU E 141 13.64 20.43 -8.94
CA GLU E 141 14.63 21.45 -8.64
C GLU E 141 15.98 21.13 -9.27
N ILE E 142 16.35 19.84 -9.35
CA ILE E 142 17.58 19.47 -10.02
C ILE E 142 17.46 19.70 -11.53
N MET E 143 16.28 19.41 -12.10
CA MET E 143 16.07 19.65 -13.52
C MET E 143 16.17 21.14 -13.85
N ASN E 144 15.57 21.99 -13.02
CA ASN E 144 15.68 23.44 -13.25
C ASN E 144 17.11 23.91 -13.05
N GLY E 145 17.81 23.35 -12.06
CA GLY E 145 19.18 23.79 -11.80
C GLY E 145 20.11 23.47 -12.95
N MET E 146 20.03 22.26 -13.50
CA MET E 146 20.92 21.88 -14.59
C MET E 146 20.61 22.64 -15.87
N ASP E 147 19.37 23.10 -16.03
CA ASP E 147 19.03 23.91 -17.19
C ASP E 147 19.58 25.33 -17.06
N ARG E 148 19.61 25.87 -15.85
CA ARG E 148 20.18 27.21 -15.65
C ARG E 148 21.67 27.23 -16.00
N ILE E 149 22.39 26.17 -15.64
CA ILE E 149 23.80 26.07 -15.99
C ILE E 149 23.97 26.06 -17.51
N ARG E 150 23.12 25.30 -18.20
CA ARG E 150 23.16 25.23 -19.66
C ARG E 150 22.79 26.54 -20.33
N GLN E 151 22.16 27.47 -19.62
CA GLN E 151 21.62 28.67 -20.23
C GLN E 151 22.14 29.98 -19.65
N ASN E 152 22.61 29.99 -18.40
CA ASN E 152 22.96 31.22 -17.71
C ASN E 152 24.44 31.26 -17.31
N THR E 153 25.32 30.86 -18.23
CA THR E 153 26.75 30.92 -17.98
C THR E 153 27.45 31.63 -19.13
N PRO E 154 28.55 32.33 -18.85
CA PRO E 154 29.33 32.94 -19.92
C PRO E 154 29.94 31.88 -20.83
N LEU E 155 30.25 32.30 -22.06
CA LEU E 155 30.78 31.38 -23.05
C LEU E 155 32.13 30.81 -22.62
N GLY E 156 32.99 31.64 -22.05
CA GLY E 156 34.30 31.18 -21.64
C GLY E 156 34.35 30.37 -20.36
N LYS E 157 33.25 30.31 -19.63
CA LYS E 157 33.19 29.62 -18.34
C LYS E 157 32.09 28.58 -18.38
N ASN E 158 32.48 27.30 -18.27
CA ASN E 158 31.54 26.20 -18.31
C ASN E 158 31.53 25.48 -16.97
N VAL E 159 30.38 24.88 -16.66
CA VAL E 159 30.18 24.16 -15.41
C VAL E 159 29.92 22.70 -15.72
N VAL E 160 30.65 21.80 -15.06
CA VAL E 160 30.54 20.36 -15.27
C VAL E 160 29.96 19.74 -14.00
N VAL E 161 28.91 18.96 -14.16
CA VAL E 161 28.21 18.33 -13.04
C VAL E 161 28.59 16.85 -13.01
N LEU E 162 29.21 16.43 -11.92
CA LEU E 162 29.54 15.03 -11.68
C LEU E 162 28.56 14.42 -10.70
N ALA E 163 28.27 13.14 -10.90
CA ALA E 163 27.34 12.44 -10.01
C ALA E 163 27.74 10.98 -9.94
N ALA E 164 27.44 10.36 -8.80
CA ALA E 164 27.73 8.96 -8.57
C ALA E 164 26.51 8.27 -7.97
N THR E 165 26.23 7.06 -8.44
CA THR E 165 25.11 6.28 -7.94
C THR E 165 25.42 4.80 -8.08
N ASN E 166 25.06 4.04 -7.05
CA ASN E 166 25.24 2.58 -7.11
C ASN E 166 24.20 1.92 -8.00
N ARG E 167 23.02 2.51 -8.11
CA ARG E 167 21.93 1.97 -8.93
C ARG E 167 21.44 3.07 -9.86
N PRO E 168 22.06 3.22 -11.03
CA PRO E 168 21.61 4.27 -11.96
C PRO E 168 20.18 4.10 -12.42
N GLU E 169 19.66 2.88 -12.43
CA GLU E 169 18.27 2.66 -12.84
C GLU E 169 17.27 3.24 -11.85
N PHE E 170 17.71 3.51 -10.61
CA PHE E 170 16.82 4.14 -9.63
C PHE E 170 16.61 5.61 -9.92
N LEU E 171 17.47 6.23 -10.71
CA LEU E 171 17.33 7.64 -11.03
C LEU E 171 16.11 7.88 -11.91
N ASP E 172 15.57 9.08 -11.82
CA ASP E 172 14.46 9.46 -12.68
C ASP E 172 14.95 9.62 -14.12
N PRO E 173 14.18 9.14 -15.10
CA PRO E 173 14.61 9.26 -16.50
C PRO E 173 14.84 10.70 -16.94
N ALA E 174 14.09 11.65 -16.39
CA ALA E 174 14.33 13.05 -16.72
C ALA E 174 15.64 13.54 -16.15
N ILE E 175 15.99 13.07 -14.94
CA ILE E 175 17.29 13.41 -14.37
C ILE E 175 18.41 12.68 -15.13
N ARG E 176 18.19 11.40 -15.45
CA ARG E 176 19.25 10.60 -16.05
C ARG E 176 19.58 11.07 -17.47
N ARG E 177 18.59 11.57 -18.22
CA ARG E 177 18.86 12.04 -19.56
C ARG E 177 19.74 13.28 -19.58
N ARG E 178 19.78 14.04 -18.49
CA ARG E 178 20.59 15.25 -18.43
C ARG E 178 22.08 14.95 -18.25
N PHE E 179 22.44 13.69 -18.01
CA PHE E 179 23.84 13.27 -17.99
C PHE E 179 24.17 12.68 -19.35
N SER E 180 24.96 13.41 -20.14
CA SER E 180 25.29 12.96 -21.49
C SER E 180 26.19 11.74 -21.47
N VAL E 181 27.01 11.59 -20.43
CA VAL E 181 28.00 10.52 -20.35
C VAL E 181 27.72 9.70 -19.10
N GLU E 182 27.63 8.39 -19.27
CA GLU E 182 27.56 7.43 -18.17
C GLU E 182 28.79 6.54 -18.23
N ILE E 183 29.44 6.35 -17.08
CA ILE E 183 30.65 5.55 -16.99
C ILE E 183 30.39 4.41 -16.01
N ASP E 184 30.63 3.18 -16.47
CA ASP E 184 30.38 1.98 -15.68
C ASP E 184 31.71 1.51 -15.11
N MET E 185 31.99 1.93 -13.87
CA MET E 185 33.20 1.49 -13.17
C MET E 185 32.89 0.16 -12.48
N GLY E 186 32.94 -0.91 -13.28
CA GLY E 186 32.53 -2.21 -12.83
C GLY E 186 33.59 -2.92 -12.00
N MET E 187 33.41 -4.23 -11.87
CA MET E 187 34.33 -5.04 -11.09
C MET E 187 35.71 -5.05 -11.72
N PRO E 188 36.77 -4.85 -10.95
CA PRO E 188 38.12 -4.87 -11.54
C PRO E 188 38.48 -6.26 -12.06
N SER E 189 39.27 -6.27 -13.12
CA SER E 189 39.76 -7.52 -13.70
C SER E 189 41.13 -7.84 -13.09
N GLU E 190 41.74 -8.94 -13.57
CA GLU E 190 43.04 -9.34 -13.04
C GLU E 190 44.09 -8.27 -13.26
N ARG E 191 44.10 -7.67 -14.45
CA ARG E 191 45.02 -6.55 -14.69
C ARG E 191 44.68 -5.36 -13.82
N ALA E 192 43.38 -5.06 -13.67
CA ALA E 192 42.98 -3.92 -12.86
C ALA E 192 43.34 -4.13 -11.39
N ARG E 193 43.07 -5.32 -10.84
CA ARG E 193 43.43 -5.59 -9.45
C ARG E 193 44.94 -5.55 -9.26
N GLU E 194 45.69 -6.01 -10.26
CA GLU E 194 47.14 -5.89 -10.19
C GLU E 194 47.57 -4.43 -10.15
N GLN E 195 46.92 -3.58 -10.95
CA GLN E 195 47.22 -2.16 -10.91
C GLN E 195 46.81 -1.54 -9.58
N ILE E 196 45.66 -1.97 -9.04
CA ILE E 196 45.19 -1.41 -7.77
C ILE E 196 46.17 -1.72 -6.65
N LEU E 197 46.66 -2.95 -6.60
CA LEU E 197 47.64 -3.31 -5.58
C LEU E 197 48.92 -2.49 -5.72
N ARG E 198 49.38 -2.28 -6.96
CA ARG E 198 50.56 -1.48 -7.19
C ARG E 198 50.32 0.02 -6.93
N SER E 199 49.07 0.44 -6.79
CA SER E 199 48.78 1.84 -6.52
C SER E 199 48.66 2.15 -5.03
N LEU E 200 48.38 1.14 -4.20
CA LEU E 200 48.29 1.32 -2.76
C LEU E 200 49.57 0.95 -2.03
N THR E 201 50.35 0.02 -2.57
CA THR E 201 51.60 -0.41 -1.96
C THR E 201 52.82 0.26 -2.58
N ARG E 202 52.61 1.27 -3.42
CA ARG E 202 53.74 1.92 -4.10
C ARG E 202 54.60 2.72 -3.11
N ASP E 203 53.99 3.26 -2.06
CA ASP E 203 54.70 4.11 -1.10
C ASP E 203 55.02 3.37 0.19
N LEU E 204 55.35 2.08 0.10
CA LEU E 204 55.71 1.30 1.28
C LEU E 204 57.14 0.75 1.16
N ILE E 210 57.62 -7.38 -5.02
CA ILE E 210 56.61 -8.38 -4.72
C ILE E 210 55.83 -8.72 -5.98
N ASN E 211 55.68 -10.02 -6.25
CA ASN E 211 54.96 -10.48 -7.43
C ASN E 211 53.47 -10.23 -7.23
N PHE E 212 52.96 -9.14 -7.82
CA PHE E 212 51.56 -8.80 -7.69
C PHE E 212 50.66 -9.63 -8.59
N LYS E 213 51.23 -10.31 -9.60
CA LYS E 213 50.41 -11.14 -10.49
C LYS E 213 49.80 -12.30 -9.72
N GLU E 214 50.56 -12.93 -8.83
CA GLU E 214 50.00 -13.99 -8.00
C GLU E 214 48.93 -13.46 -7.06
N LEU E 215 49.14 -12.27 -6.50
CA LEU E 215 48.13 -11.66 -5.66
C LEU E 215 46.88 -11.32 -6.45
N ALA E 216 47.05 -10.81 -7.67
CA ALA E 216 45.89 -10.42 -8.48
C ALA E 216 45.04 -11.63 -8.84
N LYS E 217 45.68 -12.75 -9.22
CA LYS E 217 44.92 -13.91 -9.64
C LYS E 217 44.33 -14.70 -8.48
N MET E 218 44.86 -14.53 -7.27
CA MET E 218 44.35 -15.25 -6.11
C MET E 218 43.17 -14.56 -5.45
N THR E 219 42.76 -13.39 -5.96
CA THR E 219 41.67 -12.61 -5.38
C THR E 219 40.64 -12.28 -6.45
N PRO E 220 39.88 -13.27 -6.92
CA PRO E 220 38.82 -12.97 -7.88
C PRO E 220 37.57 -12.46 -7.19
N GLY E 221 36.93 -11.48 -7.82
CA GLY E 221 35.73 -10.87 -7.26
C GLY E 221 36.00 -9.77 -6.25
N TYR E 222 37.25 -9.50 -5.91
CA TYR E 222 37.57 -8.42 -5.00
C TYR E 222 37.40 -7.07 -5.68
N VAL E 223 36.99 -6.08 -4.89
CA VAL E 223 36.80 -4.72 -5.38
C VAL E 223 37.95 -3.86 -4.85
N GLY E 224 37.99 -2.61 -5.31
CA GLY E 224 39.05 -1.70 -4.89
C GLY E 224 39.09 -1.49 -3.39
N SER E 225 37.93 -1.42 -2.75
CA SER E 225 37.90 -1.27 -1.30
C SER E 225 38.35 -2.55 -0.60
N ASP E 226 37.99 -3.72 -1.15
CA ASP E 226 38.44 -4.97 -0.56
C ASP E 226 39.95 -5.13 -0.66
N LEU E 227 40.53 -4.73 -1.79
CA LEU E 227 41.98 -4.78 -1.93
C LEU E 227 42.69 -3.80 -1.01
N GLN E 228 41.99 -2.75 -0.55
CA GLN E 228 42.61 -1.83 0.40
C GLN E 228 42.72 -2.45 1.78
N TYR E 229 41.73 -3.24 2.18
CA TYR E 229 41.80 -3.93 3.46
C TYR E 229 42.94 -4.95 3.47
N VAL E 230 43.15 -5.63 2.33
CA VAL E 230 44.25 -6.58 2.24
C VAL E 230 45.59 -5.87 2.41
N VAL E 231 45.74 -4.70 1.80
CA VAL E 231 46.96 -3.92 2.00
C VAL E 231 47.10 -3.51 3.45
N LYS E 232 46.00 -3.04 4.06
CA LYS E 232 46.04 -2.69 5.48
C LYS E 232 46.30 -3.90 6.35
N ALA E 233 45.70 -5.05 6.00
CA ALA E 233 45.94 -6.27 6.77
C ALA E 233 47.39 -6.69 6.71
N ALA E 234 48.00 -6.62 5.52
CA ALA E 234 49.41 -6.97 5.40
C ALA E 234 50.29 -5.98 6.17
N VAL E 235 49.96 -4.69 6.10
CA VAL E 235 50.71 -3.70 6.88
C VAL E 235 50.53 -3.92 8.37
N SER E 236 49.29 -4.19 8.80
CA SER E 236 49.04 -4.45 10.21
C SER E 236 49.76 -5.71 10.67
N GLU E 237 49.72 -6.77 9.85
CA GLU E 237 50.41 -8.01 10.20
C GLU E 237 51.92 -7.85 10.15
N SER E 238 52.44 -6.88 9.40
CA SER E 238 53.86 -6.62 9.36
C SER E 238 54.36 -5.85 10.57
N PHE E 239 53.45 -5.33 11.40
CA PHE E 239 53.81 -4.62 12.61
C PHE E 239 53.57 -5.43 13.88
N GLN E 240 52.99 -6.63 13.75
CA GLN E 240 52.83 -7.49 14.92
C GLN E 240 54.17 -8.01 15.42
N ALA E 241 55.12 -8.24 14.52
CA ALA E 241 56.44 -8.72 14.89
C ALA E 241 57.25 -7.62 15.58
N LYS E 286 59.18 -3.54 6.52
CA LYS E 286 59.14 -4.14 5.19
C LYS E 286 58.18 -5.33 5.18
N ILE E 287 57.35 -5.42 4.14
CA ILE E 287 56.33 -6.44 4.04
C ILE E 287 56.78 -7.50 3.05
N THR E 288 56.69 -8.76 3.45
CA THR E 288 57.09 -9.88 2.61
C THR E 288 55.90 -10.42 1.83
N MET E 289 56.20 -11.19 0.78
CA MET E 289 55.15 -11.73 -0.08
C MET E 289 54.25 -12.70 0.69
N GLU E 290 54.83 -13.54 1.54
CA GLU E 290 54.04 -14.51 2.29
C GLU E 290 53.04 -13.85 3.23
N GLN E 291 53.32 -12.61 3.64
CA GLN E 291 52.37 -11.90 4.50
C GLN E 291 51.07 -11.58 3.75
N PHE E 292 51.18 -11.23 2.47
CA PHE E 292 49.98 -10.94 1.68
C PHE E 292 49.10 -12.17 1.52
N ARG E 293 49.72 -13.34 1.34
CA ARG E 293 48.94 -14.57 1.21
C ARG E 293 48.12 -14.83 2.47
N LYS E 294 48.71 -14.63 3.64
CA LYS E 294 47.96 -14.76 4.88
C LYS E 294 46.93 -13.65 5.01
N ALA E 295 47.26 -12.44 4.58
CA ALA E 295 46.34 -11.32 4.69
C ALA E 295 45.15 -11.44 3.75
N VAL E 296 45.35 -12.07 2.58
CA VAL E 296 44.27 -12.21 1.62
C VAL E 296 43.15 -13.07 2.20
N SER E 297 43.50 -14.19 2.85
CA SER E 297 42.48 -15.05 3.44
C SER E 297 41.80 -14.40 4.64
N LEU E 298 42.44 -13.41 5.27
CA LEU E 298 41.83 -12.76 6.42
C LEU E 298 40.65 -11.89 6.01
N VAL E 299 40.75 -11.21 4.87
CA VAL E 299 39.73 -10.28 4.41
C VAL E 299 38.97 -10.95 3.27
N GLN E 300 37.66 -11.09 3.44
CA GLN E 300 36.80 -11.66 2.42
C GLN E 300 36.05 -10.56 1.68
N PRO E 301 35.74 -10.77 0.40
CA PRO E 301 35.01 -9.74 -0.35
C PRO E 301 33.60 -9.54 0.19
N ALA E 302 33.12 -8.31 0.07
CA ALA E 302 31.79 -7.95 0.56
C ALA E 302 30.83 -7.71 -0.60
N SER E 309 31.61 -17.08 -5.02
CA SER E 309 31.60 -17.08 -3.55
C SER E 309 33.01 -17.17 -2.97
N THR E 310 33.40 -18.38 -2.58
CA THR E 310 34.70 -18.62 -1.95
C THR E 310 35.48 -19.65 -2.75
N ILE E 311 36.77 -19.41 -2.91
CA ILE E 311 37.64 -20.38 -3.59
C ILE E 311 37.77 -21.62 -2.70
N PRO E 312 37.53 -22.81 -3.22
CA PRO E 312 37.66 -24.01 -2.39
C PRO E 312 39.09 -24.21 -1.93
N ASP E 313 39.24 -24.80 -0.75
CA ASP E 313 40.53 -25.18 -0.20
C ASP E 313 40.85 -26.64 -0.47
N THR E 314 40.07 -27.30 -1.32
CA THR E 314 40.26 -28.72 -1.61
C THR E 314 41.20 -28.84 -2.82
N THR E 315 42.39 -29.39 -2.58
CA THR E 315 43.34 -29.64 -3.66
C THR E 315 43.15 -31.06 -4.20
N TRP E 316 43.93 -31.42 -5.22
CA TRP E 316 43.88 -32.78 -5.72
C TRP E 316 44.54 -33.76 -4.78
N SER E 317 45.37 -33.29 -3.86
CA SER E 317 45.88 -34.16 -2.80
C SER E 317 44.74 -34.64 -1.91
N HIS E 318 43.70 -33.82 -1.75
CA HIS E 318 42.50 -34.22 -1.01
C HIS E 318 41.67 -35.26 -1.76
N VAL E 319 41.96 -35.50 -3.04
CA VAL E 319 41.20 -36.41 -3.88
C VAL E 319 42.02 -37.68 -4.09
N GLY E 320 41.41 -38.83 -3.85
CA GLY E 320 42.07 -40.10 -4.06
C GLY E 320 41.77 -40.65 -5.44
N ALA E 321 42.81 -41.22 -6.07
CA ALA E 321 42.72 -41.75 -7.43
C ALA E 321 42.17 -40.72 -8.39
N LEU E 322 41.27 -41.13 -9.28
CA LEU E 322 40.63 -40.25 -10.24
C LEU E 322 41.66 -39.54 -11.11
N GLU E 323 42.50 -40.33 -11.77
CA GLU E 323 43.52 -39.80 -12.66
C GLU E 323 42.99 -39.57 -14.07
N ASP E 324 42.23 -40.52 -14.61
CA ASP E 324 41.64 -40.34 -15.93
C ASP E 324 40.67 -39.16 -15.95
N VAL E 325 39.86 -39.03 -14.89
CA VAL E 325 38.95 -37.90 -14.79
C VAL E 325 39.72 -36.59 -14.71
N ARG E 326 40.81 -36.58 -13.94
CA ARG E 326 41.60 -35.37 -13.78
C ARG E 326 42.22 -34.94 -15.10
N LYS E 327 42.69 -35.90 -15.90
CA LYS E 327 43.34 -35.57 -17.17
C LYS E 327 42.40 -34.82 -18.11
N LYS E 328 41.15 -35.27 -18.20
CA LYS E 328 40.19 -34.59 -19.06
C LYS E 328 39.94 -33.17 -18.58
N LEU E 329 39.79 -32.98 -17.27
CA LEU E 329 39.54 -31.65 -16.74
C LEU E 329 40.77 -30.75 -16.85
N GLU E 330 41.96 -31.35 -16.90
CA GLU E 330 43.17 -30.56 -17.09
C GLU E 330 43.27 -29.96 -18.48
N MET E 331 42.41 -30.38 -19.41
CA MET E 331 42.38 -29.83 -20.76
C MET E 331 41.08 -29.14 -21.10
N SER E 332 39.97 -29.49 -20.44
CA SER E 332 38.67 -28.89 -20.73
C SER E 332 38.45 -27.61 -19.94
N ILE E 333 38.68 -27.64 -18.63
CA ILE E 333 38.42 -26.51 -17.75
C ILE E 333 39.73 -25.95 -17.19
N ILE E 334 40.53 -26.79 -16.55
CA ILE E 334 41.75 -26.32 -15.89
C ILE E 334 42.74 -25.78 -16.93
N GLY E 335 42.78 -26.41 -18.09
CA GLY E 335 43.67 -26.01 -19.15
C GLY E 335 43.49 -24.55 -19.58
N PRO E 336 42.35 -24.24 -20.18
CA PRO E 336 42.14 -22.87 -20.66
C PRO E 336 41.76 -21.89 -19.58
N ILE E 337 42.44 -21.96 -18.43
CA ILE E 337 42.34 -20.94 -17.39
C ILE E 337 43.76 -20.51 -17.01
N LYS E 338 44.60 -21.49 -16.67
CA LYS E 338 45.99 -21.19 -16.31
C LYS E 338 46.75 -20.62 -17.50
N ASN E 339 46.52 -21.15 -18.69
CA ASN E 339 47.21 -20.70 -19.91
C ASN E 339 46.16 -20.36 -20.97
N PRO E 340 45.46 -19.23 -20.80
CA PRO E 340 44.44 -18.85 -21.80
C PRO E 340 45.00 -18.60 -23.18
N GLU E 341 46.21 -18.08 -23.30
CA GLU E 341 46.79 -17.80 -24.61
C GLU E 341 47.19 -19.05 -25.37
N LEU E 342 47.69 -20.07 -24.68
CA LEU E 342 48.06 -21.31 -25.34
C LEU E 342 46.85 -21.97 -25.99
N PHE E 343 45.72 -21.99 -25.29
CA PHE E 343 44.49 -22.54 -25.84
C PHE E 343 43.82 -21.59 -26.83
N THR E 344 44.15 -20.30 -26.77
CA THR E 344 43.59 -19.36 -27.74
C THR E 344 44.27 -19.51 -29.10
N ARG E 345 45.59 -19.75 -29.11
CA ARG E 345 46.30 -19.88 -30.37
C ARG E 345 45.80 -21.08 -31.17
N VAL E 346 45.56 -22.21 -30.50
CA VAL E 346 45.08 -23.41 -31.19
C VAL E 346 43.58 -23.38 -31.42
N GLY E 347 42.91 -22.29 -31.08
CA GLY E 347 41.48 -22.19 -31.33
C GLY E 347 40.61 -22.99 -30.42
N ILE E 348 41.10 -23.35 -29.23
CA ILE E 348 40.28 -24.10 -28.27
C ILE E 348 39.39 -23.12 -27.53
N LYS E 349 38.18 -22.92 -28.05
CA LYS E 349 37.20 -22.13 -27.34
C LYS E 349 36.49 -23.01 -26.32
N PRO E 350 36.61 -22.73 -25.02
CA PRO E 350 35.92 -23.57 -24.03
C PRO E 350 34.41 -23.49 -24.20
N ALA E 351 33.76 -24.62 -23.98
CA ALA E 351 32.31 -24.70 -24.07
C ALA E 351 31.70 -24.16 -22.77
N ALA E 352 30.39 -24.33 -22.61
CA ALA E 352 29.75 -23.89 -21.37
C ALA E 352 30.29 -24.66 -20.17
N GLY E 353 30.50 -25.97 -20.33
CA GLY E 353 31.08 -26.73 -19.25
C GLY E 353 30.99 -28.23 -19.50
N ILE E 354 31.12 -28.98 -18.43
CA ILE E 354 31.28 -30.44 -18.46
C ILE E 354 30.17 -31.07 -17.62
N LEU E 355 29.60 -32.15 -18.13
CA LEU E 355 28.60 -32.92 -17.41
C LEU E 355 29.29 -34.12 -16.75
N LEU E 356 29.40 -34.08 -15.42
CA LEU E 356 29.96 -35.19 -14.66
C LEU E 356 28.83 -36.15 -14.30
N TRP E 357 28.90 -37.38 -14.81
CA TRP E 357 27.89 -38.39 -14.55
C TRP E 357 28.53 -39.60 -13.88
N GLY E 358 27.94 -40.03 -12.77
CA GLY E 358 28.43 -41.17 -12.04
C GLY E 358 27.56 -41.48 -10.83
N PRO E 359 27.77 -42.65 -10.22
CA PRO E 359 26.97 -43.02 -9.06
C PRO E 359 27.23 -42.07 -7.90
N PRO E 360 26.23 -41.84 -7.05
CA PRO E 360 26.42 -40.91 -5.93
C PRO E 360 27.45 -41.43 -4.94
N GLY E 361 28.09 -40.49 -4.24
CA GLY E 361 29.11 -40.84 -3.28
C GLY E 361 30.50 -41.03 -3.85
N CYS E 362 30.73 -40.65 -5.11
CA CYS E 362 32.02 -40.80 -5.75
C CYS E 362 32.83 -39.51 -5.76
N GLY E 363 32.44 -38.51 -4.98
CA GLY E 363 33.20 -37.29 -4.89
C GLY E 363 33.06 -36.35 -6.07
N LYS E 364 31.93 -36.38 -6.76
CA LYS E 364 31.73 -35.48 -7.90
C LYS E 364 31.77 -34.02 -7.45
N THR E 365 31.16 -33.72 -6.30
CA THR E 365 31.27 -32.38 -5.74
C THR E 365 32.72 -32.08 -5.35
N LEU E 366 33.43 -33.07 -4.81
CA LEU E 366 34.81 -32.87 -4.41
C LEU E 366 35.70 -32.58 -5.62
N VAL E 367 35.46 -33.27 -6.73
CA VAL E 367 36.25 -33.06 -7.93
C VAL E 367 36.08 -31.64 -8.45
N ALA E 368 34.84 -31.14 -8.45
CA ALA E 368 34.60 -29.78 -8.92
C ALA E 368 35.30 -28.76 -8.03
N LYS E 369 35.30 -28.99 -6.72
CA LYS E 369 35.99 -28.09 -5.81
C LYS E 369 37.49 -28.10 -6.07
N ALA E 370 38.05 -29.26 -6.40
CA ALA E 370 39.46 -29.34 -6.74
C ALA E 370 39.78 -28.54 -8.00
N VAL E 371 38.90 -28.59 -8.99
CA VAL E 371 39.11 -27.87 -10.24
C VAL E 371 39.14 -26.36 -9.98
N ALA E 372 38.21 -25.87 -9.15
CA ALA E 372 38.17 -24.45 -8.84
C ALA E 372 39.40 -24.02 -8.05
N ASN E 373 39.88 -24.89 -7.16
CA ASN E 373 41.05 -24.55 -6.35
C ASN E 373 42.30 -24.38 -7.21
N GLU E 374 42.54 -25.33 -8.12
CA GLU E 374 43.69 -25.22 -9.01
C GLU E 374 43.55 -24.03 -9.95
N SER E 375 42.35 -23.80 -10.47
CA SER E 375 42.10 -22.68 -11.36
C SER E 375 41.98 -21.36 -10.63
N LYS E 376 41.96 -21.37 -9.29
CA LYS E 376 41.83 -20.17 -8.48
C LYS E 376 40.58 -19.38 -8.85
N ALA E 377 39.47 -20.09 -9.02
CA ALA E 377 38.19 -19.49 -9.34
C ALA E 377 37.18 -19.81 -8.26
N ASN E 378 36.21 -18.91 -8.09
CA ASN E 378 35.19 -19.09 -7.06
C ASN E 378 34.33 -20.32 -7.38
N PHE E 379 33.64 -20.81 -6.35
CA PHE E 379 32.84 -22.02 -6.48
C PHE E 379 31.43 -21.75 -5.98
N ILE E 380 30.44 -22.10 -6.78
CA ILE E 380 29.04 -21.98 -6.41
C ILE E 380 28.37 -23.33 -6.67
N SER E 381 27.67 -23.85 -5.67
CA SER E 381 27.05 -25.16 -5.75
C SER E 381 25.55 -25.05 -5.60
N ILE E 382 24.82 -25.81 -6.41
CA ILE E 382 23.37 -25.87 -6.38
C ILE E 382 22.96 -27.32 -6.20
N LYS E 383 22.04 -27.57 -5.27
CA LYS E 383 21.64 -28.92 -4.92
C LYS E 383 20.54 -29.49 -5.81
N GLY E 384 20.10 -28.74 -6.81
CA GLY E 384 19.13 -29.23 -7.76
C GLY E 384 17.73 -28.71 -7.50
N PRO E 385 16.87 -29.55 -6.91
CA PRO E 385 15.48 -29.14 -6.66
C PRO E 385 15.35 -28.02 -5.64
N GLU E 386 16.49 -27.53 -5.12
CA GLU E 386 16.45 -26.41 -4.19
C GLU E 386 15.95 -25.14 -4.86
N LEU E 387 16.16 -25.02 -6.18
CA LEU E 387 15.73 -23.83 -6.91
C LEU E 387 14.27 -23.85 -7.31
N LEU E 388 13.60 -25.00 -7.23
CA LEU E 388 12.23 -25.12 -7.75
C LEU E 388 11.22 -24.43 -6.83
N ASN E 389 10.90 -23.18 -7.15
CA ASN E 389 9.88 -22.43 -6.43
C ASN E 389 8.50 -22.82 -6.95
N LYS E 390 7.48 -22.48 -6.16
CA LYS E 390 6.09 -22.77 -6.52
C LYS E 390 5.39 -21.60 -7.20
N TYR E 391 6.09 -20.48 -7.41
CA TYR E 391 5.52 -19.34 -8.09
C TYR E 391 5.86 -19.38 -9.57
N VAL E 392 5.35 -18.41 -10.33
CA VAL E 392 5.43 -18.48 -11.79
C VAL E 392 6.84 -18.21 -12.27
N GLY E 393 7.36 -17.02 -12.00
CA GLY E 393 8.65 -16.64 -12.54
C GLY E 393 9.80 -16.72 -11.56
N GLU E 394 9.59 -17.41 -10.44
CA GLU E 394 10.60 -17.45 -9.40
C GLU E 394 11.57 -18.61 -9.55
N SER E 395 11.10 -19.75 -10.06
CA SER E 395 12.01 -20.87 -10.30
C SER E 395 13.05 -20.52 -11.37
N GLU E 396 12.64 -19.81 -12.41
CA GLU E 396 13.55 -19.37 -13.45
C GLU E 396 14.41 -18.19 -13.03
N ARG E 397 13.88 -17.31 -12.16
CA ARG E 397 14.66 -16.17 -11.69
C ARG E 397 15.83 -16.61 -10.84
N ALA E 398 15.65 -17.68 -10.05
CA ALA E 398 16.76 -18.20 -9.25
C ALA E 398 17.91 -18.66 -10.13
N VAL E 399 17.59 -19.34 -11.25
CA VAL E 399 18.63 -19.75 -12.19
C VAL E 399 19.29 -18.53 -12.81
N ARG E 400 18.49 -17.55 -13.24
CA ARG E 400 19.06 -16.35 -13.85
C ARG E 400 19.86 -15.52 -12.86
N GLN E 401 19.69 -15.74 -11.55
CA GLN E 401 20.46 -15.01 -10.55
C GLN E 401 21.80 -15.68 -10.27
N LEU E 402 21.90 -17.00 -10.47
CA LEU E 402 23.19 -17.67 -10.31
C LEU E 402 24.20 -17.16 -11.32
N PHE E 403 23.78 -17.01 -12.58
CA PHE E 403 24.69 -16.54 -13.63
C PHE E 403 24.97 -15.05 -13.52
N SER E 404 24.12 -14.31 -12.81
CA SER E 404 24.41 -12.90 -12.58
C SER E 404 25.48 -12.72 -11.52
N ARG E 405 25.49 -13.57 -10.49
CA ARG E 405 26.54 -13.51 -9.49
C ARG E 405 27.85 -14.07 -10.01
N ALA E 406 27.78 -15.12 -10.83
CA ALA E 406 28.98 -15.69 -11.42
C ALA E 406 29.67 -14.71 -12.36
N LYS E 407 28.89 -13.88 -13.05
CA LYS E 407 29.48 -12.86 -13.91
C LYS E 407 30.30 -11.85 -13.10
N SER E 408 29.78 -11.47 -11.93
CA SER E 408 30.50 -10.55 -11.06
C SER E 408 31.61 -11.22 -10.26
N SER E 409 31.64 -12.55 -10.22
CA SER E 409 32.67 -13.29 -9.50
C SER E 409 33.63 -14.00 -10.45
N ALA E 410 33.76 -13.52 -11.68
CA ALA E 410 34.62 -14.19 -12.65
C ALA E 410 36.09 -14.09 -12.22
N PRO E 411 36.86 -15.19 -12.35
CA PRO E 411 36.38 -16.49 -12.81
C PRO E 411 35.63 -17.26 -11.72
N CYS E 412 34.60 -18.01 -12.11
CA CYS E 412 33.80 -18.75 -11.16
C CYS E 412 33.36 -20.06 -11.80
N ILE E 413 33.06 -21.03 -10.95
CA ILE E 413 32.58 -22.34 -11.39
C ILE E 413 31.20 -22.56 -10.80
N LEU E 414 30.22 -22.81 -11.65
CA LEU E 414 28.86 -23.09 -11.24
C LEU E 414 28.65 -24.61 -11.24
N PHE E 415 28.30 -25.15 -10.09
CA PHE E 415 28.14 -26.59 -9.92
C PHE E 415 26.67 -26.90 -9.66
N PHE E 416 26.08 -27.73 -10.50
CA PHE E 416 24.68 -28.13 -10.40
C PHE E 416 24.64 -29.59 -9.98
N ASP E 417 24.39 -29.83 -8.69
CA ASP E 417 24.25 -31.19 -8.20
C ASP E 417 22.82 -31.67 -8.41
N GLN E 418 22.68 -32.94 -8.79
CA GLN E 418 21.38 -33.54 -9.06
C GLN E 418 20.62 -32.74 -10.12
N MET E 419 21.28 -32.54 -11.26
CA MET E 419 20.70 -31.74 -12.34
C MET E 419 19.67 -32.50 -13.17
N ASP E 420 19.51 -33.81 -12.94
CA ASP E 420 18.52 -34.57 -13.69
C ASP E 420 17.11 -34.09 -13.39
N ALA E 421 16.83 -33.76 -12.13
CA ALA E 421 15.52 -33.27 -11.72
C ALA E 421 15.35 -31.78 -11.97
N LEU E 422 16.39 -31.09 -12.44
CA LEU E 422 16.31 -29.66 -12.73
C LEU E 422 15.97 -29.38 -14.19
N VAL E 423 16.56 -30.12 -15.12
CA VAL E 423 16.33 -29.89 -16.55
C VAL E 423 16.04 -31.22 -17.25
N PRO E 424 14.86 -31.80 -17.06
CA PRO E 424 14.53 -33.05 -17.77
C PRO E 424 14.28 -32.81 -19.25
N ARG E 425 14.05 -33.88 -20.00
CA ARG E 425 13.77 -33.75 -21.42
C ARG E 425 12.43 -33.06 -21.66
N ARG E 426 12.41 -32.12 -22.60
CA ARG E 426 11.19 -31.39 -22.95
C ARG E 426 10.32 -32.28 -23.83
N ASP E 427 9.73 -33.29 -23.19
CA ASP E 427 8.87 -34.23 -23.90
C ASP E 427 7.56 -33.55 -24.30
N ASP E 428 6.73 -34.29 -25.04
CA ASP E 428 5.42 -33.77 -25.42
C ASP E 428 4.51 -33.61 -24.22
N SER E 429 4.81 -34.28 -23.11
CA SER E 429 4.04 -34.19 -21.88
C SER E 429 5.00 -33.86 -20.74
N LEU E 430 5.23 -32.56 -20.52
CA LEU E 430 6.10 -32.11 -19.45
C LEU E 430 5.53 -30.89 -18.73
N SER E 431 4.23 -30.67 -18.82
CA SER E 431 3.57 -29.47 -18.26
C SER E 431 4.24 -28.25 -18.90
N ASP E 432 4.29 -27.15 -18.17
CA ASP E 432 4.95 -25.95 -18.66
C ASP E 432 6.01 -25.43 -17.70
N ALA E 433 5.80 -25.56 -16.39
CA ALA E 433 6.77 -25.07 -15.42
C ALA E 433 8.11 -25.77 -15.55
N SER E 434 8.10 -27.08 -15.78
CA SER E 434 9.33 -27.83 -15.97
C SER E 434 10.03 -27.52 -17.28
N ALA E 435 9.33 -26.89 -18.23
CA ALA E 435 9.93 -26.51 -19.50
C ALA E 435 10.48 -25.10 -19.53
N ARG E 436 9.98 -24.22 -18.66
CA ARG E 436 10.53 -22.86 -18.58
C ARG E 436 11.90 -22.86 -17.92
N VAL E 437 12.14 -23.78 -16.99
CA VAL E 437 13.44 -23.86 -16.34
C VAL E 437 14.50 -24.34 -17.33
N VAL E 438 14.16 -25.32 -18.17
CA VAL E 438 15.09 -25.79 -19.19
C VAL E 438 15.42 -24.66 -20.17
N ASN E 439 14.39 -23.96 -20.64
CA ASN E 439 14.61 -22.85 -21.55
C ASN E 439 15.33 -21.69 -20.89
N THR E 440 15.29 -21.60 -19.56
CA THR E 440 16.10 -20.61 -18.87
C THR E 440 17.57 -20.97 -18.89
N LEU E 441 17.89 -22.25 -18.67
CA LEU E 441 19.27 -22.68 -18.72
C LEU E 441 19.82 -22.65 -20.14
N LEU E 442 18.99 -22.96 -21.14
CA LEU E 442 19.44 -22.92 -22.52
C LEU E 442 19.89 -21.51 -22.91
N THR E 443 19.14 -20.49 -22.47
CA THR E 443 19.51 -19.12 -22.78
C THR E 443 20.57 -18.57 -21.84
N GLU E 444 20.83 -19.24 -20.71
CA GLU E 444 21.87 -18.81 -19.79
C GLU E 444 23.21 -19.44 -20.08
N LEU E 445 23.23 -20.69 -20.56
CA LEU E 445 24.47 -21.33 -20.96
C LEU E 445 25.08 -20.71 -22.20
N ASP E 446 24.34 -19.86 -22.92
CA ASP E 446 24.88 -19.15 -24.06
C ASP E 446 25.81 -18.00 -23.68
N GLY E 447 25.79 -17.57 -22.42
CA GLY E 447 26.71 -16.56 -21.94
C GLY E 447 27.68 -17.13 -20.93
N VAL E 448 28.11 -18.37 -21.14
CA VAL E 448 28.96 -19.11 -20.22
C VAL E 448 30.16 -19.62 -20.98
N GLY E 449 31.35 -19.44 -20.40
CA GLY E 449 32.57 -19.86 -21.07
C GLY E 449 33.04 -18.83 -22.07
N ASP E 450 33.68 -19.32 -23.14
CA ASP E 450 34.16 -18.48 -24.22
C ASP E 450 35.12 -17.42 -23.70
N ARG E 451 34.62 -16.22 -23.43
CA ARG E 451 35.41 -15.11 -22.91
C ARG E 451 34.66 -14.44 -21.76
N SER E 452 34.16 -15.26 -20.84
CA SER E 452 33.41 -14.77 -19.69
C SER E 452 34.00 -15.19 -18.35
N GLY E 453 34.67 -16.35 -18.28
CA GLY E 453 35.19 -16.85 -17.03
C GLY E 453 34.24 -17.71 -16.23
N ILE E 454 32.99 -17.84 -16.67
CA ILE E 454 32.01 -18.67 -15.99
C ILE E 454 32.07 -20.06 -16.56
N TYR E 455 32.16 -21.07 -15.69
CA TYR E 455 32.19 -22.46 -16.10
C TYR E 455 31.14 -23.23 -15.31
N VAL E 456 30.41 -24.11 -16.00
CA VAL E 456 29.29 -24.82 -15.42
C VAL E 456 29.60 -26.31 -15.42
N ILE E 457 29.49 -26.94 -14.26
CA ILE E 457 29.75 -28.37 -14.12
C ILE E 457 28.45 -29.04 -13.67
N GLY E 458 27.95 -29.96 -14.50
CA GLY E 458 26.80 -30.74 -14.12
C GLY E 458 27.17 -31.92 -13.24
N ALA E 459 26.14 -32.49 -12.60
CA ALA E 459 26.36 -33.63 -11.70
C ALA E 459 25.05 -34.40 -11.61
N THR E 460 25.03 -35.62 -12.13
CA THR E 460 23.82 -36.41 -12.12
C THR E 460 24.17 -37.88 -12.27
N ASN E 461 23.40 -38.73 -11.61
CA ASN E 461 23.50 -40.17 -11.78
C ASN E 461 22.56 -40.70 -12.86
N ARG E 462 21.83 -39.81 -13.53
CA ARG E 462 20.92 -40.17 -14.62
C ARG E 462 21.21 -39.27 -15.81
N PRO E 463 22.34 -39.48 -16.49
CA PRO E 463 22.71 -38.59 -17.60
C PRO E 463 21.77 -38.67 -18.80
N ASP E 464 20.98 -39.73 -18.93
CA ASP E 464 20.07 -39.87 -20.05
C ASP E 464 18.70 -39.28 -19.79
N MET E 465 18.50 -38.66 -18.63
CA MET E 465 17.24 -37.98 -18.31
C MET E 465 17.34 -36.47 -18.48
N ILE E 466 18.40 -35.99 -19.12
CA ILE E 466 18.60 -34.56 -19.35
C ILE E 466 18.25 -34.26 -20.80
N ASP E 467 17.75 -33.04 -21.04
CA ASP E 467 17.33 -32.64 -22.37
C ASP E 467 18.52 -32.63 -23.32
N GLU E 468 18.25 -32.99 -24.59
CA GLU E 468 19.32 -33.06 -25.58
C GLU E 468 19.97 -31.71 -25.82
N ALA E 469 19.16 -30.64 -25.85
CA ALA E 469 19.71 -29.31 -26.08
C ALA E 469 20.63 -28.87 -24.97
N ILE E 470 20.46 -29.39 -23.76
CA ILE E 470 21.38 -29.08 -22.66
C ILE E 470 22.76 -29.66 -22.93
N ARG E 471 22.84 -30.82 -23.57
CA ARG E 471 24.10 -31.52 -23.75
C ARG E 471 24.65 -31.42 -25.16
N ARG E 472 24.29 -30.38 -25.90
CA ARG E 472 24.89 -30.16 -27.21
C ARG E 472 26.22 -29.43 -27.04
N PRO E 473 27.10 -29.53 -28.04
CA PRO E 473 28.36 -28.77 -27.98
C PRO E 473 28.11 -27.28 -27.85
N GLY E 474 28.98 -26.61 -27.10
CA GLY E 474 28.75 -25.25 -26.68
C GLY E 474 27.96 -25.14 -25.40
N ARG E 475 27.32 -26.22 -24.98
CA ARG E 475 26.66 -26.38 -23.70
C ARG E 475 27.33 -27.56 -22.98
N LEU E 476 26.70 -28.05 -21.92
CA LEU E 476 27.30 -29.14 -21.14
C LEU E 476 27.29 -30.43 -21.95
N GLY E 477 28.08 -30.47 -23.01
CA GLY E 477 28.07 -31.59 -23.93
C GLY E 477 29.01 -32.72 -23.57
N THR E 478 30.26 -32.39 -23.24
CA THR E 478 31.23 -33.42 -22.89
C THR E 478 30.84 -34.11 -21.59
N SER E 479 30.85 -35.43 -21.60
CA SER E 479 30.47 -36.24 -20.45
C SER E 479 31.70 -36.94 -19.90
N ILE E 480 31.90 -36.84 -18.58
CA ILE E 480 33.00 -37.48 -17.88
C ILE E 480 32.42 -38.40 -16.83
N TYR E 481 32.87 -39.65 -16.82
CA TYR E 481 32.38 -40.66 -15.88
C TYR E 481 33.31 -40.72 -14.68
N VAL E 482 32.74 -40.52 -13.49
CA VAL E 482 33.49 -40.62 -12.24
C VAL E 482 33.31 -42.03 -11.72
N GLY E 483 34.40 -42.81 -11.75
CA GLY E 483 34.29 -44.23 -11.45
C GLY E 483 34.13 -44.51 -9.97
N LEU E 484 33.42 -45.60 -9.68
CA LEU E 484 33.22 -46.08 -8.32
C LEU E 484 34.49 -46.78 -7.82
N PRO E 485 34.90 -46.52 -6.58
CA PRO E 485 36.07 -47.22 -6.03
C PRO E 485 35.84 -48.71 -5.89
N SER E 486 36.53 -49.51 -6.69
CA SER E 486 36.32 -50.96 -6.70
C SER E 486 37.30 -51.70 -5.80
N ALA E 487 38.60 -51.64 -6.12
CA ALA E 487 39.60 -52.39 -5.35
C ALA E 487 40.67 -51.49 -4.74
N GLU E 488 41.36 -50.69 -5.55
CA GLU E 488 42.50 -49.91 -5.08
C GLU E 488 42.17 -48.45 -4.83
N ASP E 489 41.09 -47.94 -5.43
CA ASP E 489 40.66 -46.58 -5.14
C ASP E 489 40.27 -46.43 -3.67
N ARG E 490 39.63 -47.46 -3.11
CA ARG E 490 39.25 -47.42 -1.69
C ARG E 490 40.48 -47.25 -0.80
N VAL E 491 41.57 -47.94 -1.13
CA VAL E 491 42.79 -47.84 -0.33
C VAL E 491 43.36 -46.43 -0.41
N LYS E 492 43.40 -45.85 -1.62
CA LYS E 492 43.96 -44.52 -1.78
C LYS E 492 43.12 -43.46 -1.07
N ILE E 493 41.78 -43.62 -1.10
CA ILE E 493 40.91 -42.65 -0.46
C ILE E 493 41.11 -42.65 1.04
N LEU E 494 41.17 -43.83 1.65
CA LEU E 494 41.28 -43.92 3.11
C LEU E 494 42.60 -43.35 3.61
N LYS E 495 43.69 -43.60 2.89
CA LYS E 495 44.97 -43.02 3.27
C LYS E 495 44.94 -41.50 3.20
N THR E 496 44.31 -40.95 2.16
CA THR E 496 44.18 -39.50 2.04
C THR E 496 43.38 -38.92 3.19
N LEU E 497 42.28 -39.57 3.56
CA LEU E 497 41.44 -39.08 4.66
C LEU E 497 42.22 -39.08 5.97
N TYR E 498 42.98 -40.15 6.23
CA TYR E 498 43.72 -40.23 7.49
C TYR E 498 44.88 -39.25 7.55
N ARG E 499 45.40 -38.80 6.41
CA ARG E 499 46.50 -37.84 6.41
C ARG E 499 46.09 -36.48 6.97
N ASN E 500 44.79 -36.20 7.04
CA ASN E 500 44.30 -34.92 7.56
C ASN E 500 43.81 -34.98 8.99
N THR E 501 43.90 -36.15 9.64
CA THR E 501 43.44 -36.33 11.01
C THR E 501 44.59 -36.72 11.93
N VAL E 502 45.79 -36.19 11.67
CA VAL E 502 46.94 -36.48 12.51
C VAL E 502 47.53 -35.18 13.06
N THR E 530 50.17 -46.84 13.75
CA THR E 530 49.04 -46.94 12.83
C THR E 530 49.51 -47.37 11.44
N THR E 531 50.59 -46.74 10.97
CA THR E 531 51.20 -47.03 9.68
C THR E 531 50.20 -46.94 8.54
N ASP E 532 50.54 -47.55 7.40
CA ASP E 532 49.66 -47.56 6.23
C ASP E 532 49.08 -48.93 5.92
N ALA E 533 49.75 -50.01 6.35
CA ALA E 533 49.21 -51.34 6.11
C ALA E 533 47.90 -51.55 6.86
N ASP E 534 47.79 -50.97 8.06
CA ASP E 534 46.53 -51.05 8.80
C ASP E 534 45.42 -50.32 8.06
N LEU E 535 45.73 -49.17 7.46
CA LEU E 535 44.75 -48.43 6.69
C LEU E 535 44.34 -49.13 5.40
N GLU E 536 45.10 -50.15 4.98
CA GLU E 536 44.73 -50.88 3.76
C GLU E 536 43.64 -51.90 4.03
N LYS E 537 43.82 -52.73 5.06
CA LYS E 537 42.87 -53.80 5.34
C LYS E 537 41.49 -53.26 5.69
N VAL E 538 41.42 -52.06 6.24
CA VAL E 538 40.12 -51.44 6.51
C VAL E 538 39.39 -51.16 5.20
N ALA E 539 40.11 -50.60 4.23
CA ALA E 539 39.53 -50.28 2.94
C ALA E 539 39.45 -51.48 2.00
N LEU E 540 40.16 -52.58 2.32
CA LEU E 540 40.12 -53.78 1.51
C LEU E 540 39.06 -54.77 1.97
N ASP E 541 38.29 -54.42 3.00
CA ASP E 541 37.25 -55.32 3.50
C ASP E 541 36.14 -55.48 2.46
N LEU E 542 35.57 -56.68 2.40
CA LEU E 542 34.49 -56.96 1.47
C LEU E 542 33.17 -57.16 2.21
N SER E 548 31.23 -47.35 -1.34
CA SER E 548 31.53 -46.38 -2.38
C SER E 548 32.76 -45.56 -2.02
N GLY E 549 32.69 -44.25 -2.28
CA GLY E 549 33.79 -43.36 -1.95
C GLY E 549 33.46 -42.45 -0.78
N ALA E 550 32.21 -42.02 -0.69
CA ALA E 550 31.78 -41.19 0.42
C ALA E 550 31.56 -41.99 1.70
N ASP E 551 31.36 -43.30 1.58
CA ASP E 551 31.21 -44.14 2.76
C ASP E 551 32.49 -44.16 3.59
N LEU E 552 33.65 -44.22 2.91
CA LEU E 552 34.92 -44.25 3.62
C LEU E 552 35.14 -42.97 4.43
N GLY E 553 34.78 -41.82 3.85
CA GLY E 553 34.92 -40.58 4.58
C GLY E 553 34.07 -40.54 5.84
N ASN E 554 32.83 -41.01 5.75
CA ASN E 554 31.98 -41.10 6.94
C ASN E 554 32.44 -42.20 7.88
N LEU E 555 32.99 -43.29 7.32
CA LEU E 555 33.47 -44.38 8.16
C LEU E 555 34.64 -43.93 9.03
N MET E 556 35.56 -43.14 8.48
CA MET E 556 36.73 -42.72 9.23
C MET E 556 36.34 -41.89 10.44
N GLN E 557 35.45 -40.91 10.26
CA GLN E 557 35.03 -40.08 11.38
C GLN E 557 34.14 -40.82 12.35
N ALA E 558 33.28 -41.73 11.86
CA ALA E 558 32.50 -42.56 12.76
C ALA E 558 33.40 -43.48 13.57
N ALA E 559 34.41 -44.06 12.92
CA ALA E 559 35.40 -44.86 13.66
C ALA E 559 36.17 -44.03 14.66
N ALA E 560 36.31 -42.72 14.40
CA ALA E 560 36.95 -41.83 15.36
C ALA E 560 36.07 -41.56 16.57
N GLN E 561 34.75 -41.70 16.44
CA GLN E 561 33.87 -41.57 17.60
C GLN E 561 34.14 -42.67 18.61
N ALA E 562 34.35 -43.90 18.15
CA ALA E 562 34.63 -45.00 19.05
C ALA E 562 35.95 -44.81 19.78
N CYS E 563 36.93 -44.18 19.13
CA CYS E 563 38.18 -43.88 19.81
C CYS E 563 37.99 -42.90 20.96
N LEU E 564 37.15 -41.87 20.74
CA LEU E 564 36.88 -40.91 21.81
C LEU E 564 36.17 -41.57 22.98
N GLU E 565 35.19 -42.44 22.68
CA GLU E 565 34.47 -43.13 23.74
C GLU E 565 35.38 -44.04 24.54
N ARG E 566 36.28 -44.75 23.86
CA ARG E 566 37.23 -45.64 24.53
C ARG E 566 38.24 -44.85 25.35
N VAL E 590 43.84 -40.50 20.05
CA VAL E 590 44.62 -41.65 19.60
C VAL E 590 43.71 -42.67 18.93
N ILE E 591 44.09 -43.10 17.73
CA ILE E 591 43.31 -44.04 16.93
C ILE E 591 44.17 -45.27 16.69
N THR E 592 43.61 -46.45 16.98
CA THR E 592 44.30 -47.71 16.80
C THR E 592 43.59 -48.56 15.76
N MET E 593 44.34 -49.51 15.18
CA MET E 593 43.77 -50.39 14.15
C MET E 593 42.63 -51.23 14.71
N GLU E 594 42.73 -51.64 15.98
CA GLU E 594 41.70 -52.47 16.59
C GLU E 594 40.39 -51.74 16.79
N ASP E 595 40.36 -50.42 16.63
CA ASP E 595 39.14 -49.64 16.76
C ASP E 595 38.35 -49.54 15.46
N TRP E 596 38.86 -50.11 14.37
CA TRP E 596 38.16 -50.05 13.09
C TRP E 596 37.22 -51.22 12.87
N GLU E 597 37.54 -52.39 13.42
CA GLU E 597 36.66 -53.56 13.25
C GLU E 597 35.31 -53.33 13.91
N LYS E 598 35.30 -52.69 15.09
CA LYS E 598 34.04 -52.39 15.76
C LYS E 598 33.20 -51.41 14.96
N ALA E 599 33.84 -50.48 14.26
CA ALA E 599 33.11 -49.49 13.47
C ALA E 599 32.67 -50.03 12.11
N LEU E 600 33.24 -51.15 11.66
CA LEU E 600 32.82 -51.72 10.38
C LEU E 600 31.46 -52.40 10.48
N ASN E 601 30.99 -52.71 11.69
CA ASN E 601 29.71 -53.35 11.90
C ASN E 601 28.58 -52.36 12.18
N GLU E 602 28.87 -51.05 12.12
CA GLU E 602 27.86 -50.05 12.39
C GLU E 602 27.89 -48.88 11.41
N VAL E 603 28.71 -48.95 10.36
CA VAL E 603 28.77 -47.92 9.33
C VAL E 603 28.47 -48.59 7.99
N LYS E 604 27.49 -48.07 7.28
CA LYS E 604 27.07 -48.65 6.01
C LYS E 604 27.09 -47.60 4.90
N MET F 187 31.99 -8.83 29.32
CA MET F 187 31.74 -8.36 30.68
C MET F 187 33.04 -8.31 31.46
N PRO F 188 33.10 -7.47 32.50
CA PRO F 188 34.29 -7.43 33.35
C PRO F 188 34.54 -8.78 34.02
N SER F 189 35.81 -9.14 34.14
CA SER F 189 36.18 -10.40 34.76
C SER F 189 35.94 -10.33 36.27
N GLU F 190 35.97 -11.51 36.90
CA GLU F 190 35.74 -11.58 38.34
C GLU F 190 36.79 -10.78 39.12
N ARG F 191 38.05 -10.89 38.71
CA ARG F 191 39.09 -10.08 39.34
C ARG F 191 38.89 -8.60 39.05
N ALA F 192 38.47 -8.26 37.83
CA ALA F 192 38.33 -6.85 37.46
C ALA F 192 37.20 -6.16 38.23
N ARG F 193 36.21 -6.92 38.69
CA ARG F 193 35.10 -6.32 39.43
C ARG F 193 35.53 -5.84 40.81
N GLU F 194 36.65 -6.34 41.34
CA GLU F 194 37.12 -5.90 42.64
C GLU F 194 37.47 -4.41 42.62
N GLN F 195 38.13 -3.96 41.55
CA GLN F 195 38.50 -2.54 41.45
C GLN F 195 37.26 -1.66 41.40
N ILE F 196 36.24 -2.07 40.64
CA ILE F 196 35.03 -1.27 40.52
C ILE F 196 34.34 -1.13 41.86
N LEU F 197 34.25 -2.22 42.62
CA LEU F 197 33.66 -2.15 43.96
C LEU F 197 34.48 -1.26 44.88
N ARG F 198 35.82 -1.36 44.80
CA ARG F 198 36.67 -0.52 45.63
C ARG F 198 36.62 0.94 45.20
N SER F 199 36.59 1.19 43.88
CA SER F 199 36.63 2.56 43.39
C SER F 199 35.39 3.34 43.82
N LEU F 200 34.22 2.74 43.68
CA LEU F 200 32.98 3.44 44.06
C LEU F 200 32.94 3.71 45.56
N THR F 201 33.38 2.74 46.37
CA THR F 201 33.38 2.87 47.82
C THR F 201 34.66 3.50 48.36
N ARG F 202 35.35 4.29 47.54
CA ARG F 202 36.60 4.89 47.98
C ARG F 202 36.38 5.88 49.13
N ASP F 203 35.34 6.71 49.03
CA ASP F 203 35.04 7.71 50.04
C ASP F 203 33.95 7.27 51.01
N LEU F 204 33.44 6.05 50.89
CA LEU F 204 32.40 5.56 51.78
C LEU F 204 33.01 4.97 53.04
N SER F 205 32.33 5.21 54.16
CA SER F 205 32.78 4.66 55.45
C SER F 205 32.49 3.17 55.47
N LEU F 206 33.53 2.37 55.22
CA LEU F 206 33.39 0.92 55.12
C LEU F 206 33.77 0.27 56.45
N ALA F 207 33.76 -1.06 56.46
CA ALA F 207 34.06 -1.84 57.64
C ALA F 207 35.15 -2.86 57.32
N ASP F 208 35.79 -3.35 58.39
CA ASP F 208 36.85 -4.34 58.21
C ASP F 208 36.30 -5.66 57.68
N ASP F 209 35.03 -5.97 57.97
CA ASP F 209 34.42 -7.20 57.48
C ASP F 209 34.17 -7.17 55.98
N ILE F 210 34.21 -6.00 55.36
CA ILE F 210 33.97 -5.88 53.92
C ILE F 210 35.26 -6.29 53.19
N ASN F 211 35.21 -7.44 52.52
CA ASN F 211 36.30 -7.90 51.66
C ASN F 211 35.78 -7.93 50.24
N PHE F 212 36.47 -7.24 49.34
CA PHE F 212 35.98 -7.09 47.97
C PHE F 212 36.33 -8.31 47.12
N LYS F 213 36.03 -9.50 47.64
CA LYS F 213 36.20 -10.73 46.87
C LYS F 213 34.94 -11.58 46.96
N GLU F 214 34.25 -11.50 48.10
CA GLU F 214 33.04 -12.30 48.29
C GLU F 214 31.91 -11.80 47.41
N LEU F 215 31.67 -10.49 47.41
CA LEU F 215 30.60 -9.91 46.61
C LEU F 215 30.96 -9.78 45.13
N ALA F 216 32.22 -10.07 44.76
CA ALA F 216 32.60 -10.06 43.36
C ALA F 216 32.28 -11.39 42.70
N LYS F 217 32.56 -12.50 43.38
CA LYS F 217 32.29 -13.82 42.81
C LYS F 217 30.81 -14.15 42.79
N MET F 218 29.99 -13.41 43.54
CA MET F 218 28.54 -13.63 43.55
C MET F 218 27.82 -12.77 42.51
N THR F 219 28.54 -11.96 41.74
CA THR F 219 27.95 -11.06 40.75
C THR F 219 28.63 -11.28 39.39
N PRO F 220 28.37 -12.42 38.75
CA PRO F 220 29.03 -12.70 37.46
C PRO F 220 28.57 -11.77 36.35
N GLY F 221 27.25 -11.64 36.18
CA GLY F 221 26.72 -10.82 35.12
C GLY F 221 26.63 -9.34 35.41
N TYR F 222 26.95 -8.92 36.62
CA TYR F 222 26.89 -7.52 36.98
C TYR F 222 27.97 -6.73 36.23
N VAL F 223 27.63 -5.50 35.85
CA VAL F 223 28.52 -4.64 35.09
C VAL F 223 28.74 -3.34 35.85
N GLY F 224 29.50 -2.41 35.27
CA GLY F 224 29.77 -1.16 35.94
C GLY F 224 28.51 -0.37 36.26
N SER F 225 27.53 -0.41 35.36
CA SER F 225 26.27 0.27 35.63
C SER F 225 25.41 -0.48 36.65
N ASP F 226 25.67 -1.78 36.85
CA ASP F 226 24.95 -2.55 37.85
C ASP F 226 25.59 -2.45 39.22
N LEU F 227 26.92 -2.56 39.30
CA LEU F 227 27.62 -2.35 40.56
C LEU F 227 27.44 -0.94 41.08
N GLN F 228 27.13 0.02 40.21
CA GLN F 228 26.81 1.36 40.67
C GLN F 228 25.56 1.37 41.53
N TYR F 229 24.53 0.62 41.13
CA TYR F 229 23.31 0.55 41.90
C TYR F 229 23.46 -0.32 43.14
N VAL F 230 24.40 -1.28 43.12
CA VAL F 230 24.68 -2.08 44.30
C VAL F 230 25.21 -1.19 45.42
N VAL F 231 26.10 -0.26 45.08
CA VAL F 231 26.58 0.71 46.06
C VAL F 231 25.43 1.59 46.56
N LYS F 232 24.56 2.03 45.64
CA LYS F 232 23.45 2.90 46.02
C LYS F 232 22.52 2.19 47.00
N ALA F 233 22.20 0.92 46.73
CA ALA F 233 21.28 0.19 47.60
C ALA F 233 21.88 -0.01 48.99
N ALA F 234 23.16 -0.37 49.07
CA ALA F 234 23.79 -0.63 50.36
C ALA F 234 23.85 0.65 51.21
N VAL F 235 24.19 1.78 50.58
CA VAL F 235 24.23 3.04 51.32
C VAL F 235 22.84 3.41 51.82
N SER F 236 21.83 3.25 50.96
CA SER F 236 20.45 3.50 51.39
C SER F 236 20.02 2.52 52.46
N GLU F 237 20.41 1.25 52.32
CA GLU F 237 20.12 0.27 53.37
C GLU F 237 20.81 0.63 54.67
N SER F 238 22.05 1.12 54.60
CA SER F 238 22.73 1.61 55.79
C SER F 238 22.02 2.81 56.39
N PHE F 239 21.51 3.71 55.55
CA PHE F 239 20.76 4.86 56.02
C PHE F 239 19.39 4.50 56.54
N GLN F 240 18.91 3.28 56.27
CA GLN F 240 17.62 2.85 56.82
C GLN F 240 17.69 2.71 58.33
N ALA F 241 18.85 2.33 58.88
CA ALA F 241 19.01 2.28 60.32
C ALA F 241 18.90 3.67 60.93
N ASN F 242 19.46 4.69 60.26
CA ASN F 242 19.37 6.06 60.75
C ASN F 242 17.95 6.58 60.71
N ILE F 243 17.08 6.00 59.89
CA ILE F 243 15.68 6.41 59.83
C ILE F 243 14.84 5.67 60.85
N ASP F 244 14.99 4.35 60.93
CA ASP F 244 14.22 3.57 61.90
C ASP F 244 14.56 3.98 63.33
N SER F 245 15.84 4.22 63.61
CA SER F 245 16.23 4.71 64.93
C SER F 245 15.63 6.08 65.20
N LEU F 246 15.60 6.95 64.18
CA LEU F 246 15.04 8.28 64.35
C LEU F 246 13.56 8.22 64.68
N LEU F 247 12.83 7.28 64.06
CA LEU F 247 11.41 7.10 64.38
C LEU F 247 11.23 6.68 65.83
N ALA F 248 12.11 5.82 66.33
CA ALA F 248 12.06 5.42 67.74
C ALA F 248 12.29 6.63 68.65
N GLN F 249 13.22 7.51 68.26
CA GLN F 249 13.46 8.73 69.03
C GLN F 249 12.29 9.70 68.98
N ALA F 250 11.35 9.52 68.06
CA ALA F 250 10.18 10.38 67.96
C ALA F 250 8.89 9.70 68.39
N ARG F 251 8.81 8.37 68.31
CA ARG F 251 7.62 7.67 68.76
C ARG F 251 7.43 7.78 70.27
N ALA F 252 8.54 7.87 71.03
CA ALA F 252 8.43 7.96 72.48
C ALA F 252 7.77 9.28 72.90
N LYS F 253 8.09 10.38 72.20
CA LYS F 253 7.52 11.67 72.58
C LYS F 253 6.01 11.68 72.40
N HIS F 254 5.51 11.09 71.32
CA HIS F 254 4.08 11.05 71.02
C HIS F 254 3.59 9.61 71.05
N PRO F 255 2.95 9.16 72.14
CA PRO F 255 2.43 7.80 72.27
C PRO F 255 1.36 7.47 71.23
N VAL F 262 -4.96 5.88 59.97
CA VAL F 262 -3.66 6.37 59.55
C VAL F 262 -2.62 5.24 59.61
N SER F 263 -2.14 4.83 58.44
CA SER F 263 -1.22 3.71 58.34
C SER F 263 0.16 4.11 58.87
N GLN F 264 1.04 3.11 58.99
CA GLN F 264 2.39 3.37 59.49
C GLN F 264 3.18 4.34 58.63
N PRO F 265 3.23 4.21 57.29
CA PRO F 265 3.97 5.21 56.50
C PRO F 265 3.46 6.62 56.68
N GLN F 266 2.15 6.80 56.85
CA GLN F 266 1.62 8.14 57.08
C GLN F 266 1.99 8.66 58.46
N ARG F 267 2.07 7.78 59.45
CA ARG F 267 2.48 8.19 60.78
C ARG F 267 3.95 8.63 60.80
N ASP F 268 4.79 7.98 59.99
CA ASP F 268 6.21 8.35 59.96
C ASP F 268 6.40 9.78 59.49
N TRP F 269 5.68 10.19 58.45
CA TRP F 269 5.80 11.56 57.96
C TRP F 269 5.33 12.56 59.01
N LEU F 270 4.23 12.25 59.69
CA LEU F 270 3.71 13.17 60.71
C LEU F 270 4.68 13.31 61.88
N LEU F 271 5.27 12.20 62.33
CA LEU F 271 6.20 12.26 63.45
C LEU F 271 7.43 13.10 63.11
N LEU F 272 7.97 12.91 61.90
CA LEU F 272 9.15 13.68 61.49
C LEU F 272 8.79 15.11 61.14
N GLU F 273 7.51 15.41 60.92
CA GLU F 273 7.10 16.78 60.61
C GLU F 273 7.14 17.66 61.86
N ALA F 274 6.91 17.07 63.04
CA ALA F 274 6.95 17.86 64.27
C ALA F 274 8.34 18.40 64.54
N HIS F 275 9.36 17.54 64.44
CA HIS F 275 10.74 17.94 64.71
C HIS F 275 11.23 18.96 63.69
N ARG F 276 11.35 18.55 62.43
CA ARG F 276 11.91 19.37 61.36
C ARG F 276 13.20 20.08 61.78
N SER F 281 21.76 13.78 66.99
CA SER F 281 21.28 13.87 65.62
C SER F 281 21.31 12.51 64.94
N TRP F 282 22.03 12.41 63.82
CA TRP F 282 22.16 11.17 63.08
C TRP F 282 23.51 10.56 63.36
N PRO F 283 23.60 9.42 64.04
CA PRO F 283 24.90 8.79 64.26
C PRO F 283 25.53 8.33 62.94
N SER F 284 26.85 8.42 62.86
CA SER F 284 27.58 8.03 61.66
C SER F 284 27.93 6.55 61.77
N THR F 285 27.28 5.72 60.97
CA THR F 285 27.53 4.29 60.93
C THR F 285 28.42 3.94 59.74
N LYS F 286 28.62 2.64 59.55
CA LYS F 286 29.43 2.14 58.45
C LYS F 286 28.68 1.02 57.74
N ILE F 287 29.01 0.85 56.45
CA ILE F 287 28.38 -0.23 55.67
C ILE F 287 28.84 -1.57 56.20
N THR F 288 27.89 -2.46 56.47
CA THR F 288 28.19 -3.81 56.91
C THR F 288 28.29 -4.73 55.70
N MET F 289 29.25 -5.65 55.74
CA MET F 289 29.39 -6.62 54.66
C MET F 289 28.12 -7.45 54.51
N GLU F 290 27.38 -7.66 55.60
CA GLU F 290 26.10 -8.35 55.50
C GLU F 290 25.12 -7.56 54.65
N GLN F 291 25.11 -6.23 54.79
CA GLN F 291 24.25 -5.39 53.97
C GLN F 291 24.65 -5.47 52.51
N PHE F 292 25.95 -5.54 52.23
CA PHE F 292 26.42 -5.66 50.85
C PHE F 292 25.90 -6.93 50.19
N ARG F 293 25.86 -8.03 50.95
CA ARG F 293 25.29 -9.27 50.43
C ARG F 293 23.81 -9.10 50.11
N LYS F 294 23.06 -8.41 50.99
CA LYS F 294 21.66 -8.18 50.73
C LYS F 294 21.45 -7.18 49.59
N ALA F 295 22.32 -6.16 49.51
CA ALA F 295 22.19 -5.18 48.44
C ALA F 295 22.44 -5.80 47.07
N VAL F 296 23.25 -6.85 47.01
CA VAL F 296 23.49 -7.54 45.75
C VAL F 296 22.20 -8.18 45.23
N SER F 297 21.46 -8.85 46.13
CA SER F 297 20.23 -9.50 45.73
C SER F 297 19.15 -8.49 45.36
N LEU F 298 19.12 -7.35 46.05
CA LEU F 298 18.11 -6.34 45.75
C LEU F 298 18.30 -5.76 44.36
N VAL F 299 19.55 -5.49 43.97
CA VAL F 299 19.84 -4.86 42.69
C VAL F 299 19.78 -5.92 41.59
N GLN F 300 18.94 -5.69 40.59
CA GLN F 300 18.79 -6.59 39.46
C GLN F 300 19.83 -6.27 38.39
N PRO F 301 20.64 -7.24 37.97
CA PRO F 301 21.61 -6.97 36.90
C PRO F 301 20.91 -6.62 35.60
N ALA F 302 21.52 -5.69 34.85
CA ALA F 302 20.94 -5.24 33.59
C ALA F 302 21.03 -6.27 32.48
N SER F 303 21.79 -7.35 32.68
CA SER F 303 21.86 -8.40 31.66
C SER F 303 20.55 -9.16 31.52
N LYS F 304 19.67 -9.09 32.52
CA LYS F 304 18.38 -9.76 32.42
C LYS F 304 17.49 -9.10 31.38
N ARG F 305 17.57 -7.77 31.24
CA ARG F 305 16.82 -7.08 30.20
C ARG F 305 17.27 -7.53 28.81
N GLU F 306 18.54 -7.89 28.67
CA GLU F 306 19.09 -8.33 27.39
C GLU F 306 18.99 -9.84 27.20
N GLY F 307 18.51 -10.58 28.20
CA GLY F 307 18.38 -12.01 28.12
C GLY F 307 19.60 -12.79 28.58
N PHE F 308 20.71 -12.12 28.87
CA PHE F 308 21.91 -12.81 29.34
C PHE F 308 21.69 -13.35 30.75
N SER F 309 22.26 -14.52 31.02
CA SER F 309 22.20 -15.13 32.34
C SER F 309 23.54 -15.77 32.65
N THR F 310 23.81 -15.95 33.94
CA THR F 310 25.05 -16.55 34.39
C THR F 310 24.94 -18.08 34.27
N ILE F 311 25.89 -18.79 34.87
CA ILE F 311 25.90 -20.24 34.82
C ILE F 311 24.68 -20.76 35.57
N PRO F 312 23.83 -21.56 34.92
CA PRO F 312 22.63 -22.06 35.61
C PRO F 312 22.99 -23.04 36.72
N ASP F 313 22.13 -23.07 37.74
CA ASP F 313 22.29 -23.98 38.86
C ASP F 313 21.64 -25.34 38.61
N THR F 314 20.87 -25.48 37.53
CA THR F 314 20.18 -26.74 37.27
C THR F 314 21.16 -27.79 36.76
N THR F 315 21.03 -29.00 37.29
CA THR F 315 21.82 -30.15 36.87
C THR F 315 20.90 -31.22 36.29
N TRP F 316 21.46 -32.38 35.98
CA TRP F 316 20.65 -33.46 35.43
C TRP F 316 19.80 -34.15 36.49
N SER F 317 20.04 -33.88 37.78
CA SER F 317 19.20 -34.45 38.82
C SER F 317 17.79 -33.86 38.77
N HIS F 318 17.67 -32.56 38.45
CA HIS F 318 16.36 -31.93 38.36
C HIS F 318 15.53 -32.53 37.24
N VAL F 319 16.14 -32.81 36.11
CA VAL F 319 15.42 -33.42 34.99
C VAL F 319 15.35 -34.93 35.21
N GLY F 320 14.39 -35.56 34.54
CA GLY F 320 14.20 -36.99 34.66
C GLY F 320 14.54 -37.75 33.40
N ALA F 321 14.83 -39.04 33.56
CA ALA F 321 15.13 -39.97 32.45
C ALA F 321 16.35 -39.42 31.71
N LEU F 322 16.33 -39.41 30.37
CA LEU F 322 17.42 -38.90 29.54
C LEU F 322 18.72 -39.68 29.77
N GLU F 323 18.61 -40.97 30.09
CA GLU F 323 19.81 -41.80 30.25
C GLU F 323 20.54 -41.98 28.93
N ASP F 324 19.80 -41.98 27.81
CA ASP F 324 20.41 -42.05 26.49
C ASP F 324 20.73 -40.68 25.90
N VAL F 325 19.96 -39.65 26.27
CA VAL F 325 20.24 -38.30 25.80
C VAL F 325 21.53 -37.78 26.43
N ARG F 326 21.76 -38.11 27.70
CA ARG F 326 22.97 -37.65 28.38
C ARG F 326 24.23 -38.20 27.71
N LYS F 327 24.17 -39.44 27.23
CA LYS F 327 25.32 -40.03 26.55
C LYS F 327 25.67 -39.27 25.29
N LYS F 328 24.66 -38.83 24.53
CA LYS F 328 24.90 -38.05 23.32
C LYS F 328 25.32 -36.61 23.61
N LEU F 329 24.84 -36.04 24.72
CA LEU F 329 25.15 -34.64 25.01
C LEU F 329 26.60 -34.45 25.45
N GLU F 330 27.21 -35.47 26.04
CA GLU F 330 28.59 -35.37 26.52
C GLU F 330 29.62 -35.48 25.40
N MET F 331 29.19 -35.41 24.14
CA MET F 331 30.11 -35.40 23.01
C MET F 331 29.78 -34.37 21.95
N SER F 332 28.58 -33.78 21.97
CA SER F 332 28.19 -32.78 20.99
C SER F 332 28.32 -31.36 21.51
N ILE F 333 27.85 -31.10 22.74
CA ILE F 333 27.92 -29.78 23.33
C ILE F 333 28.80 -29.82 24.57
N ILE F 334 28.45 -30.69 25.52
CA ILE F 334 29.20 -30.78 26.77
C ILE F 334 30.61 -31.28 26.52
N GLY F 335 30.76 -32.19 25.57
CA GLY F 335 32.06 -32.75 25.25
C GLY F 335 33.09 -31.72 24.81
N PRO F 336 32.88 -31.10 23.64
CA PRO F 336 33.84 -30.14 23.09
C PRO F 336 33.80 -28.76 23.74
N ILE F 337 33.76 -28.74 25.07
CA ILE F 337 33.90 -27.50 25.84
C ILE F 337 35.03 -27.69 26.84
N LYS F 338 34.96 -28.77 27.61
CA LYS F 338 36.04 -29.10 28.55
C LYS F 338 37.32 -29.50 27.84
N ASN F 339 37.25 -29.88 26.57
CA ASN F 339 38.39 -30.37 25.80
C ASN F 339 38.50 -29.57 24.52
N PRO F 340 39.01 -28.34 24.59
CA PRO F 340 39.12 -27.53 23.37
C PRO F 340 40.17 -28.04 22.40
N GLU F 341 41.10 -28.88 22.83
CA GLU F 341 42.16 -29.38 21.96
C GLU F 341 42.26 -30.90 21.91
N LEU F 342 41.46 -31.63 22.69
CA LEU F 342 41.44 -33.08 22.61
C LEU F 342 40.70 -33.59 21.39
N PHE F 343 39.63 -32.91 20.98
CA PHE F 343 38.90 -33.31 19.79
C PHE F 343 39.66 -33.07 18.50
N THR F 344 40.76 -32.32 18.55
CA THR F 344 41.61 -32.14 17.37
C THR F 344 42.32 -33.43 16.98
N ARG F 345 42.43 -34.39 17.90
CA ARG F 345 43.05 -35.66 17.58
C ARG F 345 42.29 -36.41 16.50
N VAL F 346 40.96 -36.40 16.56
CA VAL F 346 40.12 -37.11 15.60
C VAL F 346 39.74 -36.22 14.42
N GLY F 347 40.28 -35.01 14.34
CA GLY F 347 40.01 -34.13 13.21
C GLY F 347 38.57 -33.66 13.12
N ILE F 348 37.96 -33.31 14.24
CA ILE F 348 36.58 -32.82 14.27
C ILE F 348 36.63 -31.34 14.62
N LYS F 349 36.02 -30.52 13.77
CA LYS F 349 35.98 -29.08 13.98
C LYS F 349 34.76 -28.47 13.29
N ALA F 352 29.00 -27.23 15.84
CA ALA F 352 28.73 -25.82 16.09
C ALA F 352 27.35 -25.63 16.70
N GLY F 353 26.86 -26.68 17.35
CA GLY F 353 25.53 -26.64 17.96
C GLY F 353 24.66 -27.80 17.53
N ILE F 354 23.60 -28.07 18.28
CA ILE F 354 22.68 -29.16 18.00
C ILE F 354 21.26 -28.61 18.01
N LEU F 355 20.29 -29.52 17.84
CA LEU F 355 18.88 -29.18 17.80
C LEU F 355 18.12 -30.04 18.79
N LEU F 356 17.09 -29.45 19.41
CA LEU F 356 16.20 -30.16 20.32
C LEU F 356 14.77 -30.03 19.81
N TRP F 357 14.00 -31.12 19.93
CA TRP F 357 12.61 -31.12 19.49
C TRP F 357 11.82 -32.08 20.35
N GLY F 358 10.50 -31.87 20.36
CA GLY F 358 9.60 -32.68 21.14
C GLY F 358 8.37 -31.92 21.57
N PRO F 359 7.50 -32.57 22.35
CA PRO F 359 6.30 -31.88 22.82
C PRO F 359 6.67 -30.74 23.75
N PRO F 360 5.89 -29.67 23.75
CA PRO F 360 6.24 -28.49 24.55
C PRO F 360 6.12 -28.75 26.04
N GLY F 361 6.88 -27.98 26.81
CA GLY F 361 6.83 -28.06 28.26
C GLY F 361 7.43 -29.32 28.85
N CYS F 362 8.33 -29.98 28.12
CA CYS F 362 8.92 -31.24 28.53
C CYS F 362 10.40 -31.09 28.90
N GLY F 363 10.75 -29.95 29.51
CA GLY F 363 12.10 -29.75 29.99
C GLY F 363 13.12 -29.41 28.93
N LYS F 364 12.71 -29.07 27.71
CA LYS F 364 13.67 -28.71 26.68
C LYS F 364 14.48 -27.49 27.10
N THR F 365 13.81 -26.48 27.70
CA THR F 365 14.54 -25.37 28.30
C THR F 365 15.39 -25.84 29.47
N LEU F 366 14.86 -26.77 30.26
CA LEU F 366 15.61 -27.28 31.41
C LEU F 366 16.85 -28.04 30.98
N VAL F 367 16.77 -28.80 29.89
CA VAL F 367 17.93 -29.53 29.39
C VAL F 367 19.03 -28.58 28.98
N ALA F 368 18.68 -27.50 28.29
CA ALA F 368 19.69 -26.52 27.86
C ALA F 368 20.36 -25.87 29.06
N LYS F 369 19.59 -25.55 30.10
CA LYS F 369 20.18 -24.96 31.30
C LYS F 369 21.13 -25.94 31.98
N ALA F 370 20.75 -27.22 32.03
CA ALA F 370 21.62 -28.22 32.63
C ALA F 370 22.91 -28.39 31.83
N VAL F 371 22.82 -28.33 30.51
CA VAL F 371 24.01 -28.47 29.67
C VAL F 371 25.00 -27.35 29.96
N ALA F 372 24.51 -26.11 30.08
CA ALA F 372 25.39 -24.99 30.39
C ALA F 372 26.01 -25.11 31.78
N ASN F 373 25.41 -25.90 32.68
CA ASN F 373 25.97 -26.08 34.00
C ASN F 373 27.04 -27.17 34.02
N GLU F 374 26.84 -28.24 33.25
CA GLU F 374 27.80 -29.34 33.25
C GLU F 374 29.16 -28.89 32.71
N SER F 375 29.15 -28.06 31.67
CA SER F 375 30.38 -27.59 31.04
C SER F 375 30.88 -26.29 31.63
N LYS F 376 30.20 -25.73 32.63
CA LYS F 376 30.59 -24.47 33.27
C LYS F 376 30.72 -23.36 32.24
N ALA F 377 29.61 -23.06 31.58
CA ALA F 377 29.57 -22.03 30.56
C ALA F 377 28.34 -21.16 30.77
N ASN F 378 28.40 -19.94 30.26
CA ASN F 378 27.30 -19.01 30.39
C ASN F 378 26.10 -19.50 29.58
N PHE F 379 24.93 -18.94 29.87
CA PHE F 379 23.68 -19.40 29.26
C PHE F 379 22.86 -18.19 28.86
N ILE F 380 22.47 -18.13 27.59
CA ILE F 380 21.66 -17.04 27.07
C ILE F 380 20.44 -17.65 26.38
N SER F 381 19.28 -17.54 27.01
CA SER F 381 18.02 -18.04 26.46
C SER F 381 17.25 -16.87 25.87
N ILE F 382 17.01 -16.91 24.56
CA ILE F 382 16.33 -15.84 23.85
C ILE F 382 15.13 -16.43 23.12
N LYS F 383 13.95 -15.85 23.36
CA LYS F 383 12.73 -16.31 22.72
C LYS F 383 12.68 -15.85 21.27
N GLY F 384 11.96 -16.62 20.45
CA GLY F 384 11.82 -16.33 19.05
C GLY F 384 11.06 -15.04 18.77
N PRO F 385 9.79 -15.00 19.13
CA PRO F 385 8.99 -13.79 18.86
C PRO F 385 9.54 -12.53 19.51
N GLU F 386 10.20 -12.65 20.67
CA GLU F 386 10.75 -11.47 21.32
C GLU F 386 11.85 -10.83 20.49
N LEU F 387 12.65 -11.65 19.80
CA LEU F 387 13.70 -11.12 18.93
C LEU F 387 13.10 -10.31 17.78
N LEU F 388 12.02 -10.80 17.19
CA LEU F 388 11.39 -10.14 16.06
C LEU F 388 10.88 -8.76 16.46
N ASN F 389 11.52 -7.72 15.95
CA ASN F 389 11.20 -6.34 16.32
C ASN F 389 10.46 -5.63 15.19
N GLY F 393 12.90 -3.63 10.84
CA GLY F 393 14.17 -4.08 10.32
C GLY F 393 15.25 -4.16 11.37
N GLU F 394 14.84 -4.19 12.64
CA GLU F 394 15.77 -4.29 13.76
C GLU F 394 15.83 -5.69 14.35
N SER F 395 15.18 -6.67 13.72
CA SER F 395 15.26 -8.04 14.18
C SER F 395 16.53 -8.75 13.75
N GLU F 396 17.32 -8.13 12.86
CA GLU F 396 18.58 -8.71 12.42
C GLU F 396 19.76 -8.22 13.25
N ARG F 397 19.68 -7.01 13.81
CA ARG F 397 20.72 -6.54 14.72
C ARG F 397 20.76 -7.38 15.99
N ALA F 398 19.58 -7.77 16.50
CA ALA F 398 19.52 -8.59 17.70
C ALA F 398 20.15 -9.96 17.51
N VAL F 399 20.18 -10.47 16.27
CA VAL F 399 20.83 -11.75 16.03
C VAL F 399 22.33 -11.62 16.23
N ARG F 400 22.94 -10.59 15.65
CA ARG F 400 24.38 -10.38 15.81
C ARG F 400 24.73 -9.98 17.24
N GLN F 401 23.84 -9.23 17.91
CA GLN F 401 24.11 -8.82 19.28
C GLN F 401 24.21 -10.02 20.21
N LEU F 402 23.36 -11.03 20.00
CA LEU F 402 23.39 -12.21 20.86
C LEU F 402 24.72 -12.96 20.73
N PHE F 403 25.22 -13.11 19.50
CA PHE F 403 26.49 -13.79 19.31
C PHE F 403 27.66 -12.93 19.77
N SER F 404 27.59 -11.61 19.55
CA SER F 404 28.66 -10.73 19.99
C SER F 404 28.78 -10.72 21.51
N ARG F 405 27.65 -10.70 22.22
CA ARG F 405 27.69 -10.79 23.67
C ARG F 405 28.23 -12.14 24.12
N ALA F 406 27.83 -13.22 23.44
CA ALA F 406 28.32 -14.54 23.81
C ALA F 406 29.82 -14.66 23.59
N LYS F 407 30.33 -14.12 22.48
CA LYS F 407 31.76 -14.20 22.21
C LYS F 407 32.58 -13.44 23.25
N SER F 408 32.11 -12.25 23.66
CA SER F 408 32.82 -11.49 24.67
C SER F 408 32.75 -12.15 26.04
N SER F 409 31.80 -13.03 26.27
CA SER F 409 31.63 -13.73 27.54
C SER F 409 31.83 -15.23 27.36
N ALA F 410 32.76 -15.62 26.49
CA ALA F 410 33.02 -17.02 26.25
C ALA F 410 33.67 -17.66 27.49
N PRO F 411 33.36 -18.94 27.77
CA PRO F 411 32.42 -19.79 27.03
C PRO F 411 30.96 -19.45 27.34
N CYS F 412 30.07 -19.75 26.40
CA CYS F 412 28.65 -19.45 26.58
C CYS F 412 27.83 -20.36 25.69
N ILE F 413 26.55 -20.49 26.03
CA ILE F 413 25.60 -21.28 25.26
C ILE F 413 24.40 -20.41 24.93
N LEU F 414 24.03 -20.37 23.65
CA LEU F 414 22.86 -19.63 23.19
C LEU F 414 21.71 -20.62 22.98
N PHE F 415 20.61 -20.40 23.70
CA PHE F 415 19.44 -21.26 23.63
C PHE F 415 18.30 -20.49 22.98
N PHE F 416 17.92 -20.89 21.77
CA PHE F 416 16.83 -20.25 21.04
C PHE F 416 15.59 -21.14 21.16
N ASP F 417 14.85 -20.96 22.25
CA ASP F 417 13.58 -21.65 22.41
C ASP F 417 12.57 -21.09 21.40
N GLN F 418 11.73 -21.98 20.87
CA GLN F 418 10.79 -21.63 19.81
C GLN F 418 11.52 -20.99 18.63
N MET F 419 12.62 -21.63 18.23
CA MET F 419 13.44 -21.11 17.14
C MET F 419 12.68 -21.11 15.82
N ASP F 420 11.68 -21.98 15.68
CA ASP F 420 10.88 -22.00 14.46
C ASP F 420 10.17 -20.68 14.24
N ALA F 421 9.81 -19.97 15.31
CA ALA F 421 9.23 -18.64 15.19
C ALA F 421 10.25 -17.60 14.78
N LEU F 422 11.55 -17.91 14.85
CA LEU F 422 12.61 -16.98 14.49
C LEU F 422 13.06 -17.17 13.05
N VAL F 423 13.29 -18.43 12.65
CA VAL F 423 13.71 -18.74 11.29
C VAL F 423 12.84 -19.89 10.77
N PRO F 424 11.58 -19.61 10.39
CA PRO F 424 10.70 -20.69 9.93
C PRO F 424 11.22 -21.41 8.69
N ARG F 425 11.38 -20.69 7.59
CA ARG F 425 11.88 -21.29 6.35
C ARG F 425 12.66 -20.26 5.53
N ALA F 433 12.70 -10.19 6.59
CA ALA F 433 12.70 -11.26 7.58
C ALA F 433 12.83 -12.62 6.91
N SER F 434 12.24 -12.75 5.72
CA SER F 434 12.33 -14.00 4.98
C SER F 434 13.76 -14.31 4.58
N ALA F 435 14.50 -13.30 4.12
CA ALA F 435 15.89 -13.46 3.71
C ALA F 435 16.82 -12.53 4.47
N ARG F 436 16.39 -12.02 5.63
CA ARG F 436 17.19 -11.13 6.45
C ARG F 436 17.59 -11.78 7.77
N VAL F 437 16.61 -12.23 8.55
CA VAL F 437 16.92 -12.89 9.81
C VAL F 437 17.55 -14.26 9.56
N VAL F 438 17.04 -14.99 8.56
CA VAL F 438 17.58 -16.31 8.25
C VAL F 438 18.95 -16.24 7.60
N ASN F 439 19.32 -15.11 7.00
CA ASN F 439 20.64 -14.92 6.42
C ASN F 439 21.67 -14.44 7.42
N THR F 440 21.27 -13.57 8.35
CA THR F 440 22.20 -13.12 9.38
C THR F 440 22.54 -14.25 10.36
N LEU F 441 21.57 -15.12 10.63
CA LEU F 441 21.83 -16.24 11.53
C LEU F 441 22.85 -17.21 10.94
N LEU F 442 22.79 -17.44 9.63
CA LEU F 442 23.73 -18.36 8.98
C LEU F 442 25.16 -17.86 9.11
N THR F 443 25.37 -16.55 8.98
CA THR F 443 26.72 -16.00 9.06
C THR F 443 27.34 -16.15 10.44
N GLU F 444 26.54 -16.37 11.47
CA GLU F 444 27.05 -16.51 12.82
C GLU F 444 27.16 -17.95 13.28
N LEU F 445 26.46 -18.88 12.64
CA LEU F 445 26.53 -20.30 13.00
C LEU F 445 27.68 -21.01 12.32
N ASP F 446 28.46 -20.33 11.49
CA ASP F 446 29.61 -20.94 10.82
C ASP F 446 30.85 -20.87 11.68
N GLY F 447 31.27 -19.65 12.04
CA GLY F 447 32.45 -19.48 12.88
C GLY F 447 32.12 -19.48 14.35
N VAL F 448 31.70 -20.64 14.88
CA VAL F 448 31.33 -20.76 16.28
C VAL F 448 31.71 -22.16 16.76
N GLY F 449 32.36 -22.22 17.92
CA GLY F 449 32.71 -23.47 18.54
C GLY F 449 34.09 -24.00 18.20
N ASP F 450 34.75 -23.43 17.18
CA ASP F 450 36.08 -23.92 16.80
C ASP F 450 37.12 -23.44 17.80
N ARG F 451 37.29 -22.12 17.92
CA ARG F 451 38.24 -21.54 18.86
C ARG F 451 37.54 -20.61 19.86
N SER F 452 36.23 -20.72 19.98
CA SER F 452 35.45 -19.88 20.89
C SER F 452 34.73 -20.65 21.97
N GLY F 453 34.36 -21.91 21.73
CA GLY F 453 33.69 -22.72 22.72
C GLY F 453 32.20 -22.48 22.85
N ILE F 454 31.61 -21.66 21.99
CA ILE F 454 30.18 -21.38 22.02
C ILE F 454 29.46 -22.46 21.23
N TYR F 455 28.28 -22.86 21.71
CA TYR F 455 27.47 -23.85 21.04
C TYR F 455 26.00 -23.48 21.18
N VAL F 456 25.34 -23.25 20.05
CA VAL F 456 23.95 -22.78 20.02
C VAL F 456 23.03 -23.99 20.08
N ILE F 457 22.06 -23.94 20.99
CA ILE F 457 21.05 -24.99 21.15
C ILE F 457 19.70 -24.42 20.74
N GLY F 458 19.00 -25.12 19.85
CA GLY F 458 17.70 -24.69 19.39
C GLY F 458 16.63 -25.66 19.82
N ALA F 459 15.44 -25.13 20.08
CA ALA F 459 14.30 -25.93 20.53
C ALA F 459 13.10 -25.66 19.64
N THR F 460 12.30 -26.70 19.42
CA THR F 460 11.09 -26.62 18.61
C THR F 460 10.22 -27.83 18.94
N ASN F 461 9.15 -28.01 18.17
CA ASN F 461 8.26 -29.16 18.36
C ASN F 461 8.62 -30.31 17.43
N ARG F 462 8.94 -30.03 16.18
CA ARG F 462 9.33 -31.03 15.22
C ARG F 462 10.49 -30.49 14.39
N PRO F 463 11.41 -31.35 13.92
CA PRO F 463 12.59 -30.91 13.18
C PRO F 463 12.33 -30.64 11.70
N ASP F 464 11.23 -29.95 11.41
CA ASP F 464 10.93 -29.54 10.05
C ASP F 464 10.41 -28.11 9.95
N MET F 465 10.16 -27.43 11.06
CA MET F 465 9.64 -26.07 11.06
C MET F 465 10.72 -25.02 10.98
N ILE F 466 11.99 -25.42 10.88
CA ILE F 466 13.11 -24.51 10.75
C ILE F 466 13.72 -24.68 9.36
N ASP F 467 14.50 -23.69 8.96
CA ASP F 467 15.05 -23.66 7.61
C ASP F 467 16.02 -24.81 7.39
N GLU F 468 16.11 -25.25 6.13
CA GLU F 468 17.02 -26.33 5.78
C GLU F 468 18.48 -25.91 5.97
N ALA F 469 18.80 -24.65 5.65
CA ALA F 469 20.17 -24.17 5.77
C ALA F 469 20.66 -24.23 7.21
N ILE F 470 19.75 -24.06 8.18
CA ILE F 470 20.13 -24.16 9.59
C ILE F 470 20.58 -25.58 9.91
N ARG F 471 19.87 -26.58 9.40
CA ARG F 471 20.20 -27.99 9.65
C ARG F 471 21.13 -28.48 8.55
N ARG F 472 22.43 -28.25 8.74
CA ARG F 472 23.43 -28.71 7.80
C ARG F 472 24.69 -29.07 8.59
N PRO F 473 25.53 -29.96 8.06
CA PRO F 473 26.80 -30.25 8.73
C PRO F 473 27.71 -29.02 8.76
N GLY F 474 27.95 -28.50 9.95
CA GLY F 474 28.75 -27.30 10.13
C GLY F 474 28.06 -26.20 10.91
N ARG F 475 26.72 -26.19 10.94
CA ARG F 475 25.97 -25.22 11.72
C ARG F 475 25.19 -25.88 12.85
N LEU F 476 24.36 -26.86 12.54
CA LEU F 476 23.65 -27.65 13.55
C LEU F 476 23.87 -29.13 13.27
N GLY F 477 24.12 -29.89 14.34
CA GLY F 477 24.42 -31.30 14.21
C GLY F 477 23.21 -32.19 14.39
N THR F 478 23.23 -33.02 15.44
CA THR F 478 22.20 -34.01 15.65
C THR F 478 20.91 -33.36 16.15
N SER F 479 19.81 -34.12 16.06
CA SER F 479 18.51 -33.71 16.57
C SER F 479 18.09 -34.71 17.63
N ILE F 480 17.77 -34.21 18.82
CA ILE F 480 17.48 -35.06 19.97
C ILE F 480 16.02 -34.89 20.35
N TYR F 481 15.32 -36.01 20.53
CA TYR F 481 13.92 -36.00 20.93
C TYR F 481 13.81 -35.95 22.45
N VAL F 482 13.09 -34.95 22.95
CA VAL F 482 12.88 -34.77 24.38
C VAL F 482 11.39 -34.71 24.64
N GLY F 483 10.93 -35.49 25.60
CA GLY F 483 9.52 -35.49 25.96
C GLY F 483 9.10 -36.86 26.47
N LEU F 484 7.82 -36.95 26.84
CA LEU F 484 7.21 -38.16 27.37
C LEU F 484 8.02 -38.72 28.54
N PRO F 485 7.98 -38.07 29.70
CA PRO F 485 8.74 -38.57 30.85
C PRO F 485 8.22 -39.94 31.31
N SER F 486 9.13 -40.71 31.90
CA SER F 486 8.80 -42.05 32.37
C SER F 486 8.00 -41.96 33.67
N ALA F 487 7.65 -43.12 34.21
CA ALA F 487 6.85 -43.17 35.44
C ALA F 487 7.61 -42.58 36.62
N GLU F 488 8.91 -42.88 36.73
CA GLU F 488 9.69 -42.37 37.85
C GLU F 488 9.76 -40.84 37.82
N ASP F 489 9.96 -40.27 36.64
CA ASP F 489 10.00 -38.81 36.52
C ASP F 489 8.65 -38.19 36.84
N ARG F 490 7.56 -38.78 36.34
CA ARG F 490 6.23 -38.22 36.55
C ARG F 490 5.81 -38.24 38.02
N VAL F 491 6.47 -39.04 38.85
CA VAL F 491 6.17 -39.00 40.29
C VAL F 491 6.50 -37.62 40.85
N LYS F 492 7.69 -37.10 40.51
CA LYS F 492 8.11 -35.79 40.98
C LYS F 492 7.43 -34.65 40.22
N ILE F 493 7.04 -34.88 38.96
CA ILE F 493 6.35 -33.84 38.20
C ILE F 493 4.98 -33.55 38.79
N LEU F 494 4.22 -34.60 39.14
CA LEU F 494 2.93 -34.38 39.79
C LEU F 494 3.11 -33.76 41.17
N LYS F 495 4.08 -34.25 41.94
CA LYS F 495 4.33 -33.70 43.27
C LYS F 495 4.88 -32.28 43.21
N THR F 496 5.39 -31.85 42.04
CA THR F 496 5.88 -30.48 41.91
C THR F 496 4.76 -29.47 42.10
N LEU F 497 3.60 -29.72 41.49
CA LEU F 497 2.47 -28.80 41.64
C LEU F 497 1.83 -28.94 43.01
N TYR F 498 1.68 -30.18 43.50
CA TYR F 498 1.06 -30.41 44.79
C TYR F 498 1.91 -29.90 45.95
N ARG F 499 3.21 -29.69 45.73
CA ARG F 499 4.06 -29.17 46.79
C ARG F 499 3.63 -27.78 47.22
N ASN F 500 3.30 -26.92 46.25
CA ASN F 500 2.86 -25.57 46.58
C ASN F 500 1.53 -25.58 47.32
N THR F 501 0.60 -26.43 46.88
CA THR F 501 -0.71 -26.53 47.52
C THR F 501 -1.02 -27.96 47.95
N ASP F 532 1.35 -37.87 49.13
CA ASP F 532 2.32 -38.73 48.46
C ASP F 532 1.75 -40.13 48.23
N ALA F 533 0.59 -40.40 48.80
CA ALA F 533 -0.03 -41.72 48.67
C ALA F 533 -0.76 -41.87 47.34
N ASP F 534 -1.78 -41.03 47.10
CA ASP F 534 -2.50 -41.09 45.84
C ASP F 534 -1.68 -40.60 44.66
N LEU F 535 -0.64 -39.79 44.92
CA LEU F 535 0.17 -39.25 43.84
C LEU F 535 0.95 -40.35 43.13
N GLU F 536 1.46 -41.32 43.88
CA GLU F 536 2.18 -42.45 43.30
C GLU F 536 1.26 -43.57 42.82
N LYS F 537 -0.05 -43.42 43.00
CA LYS F 537 -1.02 -44.42 42.54
C LYS F 537 -1.85 -43.93 41.37
N VAL F 538 -2.48 -42.76 41.51
CA VAL F 538 -3.39 -42.27 40.47
C VAL F 538 -2.63 -41.82 39.22
N ALA F 539 -1.33 -41.59 39.32
CA ALA F 539 -0.55 -41.12 38.19
C ALA F 539 0.25 -42.22 37.52
N LEU F 540 0.70 -43.23 38.27
CA LEU F 540 1.49 -44.32 37.72
C LEU F 540 0.64 -45.43 37.12
N ASP F 541 -0.61 -45.14 36.77
CA ASP F 541 -1.49 -46.12 36.17
C ASP F 541 -1.20 -46.23 34.67
N LEU F 542 -2.06 -46.93 33.94
CA LEU F 542 -1.88 -47.11 32.51
C LEU F 542 -2.60 -46.04 31.69
N ARG F 543 -3.23 -45.07 32.33
CA ARG F 543 -3.92 -43.98 31.64
C ARG F 543 -3.10 -42.70 31.58
N CYS F 544 -2.34 -42.40 32.62
CA CYS F 544 -1.48 -41.21 32.63
C CYS F 544 -0.09 -41.52 32.06
N THR F 545 -0.07 -42.10 30.86
CA THR F 545 1.16 -42.47 30.19
C THR F 545 1.62 -41.43 29.18
N GLY F 546 0.74 -41.04 28.25
CA GLY F 546 1.07 -40.06 27.25
C GLY F 546 0.90 -38.62 27.65
N PHE F 547 0.55 -38.37 28.91
CA PHE F 547 0.35 -37.00 29.39
C PHE F 547 1.71 -36.36 29.67
N SER F 548 2.03 -35.31 28.93
CA SER F 548 3.29 -34.60 29.09
C SER F 548 3.23 -33.69 30.32
N GLY F 549 4.33 -33.00 30.59
CA GLY F 549 4.38 -32.12 31.74
C GLY F 549 3.35 -31.01 31.67
N ALA F 550 3.22 -30.39 30.49
CA ALA F 550 2.17 -29.39 30.32
C ALA F 550 0.79 -30.02 30.41
N ASP F 551 0.61 -31.21 29.83
CA ASP F 551 -0.67 -31.89 29.88
C ASP F 551 -1.00 -32.40 31.28
N LEU F 552 0.01 -32.66 32.10
CA LEU F 552 -0.26 -33.14 33.47
C LEU F 552 -0.90 -32.04 34.32
N GLY F 553 -0.62 -30.78 34.01
CA GLY F 553 -1.26 -29.69 34.74
C GLY F 553 -2.77 -29.66 34.55
N ASN F 554 -3.24 -30.08 33.38
CA ASN F 554 -4.68 -30.14 33.12
C ASN F 554 -5.34 -31.16 34.04
N LEU F 555 -4.66 -32.27 34.32
CA LEU F 555 -5.23 -33.31 35.17
C LEU F 555 -5.49 -32.77 36.58
N MET F 556 -4.54 -32.05 37.15
CA MET F 556 -4.74 -31.47 38.46
C MET F 556 -5.84 -30.42 38.45
N GLN F 557 -5.85 -29.57 37.41
CA GLN F 557 -6.88 -28.53 37.31
C GLN F 557 -8.26 -29.15 37.16
N ALA F 558 -8.39 -30.19 36.33
CA ALA F 558 -9.67 -30.87 36.19
C ALA F 558 -10.09 -31.52 37.50
N ALA F 559 -9.14 -32.13 38.22
CA ALA F 559 -9.44 -32.65 39.54
C ALA F 559 -9.82 -31.53 40.50
N ALA F 560 -9.13 -30.39 40.40
CA ALA F 560 -9.45 -29.25 41.25
C ALA F 560 -10.84 -28.71 40.94
N GLN F 561 -11.23 -28.70 39.66
CA GLN F 561 -12.58 -28.26 39.30
C GLN F 561 -13.63 -29.18 39.90
N ALA F 562 -13.39 -30.50 39.84
CA ALA F 562 -14.33 -31.44 40.45
C ALA F 562 -14.29 -31.37 41.97
N CYS F 563 -13.16 -30.96 42.54
CA CYS F 563 -13.08 -30.80 43.98
C CYS F 563 -14.04 -29.72 44.47
N LEU F 564 -14.11 -28.60 43.77
CA LEU F 564 -15.05 -27.55 44.15
C LEU F 564 -16.48 -27.92 43.80
N GLU F 565 -16.67 -28.79 42.81
CA GLU F 565 -18.01 -29.29 42.52
C GLU F 565 -18.58 -30.06 43.69
N ARG F 566 -17.76 -30.89 44.33
CA ARG F 566 -18.21 -31.65 45.49
C ARG F 566 -18.51 -30.72 46.67
N VAL F 567 -17.75 -29.63 46.81
CA VAL F 567 -17.98 -28.70 47.91
C VAL F 567 -19.35 -28.07 47.79
N TYR F 568 -19.73 -27.63 46.59
CA TYR F 568 -20.99 -26.94 46.41
C TYR F 568 -22.19 -27.88 46.60
N THR F 569 -22.06 -29.13 46.15
CA THR F 569 -23.16 -30.08 46.26
C THR F 569 -23.41 -30.51 47.70
N GLN F 570 -22.43 -30.35 48.59
CA GLN F 570 -22.58 -30.71 49.99
C GLN F 570 -22.92 -29.54 50.88
N ARG F 571 -23.22 -28.38 50.29
CA ARG F 571 -23.57 -27.20 51.06
C ARG F 571 -24.94 -26.67 50.66
N PRO F 589 -12.31 -27.46 50.16
CA PRO F 589 -11.10 -26.89 49.58
C PRO F 589 -9.89 -27.81 49.69
N VAL F 590 -10.15 -29.11 49.83
CA VAL F 590 -9.11 -30.12 49.95
C VAL F 590 -9.30 -31.14 48.84
N ILE F 591 -8.22 -31.43 48.11
CA ILE F 591 -8.27 -32.38 47.01
C ILE F 591 -8.19 -33.79 47.58
N THR F 592 -9.14 -34.63 47.18
CA THR F 592 -9.24 -36.00 47.68
C THR F 592 -9.05 -36.98 46.53
N MET F 593 -8.97 -38.27 46.89
CA MET F 593 -8.77 -39.31 45.90
C MET F 593 -9.95 -39.40 44.94
N GLU F 594 -11.17 -39.25 45.45
CA GLU F 594 -12.35 -39.30 44.61
C GLU F 594 -12.39 -38.15 43.61
N ASP F 595 -11.65 -37.07 43.86
CA ASP F 595 -11.51 -36.01 42.87
C ASP F 595 -10.64 -36.42 41.70
N TRP F 596 -9.61 -37.23 41.92
CA TRP F 596 -8.71 -37.66 40.86
C TRP F 596 -9.31 -38.75 39.99
N GLU F 597 -10.12 -39.64 40.56
CA GLU F 597 -10.71 -40.72 39.77
C GLU F 597 -11.64 -40.18 38.69
N LYS F 598 -12.41 -39.14 39.02
CA LYS F 598 -13.29 -38.50 38.06
C LYS F 598 -12.58 -37.42 37.24
N ALA F 599 -11.25 -37.48 37.17
CA ALA F 599 -10.47 -36.56 36.35
C ALA F 599 -9.49 -37.24 35.42
N LEU F 600 -9.15 -38.52 35.64
CA LEU F 600 -8.21 -39.20 34.76
C LEU F 600 -8.76 -39.36 33.35
N ASN F 601 -10.04 -39.71 33.23
CA ASN F 601 -10.64 -40.03 31.94
C ASN F 601 -11.21 -38.82 31.21
N GLU F 602 -11.20 -37.65 31.84
CA GLU F 602 -11.66 -36.43 31.18
C GLU F 602 -10.50 -35.55 30.69
N VAL F 603 -9.27 -36.05 30.80
CA VAL F 603 -8.11 -35.30 30.33
C VAL F 603 -7.39 -36.09 29.24
N LEU G 1 8.78 37.61 21.21
CA LEU G 1 8.94 36.91 19.95
C LEU G 1 7.59 36.42 19.43
N LEU G 2 7.49 36.26 18.10
CA LEU G 2 6.28 35.80 17.47
C LEU G 2 6.36 34.30 17.18
N LEU G 3 5.30 33.59 17.53
CA LEU G 3 5.21 32.16 17.25
C LEU G 3 4.58 31.95 15.88
N LEU G 4 5.23 31.15 15.05
CA LEU G 4 4.86 30.98 13.66
C LEU G 4 4.36 29.56 13.41
N LEU G 5 3.43 29.45 12.47
CA LEU G 5 2.94 28.15 12.02
C LEU G 5 3.77 27.73 10.81
N LEU G 6 4.41 26.58 10.91
CA LEU G 6 5.32 26.09 9.89
C LEU G 6 4.80 24.79 9.29
N LEU G 7 5.14 24.58 8.03
CA LEU G 7 4.79 23.36 7.31
C LEU G 7 5.97 22.40 7.36
N LEU G 8 5.66 21.12 7.55
CA LEU G 8 6.67 20.12 7.85
C LEU G 8 6.41 18.90 6.97
N LEU G 9 7.10 17.80 7.27
CA LEU G 9 7.00 16.58 6.51
C LEU G 9 6.41 15.49 7.41
N LEU G 10 6.38 14.26 6.91
CA LEU G 10 5.86 13.12 7.66
C LEU G 10 6.53 11.87 7.13
N LEU G 11 6.46 10.80 7.91
CA LEU G 11 7.04 9.50 7.54
C LEU G 11 6.04 8.59 6.85
N LEU G 12 4.82 8.49 7.39
CA LEU G 12 3.75 7.69 6.79
C LEU G 12 4.16 6.24 6.60
N LEU G 13 4.66 5.91 5.41
CA LEU G 13 5.10 4.56 5.06
C LEU G 13 3.96 3.56 5.23
N LEU G 14 2.91 3.70 4.41
CA LEU G 14 1.80 2.78 4.42
C LEU G 14 2.26 1.41 3.88
N LEU G 15 1.53 0.37 4.24
CA LEU G 15 1.85 -0.98 3.77
C LEU G 15 0.72 -1.45 2.86
N LEU G 16 1.08 -1.97 1.68
CA LEU G 16 0.11 -2.34 0.67
C LEU G 16 0.04 -3.86 0.53
N LEU G 17 -1.13 -4.33 0.10
CA LEU G 17 -1.35 -5.75 -0.13
C LEU G 17 -1.03 -6.10 -1.58
N LEU G 18 -0.71 -7.37 -1.80
CA LEU G 18 -0.25 -7.83 -3.11
C LEU G 18 -0.95 -9.14 -3.48
N LEU G 19 -0.99 -9.41 -4.78
CA LEU G 19 -1.53 -10.64 -5.31
C LEU G 19 -0.43 -11.45 -5.98
N LEU G 20 -0.44 -12.76 -5.75
CA LEU G 20 0.58 -13.66 -6.26
C LEU G 20 -0.04 -14.65 -7.24
N LEU G 21 0.82 -15.44 -7.87
CA LEU G 21 0.42 -16.46 -8.83
C LEU G 21 1.11 -17.77 -8.48
N LEU G 22 0.44 -18.87 -8.78
CA LEU G 22 0.93 -20.20 -8.43
C LEU G 22 1.02 -21.05 -9.69
N LEU G 23 1.79 -22.13 -9.58
CA LEU G 23 1.96 -23.08 -10.67
C LEU G 23 0.95 -24.22 -10.54
N LEU G 24 0.89 -25.04 -11.58
CA LEU G 24 -0.02 -26.19 -11.60
C LEU G 24 0.60 -27.39 -10.89
PG ATP H . -20.15 -18.71 14.26
O1G ATP H . -19.01 -19.69 14.29
O2G ATP H . -19.77 -17.36 14.81
O3G ATP H . -20.81 -18.62 12.91
PB ATP H . -21.38 -19.29 16.86
O1B ATP H . -20.87 -17.98 17.34
O2B ATP H . -20.77 -20.53 17.38
O3B ATP H . -21.28 -19.30 15.26
PA ATP H . -23.85 -18.15 17.81
O1A ATP H . -23.64 -16.90 17.05
O2A ATP H . -23.66 -18.08 19.28
O3A ATP H . -22.96 -19.31 17.18
O5' ATP H . -25.35 -18.69 17.56
C5' ATP H . -26.28 -17.87 16.86
C4' ATP H . -27.62 -17.91 17.54
O4' ATP H . -28.08 -19.28 17.64
C3' ATP H . -27.65 -17.41 18.97
O3' ATP H . -27.68 -16.00 19.06
C2' ATP H . -28.92 -18.08 19.50
O2' ATP H . -30.06 -17.39 19.02
C1' ATP H . -28.85 -19.45 18.81
N9 ATP H . -28.22 -20.48 19.65
C8 ATP H . -27.09 -21.20 19.37
N7 ATP H . -26.76 -22.06 20.31
C5 ATP H . -27.76 -21.89 21.26
C6 ATP H . -27.99 -22.52 22.50
N6 ATP H . -27.20 -23.47 23.01
N1 ATP H . -29.07 -22.12 23.21
C2 ATP H . -29.86 -21.17 22.70
N3 ATP H . -29.75 -20.51 21.55
C4 ATP H . -28.67 -20.92 20.87
PG ATP I . -2.47 14.27 36.36
O1G ATP I . -3.87 14.86 36.39
O2G ATP I . -1.39 15.29 36.56
O3G ATP I . -2.24 13.40 35.16
PB ATP I . -2.07 13.52 39.18
O1B ATP I . -1.15 14.67 39.31
O2B ATP I . -1.64 12.22 39.75
O3B ATP I . -2.41 13.26 37.63
PA ATP I . -3.77 15.12 40.88
O1A ATP I . -3.42 16.41 40.22
O2A ATP I . -3.13 14.82 42.19
O3A ATP I . -3.47 13.91 39.87
O5' ATP I . -5.36 15.07 41.10
C5' ATP I . -5.94 13.94 41.74
C4' ATP I . -7.25 14.32 42.40
O4' ATP I . -7.78 13.17 43.09
C3' ATP I . -7.17 15.39 43.45
O3' ATP I . -8.40 16.08 43.61
C2' ATP I . -6.76 14.61 44.69
O2' ATP I . -7.31 15.22 45.85
C1' ATP I . -7.50 13.28 44.47
N9 ATP I . -6.70 12.11 44.88
C8 ATP I . -5.85 11.37 44.09
N7 ATP I . -5.26 10.39 44.74
C5 ATP I . -5.76 10.48 46.02
C6 ATP I . -5.54 9.73 47.18
N6 ATP I . -4.71 8.68 47.24
N1 ATP I . -6.20 10.08 48.30
C2 ATP I . -7.02 11.14 48.25
N3 ATP I . -7.32 11.93 47.22
C4 ATP I . -6.64 11.55 46.13
MG MG J . -19.73 -16.49 16.64
MG MG K . -0.60 16.26 38.16
PG ATP L . -27.14 -12.30 -13.43
O1G ATP L . -26.40 -13.31 -12.61
O2G ATP L . -26.96 -10.87 -12.98
O3G ATP L . -26.90 -12.47 -14.90
PB ATP L . -29.88 -11.74 -12.59
O1B ATP L . -29.27 -11.02 -11.43
O2B ATP L . -31.05 -12.61 -12.31
O3B ATP L . -28.72 -12.64 -13.19
PA ATP L . -31.04 -9.35 -13.90
O1A ATP L . -30.20 -8.26 -13.36
O2A ATP L . -32.42 -9.49 -13.41
O3A ATP L . -30.27 -10.76 -13.80
O5' ATP L . -31.13 -9.08 -15.49
C5' ATP L . -32.12 -9.74 -16.30
C4' ATP L . -33.01 -8.73 -16.97
O4' ATP L . -34.03 -9.43 -17.72
C3' ATP L . -33.77 -7.79 -16.04
O3' ATP L . -33.06 -6.59 -15.79
C2' ATP L . -35.09 -7.56 -16.77
O2' ATP L . -34.88 -6.61 -17.80
C1' ATP L . -35.30 -8.92 -17.43
N9 ATP L . -35.98 -9.88 -16.53
C8 ATP L . -35.45 -10.97 -15.92
N7 ATP L . -36.32 -11.64 -15.18
C5 ATP L . -37.50 -10.93 -15.34
C6 ATP L . -38.80 -11.12 -14.82
N6 ATP L . -39.12 -12.14 -14.01
N1 ATP L . -39.75 -10.24 -15.17
C2 ATP L . -39.41 -9.23 -15.99
N3 ATP L . -38.24 -8.94 -16.54
C4 ATP L . -37.31 -9.84 -16.17
PG ATP M . -21.67 20.51 16.59
O1G ATP M . -21.47 20.37 15.11
O2G ATP M . -21.16 21.81 17.16
O3G ATP M . -21.21 19.30 17.36
PB ATP M . -24.14 20.79 18.11
O1B ATP M . -23.41 21.77 18.93
O2B ATP M . -24.44 19.46 18.68
O3B ATP M . -23.28 20.57 16.79
PA ATP M . -26.09 22.93 17.81
O1A ATP M . -24.99 23.93 17.69
O2A ATP M . -26.94 22.96 19.03
O3A ATP M . -25.51 21.45 17.58
O5' ATP M . -27.04 23.20 16.54
C5' ATP M . -28.01 22.23 16.12
C4' ATP M . -29.17 22.92 15.43
O4' ATP M . -30.35 22.09 15.53
C3' ATP M . -29.60 24.25 16.02
O3' ATP M . -30.26 25.06 15.08
C2' ATP M . -30.51 23.81 17.17
O2' ATP M . -31.52 24.79 17.37
C1' ATP M . -31.17 22.56 16.58
N9 ATP M . -31.32 21.48 17.57
C8 ATP M . -30.48 20.42 17.80
N7 ATP M . -30.88 19.62 18.75
C5 ATP M . -32.05 20.19 19.20
C6 ATP M . -32.96 19.83 20.20
N6 ATP M . -32.82 18.74 20.97
N1 ATP M . -34.04 20.62 20.40
C2 ATP M . -34.18 21.70 19.63
N3 ATP M . -33.40 22.15 18.65
C4 ATP M . -32.34 21.35 18.48
MG MG N . -27.91 -9.64 -11.64
MG MG O . -21.80 22.98 18.70
PG ATP P . -6.96 -12.54 -34.18
O1G ATP P . -7.92 -13.32 -33.33
O2G ATP P . -6.61 -11.19 -33.64
O3G ATP P . -5.73 -13.33 -34.53
PB ATP P . -8.48 -11.00 -36.18
O1B ATP P . -8.63 -9.99 -35.12
O2B ATP P . -9.71 -11.46 -36.87
O3B ATP P . -7.76 -12.30 -35.58
PA ATP P . -7.30 -8.90 -37.78
O1A ATP P . -6.92 -8.07 -36.61
O2A ATP P . -8.49 -8.49 -38.56
O3A ATP P . -7.49 -10.41 -37.31
O5' ATP P . -6.03 -8.95 -38.75
C5' ATP P . -6.06 -9.57 -40.04
C4' ATP P . -5.63 -8.61 -41.11
O4' ATP P . -5.91 -9.19 -42.40
C3' ATP P . -6.34 -7.26 -41.11
O3' ATP P . -5.65 -6.29 -40.35
C2' ATP P . -6.41 -6.91 -42.59
O2' ATP P . -5.14 -6.42 -43.01
C1' ATP P . -6.61 -8.29 -43.21
N9 ATP P . -8.03 -8.69 -43.24
C8 ATP P . -8.65 -9.65 -42.48
N7 ATP P . -9.92 -9.79 -42.73
C5 ATP P . -10.17 -8.86 -43.74
C6 ATP P . -11.33 -8.52 -44.44
N6 ATP P . -12.51 -9.10 -44.24
N1 ATP P . -11.23 -7.55 -45.38
C2 ATP P . -10.05 -6.97 -45.58
N3 ATP P . -8.88 -7.21 -44.98
C4 ATP P . -9.01 -8.18 -44.06
PG ATP Q . -13.95 24.66 -10.65
O1G ATP Q . -12.94 24.40 -11.74
O2G ATP Q . -13.74 25.98 -9.99
O3G ATP Q . -14.04 23.52 -9.69
PB ATP Q . -16.47 25.88 -11.61
O1B ATP Q . -16.29 26.90 -10.57
O2B ATP Q . -17.79 25.23 -11.70
O3B ATP Q . -15.40 24.71 -11.39
PA ATP Q . -16.13 28.09 -13.45
O1A ATP Q . -15.16 28.84 -12.62
O2A ATP Q . -17.52 28.58 -13.54
O3A ATP Q . -16.14 26.55 -13.04
O5' ATP Q . -15.57 28.09 -14.97
C5' ATP Q . -16.47 27.68 -16.00
C4' ATP Q . -16.19 28.42 -17.28
O4' ATP Q . -17.13 27.99 -18.29
C3' ATP Q . -16.38 29.93 -17.24
O3' ATP Q . -15.62 30.60 -18.22
C2' ATP Q . -17.88 30.08 -17.44
O2' ATP Q . -18.15 31.28 -18.17
C1' ATP Q . -18.21 28.89 -18.35
N9 ATP Q . -19.43 28.18 -17.93
C8 ATP Q . -19.51 27.02 -17.20
N7 ATP Q . -20.74 26.62 -16.99
C5 ATP Q . -21.52 27.58 -17.62
C6 ATP Q . -22.91 27.73 -17.75
N6 ATP Q . -23.80 26.87 -17.23
N1 ATP Q . -23.36 28.79 -18.44
C2 ATP Q . -22.47 29.64 -18.95
N3 ATP Q . -21.14 29.62 -18.89
C4 ATP Q . -20.73 28.54 -18.21
MG MG R . -7.58 -9.45 -33.49
MG MG S . -14.80 27.59 -9.46
PG ATP T . 19.85 -24.19 -29.97
O1G ATP T . 18.37 -24.45 -30.07
O2G ATP T . 20.18 -22.88 -29.31
O3G ATP T . 20.59 -25.35 -29.35
PB ATP T . 20.93 -22.86 -32.37
O1B ATP T . 20.43 -21.61 -31.77
O2B ATP T . 20.56 -23.14 -33.79
O3B ATP T . 20.38 -24.10 -31.50
PA ATP T . 23.55 -21.67 -32.12
O1A ATP T . 23.11 -20.79 -30.99
O2A ATP T . 23.74 -21.03 -33.43
O3A ATP T . 22.52 -22.90 -32.25
O5' ATP T . 24.93 -22.36 -31.67
C5' ATP T . 25.64 -23.26 -32.52
C4' ATP T . 27.06 -22.81 -32.69
O4' ATP T . 27.72 -23.66 -33.66
C3' ATP T . 27.23 -21.40 -33.22
O3' ATP T . 27.33 -20.44 -32.19
C2' ATP T . 28.49 -21.49 -34.08
O2' ATP T . 29.64 -21.48 -33.24
C1' ATP T . 28.33 -22.89 -34.65
N9 ATP T . 27.47 -22.93 -35.86
C8 ATP T . 26.25 -23.54 -35.99
N7 ATP T . 25.72 -23.40 -37.18
C5 ATP T . 26.66 -22.65 -37.87
C6 ATP T . 26.68 -22.17 -39.20
N6 ATP T . 25.71 -22.37 -40.08
N1 ATP T . 27.76 -21.44 -39.57
C2 ATP T . 28.74 -21.23 -38.68
N3 ATP T . 28.82 -21.64 -37.42
C4 ATP T . 27.74 -22.35 -37.07
PG ATP U . 12.32 18.41 -19.45
O1G ATP U . 13.12 17.17 -19.13
O2G ATP U . 12.95 19.68 -18.96
O3G ATP U . 10.87 18.28 -19.07
PB ATP U . 12.28 19.75 -22.06
O1B ATP U . 11.93 20.96 -21.27
O2B ATP U . 11.39 19.39 -23.18
O3B ATP U . 12.32 18.49 -21.07
PA ATP U . 14.69 21.22 -22.73
O1A ATP U . 14.84 21.84 -21.39
O2A ATP U . 14.24 22.07 -23.86
O3A ATP U . 13.77 19.91 -22.64
O5' ATP U . 16.12 20.61 -23.15
C5' ATP U . 16.29 20.16 -24.49
C4' ATP U . 17.72 20.34 -24.93
O4' ATP U . 17.88 19.88 -26.28
C3' ATP U . 18.23 21.77 -24.97
O3' ATP U . 19.64 21.85 -24.81
C2' ATP U . 17.73 22.25 -26.33
O2' ATP U . 18.67 23.18 -26.87
C1' ATP U . 17.82 20.97 -27.17
N9 ATP U . 16.63 20.80 -28.04
C8 ATP U . 15.54 19.98 -27.82
N7 ATP U . 14.64 20.05 -28.77
C5 ATP U . 15.17 20.96 -29.67
C6 ATP U . 14.69 21.47 -30.89
N6 ATP U . 13.53 21.11 -31.44
N1 ATP U . 15.46 22.37 -31.53
C2 ATP U . 16.62 22.73 -30.99
N3 ATP U . 17.18 22.33 -29.85
C4 ATP U . 16.39 21.43 -29.23
MG MG V . 20.15 -20.97 -29.89
MG MG W . 12.39 21.59 -19.44
PB ADP X . 29.07 -37.06 -3.57
O1B ADP X . 30.34 -37.86 -3.56
O2B ADP X . 27.82 -37.87 -3.35
O3B ADP X . 28.97 -36.08 -4.71
PA ADP X . 30.42 -35.14 -2.02
O1A ADP X . 31.31 -35.21 -3.25
O2A ADP X . 29.88 -33.80 -1.57
O3A ADP X . 29.17 -36.12 -2.26
O5' ADP X . 31.21 -35.78 -0.77
C5' ADP X . 31.77 -37.09 -0.84
C4' ADP X . 32.79 -37.27 0.29
O4' ADP X . 33.50 -38.49 0.09
C3' ADP X . 33.82 -36.15 0.28
O3' ADP X . 33.77 -35.44 1.52
C2' ADP X . 35.17 -36.81 0.12
O2' ADP X . 36.02 -36.47 1.21
C1' ADP X . 34.91 -38.31 0.10
N9 ADP X . 35.47 -38.88 -1.15
C8 ADP X . 34.76 -39.53 -2.08
N7 ADP X . 35.55 -39.93 -3.11
C5 ADP X . 36.80 -39.53 -2.83
C6 ADP X . 38.12 -39.63 -3.49
N6 ADP X . 38.27 -40.25 -4.69
N1 ADP X . 39.18 -39.08 -2.86
C2 ADP X . 39.05 -38.45 -1.67
N3 ADP X . 37.89 -38.33 -1.02
C4 ADP X . 36.74 -38.84 -1.53
PG ATP Y . 30.81 3.66 -2.03
O1G ATP Y . 31.81 3.66 -0.89
O2G ATP Y . 30.17 5.00 -2.26
O3G ATP Y . 29.80 2.54 -1.94
PB ATP Y . 32.85 4.22 -4.04
O1B ATP Y . 32.49 5.66 -3.91
O2B ATP Y . 33.08 3.70 -5.41
O3B ATP Y . 31.67 3.36 -3.37
PA ATP Y . 35.18 4.88 -2.39
O1A ATP Y . 34.44 5.80 -1.49
O2A ATP Y . 36.08 5.51 -3.39
O3A ATP Y . 34.14 3.90 -3.13
O5' ATP Y . 36.05 3.88 -1.48
C5' ATP Y . 36.83 2.84 -2.05
C4' ATP Y . 38.14 2.70 -1.31
O4' ATP Y . 39.01 1.79 -2.02
C3' ATP Y . 38.97 3.97 -1.19
O3' ATP Y . 39.83 3.95 -0.07
C2' ATP Y . 39.70 4.00 -2.52
O2' ATP Y . 40.97 4.65 -2.37
C1' ATP Y . 39.96 2.52 -2.78
N9 ATP Y . 39.79 2.16 -4.21
C8 ATP Y . 38.66 1.67 -4.83
N7 ATP Y . 38.82 1.45 -6.11
C5 ATP Y . 40.14 1.81 -6.35
C6 ATP Y . 40.92 1.80 -7.52
N6 ATP Y . 40.47 1.41 -8.70
N1 ATP Y . 42.20 2.22 -7.42
C2 ATP Y . 42.65 2.62 -6.21
N3 ATP Y . 42.01 2.68 -5.05
C4 ATP Y . 40.75 2.25 -5.18
MG MG Z . 31.30 6.69 -2.59
#